data_9DBZ
#
_entry.id   9DBZ
#
loop_
_entity.id
_entity.type
_entity.pdbx_description
1 polymer 'Spike glycoprotein'
2 branched 2-acetamido-2-deoxy-beta-D-glucopyranose-(1-4)-2-acetamido-2-deoxy-beta-D-glucopyranose
3 branched alpha-D-mannopyranose-(1-3)-[alpha-D-mannopyranose-(1-6)]beta-D-mannopyranose-(1-4)-2-acetamido-2-deoxy-beta-D-glucopyranose-(1-4)-2-acetamido-2-deoxy-beta-D-glucopyranose
4 branched beta-D-mannopyranose-(1-4)-2-acetamido-2-deoxy-beta-D-glucopyranose-(1-4)-2-acetamido-2-deoxy-beta-D-glucopyranose
5 non-polymer 2-acetamido-2-deoxy-beta-D-glucopyranose
6 non-polymer 'PALMITOLEIC ACID'
7 water water
#
_entity_poly.entity_id   1
_entity_poly.type   'polypeptide(L)'
_entity_poly.pdbx_seq_one_letter_code
;MGILPSPGMPALLSLVSLLSVLLMGCVAETGTIKPNNDCRQVNVTQLDGNENLIRDFLFQNFKEEGTVVVGGYYPTEVWY
NCSKTLTTTAYAYFNNIHAFYFDMEAMENSTGNARGKPLLFHVHGEPVSVIIYISAYGDDVQHRPLLKHGLVCITKTRNV
DYNSFTSSQWNSICTGNDRKVPFSVIPTDNGTKIYGLEWNDELVTAYISGRSYNWNINNNWFNNVTLMYSRSSTATWLHS
AAYVYQGVSNFTYYKLNNTNGLKTYEFCEDYEYCTGYATNVFAPTVGGYIPDGFSFNNWFLLTNDSTFVSGRFVTNQPLL
VNCLWPVPSFGVAAQEFCFEGAQFSQCNGVSLNNTVDVIRFNLNFTADVQSGMGATVFSLNTTGGVILEISCYNDTVRES
SFYSYGEIPFGITDGPKYCYVLYNGTALKYLGTLPPSVKEIAISKWGHFYINGYNFFSTFPIDCISFNLTTSTSGAFWTI
AYTSYTEALVQVENTAIKKVTYCNSHINNIKCSQLTANLQNGFYPVASSEVGLVNKSVVLLPSFYSHTSVNITIDLGMKL
SGYGQPIASALSNITLPMQDNNTDVYCIRSNQFSVYVHSTCKSSLWDNVFNSDCTDVLHATAVIKTGTCPFSFDKLNNYL
TFNKFCLSLHPVGANCKFDVAARTRTNEQVVRSLYVIYEEGDNIAGVPSDNSGLHDLSVLHLDSCTDYNIYGKTGIGIIR
QTNSTLLSGLYYTSLSGDLLGFKNVTDGVVYSVTPCDVSAQAAVIDGTIVGAMTSINSELLGLTHWTTTPNFYYYSIYNY
TNERTRGTAIDSNDVDCEPIITYSNIGVCKNGALVFINVTHSDGDVQPISTGNVTIPTNFTISVQVEYIQVYTTPVSIDC
SRYVCNGNPRCNKLLTQYVSACQTIEQALAMGARLENMEVDSMLFVSENALKLASVEAFNSTEHLDPIYKEWPNIGGSWL
GGLKDILPSHNSKRKYRSAIEDLLFDKVVTSGLGTVDEDYKRCTGGYDIADLVCAQYYNGIMVLPGVANDDKMTMYTASL
AGGITLGALGGGAVAIPFAVAVQARLNYVALQTDVLNKNQQILANAFNQAIGNITQAFGKVNDAIHQTSKGLATVAKALA
KVQDVVNTQGQALSHLTVQLQNNFQAISSSISDIYNRLDPPSADAQVDRLITGRLTALNAFVSQTLTRQAEVRASRQLAK
DKVNECVRSQSQRFGFCGNGTHLFSLANAAPNGMIFFHTVLLPTAYETVTAWSGICASDGDHTFGLVVKDVQLTLFRNLD
DKFYLTPRTMYQPRVATISDFVQIEGCDVLFVNATVIELPGIIPDYIDINQTVQDILENYRPNWTVPELTLDIFNSTYLN
LTGEINDLEFRSEKLHNTTVELAVLIDNINNTLVNLEWLNRIETYVKSGGYIPEAPRDGQAYVRKDGEWVLLSTFLVPRG
SGGSGGSGLNDIFEAQKIEWHEGGSHHHHHHHH
;
_entity_poly.pdbx_strand_id   A,B,C
#
loop_
_chem_comp.id
_chem_comp.type
_chem_comp.name
_chem_comp.formula
BMA D-saccharide, beta linking beta-D-mannopyranose 'C6 H12 O6'
MAN D-saccharide, alpha linking alpha-D-mannopyranose 'C6 H12 O6'
NAG D-saccharide, beta linking 2-acetamido-2-deoxy-beta-D-glucopyranose 'C8 H15 N O6'
PAM non-polymer 'PALMITOLEIC ACID' 'C16 H30 O2'
#
# COMPACT_ATOMS: atom_id res chain seq x y z
N ILE A 54 35.14 9.81 -63.71
CA ILE A 54 34.69 10.09 -62.34
C ILE A 54 33.18 10.02 -62.25
N ARG A 55 32.53 9.80 -63.40
CA ARG A 55 31.07 9.77 -63.45
C ARG A 55 30.51 8.66 -62.58
N ASP A 56 31.07 7.46 -62.69
CA ASP A 56 30.58 6.34 -61.89
C ASP A 56 30.84 6.56 -60.40
N PHE A 57 31.95 7.21 -60.06
CA PHE A 57 32.22 7.50 -58.66
C PHE A 57 31.33 8.63 -58.14
N LEU A 58 31.04 9.62 -58.98
CA LEU A 58 30.16 10.71 -58.57
C LEU A 58 28.73 10.21 -58.35
N PHE A 59 28.24 9.34 -59.22
CA PHE A 59 26.89 8.81 -59.10
C PHE A 59 26.86 7.62 -58.12
N GLN A 60 27.36 7.87 -56.92
CA GLN A 60 27.42 6.83 -55.89
C GLN A 60 26.13 6.77 -55.07
N ASN A 61 25.78 7.86 -54.42
CA ASN A 61 24.60 7.90 -53.57
C ASN A 61 23.36 8.41 -54.28
N PHE A 62 23.51 9.06 -55.43
CA PHE A 62 22.38 9.63 -56.16
C PHE A 62 21.85 8.56 -57.12
N LYS A 63 20.90 7.77 -56.63
CA LYS A 63 20.29 6.71 -57.42
C LYS A 63 18.94 7.11 -58.02
N GLU A 64 18.44 8.30 -57.72
CA GLU A 64 17.13 8.72 -58.18
C GLU A 64 17.23 9.51 -59.48
N GLU A 65 16.07 9.84 -60.04
CA GLU A 65 15.96 10.71 -61.18
C GLU A 65 16.02 12.16 -60.73
N GLY A 66 16.26 13.05 -61.68
CA GLY A 66 16.33 14.48 -61.41
C GLY A 66 17.77 14.96 -61.29
N THR A 67 17.90 16.17 -60.76
CA THR A 67 19.19 16.84 -60.67
C THR A 67 19.45 17.28 -59.24
N VAL A 68 20.72 17.23 -58.85
CA VAL A 68 21.19 17.69 -57.55
C VAL A 68 22.63 18.16 -57.71
N VAL A 69 23.19 18.73 -56.65
CA VAL A 69 24.61 19.08 -56.61
C VAL A 69 25.21 18.52 -55.33
N VAL A 70 26.46 18.08 -55.42
CA VAL A 70 27.17 17.46 -54.32
C VAL A 70 28.52 18.14 -54.14
N GLY A 71 29.03 18.06 -52.92
CA GLY A 71 30.31 18.67 -52.59
C GLY A 71 31.32 17.70 -51.99
N THR A 252 35.20 21.09 -53.65
CA THR A 252 34.70 20.99 -55.02
C THR A 252 33.22 20.66 -55.04
N TYR A 253 32.47 21.33 -55.92
CA TYR A 253 31.03 21.13 -56.06
C TYR A 253 30.71 20.75 -57.50
N TYR A 254 29.95 19.68 -57.68
CA TYR A 254 29.61 19.18 -58.99
C TYR A 254 28.12 18.85 -59.06
N LYS A 255 27.52 19.11 -60.21
CA LYS A 255 26.10 18.90 -60.43
C LYS A 255 25.87 17.61 -61.21
N LEU A 256 25.00 16.76 -60.69
CA LEU A 256 24.61 15.51 -61.32
C LEU A 256 23.22 15.67 -61.92
N ASN A 257 23.04 15.12 -63.13
CA ASN A 257 21.82 15.34 -63.89
C ASN A 257 21.56 13.95 -64.44
N ASN A 258 20.86 13.13 -63.62
CA ASN A 258 20.44 11.78 -64.04
C ASN A 258 19.06 11.95 -64.66
N THR A 259 18.98 12.05 -65.98
CA THR A 259 17.71 12.31 -66.64
C THR A 259 17.43 11.16 -67.61
N ASN A 260 16.51 10.29 -67.23
CA ASN A 260 16.08 9.16 -68.07
C ASN A 260 17.27 8.27 -68.46
N GLY A 261 18.15 8.02 -67.50
CA GLY A 261 19.28 7.13 -67.70
C GLY A 261 20.50 7.77 -68.33
N LEU A 262 20.41 9.03 -68.75
CA LEU A 262 21.56 9.74 -69.30
C LEU A 262 22.25 10.50 -68.18
N LYS A 263 22.96 9.75 -67.34
CA LYS A 263 23.62 10.32 -66.17
C LYS A 263 24.80 11.17 -66.65
N THR A 264 24.58 12.48 -66.74
CA THR A 264 25.59 13.42 -67.19
C THR A 264 25.89 14.41 -66.08
N TYR A 265 27.17 14.55 -65.75
CA TYR A 265 27.60 15.42 -64.67
C TYR A 265 28.34 16.63 -65.22
N GLU A 266 28.51 17.63 -64.36
CA GLU A 266 29.24 18.84 -64.70
C GLU A 266 29.76 19.46 -63.41
N PHE A 267 30.53 20.54 -63.56
CA PHE A 267 31.10 21.24 -62.42
C PHE A 267 30.56 22.66 -62.38
N CYS A 268 30.26 23.14 -61.18
CA CYS A 268 29.77 24.50 -60.97
C CYS A 268 30.76 25.25 -60.08
N GLU A 269 31.12 26.46 -60.50
CA GLU A 269 32.05 27.29 -59.75
C GLU A 269 31.36 28.32 -58.87
N ASP A 270 30.03 28.45 -58.98
CA ASP A 270 29.28 29.42 -58.18
C ASP A 270 29.28 28.94 -56.74
N TYR A 271 30.08 29.60 -55.89
CA TYR A 271 30.26 29.13 -54.52
C TYR A 271 28.97 29.23 -53.72
N GLU A 272 28.43 30.45 -53.57
CA GLU A 272 27.24 30.64 -52.75
C GLU A 272 26.05 29.89 -53.33
N TYR A 273 25.88 29.91 -54.65
CA TYR A 273 24.74 29.26 -55.27
C TYR A 273 24.78 27.76 -55.08
N CYS A 274 25.91 27.13 -55.40
CA CYS A 274 26.00 25.68 -55.36
C CYS A 274 26.18 25.14 -53.94
N THR A 275 26.64 25.96 -53.00
CA THR A 275 26.72 25.50 -51.61
C THR A 275 25.33 25.36 -51.00
N GLY A 276 24.48 26.37 -51.19
CA GLY A 276 23.11 26.27 -50.72
C GLY A 276 22.31 25.23 -51.47
N TYR A 277 22.56 25.09 -52.77
CA TYR A 277 21.86 24.09 -53.57
C TYR A 277 22.12 22.69 -53.06
N ALA A 278 23.25 22.46 -52.40
CA ALA A 278 23.58 21.16 -51.83
C ALA A 278 22.94 20.95 -50.47
N THR A 279 22.40 22.00 -49.84
CA THR A 279 21.85 21.90 -48.51
C THR A 279 20.32 21.96 -48.47
N ASN A 280 19.68 22.50 -49.50
CA ASN A 280 18.24 22.70 -49.49
C ASN A 280 17.49 21.93 -50.55
N VAL A 281 18.15 21.47 -51.61
CA VAL A 281 17.49 20.77 -52.71
C VAL A 281 17.80 19.29 -52.62
N PHE A 282 16.83 18.47 -53.00
CA PHE A 282 16.98 17.02 -52.98
C PHE A 282 16.14 16.45 -54.12
N ALA A 283 16.06 15.12 -54.18
CA ALA A 283 15.25 14.44 -55.16
C ALA A 283 14.44 13.36 -54.47
N PRO A 284 13.12 13.33 -54.63
CA PRO A 284 12.32 12.27 -54.00
C PRO A 284 12.64 10.90 -54.58
N THR A 285 12.52 9.89 -53.74
CA THR A 285 12.66 8.51 -54.18
C THR A 285 11.33 8.03 -54.76
N VAL A 286 11.29 6.75 -55.15
CA VAL A 286 10.06 6.18 -55.67
C VAL A 286 9.03 6.09 -54.55
N GLY A 287 7.83 6.62 -54.79
CA GLY A 287 6.81 6.71 -53.79
C GLY A 287 6.79 8.01 -53.01
N GLY A 288 7.77 8.89 -53.23
CA GLY A 288 7.77 10.20 -52.60
C GLY A 288 8.32 10.21 -51.20
N TYR A 289 9.54 9.73 -51.02
CA TYR A 289 10.19 9.71 -49.71
C TYR A 289 11.48 10.52 -49.78
N ILE A 290 11.74 11.30 -48.74
CA ILE A 290 12.94 12.13 -48.67
C ILE A 290 14.14 11.24 -48.36
N PRO A 291 15.21 11.29 -49.16
CA PRO A 291 16.37 10.44 -48.91
C PRO A 291 17.04 10.74 -47.58
N ASP A 292 17.69 9.72 -47.02
CA ASP A 292 18.27 9.82 -45.68
C ASP A 292 19.45 10.79 -45.61
N GLY A 293 19.98 11.23 -46.74
CA GLY A 293 21.08 12.17 -46.72
C GLY A 293 20.69 13.63 -46.60
N PHE A 294 19.41 13.95 -46.60
CA PHE A 294 18.96 15.33 -46.58
C PHE A 294 19.19 15.95 -45.21
N SER A 295 19.58 17.23 -45.21
CA SER A 295 19.96 17.91 -43.98
C SER A 295 18.77 18.48 -43.20
N PHE A 296 17.64 18.73 -43.88
CA PHE A 296 16.47 19.35 -43.26
C PHE A 296 16.83 20.71 -42.68
N ASN A 297 17.25 21.62 -43.56
CA ASN A 297 17.78 22.91 -43.12
C ASN A 297 16.66 23.81 -42.59
N ASN A 298 15.67 24.13 -43.44
CA ASN A 298 14.58 24.99 -43.01
C ASN A 298 13.28 24.19 -42.95
N TRP A 299 13.37 22.96 -42.46
CA TRP A 299 12.20 22.08 -42.31
C TRP A 299 11.90 21.96 -40.82
N PHE A 300 10.67 22.30 -40.44
CA PHE A 300 10.27 22.30 -39.04
C PHE A 300 9.10 21.36 -38.83
N LEU A 301 8.95 20.91 -37.59
CA LEU A 301 7.81 20.11 -37.19
C LEU A 301 6.60 21.00 -36.96
N LEU A 302 5.48 20.66 -37.59
CA LEU A 302 4.26 21.44 -37.46
C LEU A 302 3.62 21.15 -36.11
N THR A 303 3.51 22.17 -35.26
CA THR A 303 3.04 22.00 -33.90
C THR A 303 1.98 23.05 -33.56
N ASN A 304 1.10 22.72 -32.64
CA ASN A 304 0.06 23.68 -32.17
C ASN A 304 0.51 24.28 -30.83
N ASP A 305 1.66 23.85 -30.31
CA ASP A 305 2.16 24.40 -29.06
C ASP A 305 3.10 25.57 -29.34
N SER A 306 3.06 26.57 -28.46
CA SER A 306 3.87 27.77 -28.63
C SER A 306 5.31 27.60 -28.17
N THR A 307 5.61 26.54 -27.44
CA THR A 307 6.96 26.34 -26.91
C THR A 307 7.84 25.72 -27.98
N PHE A 308 9.06 25.34 -27.61
CA PHE A 308 10.01 24.71 -28.51
C PHE A 308 10.04 23.20 -28.23
N VAL A 309 9.81 22.40 -29.25
CA VAL A 309 9.80 20.95 -29.12
C VAL A 309 11.22 20.42 -29.26
N SER A 310 11.49 19.33 -28.55
CA SER A 310 12.80 18.69 -28.59
C SER A 310 12.65 17.23 -28.18
N GLY A 311 13.36 16.36 -28.89
CA GLY A 311 13.33 14.94 -28.61
C GLY A 311 13.00 14.16 -29.86
N ARG A 312 12.60 12.91 -29.68
CA ARG A 312 12.25 12.02 -30.76
C ARG A 312 10.80 11.56 -30.58
N PHE A 313 9.99 11.74 -31.61
CA PHE A 313 8.57 11.43 -31.54
C PHE A 313 8.14 10.61 -32.75
N VAL A 314 6.95 10.03 -32.65
CA VAL A 314 6.28 9.39 -33.78
C VAL A 314 5.03 10.17 -34.07
N THR A 315 4.91 10.70 -35.28
CA THR A 315 3.85 11.66 -35.56
C THR A 315 3.38 11.53 -37.00
N ASN A 316 2.20 12.09 -37.25
CA ASN A 316 1.63 12.19 -38.59
C ASN A 316 1.97 13.58 -39.13
N GLN A 317 2.97 13.67 -39.99
CA GLN A 317 3.48 14.93 -40.48
C GLN A 317 3.49 14.96 -41.99
N PRO A 318 3.38 16.14 -42.60
CA PRO A 318 3.38 16.24 -44.07
C PRO A 318 4.78 16.11 -44.66
N LEU A 319 5.28 14.87 -44.70
CA LEU A 319 6.62 14.59 -45.18
C LEU A 319 6.61 13.64 -46.37
N LEU A 320 5.48 13.50 -47.06
CA LEU A 320 5.40 12.69 -48.27
C LEU A 320 5.38 13.65 -49.46
N VAL A 321 6.53 13.83 -50.09
CA VAL A 321 6.67 14.85 -51.13
C VAL A 321 6.07 14.33 -52.43
N ASN A 322 5.13 15.09 -52.99
CA ASN A 322 4.57 14.77 -54.30
C ASN A 322 5.25 15.52 -55.43
N CYS A 323 5.96 16.60 -55.15
CA CYS A 323 6.68 17.37 -56.14
C CYS A 323 7.63 18.32 -55.43
N LEU A 324 8.77 18.59 -56.07
CA LEU A 324 9.73 19.56 -55.57
C LEU A 324 10.04 20.57 -56.66
N TRP A 325 10.12 21.83 -56.27
CA TRP A 325 10.27 22.95 -57.22
C TRP A 325 11.49 23.77 -56.83
N PRO A 326 12.67 23.45 -57.41
CA PRO A 326 13.89 24.20 -57.13
C PRO A 326 14.05 25.42 -58.04
N GLU A 336 -0.05 31.74 -57.75
CA GLU A 336 -1.34 31.07 -57.57
C GLU A 336 -1.18 29.56 -57.50
N PHE A 337 -0.60 29.07 -56.41
CA PHE A 337 -0.37 27.64 -56.20
C PHE A 337 -1.64 27.07 -55.58
N CYS A 338 -2.30 26.18 -56.33
CA CYS A 338 -3.67 25.83 -56.00
C CYS A 338 -3.76 24.33 -55.73
N PHE A 339 -4.48 23.97 -54.65
CA PHE A 339 -4.41 22.61 -54.13
C PHE A 339 -5.05 21.57 -55.04
N GLU A 340 -5.89 21.98 -55.98
CA GLU A 340 -6.69 21.05 -56.77
C GLU A 340 -6.14 20.85 -58.18
N GLY A 341 -4.81 20.87 -58.31
CA GLY A 341 -4.17 20.69 -59.59
C GLY A 341 -4.39 21.87 -60.53
N PHE A 344 1.96 22.25 -60.81
CA PHE A 344 3.09 21.35 -60.70
C PHE A 344 3.63 20.96 -62.07
N SER A 345 4.64 21.69 -62.54
CA SER A 345 5.24 21.45 -63.85
C SER A 345 6.70 21.07 -63.76
N GLN A 346 7.53 21.86 -63.08
CA GLN A 346 8.96 21.61 -63.00
C GLN A 346 9.30 20.79 -61.74
N CYS A 347 8.80 19.57 -61.71
CA CYS A 347 8.97 18.68 -60.57
C CYS A 347 10.30 17.94 -60.68
N ASN A 348 11.20 18.20 -59.75
CA ASN A 348 12.51 17.54 -59.73
C ASN A 348 12.35 16.10 -59.30
N GLY A 349 12.62 15.17 -60.22
CA GLY A 349 12.47 13.76 -59.92
C GLY A 349 11.09 13.24 -60.25
N VAL A 350 10.65 12.20 -59.55
CA VAL A 350 9.34 11.60 -59.76
C VAL A 350 8.28 12.52 -59.14
N SER A 351 7.02 12.30 -59.51
CA SER A 351 5.93 13.16 -59.04
C SER A 351 4.68 12.32 -58.89
N LEU A 352 4.28 12.04 -57.65
CA LEU A 352 3.06 11.31 -57.39
C LEU A 352 1.85 12.15 -57.79
N ASN A 353 0.88 11.52 -58.45
CA ASN A 353 -0.36 12.20 -58.81
C ASN A 353 -1.45 11.91 -57.78
N ASN A 354 -1.17 12.34 -56.56
CA ASN A 354 -2.08 12.20 -55.43
C ASN A 354 -2.58 13.58 -55.01
N THR A 355 -3.45 13.58 -54.00
CA THR A 355 -4.00 14.83 -53.48
C THR A 355 -2.97 15.51 -52.58
N VAL A 356 -2.78 16.81 -52.79
CA VAL A 356 -1.85 17.59 -52.00
C VAL A 356 -2.53 18.03 -50.71
N ASP A 357 -1.78 18.00 -49.61
CA ASP A 357 -2.29 18.42 -48.31
C ASP A 357 -1.67 19.71 -47.80
N VAL A 358 -0.35 19.88 -47.94
CA VAL A 358 0.35 21.03 -47.41
C VAL A 358 1.28 21.58 -48.50
N ILE A 359 1.44 22.89 -48.53
CA ILE A 359 2.41 23.55 -49.39
C ILE A 359 3.41 24.25 -48.49
N ARG A 360 4.70 23.94 -48.68
CA ARG A 360 5.77 24.46 -47.85
C ARG A 360 6.73 25.30 -48.68
N PHE A 361 7.13 26.44 -48.12
CA PHE A 361 8.04 27.38 -48.77
C PHE A 361 9.29 27.49 -47.89
N ASN A 362 10.44 27.20 -48.50
CA ASN A 362 11.74 27.38 -47.87
C ASN A 362 12.29 28.73 -48.31
N LEU A 363 12.39 29.66 -47.36
CA LEU A 363 12.78 31.02 -47.69
C LEU A 363 14.29 31.15 -47.81
N ASN A 364 14.73 31.95 -48.79
CA ASN A 364 16.14 32.20 -49.04
C ASN A 364 16.55 33.50 -48.37
N PHE A 365 17.65 33.45 -47.62
CA PHE A 365 18.11 34.60 -46.87
C PHE A 365 19.54 34.35 -46.41
N THR A 366 20.18 35.39 -45.90
CA THR A 366 21.47 35.28 -45.25
C THR A 366 21.28 34.98 -43.78
N ALA A 367 22.25 34.26 -43.20
CA ALA A 367 22.09 33.78 -41.83
C ALA A 367 21.94 34.92 -40.84
N ASP A 368 22.74 35.97 -40.99
CA ASP A 368 22.70 37.11 -40.08
C ASP A 368 22.47 38.44 -40.77
N VAL A 369 22.97 38.62 -42.00
CA VAL A 369 22.81 39.88 -42.70
C VAL A 369 21.36 40.03 -43.16
N GLN A 370 20.74 41.15 -42.81
CA GLN A 370 19.38 41.41 -43.22
C GLN A 370 19.29 41.65 -44.72
N SER A 371 18.09 41.51 -45.26
CA SER A 371 17.87 41.73 -46.68
C SER A 371 16.68 42.65 -46.91
N GLY A 372 16.28 42.81 -48.17
CA GLY A 372 15.14 43.65 -48.50
C GLY A 372 14.05 42.89 -49.21
N MET A 373 14.11 41.56 -49.12
CA MET A 373 13.14 40.69 -49.76
C MET A 373 12.13 40.18 -48.75
N GLY A 374 10.90 40.00 -49.20
CA GLY A 374 9.85 39.51 -48.33
C GLY A 374 8.54 39.43 -49.09
N ALA A 375 7.47 39.17 -48.34
CA ALA A 375 6.12 39.12 -48.88
C ALA A 375 5.31 40.25 -48.31
N THR A 376 4.70 41.05 -49.19
CA THR A 376 3.86 42.15 -48.72
C THR A 376 2.59 41.64 -48.06
N VAL A 377 1.97 40.62 -48.63
CA VAL A 377 0.73 40.07 -48.10
C VAL A 377 0.59 38.62 -48.53
N PHE A 378 -0.11 37.84 -47.72
CA PHE A 378 -0.46 36.46 -48.08
C PHE A 378 -1.97 36.36 -48.18
N SER A 379 -2.48 36.09 -49.38
CA SER A 379 -3.91 36.05 -49.63
C SER A 379 -4.38 34.60 -49.65
N LEU A 380 -5.36 34.29 -48.82
CA LEU A 380 -5.94 32.95 -48.73
C LEU A 380 -7.37 33.00 -49.23
N ASN A 381 -7.69 32.16 -50.22
CA ASN A 381 -9.03 32.02 -50.76
C ASN A 381 -9.69 30.86 -50.04
N THR A 382 -10.52 31.16 -49.03
CA THR A 382 -11.15 30.11 -48.25
C THR A 382 -12.37 29.57 -48.99
N THR A 383 -13.01 28.57 -48.39
CA THR A 383 -14.22 28.01 -48.98
C THR A 383 -15.30 29.06 -49.08
N GLY A 384 -15.95 29.14 -50.24
CA GLY A 384 -16.96 30.14 -50.50
C GLY A 384 -16.47 31.35 -51.26
N GLY A 385 -15.18 31.45 -51.51
CA GLY A 385 -14.63 32.57 -52.27
C GLY A 385 -14.25 33.78 -51.46
N VAL A 386 -14.09 33.64 -50.15
CA VAL A 386 -13.76 34.77 -49.29
C VAL A 386 -12.24 34.86 -49.14
N ILE A 387 -11.70 36.05 -49.36
CA ILE A 387 -10.26 36.28 -49.36
C ILE A 387 -9.85 36.91 -48.03
N LEU A 388 -8.90 36.27 -47.35
CA LEU A 388 -8.34 36.80 -46.11
C LEU A 388 -6.86 37.10 -46.34
N GLU A 389 -6.42 38.29 -45.94
CA GLU A 389 -5.06 38.75 -46.22
C GLU A 389 -4.28 38.83 -44.92
N ILE A 390 -3.14 38.16 -44.86
CA ILE A 390 -2.27 38.17 -43.69
C ILE A 390 -1.11 39.11 -43.97
N SER A 391 -0.87 40.04 -43.05
CA SER A 391 0.23 40.99 -43.22
C SER A 391 0.69 41.50 -41.86
N CYS A 392 1.96 41.87 -41.77
CA CYS A 392 2.57 42.27 -40.51
C CYS A 392 3.13 43.68 -40.60
N TYR A 393 2.92 44.46 -39.54
CA TYR A 393 3.36 45.84 -39.42
C TYR A 393 4.33 45.97 -38.24
N ASN A 394 4.80 47.19 -38.00
CA ASN A 394 5.77 47.44 -36.92
C ASN A 394 5.11 48.02 -35.67
N ASP A 395 4.41 49.14 -35.81
CA ASP A 395 3.82 49.80 -34.65
C ASP A 395 2.50 49.14 -34.25
N THR A 396 1.54 49.11 -35.17
CA THR A 396 0.22 48.52 -34.93
C THR A 396 -0.46 49.15 -33.72
N SER A 404 -3.46 50.20 -46.23
CA SER A 404 -2.01 50.08 -46.14
C SER A 404 -1.61 48.66 -45.75
N TYR A 405 -0.62 48.13 -46.45
CA TYR A 405 -0.12 46.78 -46.23
C TYR A 405 1.31 46.83 -45.68
N GLY A 406 1.62 45.91 -44.78
CA GLY A 406 2.95 45.79 -44.23
C GLY A 406 3.80 44.83 -45.02
N GLU A 407 4.82 44.30 -44.37
CA GLU A 407 5.75 43.37 -45.01
C GLU A 407 6.07 42.22 -44.07
N ILE A 408 6.15 41.02 -44.63
CA ILE A 408 6.61 39.84 -43.91
C ILE A 408 8.05 39.57 -44.36
N PRO A 409 9.05 39.80 -43.52
CA PRO A 409 10.43 39.59 -43.94
C PRO A 409 10.72 38.11 -44.19
N PHE A 410 11.51 37.85 -45.23
CA PHE A 410 11.95 36.49 -45.54
C PHE A 410 13.30 36.19 -44.91
N GLY A 411 13.43 36.39 -43.61
CA GLY A 411 14.68 36.12 -42.94
C GLY A 411 14.75 36.70 -41.54
N ILE A 412 15.91 37.25 -41.17
CA ILE A 412 16.08 37.87 -39.87
C ILE A 412 15.21 39.11 -39.79
N THR A 413 14.46 39.24 -38.69
CA THR A 413 13.53 40.35 -38.52
C THR A 413 14.13 41.46 -37.67
N GLY A 415 12.87 45.19 -35.89
CA GLY A 415 12.36 45.08 -34.52
C GLY A 415 11.09 44.25 -34.46
N PRO A 416 10.32 44.29 -33.36
CA PRO A 416 9.09 43.46 -33.20
C PRO A 416 8.09 43.77 -34.31
N LYS A 417 7.49 42.74 -34.90
CA LYS A 417 6.48 42.95 -35.97
C LYS A 417 5.14 42.34 -35.51
N TYR A 418 4.04 43.05 -35.73
CA TYR A 418 2.71 42.57 -35.27
C TYR A 418 1.90 42.17 -36.50
N CYS A 419 1.38 40.93 -36.51
CA CYS A 419 0.71 40.45 -37.70
C CYS A 419 -0.81 40.46 -37.51
N TYR A 420 -1.51 40.71 -38.62
CA TYR A 420 -2.96 40.83 -38.61
C TYR A 420 -3.55 40.07 -39.79
N VAL A 421 -4.74 39.53 -39.54
CA VAL A 421 -5.63 39.03 -40.58
C VAL A 421 -6.61 40.15 -40.93
N LEU A 422 -6.73 40.42 -42.23
CA LEU A 422 -7.47 41.55 -42.75
C LEU A 422 -8.48 41.06 -43.77
N TYR A 423 -9.59 41.78 -43.88
CA TYR A 423 -10.57 41.56 -44.93
C TYR A 423 -11.01 42.92 -45.46
N ASN A 424 -11.02 43.07 -46.79
CA ASN A 424 -11.46 44.29 -47.44
C ASN A 424 -10.65 45.50 -46.97
N GLY A 425 -9.37 45.28 -46.67
CA GLY A 425 -8.48 46.34 -46.27
C GLY A 425 -8.55 46.75 -44.82
N THR A 426 -9.36 46.09 -44.00
CA THR A 426 -9.51 46.44 -42.60
C THR A 426 -9.10 45.26 -41.72
N ALA A 427 -8.50 45.57 -40.57
CA ALA A 427 -8.06 44.53 -39.66
C ALA A 427 -9.23 43.71 -39.15
N LEU A 428 -9.00 42.41 -38.99
CA LEU A 428 -10.06 41.49 -38.55
C LEU A 428 -9.59 40.64 -37.39
N LYS A 429 -8.28 40.43 -37.28
CA LYS A 429 -7.77 39.58 -36.21
C LYS A 429 -6.31 39.94 -35.95
N TYR A 430 -5.90 39.91 -34.69
CA TYR A 430 -4.52 40.15 -34.30
C TYR A 430 -3.88 38.80 -33.97
N LEU A 431 -2.91 38.39 -34.80
CA LEU A 431 -2.34 37.06 -34.63
C LEU A 431 -1.30 37.02 -33.52
N GLY A 432 -0.42 37.99 -33.48
CA GLY A 432 0.62 38.02 -32.47
C GLY A 432 1.87 38.65 -33.03
N THR A 433 3.02 38.20 -32.53
CA THR A 433 4.32 38.72 -32.90
C THR A 433 5.11 37.69 -33.67
N LEU A 434 5.84 38.16 -34.68
CA LEU A 434 6.66 37.27 -35.51
C LEU A 434 7.82 36.72 -34.71
N PRO A 435 8.37 35.57 -35.12
CA PRO A 435 9.61 35.09 -34.52
C PRO A 435 10.78 35.97 -34.90
N PRO A 436 11.90 35.89 -34.17
CA PRO A 436 13.06 36.72 -34.54
C PRO A 436 13.54 36.50 -35.96
N SER A 437 13.40 35.30 -36.50
CA SER A 437 13.78 35.02 -37.88
C SER A 437 12.67 34.20 -38.54
N VAL A 438 12.40 34.50 -39.81
CA VAL A 438 11.39 33.80 -40.59
C VAL A 438 12.12 32.94 -41.61
N LYS A 439 11.93 31.62 -41.53
CA LYS A 439 12.69 30.67 -42.35
C LYS A 439 11.82 29.81 -43.25
N GLU A 440 10.69 29.31 -42.75
CA GLU A 440 9.81 28.47 -43.55
C GLU A 440 8.38 28.91 -43.34
N ILE A 441 7.54 28.72 -44.37
CA ILE A 441 6.13 29.05 -44.30
C ILE A 441 5.31 27.90 -44.86
N ALA A 442 4.35 27.39 -44.08
CA ALA A 442 3.54 26.26 -44.50
C ALA A 442 2.07 26.63 -44.50
N ILE A 443 1.34 26.14 -45.49
CA ILE A 443 -0.11 26.36 -45.59
C ILE A 443 -0.78 25.02 -45.85
N SER A 444 -1.74 24.66 -44.99
CA SER A 444 -2.49 23.43 -45.11
C SER A 444 -3.85 23.70 -45.75
N LYS A 445 -4.37 22.67 -46.45
CA LYS A 445 -5.67 22.80 -47.09
C LYS A 445 -6.83 22.74 -46.12
N TRP A 446 -6.57 22.42 -44.86
CA TRP A 446 -7.61 22.38 -43.84
C TRP A 446 -7.79 23.72 -43.13
N GLY A 447 -7.08 24.75 -43.57
CA GLY A 447 -7.21 26.07 -43.00
C GLY A 447 -6.18 26.44 -41.96
N HIS A 448 -4.94 25.98 -42.11
CA HIS A 448 -3.89 26.27 -41.14
C HIS A 448 -2.73 27.00 -41.82
N PHE A 449 -2.19 27.99 -41.12
CA PHE A 449 -1.09 28.83 -41.59
C PHE A 449 -0.01 28.78 -40.54
N TYR A 450 1.13 28.16 -40.88
CA TYR A 450 2.25 27.95 -39.98
C TYR A 450 3.44 28.79 -40.41
N ILE A 451 4.10 29.40 -39.43
CA ILE A 451 5.37 30.10 -39.63
C ILE A 451 6.40 29.44 -38.72
N ASN A 452 7.46 28.91 -39.32
CA ASN A 452 8.50 28.16 -38.60
C ASN A 452 7.90 26.98 -37.84
N GLY A 453 6.89 26.35 -38.42
CA GLY A 453 6.29 25.17 -37.84
C GLY A 453 5.29 25.40 -36.75
N TYR A 454 5.04 26.65 -36.38
CA TYR A 454 4.07 26.98 -35.33
C TYR A 454 2.78 27.47 -35.95
N ASN A 455 1.65 26.91 -35.51
CA ASN A 455 0.36 27.30 -36.05
C ASN A 455 0.05 28.75 -35.72
N PHE A 456 0.13 29.61 -36.72
CA PHE A 456 -0.14 31.03 -36.52
C PHE A 456 -1.60 31.38 -36.75
N PHE A 457 -2.24 30.79 -37.76
CA PHE A 457 -3.63 31.11 -38.05
C PHE A 457 -4.42 29.86 -38.37
N SER A 458 -5.65 29.80 -37.90
CA SER A 458 -6.54 28.68 -38.15
C SER A 458 -7.92 29.20 -38.55
N THR A 459 -8.46 28.68 -39.64
CA THR A 459 -9.70 29.20 -40.20
C THR A 459 -10.43 28.08 -40.92
N PHE A 460 -11.37 28.46 -41.79
CA PHE A 460 -12.08 27.51 -42.63
C PHE A 460 -11.12 26.86 -43.63
N PRO A 461 -11.48 25.72 -44.20
CA PRO A 461 -10.62 25.09 -45.22
C PRO A 461 -10.30 26.05 -46.35
N ILE A 462 -9.03 26.08 -46.74
CA ILE A 462 -8.53 27.01 -47.74
C ILE A 462 -8.62 26.35 -49.11
N ASP A 463 -9.28 27.02 -50.05
CA ASP A 463 -9.30 26.53 -51.42
C ASP A 463 -7.89 26.52 -52.00
N CYS A 464 -7.29 27.71 -52.12
CA CYS A 464 -5.91 27.85 -52.53
C CYS A 464 -5.46 29.30 -52.48
N ILE A 465 -4.14 29.50 -52.52
CA ILE A 465 -3.49 30.68 -51.95
C ILE A 465 -2.78 31.48 -53.04
N SER A 466 -2.29 32.65 -52.64
CA SER A 466 -1.50 33.54 -53.48
C SER A 466 -0.75 34.51 -52.58
N PHE A 467 0.24 35.20 -53.14
CA PHE A 467 1.00 36.18 -52.38
C PHE A 467 1.71 37.11 -53.34
N ASN A 468 2.23 38.21 -52.79
CA ASN A 468 2.99 39.21 -53.53
C ASN A 468 4.35 39.41 -52.87
N LEU A 469 5.39 39.50 -53.67
CA LEU A 469 6.75 39.65 -53.17
C LEU A 469 7.14 41.11 -53.06
N THR A 470 7.83 41.45 -51.96
CA THR A 470 8.27 42.82 -51.73
C THR A 470 9.42 43.19 -52.67
N GLY A 475 14.70 35.98 -56.60
CA GLY A 475 14.74 34.64 -56.05
C GLY A 475 14.72 34.61 -54.53
N ALA A 476 13.58 34.26 -53.96
CA ALA A 476 13.39 34.25 -52.52
C ALA A 476 13.19 32.86 -51.94
N PHE A 477 12.90 31.86 -52.77
CA PHE A 477 12.60 30.51 -52.31
C PHE A 477 13.64 29.54 -52.83
N TRP A 478 14.27 28.79 -51.93
CA TRP A 478 15.13 27.69 -52.37
C TRP A 478 14.31 26.60 -53.05
N THR A 479 13.24 26.15 -52.39
CA THR A 479 12.37 25.11 -52.90
C THR A 479 10.93 25.42 -52.54
N ILE A 480 10.02 24.83 -53.31
CA ILE A 480 8.58 24.84 -53.00
C ILE A 480 8.12 23.40 -53.02
N ALA A 481 7.61 22.92 -51.89
CA ALA A 481 7.30 21.51 -51.72
C ALA A 481 5.81 21.30 -51.56
N TYR A 482 5.22 20.48 -52.42
CA TYR A 482 3.87 19.97 -52.21
C TYR A 482 3.99 18.65 -51.47
N THR A 483 3.34 18.55 -50.31
CA THR A 483 3.54 17.40 -49.45
C THR A 483 2.20 16.90 -48.93
N SER A 484 2.21 15.63 -48.52
CA SER A 484 1.06 14.95 -47.94
C SER A 484 1.47 14.29 -46.65
N TYR A 485 0.47 14.02 -45.81
CA TYR A 485 0.71 13.51 -44.46
C TYR A 485 1.13 12.04 -44.50
N THR A 486 2.01 11.67 -43.57
CA THR A 486 2.45 10.30 -43.40
C THR A 486 2.96 10.13 -41.98
N GLU A 487 2.96 8.88 -41.52
CA GLU A 487 3.45 8.57 -40.19
C GLU A 487 4.96 8.37 -40.23
N ALA A 488 5.67 9.00 -39.29
CA ALA A 488 7.12 8.92 -39.30
C ALA A 488 7.66 9.13 -37.89
N LEU A 489 8.83 8.55 -37.65
CA LEU A 489 9.61 8.79 -36.46
C LEU A 489 10.58 9.93 -36.76
N VAL A 490 10.40 11.06 -36.08
CA VAL A 490 11.15 12.28 -36.34
C VAL A 490 11.98 12.61 -35.10
N GLN A 491 13.27 12.84 -35.33
CA GLN A 491 14.19 13.32 -34.30
C GLN A 491 14.47 14.79 -34.60
N VAL A 492 14.19 15.66 -33.63
CA VAL A 492 14.29 17.10 -33.78
C VAL A 492 15.13 17.66 -32.63
N GLU A 493 15.62 18.89 -32.83
CA GLU A 493 16.46 19.53 -31.83
C GLU A 493 15.77 20.69 -31.13
N ASN A 494 15.32 21.70 -31.87
CA ASN A 494 14.44 22.74 -31.34
C ASN A 494 13.43 23.07 -32.44
N THR A 495 12.35 22.29 -32.49
CA THR A 495 11.29 22.40 -33.49
C THR A 495 11.80 22.18 -34.91
N ALA A 496 13.10 21.95 -35.07
CA ALA A 496 13.73 21.79 -36.38
C ALA A 496 14.06 20.33 -36.61
N ILE A 497 13.67 19.81 -37.78
CA ILE A 497 13.84 18.40 -38.09
C ILE A 497 15.32 18.10 -38.28
N LYS A 498 15.79 17.03 -37.62
CA LYS A 498 17.13 16.52 -37.84
C LYS A 498 17.15 15.20 -38.59
N LYS A 499 16.34 14.22 -38.17
CA LYS A 499 16.31 12.92 -38.83
C LYS A 499 14.87 12.44 -38.97
N VAL A 500 14.59 11.76 -40.08
CA VAL A 500 13.26 11.25 -40.36
C VAL A 500 13.37 9.78 -40.77
N THR A 501 12.55 8.93 -40.15
CA THR A 501 12.42 7.53 -40.52
C THR A 501 10.95 7.24 -40.83
N TYR A 502 10.69 6.62 -41.97
CA TYR A 502 9.33 6.34 -42.39
C TYR A 502 8.89 4.98 -41.91
N CYS A 503 7.69 4.91 -41.33
CA CYS A 503 7.10 3.64 -40.93
C CYS A 503 6.35 3.04 -42.12
N ASN A 504 7.11 2.65 -43.13
CA ASN A 504 6.55 2.12 -44.37
C ASN A 504 7.01 0.69 -44.65
N SER A 505 7.46 -0.03 -43.63
CA SER A 505 7.81 -1.44 -43.76
C SER A 505 7.74 -2.06 -42.37
N HIS A 506 7.73 -3.40 -42.35
CA HIS A 506 7.58 -4.12 -41.08
C HIS A 506 8.71 -3.79 -40.12
N ILE A 507 9.96 -3.86 -40.61
CA ILE A 507 11.10 -3.52 -39.77
C ILE A 507 11.06 -2.04 -39.39
N ASN A 508 10.57 -1.19 -40.29
CA ASN A 508 10.41 0.22 -39.97
C ASN A 508 9.28 0.44 -38.96
N ASN A 509 8.24 -0.38 -39.02
CA ASN A 509 7.21 -0.32 -37.99
C ASN A 509 7.78 -0.68 -36.62
N ILE A 510 8.64 -1.70 -36.57
CA ILE A 510 9.29 -2.05 -35.31
C ILE A 510 10.20 -0.92 -34.84
N LYS A 511 10.90 -0.27 -35.77
CA LYS A 511 11.74 0.86 -35.41
C LYS A 511 10.91 2.01 -34.85
N CYS A 512 9.76 2.28 -35.46
CA CYS A 512 8.90 3.36 -34.99
C CYS A 512 8.31 3.04 -33.61
N SER A 513 7.97 1.77 -33.37
CA SER A 513 7.46 1.39 -32.07
C SER A 513 8.53 1.44 -30.99
N GLN A 514 9.76 1.05 -31.33
CA GLN A 514 10.86 1.03 -30.39
C GLN A 514 11.58 2.37 -30.26
N LEU A 515 11.16 3.37 -31.04
CA LEU A 515 11.71 4.73 -30.95
C LEU A 515 13.21 4.78 -31.22
N THR A 516 13.71 3.90 -32.09
CA THR A 516 15.10 3.92 -32.48
C THR A 516 15.22 3.39 -33.90
N ALA A 517 16.17 3.96 -34.65
CA ALA A 517 16.41 3.54 -36.02
C ALA A 517 17.48 2.47 -36.14
N ASN A 518 18.12 2.09 -35.03
CA ASN A 518 19.15 1.06 -35.01
C ASN A 518 18.73 0.01 -33.98
N LEU A 519 18.17 -1.10 -34.46
CA LEU A 519 17.66 -2.15 -33.59
C LEU A 519 18.77 -3.14 -33.28
N GLN A 520 19.03 -3.36 -31.99
CA GLN A 520 19.90 -4.44 -31.58
C GLN A 520 19.17 -5.78 -31.76
N ASN A 521 19.95 -6.85 -31.90
CA ASN A 521 19.37 -8.16 -32.08
C ASN A 521 18.55 -8.56 -30.86
N GLY A 522 17.39 -9.14 -31.09
CA GLY A 522 16.55 -9.58 -30.00
C GLY A 522 15.12 -9.79 -30.47
N PHE A 523 14.23 -9.94 -29.48
CA PHE A 523 12.82 -10.18 -29.72
C PHE A 523 12.02 -8.94 -29.37
N TYR A 524 11.08 -8.57 -30.23
CA TYR A 524 10.30 -7.37 -30.06
C TYR A 524 8.81 -7.67 -30.20
N PRO A 525 7.95 -7.01 -29.44
CA PRO A 525 6.52 -7.29 -29.51
C PRO A 525 5.88 -6.65 -30.73
N VAL A 526 5.09 -7.44 -31.46
CA VAL A 526 4.37 -6.99 -32.65
C VAL A 526 2.96 -7.53 -32.59
N ALA A 527 2.15 -7.12 -33.55
CA ALA A 527 0.79 -7.63 -33.72
C ALA A 527 0.76 -8.64 -34.86
N SER A 528 -0.12 -9.64 -34.73
CA SER A 528 -0.23 -10.67 -35.76
C SER A 528 -0.68 -10.10 -37.09
N SER A 529 -1.40 -8.99 -37.07
CA SER A 529 -1.87 -8.35 -38.31
C SER A 529 -2.32 -6.93 -37.97
N GLU A 530 -2.76 -6.21 -39.00
CA GLU A 530 -3.30 -4.87 -38.85
C GLU A 530 -4.74 -4.84 -39.35
N VAL A 531 -5.55 -4.01 -38.71
CA VAL A 531 -6.97 -3.91 -39.01
C VAL A 531 -7.19 -2.68 -39.89
N GLY A 532 -7.80 -2.88 -41.06
CA GLY A 532 -8.08 -1.79 -41.96
C GLY A 532 -9.55 -1.43 -42.02
N LEU A 533 -10.16 -1.56 -43.20
CA LEU A 533 -11.57 -1.28 -43.36
C LEU A 533 -12.40 -2.47 -42.93
N VAL A 534 -13.48 -2.20 -42.19
CA VAL A 534 -14.32 -3.25 -41.62
C VAL A 534 -15.79 -2.88 -41.81
N ASN A 535 -16.64 -3.89 -41.74
CA ASN A 535 -18.09 -3.69 -41.75
C ASN A 535 -18.62 -3.57 -40.33
N LYS A 536 -19.79 -2.96 -40.21
CA LYS A 536 -20.43 -2.73 -38.94
C LYS A 536 -21.58 -3.70 -38.73
N SER A 537 -21.59 -4.37 -37.58
CA SER A 537 -22.66 -5.28 -37.20
C SER A 537 -23.35 -4.71 -35.97
N VAL A 538 -24.68 -4.69 -35.99
CA VAL A 538 -25.48 -4.18 -34.89
C VAL A 538 -26.54 -5.22 -34.56
N VAL A 539 -26.68 -5.54 -33.28
CA VAL A 539 -27.68 -6.49 -32.81
C VAL A 539 -28.43 -5.87 -31.64
N LEU A 540 -29.76 -5.85 -31.74
CA LEU A 540 -30.62 -5.29 -30.70
C LEU A 540 -31.75 -6.26 -30.40
N LEU A 541 -32.50 -5.97 -29.34
CA LEU A 541 -33.66 -6.75 -28.99
C LEU A 541 -34.83 -6.42 -29.90
N PRO A 542 -35.75 -7.37 -30.11
CA PRO A 542 -36.89 -7.11 -31.01
C PRO A 542 -37.79 -6.00 -30.50
N SER A 543 -38.36 -5.25 -31.44
CA SER A 543 -39.27 -4.16 -31.12
C SER A 543 -40.04 -3.77 -32.37
N PHE A 544 -41.06 -2.94 -32.17
CA PHE A 544 -41.78 -2.32 -33.27
C PHE A 544 -40.89 -1.30 -33.97
N TYR A 545 -41.23 -1.01 -35.22
CA TYR A 545 -40.51 0.00 -36.00
C TYR A 545 -41.36 1.27 -36.05
N SER A 546 -40.88 2.32 -35.39
CA SER A 546 -41.52 3.63 -35.44
C SER A 546 -40.41 4.67 -35.31
N HIS A 547 -40.13 5.39 -36.40
CA HIS A 547 -39.01 6.30 -36.47
C HIS A 547 -39.49 7.73 -36.55
N THR A 548 -38.80 8.63 -35.86
CA THR A 548 -39.10 10.05 -35.90
C THR A 548 -37.85 10.85 -36.22
N SER A 549 -38.05 11.98 -36.90
CA SER A 549 -36.99 12.94 -37.18
C SER A 549 -37.20 14.18 -36.33
N VAL A 550 -36.16 14.60 -35.63
CA VAL A 550 -36.20 15.75 -34.75
C VAL A 550 -35.33 16.81 -35.40
N ASN A 551 -35.96 17.82 -35.99
CA ASN A 551 -35.27 18.91 -36.65
C ASN A 551 -35.24 20.11 -35.72
N ILE A 552 -34.03 20.61 -35.45
CA ILE A 552 -33.84 21.77 -34.58
C ILE A 552 -33.39 22.94 -35.44
N THR A 553 -34.14 24.04 -35.39
CA THR A 553 -33.83 25.20 -36.21
C THR A 553 -33.15 26.26 -35.34
N ILE A 554 -31.99 26.73 -35.79
CA ILE A 554 -31.20 27.71 -35.04
C ILE A 554 -31.01 28.94 -35.91
N ASP A 555 -31.56 30.06 -35.47
CA ASP A 555 -31.45 31.34 -36.16
C ASP A 555 -30.46 32.22 -35.41
N LEU A 556 -29.33 32.51 -36.05
CA LEU A 556 -28.28 33.31 -35.45
C LEU A 556 -28.37 34.74 -35.95
N GLY A 557 -28.08 35.69 -35.06
CA GLY A 557 -27.99 37.08 -35.44
C GLY A 557 -26.60 37.64 -35.17
N MET A 558 -26.02 38.29 -36.17
CA MET A 558 -24.66 38.79 -36.06
C MET A 558 -24.62 40.29 -36.27
N LYS A 559 -23.70 40.95 -35.58
CA LYS A 559 -23.41 42.35 -35.79
C LYS A 559 -21.90 42.54 -35.83
N LEU A 560 -21.47 43.75 -36.17
CA LEU A 560 -20.06 44.10 -36.23
C LEU A 560 -19.74 45.01 -35.05
N SER A 561 -18.75 44.62 -34.24
CA SER A 561 -18.38 45.41 -33.09
C SER A 561 -17.63 46.66 -33.52
N GLY A 562 -17.48 47.59 -32.57
CA GLY A 562 -16.74 48.81 -32.83
C GLY A 562 -15.29 48.58 -33.19
N TYR A 563 -14.74 47.42 -32.83
CA TYR A 563 -13.39 47.04 -33.23
C TYR A 563 -13.34 46.38 -34.59
N GLY A 564 -14.49 46.12 -35.21
CA GLY A 564 -14.54 45.51 -36.53
C GLY A 564 -14.66 44.01 -36.56
N GLN A 565 -14.94 43.37 -35.42
CA GLN A 565 -15.02 41.92 -35.34
C GLN A 565 -16.46 41.45 -35.24
N PRO A 566 -16.76 40.24 -35.72
CA PRO A 566 -18.14 39.74 -35.66
C PRO A 566 -18.53 39.37 -34.23
N ILE A 567 -19.74 39.78 -33.85
CA ILE A 567 -20.32 39.49 -32.55
C ILE A 567 -21.63 38.75 -32.75
N ALA A 568 -21.80 37.64 -32.05
CA ALA A 568 -23.00 36.83 -32.15
C ALA A 568 -24.01 37.26 -31.09
N SER A 569 -25.23 37.56 -31.51
CA SER A 569 -26.24 38.08 -30.60
C SER A 569 -26.76 36.98 -29.68
N ALA A 570 -27.12 37.37 -28.46
CA ALA A 570 -27.83 36.49 -27.55
C ALA A 570 -29.31 36.37 -27.90
N LEU A 571 -29.80 37.21 -28.80
CA LEU A 571 -31.16 37.12 -29.32
C LEU A 571 -31.29 36.09 -30.43
N SER A 572 -30.32 35.20 -30.57
CA SER A 572 -30.46 34.04 -31.44
C SER A 572 -31.53 33.11 -30.88
N ASN A 573 -32.21 32.42 -31.78
CA ASN A 573 -33.39 31.64 -31.41
C ASN A 573 -33.21 30.17 -31.75
N ILE A 574 -33.75 29.31 -30.90
CA ILE A 574 -33.79 27.87 -31.13
C ILE A 574 -35.25 27.45 -31.16
N THR A 575 -35.62 26.69 -32.19
CA THR A 575 -36.98 26.18 -32.34
C THR A 575 -36.92 24.66 -32.44
N LEU A 576 -37.60 23.99 -31.53
CA LEU A 576 -37.82 22.56 -31.49
C LEU A 576 -39.11 22.21 -32.23
N PRO A 577 -39.30 20.95 -32.68
CA PRO A 577 -40.57 20.54 -33.34
C PRO A 577 -41.76 20.81 -32.43
N MET A 578 -42.95 20.91 -33.02
CA MET A 578 -44.18 21.21 -32.24
C MET A 578 -44.65 19.95 -31.49
N GLN A 579 -44.93 20.07 -30.19
CA GLN A 579 -45.47 18.93 -29.41
C GLN A 579 -46.41 19.47 -28.33
N ASP A 580 -47.62 18.90 -28.22
CA ASP A 580 -48.59 19.32 -27.18
C ASP A 580 -48.76 20.84 -27.17
N ASN A 581 -48.89 21.45 -28.35
CA ASN A 581 -49.14 22.91 -28.44
C ASN A 581 -47.98 23.70 -27.82
N ASN A 582 -46.74 23.37 -28.17
CA ASN A 582 -45.55 24.08 -27.63
C ASN A 582 -44.34 23.79 -28.51
N THR A 583 -43.33 24.66 -28.48
CA THR A 583 -42.07 24.42 -29.23
C THR A 583 -40.90 24.68 -28.32
N ASP A 584 -41.09 24.56 -27.00
CA ASP A 584 -40.01 24.82 -26.02
C ASP A 584 -39.54 23.51 -25.38
N VAL A 585 -40.39 22.48 -25.40
CA VAL A 585 -40.02 21.15 -24.86
C VAL A 585 -40.47 20.09 -25.88
N TYR A 586 -39.53 19.38 -26.50
CA TYR A 586 -39.85 18.30 -27.42
C TYR A 586 -39.22 17.02 -26.93
N CYS A 587 -40.01 15.96 -26.82
CA CYS A 587 -39.47 14.66 -26.31
C CYS A 587 -39.79 13.54 -27.31
N ILE A 588 -39.28 12.32 -27.06
CA ILE A 588 -39.47 11.21 -28.04
C ILE A 588 -40.60 10.27 -27.60
N ARG A 589 -41.48 9.91 -28.53
CA ARG A 589 -42.60 9.01 -28.26
C ARG A 589 -42.64 7.86 -29.28
N SER A 590 -41.50 7.49 -29.82
CA SER A 590 -41.39 6.41 -30.78
C SER A 590 -40.22 5.51 -30.40
N ASN A 591 -39.95 4.50 -31.23
CA ASN A 591 -38.91 3.53 -30.90
C ASN A 591 -37.54 3.96 -31.42
N GLN A 592 -37.49 4.70 -32.52
CA GLN A 592 -36.25 5.17 -33.10
C GLN A 592 -36.35 6.66 -33.42
N PHE A 593 -35.22 7.34 -33.37
CA PHE A 593 -35.19 8.76 -33.69
C PHE A 593 -33.87 9.12 -34.34
N SER A 594 -33.90 10.21 -35.10
CA SER A 594 -32.72 10.87 -35.63
C SER A 594 -32.82 12.36 -35.35
N VAL A 595 -31.68 13.03 -35.29
CA VAL A 595 -31.63 14.45 -34.97
C VAL A 595 -30.91 15.19 -36.08
N TYR A 596 -31.40 16.37 -36.42
CA TYR A 596 -30.81 17.22 -37.44
C TYR A 596 -30.82 18.66 -36.98
N VAL A 597 -29.86 19.44 -37.47
CA VAL A 597 -29.75 20.87 -37.17
C VAL A 597 -29.82 21.64 -38.48
N HIS A 598 -30.71 22.64 -38.52
CA HIS A 598 -30.83 23.54 -39.65
C HIS A 598 -30.54 24.95 -39.18
N SER A 599 -29.57 25.61 -39.80
CA SER A 599 -29.06 26.89 -39.34
C SER A 599 -29.44 28.01 -40.31
N THR A 600 -29.62 29.21 -39.75
CA THR A 600 -29.89 30.41 -40.51
C THR A 600 -29.10 31.57 -39.91
N CYS A 601 -28.78 32.57 -40.72
CA CYS A 601 -27.99 33.71 -40.30
C CYS A 601 -28.67 35.01 -40.72
N LYS A 602 -28.65 36.00 -39.83
CA LYS A 602 -29.14 37.34 -40.13
C LYS A 602 -28.16 38.36 -39.57
N SER A 603 -28.27 39.60 -40.05
CA SER A 603 -27.37 40.67 -39.67
C SER A 603 -28.15 41.83 -39.04
N SER A 604 -27.47 42.58 -38.18
CA SER A 604 -28.05 43.75 -37.53
C SER A 604 -27.02 44.88 -37.55
N LEU A 605 -27.44 46.05 -37.05
CA LEU A 605 -26.60 47.25 -37.05
C LEU A 605 -26.67 47.94 -35.69
N TRP A 606 -26.49 47.18 -34.62
CA TRP A 606 -26.53 47.58 -33.22
C TRP A 606 -27.94 47.95 -32.75
N ASP A 607 -28.93 47.94 -33.63
CA ASP A 607 -30.31 48.21 -33.25
C ASP A 607 -31.09 46.95 -32.90
N ASN A 608 -30.43 45.79 -32.94
CA ASN A 608 -31.05 44.50 -32.62
C ASN A 608 -32.23 44.19 -33.55
N VAL A 609 -32.22 44.76 -34.75
CA VAL A 609 -33.25 44.53 -35.74
C VAL A 609 -32.59 43.78 -36.90
N PHE A 610 -33.01 42.54 -37.12
CA PHE A 610 -32.40 41.66 -38.10
C PHE A 610 -33.25 41.67 -39.35
N ASN A 611 -32.76 42.32 -40.40
CA ASN A 611 -33.49 42.43 -41.67
C ASN A 611 -32.68 42.01 -42.88
N SER A 612 -31.37 41.88 -42.79
CA SER A 612 -30.52 41.54 -43.91
C SER A 612 -29.88 40.18 -43.71
N ASP A 613 -29.48 39.56 -44.82
CA ASP A 613 -28.77 38.29 -44.78
C ASP A 613 -27.34 38.51 -44.30
N CYS A 614 -26.72 37.40 -43.88
CA CYS A 614 -25.37 37.46 -43.33
C CYS A 614 -24.35 37.63 -44.44
N THR A 615 -23.45 38.61 -44.28
CA THR A 615 -22.43 38.89 -45.28
C THR A 615 -21.28 37.90 -45.15
N ASP A 616 -20.29 38.04 -46.04
CA ASP A 616 -19.17 37.11 -46.05
C ASP A 616 -18.36 37.17 -44.76
N VAL A 617 -18.10 38.37 -44.25
CA VAL A 617 -17.37 38.51 -43.00
C VAL A 617 -18.22 38.03 -41.83
N LEU A 618 -19.53 38.26 -41.88
CA LEU A 618 -20.42 37.99 -40.76
C LEU A 618 -21.07 36.61 -40.83
N HIS A 619 -20.79 35.83 -41.86
CA HIS A 619 -21.44 34.52 -42.00
C HIS A 619 -20.98 33.57 -40.91
N ALA A 620 -21.93 32.92 -40.25
CA ALA A 620 -21.64 31.98 -39.18
C ALA A 620 -22.50 30.74 -39.33
N THR A 621 -22.04 29.64 -38.75
CA THR A 621 -22.77 28.38 -38.75
C THR A 621 -23.08 27.96 -37.33
N ALA A 622 -24.21 27.30 -37.15
CA ALA A 622 -24.66 26.85 -35.83
C ALA A 622 -24.07 25.48 -35.52
N VAL A 623 -23.40 25.38 -34.38
CA VAL A 623 -22.72 24.16 -33.95
C VAL A 623 -23.20 23.83 -32.54
N ILE A 624 -23.52 22.56 -32.31
CA ILE A 624 -23.92 22.10 -30.99
C ILE A 624 -22.75 21.33 -30.39
N LYS A 625 -22.18 21.87 -29.32
CA LYS A 625 -21.04 21.31 -28.63
C LYS A 625 -21.49 20.57 -27.37
N THR A 626 -20.60 19.68 -26.90
CA THR A 626 -20.99 18.71 -25.87
C THR A 626 -21.47 19.38 -24.59
N GLY A 627 -20.78 20.41 -24.14
CA GLY A 627 -21.14 21.02 -22.86
C GLY A 627 -20.86 20.06 -21.73
N THR A 628 -21.85 19.89 -20.85
CA THR A 628 -21.71 19.02 -19.68
C THR A 628 -22.32 17.64 -19.89
N CYS A 629 -22.80 17.33 -21.08
CA CYS A 629 -23.47 16.05 -21.29
C CYS A 629 -22.45 14.92 -21.47
N PRO A 630 -22.82 13.70 -21.13
CA PRO A 630 -21.89 12.57 -21.29
C PRO A 630 -21.91 11.98 -22.70
N PHE A 631 -22.47 12.72 -23.65
CA PHE A 631 -22.48 12.30 -25.04
C PHE A 631 -22.48 13.54 -25.92
N SER A 632 -22.14 13.37 -27.18
CA SER A 632 -22.16 14.45 -28.14
C SER A 632 -23.47 14.43 -28.91
N PHE A 633 -23.87 15.61 -29.39
CA PHE A 633 -25.09 15.71 -30.18
C PHE A 633 -24.96 14.96 -31.49
N ASP A 634 -23.79 15.05 -32.13
CA ASP A 634 -23.58 14.36 -33.40
C ASP A 634 -23.47 12.85 -33.24
N LYS A 635 -23.27 12.37 -32.01
CA LYS A 635 -23.14 10.94 -31.75
C LYS A 635 -24.45 10.29 -31.33
N LEU A 636 -25.54 11.06 -31.25
CA LEU A 636 -26.82 10.49 -30.86
C LEU A 636 -27.33 9.47 -31.89
N ASN A 637 -26.99 9.67 -33.15
CA ASN A 637 -27.42 8.78 -34.23
C ASN A 637 -26.52 7.57 -34.39
N ASN A 638 -25.76 7.22 -33.36
CA ASN A 638 -24.80 6.12 -33.41
C ASN A 638 -25.24 4.96 -32.51
N TYR A 639 -26.53 4.65 -32.52
CA TYR A 639 -27.10 3.51 -31.81
C TYR A 639 -26.99 3.66 -30.30
N LEU A 640 -27.23 4.87 -29.80
CA LEU A 640 -27.34 5.07 -28.37
C LEU A 640 -28.76 4.77 -27.91
N THR A 641 -28.88 4.11 -26.76
CA THR A 641 -30.17 3.66 -26.26
C THR A 641 -30.51 4.36 -24.95
N PHE A 642 -31.77 4.77 -24.82
CA PHE A 642 -32.25 5.45 -23.63
C PHE A 642 -33.59 4.84 -23.23
N ASN A 643 -33.92 5.00 -21.96
CA ASN A 643 -35.28 4.79 -21.51
C ASN A 643 -36.11 6.05 -21.63
N LYS A 644 -35.45 7.21 -21.64
CA LYS A 644 -36.15 8.50 -21.81
C LYS A 644 -35.13 9.52 -22.33
N PHE A 645 -35.47 10.26 -23.38
CA PHE A 645 -34.58 11.33 -23.90
C PHE A 645 -35.49 12.48 -24.25
N CYS A 646 -35.19 13.68 -23.74
CA CYS A 646 -36.16 14.74 -23.98
C CYS A 646 -35.52 16.11 -23.83
N LEU A 647 -35.69 16.94 -24.85
CA LEU A 647 -34.96 18.19 -25.00
C LEU A 647 -35.82 19.39 -24.60
N SER A 648 -35.17 20.40 -24.02
CA SER A 648 -35.86 21.57 -23.50
C SER A 648 -35.00 22.82 -23.67
N LEU A 649 -35.68 23.96 -23.62
CA LEU A 649 -35.04 25.27 -23.56
C LEU A 649 -34.99 25.85 -22.16
N HIS A 650 -35.53 25.15 -21.16
CA HIS A 650 -35.58 25.59 -19.78
C HIS A 650 -34.70 24.72 -18.90
N PRO A 651 -34.02 25.30 -17.91
CA PRO A 651 -33.00 24.55 -17.16
C PRO A 651 -33.53 23.68 -16.02
N VAL A 652 -34.82 23.70 -15.74
CA VAL A 652 -35.34 23.01 -14.56
C VAL A 652 -35.39 21.51 -14.81
N GLY A 653 -34.81 20.74 -13.89
CA GLY A 653 -34.84 19.30 -13.96
C GLY A 653 -33.85 18.68 -14.92
N ALA A 654 -33.01 19.47 -15.57
CA ALA A 654 -32.13 18.96 -16.61
C ALA A 654 -30.97 18.18 -16.00
N ASN A 655 -30.62 17.06 -16.63
CA ASN A 655 -29.45 16.30 -16.21
C ASN A 655 -28.16 16.92 -16.71
N CYS A 656 -28.18 17.47 -17.93
CA CYS A 656 -27.00 18.09 -18.53
C CYS A 656 -27.49 19.07 -19.58
N LYS A 657 -26.54 19.67 -20.31
CA LYS A 657 -26.90 20.61 -21.36
C LYS A 657 -25.82 20.65 -22.43
N PHE A 658 -26.24 20.89 -23.66
CA PHE A 658 -25.36 21.17 -24.77
C PHE A 658 -25.12 22.68 -24.87
N ASP A 659 -24.13 23.06 -25.67
CA ASP A 659 -23.82 24.46 -25.92
C ASP A 659 -24.07 24.78 -27.38
N VAL A 660 -24.89 25.79 -27.64
CA VAL A 660 -25.12 26.23 -29.01
C VAL A 660 -24.17 27.40 -29.30
N ALA A 661 -23.39 27.27 -30.37
CA ALA A 661 -22.37 28.24 -30.70
C ALA A 661 -22.49 28.65 -32.15
N ALA A 662 -22.08 29.88 -32.42
CA ALA A 662 -21.93 30.38 -33.78
C ALA A 662 -20.45 30.38 -34.14
N ARG A 663 -20.13 29.76 -35.27
CA ARG A 663 -18.76 29.64 -35.75
C ARG A 663 -18.58 30.55 -36.95
N THR A 664 -17.64 31.47 -36.86
CA THR A 664 -17.25 32.35 -37.95
C THR A 664 -15.81 32.06 -38.33
N ARG A 665 -15.42 32.54 -39.52
CA ARG A 665 -14.10 32.25 -40.07
C ARG A 665 -12.97 32.55 -39.10
N THR A 666 -13.19 33.41 -38.11
CA THR A 666 -12.14 33.81 -37.18
C THR A 666 -12.50 33.59 -35.72
N ASN A 667 -13.63 32.95 -35.41
CA ASN A 667 -14.08 32.92 -34.04
C ASN A 667 -15.14 31.85 -33.83
N GLU A 668 -15.50 31.64 -32.56
CA GLU A 668 -16.61 30.76 -32.19
C GLU A 668 -17.14 31.23 -30.85
N GLN A 669 -18.43 31.54 -30.78
CA GLN A 669 -19.03 32.13 -29.58
C GLN A 669 -20.30 31.38 -29.20
N VAL A 670 -20.42 31.04 -27.92
CA VAL A 670 -21.61 30.38 -27.41
C VAL A 670 -22.71 31.41 -27.20
N VAL A 671 -23.91 31.12 -27.71
CA VAL A 671 -25.04 32.03 -27.66
C VAL A 671 -26.18 31.50 -26.79
N ARG A 672 -26.48 30.21 -26.88
CA ARG A 672 -27.61 29.62 -26.20
C ARG A 672 -27.21 28.32 -25.52
N SER A 673 -28.16 27.73 -24.80
CA SER A 673 -27.98 26.44 -24.14
C SER A 673 -29.21 25.58 -24.38
N LEU A 674 -28.99 24.29 -24.62
CA LEU A 674 -30.05 23.32 -24.86
C LEU A 674 -29.97 22.26 -23.77
N TYR A 675 -31.05 22.07 -23.03
CA TYR A 675 -31.04 21.19 -21.87
C TYR A 675 -31.61 19.82 -22.23
N VAL A 676 -31.11 18.79 -21.56
CA VAL A 676 -31.41 17.40 -21.84
C VAL A 676 -31.91 16.74 -20.56
N ILE A 677 -32.98 15.97 -20.66
CA ILE A 677 -33.44 15.10 -19.57
C ILE A 677 -33.47 13.68 -20.09
N TYR A 678 -32.72 12.78 -19.46
CA TYR A 678 -32.62 11.42 -19.98
C TYR A 678 -32.61 10.42 -18.84
N GLU A 679 -33.02 9.21 -19.18
CA GLU A 679 -32.99 8.03 -18.32
C GLU A 679 -32.42 6.88 -19.13
N GLU A 680 -31.42 6.20 -18.56
CA GLU A 680 -30.75 5.10 -19.25
C GLU A 680 -31.67 3.90 -19.42
N GLY A 681 -31.43 3.14 -20.49
CA GLY A 681 -32.24 1.97 -20.78
C GLY A 681 -32.02 1.52 -22.21
N ASP A 682 -33.04 0.87 -22.77
CA ASP A 682 -32.95 0.38 -24.13
C ASP A 682 -34.25 0.54 -24.90
N ASN A 683 -35.17 1.39 -24.42
CA ASN A 683 -36.47 1.52 -25.06
C ASN A 683 -36.41 2.36 -26.34
N ILE A 684 -35.53 3.35 -26.40
CA ILE A 684 -35.42 4.26 -27.54
C ILE A 684 -33.99 4.20 -28.06
N ALA A 685 -33.84 4.07 -29.37
CA ALA A 685 -32.53 3.98 -30.01
C ALA A 685 -32.39 5.08 -31.05
N GLY A 686 -31.24 5.77 -31.02
CA GLY A 686 -30.92 6.74 -32.07
C GLY A 686 -30.28 6.03 -33.24
N VAL A 687 -30.75 6.36 -34.44
CA VAL A 687 -30.30 5.66 -35.64
C VAL A 687 -29.85 6.67 -36.68
N PRO A 688 -28.96 6.29 -37.61
CA PRO A 688 -28.49 7.20 -38.66
C PRO A 688 -29.61 7.73 -39.55
N VAL A 699 -26.94 -5.98 -40.08
CA VAL A 699 -26.92 -7.44 -40.06
C VAL A 699 -25.82 -7.95 -39.14
N LEU A 700 -25.43 -9.20 -39.32
CA LEU A 700 -24.34 -9.80 -38.57
C LEU A 700 -23.34 -10.39 -39.54
N HIS A 701 -22.08 -9.98 -39.42
CA HIS A 701 -21.02 -10.45 -40.28
C HIS A 701 -20.15 -11.43 -39.50
N LEU A 702 -19.91 -12.61 -40.09
CA LEU A 702 -19.24 -13.69 -39.40
C LEU A 702 -17.90 -14.00 -40.06
N ASP A 703 -16.96 -14.49 -39.25
CA ASP A 703 -15.67 -15.01 -39.71
C ASP A 703 -14.82 -13.94 -40.39
N SER A 704 -14.97 -12.69 -39.95
CA SER A 704 -14.10 -11.61 -40.42
C SER A 704 -14.15 -10.50 -39.38
N CYS A 705 -13.06 -9.72 -39.32
CA CYS A 705 -13.00 -8.64 -38.35
C CYS A 705 -14.05 -7.59 -38.68
N THR A 706 -14.83 -7.22 -37.67
CA THR A 706 -15.96 -6.32 -37.83
C THR A 706 -16.06 -5.43 -36.60
N ASP A 707 -16.69 -4.28 -36.79
CA ASP A 707 -17.01 -3.36 -35.70
C ASP A 707 -18.42 -3.66 -35.23
N TYR A 708 -18.54 -4.15 -34.00
CA TYR A 708 -19.81 -4.67 -33.50
C TYR A 708 -20.38 -3.79 -32.39
N ASN A 709 -21.70 -3.69 -32.39
CA ASN A 709 -22.50 -3.09 -31.32
C ASN A 709 -23.60 -4.11 -31.01
N ILE A 710 -23.38 -4.93 -29.99
CA ILE A 710 -24.25 -6.03 -29.65
C ILE A 710 -24.80 -5.80 -28.25
N TYR A 711 -26.09 -5.49 -28.16
CA TYR A 711 -26.78 -5.24 -26.89
C TYR A 711 -26.08 -4.16 -26.07
N GLY A 712 -25.54 -3.16 -26.75
CA GLY A 712 -24.84 -2.08 -26.10
C GLY A 712 -23.36 -2.30 -25.86
N LYS A 713 -22.83 -3.48 -26.18
CA LYS A 713 -21.41 -3.76 -26.06
C LYS A 713 -20.75 -3.49 -27.41
N THR A 714 -19.78 -2.58 -27.42
CA THR A 714 -19.15 -2.15 -28.65
C THR A 714 -17.69 -2.57 -28.69
N GLY A 715 -17.21 -2.88 -29.89
CA GLY A 715 -15.83 -3.29 -30.04
C GLY A 715 -15.50 -3.66 -31.46
N ILE A 716 -14.32 -4.26 -31.62
CA ILE A 716 -13.84 -4.75 -32.90
C ILE A 716 -13.35 -6.17 -32.72
N GLY A 717 -13.80 -7.08 -33.57
CA GLY A 717 -13.38 -8.46 -33.42
C GLY A 717 -14.05 -9.37 -34.43
N ILE A 718 -13.87 -10.68 -34.23
CA ILE A 718 -14.39 -11.72 -35.10
C ILE A 718 -15.46 -12.49 -34.33
N ILE A 719 -16.59 -12.71 -34.98
CA ILE A 719 -17.73 -13.42 -34.39
C ILE A 719 -17.91 -14.72 -35.14
N ARG A 720 -18.00 -15.82 -34.39
CA ARG A 720 -18.14 -17.14 -34.98
C ARG A 720 -19.28 -17.90 -34.29
N GLN A 721 -19.91 -18.81 -35.04
CA GLN A 721 -20.98 -19.63 -34.52
C GLN A 721 -20.40 -20.91 -33.92
N THR A 722 -20.72 -21.17 -32.66
CA THR A 722 -20.29 -22.37 -31.97
C THR A 722 -21.48 -23.27 -31.73
N ASN A 723 -21.23 -24.56 -31.49
CA ASN A 723 -22.32 -25.46 -31.15
C ASN A 723 -22.41 -25.72 -29.65
N SER A 724 -21.92 -24.81 -28.83
CA SER A 724 -22.07 -24.91 -27.39
C SER A 724 -23.52 -24.66 -26.99
N THR A 725 -23.88 -25.16 -25.82
CA THR A 725 -25.26 -25.08 -25.32
C THR A 725 -25.25 -24.49 -23.92
N LEU A 726 -25.37 -23.18 -23.83
CA LEU A 726 -25.57 -22.47 -22.57
C LEU A 726 -27.05 -22.12 -22.46
N LEU A 727 -27.69 -22.57 -21.39
CA LEU A 727 -29.14 -22.45 -21.25
C LEU A 727 -29.57 -21.14 -20.61
N SER A 728 -28.65 -20.42 -19.96
CA SER A 728 -29.01 -19.26 -19.15
C SER A 728 -28.41 -18.00 -19.76
N GLY A 729 -29.18 -16.92 -19.71
CA GLY A 729 -28.66 -15.60 -20.01
C GLY A 729 -28.66 -15.24 -21.48
N LEU A 730 -28.16 -14.03 -21.74
CA LEU A 730 -28.15 -13.42 -23.07
C LEU A 730 -26.74 -13.22 -23.60
N TYR A 731 -25.84 -12.63 -22.81
CA TYR A 731 -24.48 -12.40 -23.24
C TYR A 731 -23.54 -12.63 -22.08
N TYR A 732 -22.27 -12.82 -22.40
CA TYR A 732 -21.25 -13.24 -21.46
C TYR A 732 -20.03 -12.35 -21.59
N THR A 733 -19.45 -11.96 -20.46
CA THR A 733 -18.30 -11.06 -20.45
C THR A 733 -17.17 -11.69 -19.67
N SER A 734 -15.98 -11.11 -19.81
CA SER A 734 -14.80 -11.56 -19.09
C SER A 734 -14.67 -10.82 -17.77
N LEU A 735 -13.59 -11.10 -17.05
CA LEU A 735 -13.35 -10.45 -15.77
C LEU A 735 -13.07 -8.96 -15.91
N SER A 736 -12.51 -8.54 -17.04
CA SER A 736 -12.25 -7.13 -17.29
C SER A 736 -13.42 -6.42 -17.93
N GLY A 737 -14.49 -7.13 -18.30
CA GLY A 737 -15.65 -6.52 -18.90
C GLY A 737 -15.74 -6.61 -20.40
N ASP A 738 -14.89 -7.41 -21.04
CA ASP A 738 -14.94 -7.58 -22.48
C ASP A 738 -15.94 -8.66 -22.87
N LEU A 739 -16.63 -8.45 -23.99
CA LEU A 739 -17.63 -9.39 -24.45
C LEU A 739 -16.96 -10.64 -25.02
N LEU A 740 -17.37 -11.81 -24.51
CA LEU A 740 -16.84 -13.07 -24.97
C LEU A 740 -17.80 -13.85 -25.85
N GLY A 741 -19.10 -13.68 -25.66
CA GLY A 741 -20.07 -14.33 -26.52
C GLY A 741 -21.45 -13.78 -26.25
N PHE A 742 -22.38 -14.21 -27.09
CA PHE A 742 -23.77 -13.82 -26.93
C PHE A 742 -24.68 -14.88 -27.55
N LYS A 743 -25.97 -14.71 -27.36
CA LYS A 743 -26.96 -15.69 -27.79
C LYS A 743 -27.96 -15.07 -28.75
N ASN A 744 -28.37 -15.85 -29.74
CA ASN A 744 -29.43 -15.43 -30.65
C ASN A 744 -30.79 -15.69 -30.01
N VAL A 745 -31.61 -14.65 -29.91
CA VAL A 745 -32.88 -14.74 -29.21
C VAL A 745 -33.93 -15.53 -29.99
N THR A 746 -33.65 -15.91 -31.22
CA THR A 746 -34.62 -16.66 -32.02
C THR A 746 -34.43 -18.16 -31.88
N ASP A 747 -33.22 -18.67 -32.10
CA ASP A 747 -32.96 -20.10 -32.05
C ASP A 747 -32.00 -20.52 -30.95
N GLY A 748 -31.54 -19.61 -30.11
CA GLY A 748 -30.66 -19.96 -29.01
C GLY A 748 -29.31 -20.50 -29.42
N VAL A 749 -28.70 -19.93 -30.45
CA VAL A 749 -27.38 -20.33 -30.91
C VAL A 749 -26.36 -19.37 -30.32
N VAL A 750 -25.30 -19.92 -29.74
CA VAL A 750 -24.27 -19.14 -29.06
C VAL A 750 -23.20 -18.74 -30.08
N TYR A 751 -22.85 -17.46 -30.10
CA TYR A 751 -21.76 -16.93 -30.89
C TYR A 751 -20.64 -16.49 -29.97
N SER A 752 -19.41 -16.73 -30.41
CA SER A 752 -18.21 -16.33 -29.67
C SER A 752 -17.54 -15.15 -30.37
N VAL A 753 -16.95 -14.27 -29.56
CA VAL A 753 -16.29 -13.06 -30.03
C VAL A 753 -14.84 -13.12 -29.60
N THR A 754 -13.93 -12.93 -30.54
CA THR A 754 -12.51 -12.92 -30.24
C THR A 754 -11.88 -11.68 -30.86
N PRO A 755 -10.79 -11.17 -30.29
CA PRO A 755 -10.06 -10.09 -30.96
C PRO A 755 -9.51 -10.57 -32.30
N CYS A 756 -9.48 -9.66 -33.27
CA CYS A 756 -9.01 -10.02 -34.60
C CYS A 756 -7.53 -9.76 -34.80
N ASP A 757 -6.79 -9.57 -33.71
CA ASP A 757 -5.33 -9.61 -33.72
C ASP A 757 -4.86 -10.06 -32.34
N VAL A 758 -3.69 -10.69 -32.30
CA VAL A 758 -3.09 -11.15 -31.06
C VAL A 758 -1.65 -10.65 -30.99
N SER A 759 -1.00 -10.91 -29.86
CA SER A 759 0.39 -10.53 -29.67
C SER A 759 1.32 -11.56 -30.31
N ALA A 760 2.45 -11.08 -30.82
CA ALA A 760 3.45 -11.96 -31.41
C ALA A 760 4.82 -11.38 -31.11
N GLN A 761 5.84 -12.21 -31.30
CA GLN A 761 7.22 -11.79 -31.03
C GLN A 761 8.04 -11.93 -32.32
N ALA A 762 8.63 -10.83 -32.76
CA ALA A 762 9.46 -10.82 -33.95
C ALA A 762 10.93 -10.89 -33.54
N ALA A 763 11.70 -11.74 -34.22
CA ALA A 763 13.12 -11.91 -33.97
C ALA A 763 13.91 -11.10 -34.99
N VAL A 764 14.71 -10.16 -34.51
CA VAL A 764 15.48 -9.25 -35.36
C VAL A 764 16.95 -9.54 -35.15
N ILE A 765 17.65 -9.86 -36.24
CA ILE A 765 19.08 -10.13 -36.22
C ILE A 765 19.72 -9.28 -37.31
N ASP A 766 20.63 -8.38 -36.90
CA ASP A 766 21.34 -7.50 -37.82
C ASP A 766 20.37 -6.63 -38.63
N GLY A 767 19.35 -6.10 -37.96
CA GLY A 767 18.44 -5.17 -38.59
C GLY A 767 17.48 -5.76 -39.60
N THR A 768 17.21 -7.05 -39.51
CA THR A 768 16.27 -7.70 -40.42
C THR A 768 15.40 -8.66 -39.62
N ILE A 769 14.20 -8.91 -40.14
CA ILE A 769 13.26 -9.84 -39.51
C ILE A 769 13.58 -11.24 -40.04
N VAL A 770 13.91 -12.14 -39.12
CA VAL A 770 14.24 -13.52 -39.49
C VAL A 770 13.17 -14.51 -39.07
N GLY A 771 12.33 -14.18 -38.11
CA GLY A 771 11.29 -15.10 -37.65
C GLY A 771 10.31 -14.39 -36.75
N ALA A 772 9.25 -15.12 -36.41
CA ALA A 772 8.18 -14.58 -35.59
C ALA A 772 7.40 -15.71 -34.93
N MET A 773 7.24 -15.62 -33.62
CA MET A 773 6.45 -16.57 -32.86
C MET A 773 5.05 -16.01 -32.64
N THR A 774 4.04 -16.82 -32.92
CA THR A 774 2.66 -16.36 -32.89
C THR A 774 1.75 -17.52 -32.49
N SER A 775 0.47 -17.20 -32.32
CA SER A 775 -0.54 -18.20 -32.02
C SER A 775 -1.49 -18.46 -33.18
N ILE A 776 -1.56 -17.57 -34.15
CA ILE A 776 -2.42 -17.74 -35.32
C ILE A 776 -1.61 -18.39 -36.43
N ASN A 777 -2.17 -19.43 -37.04
CA ASN A 777 -1.52 -20.12 -38.16
C ASN A 777 -1.80 -19.35 -39.44
N SER A 778 -1.25 -18.14 -39.51
CA SER A 778 -1.38 -17.29 -40.68
C SER A 778 -0.10 -16.50 -40.86
N GLU A 779 0.15 -16.09 -42.09
CA GLU A 779 1.37 -15.37 -42.41
C GLU A 779 1.39 -14.01 -41.75
N LEU A 780 2.59 -13.52 -41.44
CA LEU A 780 2.75 -12.20 -40.86
C LEU A 780 4.16 -11.71 -41.14
N LEU A 781 4.31 -10.38 -41.12
CA LEU A 781 5.61 -9.71 -41.25
C LEU A 781 6.37 -10.12 -42.51
N GLY A 782 5.67 -10.60 -43.53
CA GLY A 782 6.31 -10.99 -44.77
C GLY A 782 6.95 -12.36 -44.76
N LEU A 783 6.84 -13.09 -43.67
CA LEU A 783 7.44 -14.42 -43.58
C LEU A 783 6.53 -15.46 -44.21
N THR A 784 7.14 -16.47 -44.83
CA THR A 784 6.40 -17.46 -45.59
C THR A 784 6.45 -18.85 -44.96
N HIS A 785 7.61 -19.32 -44.53
CA HIS A 785 7.68 -20.70 -44.06
C HIS A 785 7.37 -20.76 -42.58
N TRP A 786 7.02 -21.94 -42.09
CA TRP A 786 6.65 -22.03 -40.68
C TRP A 786 6.85 -23.44 -40.17
N THR A 787 6.93 -23.54 -38.84
CA THR A 787 6.99 -24.80 -38.13
C THR A 787 6.15 -24.67 -36.86
N THR A 788 5.85 -25.81 -36.26
CA THR A 788 4.99 -25.88 -35.08
C THR A 788 5.79 -26.34 -33.87
N THR A 789 5.71 -25.58 -32.78
CA THR A 789 6.29 -25.98 -31.52
C THR A 789 5.19 -26.11 -30.48
N PRO A 790 5.39 -26.95 -29.44
CA PRO A 790 4.29 -27.25 -28.51
C PRO A 790 3.58 -26.04 -27.91
N ASN A 791 4.15 -24.84 -28.07
CA ASN A 791 3.54 -23.64 -27.53
C ASN A 791 3.09 -22.63 -28.57
N PHE A 792 3.62 -22.67 -29.79
CA PHE A 792 3.34 -21.60 -30.74
C PHE A 792 3.63 -22.07 -32.16
N TYR A 793 3.39 -21.18 -33.11
CA TYR A 793 3.82 -21.35 -34.49
C TYR A 793 4.99 -20.39 -34.74
N TYR A 794 6.05 -20.90 -35.34
CA TYR A 794 7.22 -20.10 -35.64
C TYR A 794 7.31 -19.92 -37.15
N TYR A 795 7.10 -18.70 -37.61
CA TYR A 795 7.26 -18.36 -39.02
C TYR A 795 8.67 -17.84 -39.25
N SER A 796 9.19 -18.13 -40.44
CA SER A 796 10.59 -17.89 -40.71
C SER A 796 10.85 -17.79 -42.21
N ILE A 797 12.01 -17.22 -42.52
CA ILE A 797 12.58 -17.23 -43.87
C ILE A 797 13.29 -18.53 -44.17
N TYR A 798 13.69 -19.28 -43.15
CA TYR A 798 14.30 -20.58 -43.35
C TYR A 798 13.33 -21.52 -44.05
N ASN A 799 13.83 -22.23 -45.05
CA ASN A 799 12.99 -23.06 -45.91
C ASN A 799 12.59 -24.33 -45.16
N TYR A 800 11.50 -24.23 -44.41
CA TYR A 800 10.95 -25.39 -43.74
C TYR A 800 10.12 -26.22 -44.72
N THR A 801 9.79 -27.44 -44.30
CA THR A 801 9.02 -28.35 -45.14
C THR A 801 7.53 -28.06 -45.08
N ASP A 814 15.77 -31.98 -36.79
CA ASP A 814 15.96 -30.56 -36.55
C ASP A 814 17.05 -29.98 -37.45
N VAL A 815 17.69 -28.90 -36.97
CA VAL A 815 18.76 -28.24 -37.70
C VAL A 815 19.95 -28.06 -36.75
N ASP A 816 21.12 -27.82 -37.35
CA ASP A 816 22.36 -27.63 -36.60
C ASP A 816 22.88 -26.23 -36.89
N CYS A 817 22.80 -25.35 -35.91
CA CYS A 817 23.32 -24.00 -36.04
C CYS A 817 23.59 -23.43 -34.64
N GLU A 818 24.35 -22.34 -34.60
CA GLU A 818 24.66 -21.67 -33.34
C GLU A 818 23.62 -20.59 -33.06
N PRO A 819 22.99 -20.59 -31.89
CA PRO A 819 21.96 -19.58 -31.60
C PRO A 819 22.59 -18.19 -31.47
N ILE A 820 22.09 -17.26 -32.27
CA ILE A 820 22.52 -15.87 -32.15
C ILE A 820 21.79 -15.19 -31.00
N ILE A 821 20.46 -15.36 -30.94
CA ILE A 821 19.68 -14.74 -29.88
C ILE A 821 18.92 -15.82 -29.14
N THR A 822 18.55 -15.52 -27.90
CA THR A 822 17.87 -16.48 -27.03
C THR A 822 16.65 -15.83 -26.40
N TYR A 823 15.68 -16.68 -26.04
CA TYR A 823 14.43 -16.20 -25.47
C TYR A 823 13.71 -17.37 -24.83
N SER A 824 13.29 -17.21 -23.58
CA SER A 824 12.62 -18.26 -22.84
C SER A 824 13.47 -19.54 -22.84
N ASN A 825 12.99 -20.59 -23.51
CA ASN A 825 13.70 -21.86 -23.60
C ASN A 825 14.22 -22.16 -25.01
N ILE A 826 14.20 -21.18 -25.91
CA ILE A 826 14.59 -21.42 -27.30
C ILE A 826 15.62 -20.41 -27.77
N GLY A 827 16.19 -20.64 -28.94
CA GLY A 827 17.15 -19.72 -29.53
C GLY A 827 16.97 -19.67 -31.02
N VAL A 828 17.39 -18.56 -31.60
CA VAL A 828 17.26 -18.30 -33.04
C VAL A 828 18.63 -18.00 -33.61
N CYS A 829 18.94 -18.65 -34.73
CA CYS A 829 20.22 -18.55 -35.42
C CYS A 829 20.19 -17.42 -36.45
N LYS A 830 21.34 -17.17 -37.08
CA LYS A 830 21.45 -16.09 -38.04
C LYS A 830 20.68 -16.36 -39.33
N ASN A 831 20.47 -17.62 -39.68
CA ASN A 831 19.71 -17.99 -40.85
C ASN A 831 18.22 -18.13 -40.57
N GLY A 832 17.75 -17.61 -39.45
CA GLY A 832 16.35 -17.70 -39.10
C GLY A 832 15.85 -19.09 -38.80
N ALA A 833 16.66 -19.89 -38.12
CA ALA A 833 16.29 -21.25 -37.72
C ALA A 833 16.13 -21.31 -36.21
N LEU A 834 15.29 -22.24 -35.76
CA LEU A 834 14.92 -22.35 -34.36
C LEU A 834 15.59 -23.56 -33.74
N VAL A 835 16.25 -23.37 -32.60
CA VAL A 835 16.88 -24.45 -31.85
C VAL A 835 16.37 -24.38 -30.41
N PHE A 836 16.44 -25.52 -29.74
CA PHE A 836 16.02 -25.63 -28.35
C PHE A 836 17.25 -25.78 -27.47
N ILE A 837 17.35 -24.97 -26.43
CA ILE A 837 18.52 -24.94 -25.57
C ILE A 837 18.41 -26.07 -24.55
N ASN A 838 19.48 -26.87 -24.45
CA ASN A 838 19.53 -27.99 -23.54
C ASN A 838 20.30 -27.62 -22.27
N VAL A 839 20.20 -28.50 -21.28
CA VAL A 839 20.95 -28.30 -20.03
C VAL A 839 22.43 -28.61 -20.28
N THR A 840 23.27 -28.10 -19.38
CA THR A 840 24.69 -28.39 -19.45
C THR A 840 24.98 -29.84 -19.06
N HIS A 841 26.00 -30.40 -19.70
CA HIS A 841 26.42 -31.77 -19.43
C HIS A 841 27.81 -31.78 -18.81
N SER A 842 28.03 -32.69 -17.87
CA SER A 842 29.32 -32.86 -17.23
C SER A 842 29.60 -34.35 -17.08
N ASP A 843 30.87 -34.68 -16.83
CA ASP A 843 31.25 -36.07 -16.64
C ASP A 843 30.59 -36.67 -15.41
N GLY A 844 30.57 -35.92 -14.31
CA GLY A 844 29.97 -36.40 -13.08
C GLY A 844 30.83 -36.11 -11.88
N ASP A 845 30.30 -36.39 -10.68
CA ASP A 845 31.02 -36.17 -9.45
C ASP A 845 31.78 -37.42 -9.06
N VAL A 846 32.98 -37.23 -8.50
CA VAL A 846 33.76 -38.34 -7.98
C VAL A 846 33.13 -38.82 -6.68
N GLN A 847 32.94 -40.14 -6.57
CA GLN A 847 32.27 -40.69 -5.42
C GLN A 847 33.26 -41.22 -4.39
N PRO A 848 32.92 -41.17 -3.08
CA PRO A 848 33.82 -41.61 -2.02
C PRO A 848 33.87 -43.13 -1.85
N ILE A 849 34.09 -43.84 -2.94
CA ILE A 849 34.02 -45.29 -2.98
C ILE A 849 35.41 -45.84 -3.24
N SER A 850 35.82 -46.82 -2.44
CA SER A 850 37.08 -47.51 -2.63
C SER A 850 36.77 -49.01 -2.71
N THR A 851 36.37 -49.46 -3.90
CA THR A 851 36.08 -50.85 -4.20
C THR A 851 35.95 -51.02 -5.70
N GLY A 852 36.66 -51.99 -6.27
CA GLY A 852 36.62 -52.19 -7.71
C GLY A 852 37.49 -51.20 -8.45
N ASN A 853 37.14 -50.99 -9.73
CA ASN A 853 37.89 -50.06 -10.57
C ASN A 853 37.33 -48.66 -10.39
N VAL A 854 38.19 -47.73 -10.00
CA VAL A 854 37.81 -46.36 -9.68
C VAL A 854 38.71 -45.41 -10.46
N THR A 855 38.19 -44.21 -10.70
CA THR A 855 38.89 -43.20 -11.48
C THR A 855 39.23 -42.00 -10.60
N ILE A 856 40.46 -41.51 -10.73
CA ILE A 856 40.94 -40.35 -9.99
C ILE A 856 41.42 -39.33 -11.01
N PRO A 857 40.98 -38.08 -10.95
CA PRO A 857 41.45 -37.09 -11.92
C PRO A 857 42.95 -36.85 -11.81
N THR A 858 43.61 -36.75 -12.97
CA THR A 858 45.07 -36.64 -13.00
C THR A 858 45.58 -35.36 -13.63
N ASN A 859 45.16 -35.05 -14.86
CA ASN A 859 45.81 -34.02 -15.66
C ASN A 859 45.01 -32.74 -15.51
N PHE A 860 45.60 -31.74 -14.87
CA PHE A 860 44.88 -30.56 -14.40
C PHE A 860 45.35 -29.31 -15.13
N THR A 861 44.40 -28.49 -15.55
CA THR A 861 44.63 -27.15 -16.02
C THR A 861 43.87 -26.18 -15.10
N ILE A 862 43.89 -24.91 -15.45
CA ILE A 862 43.34 -23.85 -14.60
C ILE A 862 42.12 -23.25 -15.27
N SER A 863 41.06 -23.04 -14.47
CA SER A 863 39.89 -22.30 -14.90
C SER A 863 39.69 -21.10 -13.98
N VAL A 864 39.31 -19.97 -14.55
CA VAL A 864 39.05 -18.74 -13.80
C VAL A 864 37.62 -18.32 -14.04
N GLN A 865 36.87 -18.11 -12.96
CA GLN A 865 35.48 -17.70 -13.04
C GLN A 865 35.27 -16.38 -12.32
N VAL A 866 34.34 -15.58 -12.84
CA VAL A 866 34.13 -14.20 -12.40
C VAL A 866 32.76 -14.11 -11.73
N GLU A 867 32.74 -13.45 -10.57
CA GLU A 867 31.50 -13.23 -9.83
C GLU A 867 31.39 -11.78 -9.42
N TYR A 868 30.17 -11.24 -9.40
CA TYR A 868 29.93 -9.89 -8.91
C TYR A 868 28.97 -9.93 -7.73
N ILE A 869 29.31 -9.22 -6.65
CA ILE A 869 28.45 -9.13 -5.49
C ILE A 869 28.39 -7.67 -5.03
N GLN A 870 27.18 -7.18 -4.79
CA GLN A 870 26.99 -5.81 -4.32
C GLN A 870 27.13 -5.72 -2.81
N VAL A 871 27.84 -4.69 -2.34
CA VAL A 871 28.15 -4.53 -0.93
C VAL A 871 27.37 -3.38 -0.30
N TYR A 872 27.26 -2.25 -0.99
CA TYR A 872 26.61 -1.08 -0.41
C TYR A 872 25.75 -0.40 -1.46
N THR A 873 24.91 0.52 -0.99
CA THR A 873 24.07 1.35 -1.83
C THR A 873 24.62 2.78 -1.86
N THR A 874 23.97 3.63 -2.65
CA THR A 874 24.29 5.04 -2.62
C THR A 874 23.22 5.75 -1.79
N PRO A 875 23.54 6.22 -0.60
CA PRO A 875 22.51 6.85 0.25
C PRO A 875 22.17 8.25 -0.20
N VAL A 876 20.95 8.67 0.15
CA VAL A 876 20.41 9.96 -0.23
C VAL A 876 19.82 10.62 1.01
N SER A 877 20.11 11.90 1.21
CA SER A 877 19.51 12.71 2.25
C SER A 877 18.46 13.61 1.63
N ILE A 878 17.29 13.69 2.27
CA ILE A 878 16.19 14.51 1.79
C ILE A 878 15.85 15.54 2.86
N ASP A 879 15.76 16.80 2.45
CA ASP A 879 15.17 17.85 3.28
C ASP A 879 13.68 17.88 2.96
N CYS A 880 12.87 17.35 3.87
CA CYS A 880 11.43 17.22 3.63
C CYS A 880 10.79 18.58 3.41
N SER A 881 11.15 19.56 4.24
CA SER A 881 10.57 20.89 4.14
C SER A 881 10.87 21.54 2.80
N ARG A 882 12.11 21.43 2.33
CA ARG A 882 12.47 22.06 1.06
C ARG A 882 11.88 21.32 -0.12
N TYR A 883 11.79 19.99 -0.05
CA TYR A 883 11.16 19.24 -1.13
C TYR A 883 9.68 19.58 -1.24
N VAL A 884 8.99 19.73 -0.11
CA VAL A 884 7.55 19.94 -0.17
C VAL A 884 7.21 21.40 -0.46
N CYS A 885 7.84 22.33 0.23
CA CYS A 885 7.42 23.73 0.19
C CYS A 885 8.33 24.62 -0.63
N ASN A 886 9.49 24.15 -1.06
CA ASN A 886 10.41 24.91 -1.91
C ASN A 886 10.85 26.22 -1.26
N GLY A 887 10.95 26.24 0.07
CA GLY A 887 11.41 27.42 0.76
C GLY A 887 10.38 28.53 0.91
N ASN A 888 9.13 28.28 0.57
CA ASN A 888 8.11 29.32 0.69
C ASN A 888 7.73 29.48 2.16
N PRO A 889 7.84 30.69 2.72
CA PRO A 889 7.52 30.87 4.15
C PRO A 889 6.06 30.59 4.48
N ARG A 890 5.14 30.83 3.55
CA ARG A 890 3.72 30.61 3.82
C ARG A 890 3.36 29.14 3.78
N CYS A 891 4.09 28.34 2.99
CA CYS A 891 3.82 26.91 2.93
C CYS A 891 4.32 26.19 4.18
N ASN A 892 5.36 26.72 4.83
CA ASN A 892 5.89 26.07 6.02
C ASN A 892 4.92 26.16 7.19
N LYS A 893 4.19 27.27 7.31
CA LYS A 893 3.16 27.37 8.34
C LYS A 893 2.07 26.33 8.13
N LEU A 894 1.79 25.96 6.88
CA LEU A 894 0.83 24.90 6.61
C LEU A 894 1.42 23.52 6.88
N LEU A 895 2.71 23.34 6.61
CA LEU A 895 3.39 22.08 6.85
C LEU A 895 3.72 21.85 8.32
N THR A 896 3.53 22.87 9.17
CA THR A 896 3.70 22.68 10.60
C THR A 896 2.69 21.68 11.17
N GLN A 897 1.63 21.38 10.44
CA GLN A 897 0.68 20.35 10.85
C GLN A 897 1.06 18.95 10.35
N TYR A 898 2.07 18.85 9.47
CA TYR A 898 2.62 17.58 9.04
C TYR A 898 4.09 17.43 9.41
N VAL A 899 4.58 18.32 10.28
CA VAL A 899 5.93 18.20 10.83
C VAL A 899 6.22 16.78 11.30
N SER A 900 5.21 16.10 11.86
CA SER A 900 5.42 14.73 12.31
C SER A 900 5.72 13.78 11.15
N ALA A 901 5.00 13.93 10.04
CA ALA A 901 5.28 13.11 8.87
C ALA A 901 6.67 13.39 8.31
N CYS A 902 7.04 14.68 8.24
CA CYS A 902 8.37 15.02 7.77
C CYS A 902 9.44 14.41 8.67
N GLN A 903 9.23 14.46 9.98
CA GLN A 903 10.17 13.88 10.94
C GLN A 903 10.29 12.38 10.75
N THR A 904 9.16 11.70 10.53
CA THR A 904 9.20 10.26 10.30
C THR A 904 10.03 9.92 9.06
N ILE A 905 9.84 10.65 7.97
CA ILE A 905 10.60 10.40 6.75
C ILE A 905 12.08 10.59 6.99
N GLU A 906 12.45 11.72 7.61
CA GLU A 906 13.86 12.02 7.84
C GLU A 906 14.50 10.99 8.76
N GLN A 907 13.80 10.59 9.83
CA GLN A 907 14.35 9.61 10.75
C GLN A 907 14.57 8.27 10.07
N ALA A 908 13.61 7.83 9.24
CA ALA A 908 13.79 6.57 8.55
C ALA A 908 15.03 6.60 7.66
N LEU A 909 15.17 7.65 6.85
CA LEU A 909 16.32 7.73 5.95
C LEU A 909 17.64 7.79 6.71
N ALA A 910 17.69 8.61 7.77
CA ALA A 910 18.92 8.74 8.54
C ALA A 910 19.32 7.44 9.21
N MET A 911 18.35 6.72 9.78
CA MET A 911 18.65 5.46 10.44
C MET A 911 19.17 4.44 9.44
N GLY A 912 18.55 4.37 8.26
CA GLY A 912 19.05 3.46 7.24
C GLY A 912 20.50 3.75 6.85
N ALA A 913 20.79 5.03 6.60
CA ALA A 913 22.15 5.40 6.21
C ALA A 913 23.15 5.08 7.31
N ARG A 914 22.81 5.40 8.57
CA ARG A 914 23.72 5.16 9.68
C ARG A 914 23.98 3.66 9.86
N LEU A 915 22.94 2.85 9.76
CA LEU A 915 23.12 1.41 9.92
C LEU A 915 24.01 0.83 8.82
N GLU A 916 23.79 1.25 7.58
CA GLU A 916 24.65 0.73 6.51
C GLU A 916 26.09 1.17 6.69
N ASN A 917 26.30 2.42 7.12
CA ASN A 917 27.66 2.89 7.36
C ASN A 917 28.33 2.08 8.47
N MET A 918 27.59 1.79 9.55
CA MET A 918 28.12 0.97 10.63
C MET A 918 28.49 -0.42 10.14
N GLU A 919 27.64 -1.03 9.32
CA GLU A 919 27.90 -2.40 8.88
C GLU A 919 29.08 -2.46 7.91
N VAL A 920 29.18 -1.50 6.99
CA VAL A 920 30.30 -1.49 6.06
C VAL A 920 31.61 -1.19 6.78
N ASP A 921 31.57 -0.33 7.80
CA ASP A 921 32.79 0.08 8.48
C ASP A 921 33.49 -1.08 9.16
N SER A 922 32.72 -1.99 9.77
CA SER A 922 33.29 -3.11 10.51
C SER A 922 33.73 -4.26 9.63
N MET A 923 33.78 -4.06 8.31
CA MET A 923 34.16 -5.10 7.36
C MET A 923 35.47 -4.81 6.64
N LEU A 924 35.71 -3.57 6.24
CA LEU A 924 36.90 -3.21 5.49
C LEU A 924 38.08 -2.95 6.43
N PHE A 925 39.24 -3.43 6.03
CA PHE A 925 40.48 -3.21 6.77
C PHE A 925 41.63 -3.33 5.78
N VAL A 926 42.79 -2.80 6.18
CA VAL A 926 44.01 -2.91 5.39
C VAL A 926 45.16 -3.29 6.30
N SER A 927 46.23 -3.77 5.68
CA SER A 927 47.49 -4.03 6.34
C SER A 927 48.56 -3.15 5.70
N GLU A 928 49.33 -2.46 6.54
CA GLU A 928 50.34 -1.54 6.01
C GLU A 928 51.42 -2.28 5.26
N ASN A 929 51.84 -3.45 5.74
CA ASN A 929 52.88 -4.21 5.06
C ASN A 929 52.34 -4.88 3.80
N ALA A 930 51.08 -5.33 3.82
CA ALA A 930 50.50 -5.96 2.65
C ALA A 930 50.26 -4.95 1.53
N LEU A 931 50.04 -3.68 1.87
CA LEU A 931 49.86 -2.65 0.86
C LEU A 931 51.16 -2.27 0.18
N LYS A 932 52.31 -2.51 0.83
CA LYS A 932 53.59 -2.18 0.21
C LYS A 932 53.94 -3.13 -0.93
N LEU A 933 53.48 -4.37 -0.84
CA LEU A 933 53.75 -5.37 -1.87
C LEU A 933 52.68 -5.42 -2.95
N ALA A 934 51.59 -4.68 -2.80
CA ALA A 934 50.44 -4.81 -3.70
C ALA A 934 50.55 -3.80 -4.83
N SER A 935 51.44 -4.10 -5.77
CA SER A 935 51.56 -3.31 -6.99
C SER A 935 52.28 -4.14 -8.03
N VAL A 936 52.09 -3.74 -9.30
CA VAL A 936 52.79 -4.42 -10.39
C VAL A 936 54.28 -4.15 -10.31
N GLU A 937 54.67 -2.96 -9.87
CA GLU A 937 56.08 -2.64 -9.73
C GLU A 937 56.75 -3.49 -8.64
N ALA A 938 56.04 -3.72 -7.53
CA ALA A 938 56.60 -4.53 -6.46
C ALA A 938 56.72 -5.99 -6.87
N PHE A 939 55.75 -6.50 -7.63
CA PHE A 939 55.77 -7.89 -8.07
C PHE A 939 56.77 -8.13 -9.19
N ASN A 940 57.32 -7.08 -9.79
CA ASN A 940 58.24 -7.19 -10.91
C ASN A 940 59.70 -6.98 -10.48
N SER A 941 59.97 -6.94 -9.19
CA SER A 941 61.32 -6.76 -8.67
C SER A 941 61.57 -7.78 -7.57
N THR A 942 62.77 -7.72 -6.99
CA THR A 942 63.16 -8.59 -5.89
C THR A 942 63.63 -7.79 -4.69
N GLU A 943 63.14 -6.55 -4.55
CA GLU A 943 63.58 -5.68 -3.46
C GLU A 943 62.98 -6.10 -2.12
N HIS A 944 62.01 -7.01 -2.11
CA HIS A 944 61.43 -7.51 -0.88
C HIS A 944 61.55 -9.02 -0.73
N LEU A 945 62.02 -9.72 -1.75
CA LEU A 945 62.13 -11.17 -1.69
C LEU A 945 63.17 -11.59 -0.67
N ASP A 946 62.86 -12.64 0.09
CA ASP A 946 63.79 -13.14 1.09
C ASP A 946 65.04 -13.69 0.42
N PRO A 947 66.19 -13.60 1.10
CA PRO A 947 67.46 -14.02 0.45
C PRO A 947 67.49 -15.47 0.02
N ILE A 948 66.75 -16.36 0.69
CA ILE A 948 66.77 -17.78 0.33
C ILE A 948 66.10 -18.05 -1.01
N TYR A 949 65.39 -17.08 -1.57
CA TYR A 949 64.71 -17.22 -2.86
C TYR A 949 65.50 -16.58 -3.98
N LYS A 950 66.83 -16.64 -3.92
CA LYS A 950 67.66 -16.02 -4.95
C LYS A 950 67.54 -16.70 -6.30
N GLU A 951 67.00 -17.93 -6.34
CA GLU A 951 66.79 -18.61 -7.61
C GLU A 951 65.57 -18.06 -8.37
N TRP A 952 64.80 -17.16 -7.76
CA TRP A 952 63.64 -16.55 -8.39
C TRP A 952 63.97 -15.11 -8.80
N PRO A 953 63.55 -14.70 -10.00
CA PRO A 953 63.87 -13.33 -10.43
C PRO A 953 63.03 -12.27 -9.74
N ASN A 954 61.75 -12.54 -9.50
CA ASN A 954 60.86 -11.57 -8.88
C ASN A 954 59.75 -12.32 -8.15
N ILE A 955 58.85 -11.55 -7.52
CA ILE A 955 57.71 -12.15 -6.83
C ILE A 955 56.73 -12.76 -7.83
N GLY A 956 56.40 -12.01 -8.89
CA GLY A 956 55.36 -12.46 -9.79
C GLY A 956 55.72 -13.72 -10.55
N GLY A 957 56.89 -13.73 -11.17
CA GLY A 957 57.33 -14.89 -11.91
C GLY A 957 56.42 -15.20 -13.08
N SER A 958 56.27 -16.49 -13.35
CA SER A 958 55.48 -16.95 -14.50
C SER A 958 54.02 -16.54 -14.40
N TRP A 959 53.51 -16.25 -13.20
CA TRP A 959 52.14 -15.81 -13.04
C TRP A 959 51.95 -14.33 -13.30
N LEU A 960 53.03 -13.56 -13.37
CA LEU A 960 52.92 -12.10 -13.45
C LEU A 960 52.09 -11.66 -14.65
N GLY A 961 52.19 -12.39 -15.76
CA GLY A 961 51.45 -12.03 -16.96
C GLY A 961 49.96 -11.92 -16.75
N GLY A 962 49.41 -12.61 -15.76
CA GLY A 962 48.02 -12.42 -15.41
C GLY A 962 47.86 -11.39 -14.31
N LEU A 963 48.76 -11.44 -13.32
CA LEU A 963 48.61 -10.60 -12.14
C LEU A 963 48.70 -9.12 -12.46
N LYS A 964 49.32 -8.76 -13.58
CA LYS A 964 49.43 -7.35 -13.94
C LYS A 964 48.07 -6.75 -14.29
N ASP A 965 47.06 -7.57 -14.58
CA ASP A 965 45.73 -7.05 -14.86
C ASP A 965 44.87 -6.93 -13.60
N ILE A 966 45.34 -7.44 -12.46
CA ILE A 966 44.54 -7.44 -11.24
C ILE A 966 45.23 -6.58 -10.19
N LEU A 967 46.54 -6.48 -10.27
CA LEU A 967 47.28 -5.71 -9.27
C LEU A 967 47.19 -4.22 -9.55
N PRO A 968 47.23 -3.39 -8.51
CA PRO A 968 47.28 -1.94 -8.72
C PRO A 968 48.55 -1.52 -9.43
N SER A 969 48.46 -0.46 -10.22
CA SER A 969 49.58 0.05 -10.98
C SER A 969 49.60 1.57 -10.91
N HIS A 970 50.78 2.14 -11.17
CA HIS A 970 50.91 3.59 -11.26
C HIS A 970 50.53 4.14 -12.63
N ASN A 971 50.40 3.27 -13.63
CA ASN A 971 49.95 3.70 -14.95
C ASN A 971 48.45 4.02 -14.98
N SER A 972 47.72 3.69 -13.92
CA SER A 972 46.29 3.94 -13.87
C SER A 972 46.02 5.40 -13.49
N LYS A 973 44.73 5.72 -13.32
CA LYS A 973 44.34 7.09 -13.02
C LYS A 973 44.45 7.40 -11.53
N ARG A 974 43.73 6.64 -10.72
CA ARG A 974 43.70 6.86 -9.27
C ARG A 974 44.62 5.88 -8.56
N LYS A 975 44.88 6.17 -7.29
CA LYS A 975 45.74 5.31 -6.50
C LYS A 975 45.07 3.96 -6.27
N TYR A 976 45.89 2.90 -6.25
CA TYR A 976 45.50 1.52 -5.95
C TYR A 976 44.58 0.90 -6.99
N ARG A 977 44.29 1.58 -8.09
CA ARG A 977 43.39 1.05 -9.11
C ARG A 977 44.16 0.25 -10.15
N SER A 978 43.54 -0.81 -10.63
CA SER A 978 44.13 -1.72 -11.61
C SER A 978 43.50 -1.49 -12.99
N ALA A 979 43.90 -2.32 -13.95
CA ALA A 979 43.39 -2.19 -15.31
C ALA A 979 41.93 -2.63 -15.41
N ILE A 980 41.59 -3.77 -14.79
CA ILE A 980 40.23 -4.27 -14.85
C ILE A 980 39.28 -3.34 -14.09
N GLU A 981 39.75 -2.77 -12.98
CA GLU A 981 38.93 -1.78 -12.27
C GLU A 981 38.69 -0.55 -13.13
N ASP A 982 39.73 -0.10 -13.86
CA ASP A 982 39.55 1.03 -14.76
C ASP A 982 38.53 0.72 -15.85
N LEU A 983 38.63 -0.47 -16.45
CA LEU A 983 37.68 -0.85 -17.49
C LEU A 983 36.26 -0.91 -16.93
N LEU A 984 36.09 -1.48 -15.74
CA LEU A 984 34.76 -1.60 -15.14
C LEU A 984 34.16 -0.23 -14.82
N PHE A 985 34.96 0.65 -14.23
CA PHE A 985 34.44 1.96 -13.89
C PHE A 985 34.29 2.87 -15.11
N ASP A 986 34.91 2.50 -16.23
CA ASP A 986 34.72 3.28 -17.45
C ASP A 986 33.46 2.83 -18.20
N LYS A 987 33.39 1.55 -18.56
CA LYS A 987 32.30 1.08 -19.40
C LYS A 987 30.97 0.99 -18.67
N VAL A 988 30.96 1.17 -17.35
CA VAL A 988 29.71 1.13 -16.59
C VAL A 988 29.37 2.47 -15.96
N VAL A 989 30.36 3.29 -15.60
CA VAL A 989 30.13 4.57 -14.93
C VAL A 989 29.32 4.39 -13.67
N ASP A 997 30.24 16.25 -10.32
CA ASP A 997 30.98 15.65 -9.22
C ASP A 997 30.20 15.76 -7.91
N GLU A 998 30.93 15.67 -6.79
CA GLU A 998 30.32 15.75 -5.48
C GLU A 998 30.53 17.11 -4.81
N ASP A 999 31.22 18.03 -5.47
CA ASP A 999 31.43 19.36 -4.93
C ASP A 999 30.12 20.13 -4.94
N TYR A 1000 29.57 20.39 -3.76
CA TYR A 1000 28.38 21.21 -3.65
C TYR A 1000 28.68 22.69 -3.52
N LYS A 1001 29.94 23.07 -3.37
CA LYS A 1001 30.29 24.48 -3.34
C LYS A 1001 30.10 25.15 -4.69
N ARG A 1002 30.06 24.37 -5.77
CA ARG A 1002 29.88 24.93 -7.10
C ARG A 1002 28.44 25.29 -7.42
N CYS A 1003 27.47 24.75 -6.67
CA CYS A 1003 26.07 25.03 -6.96
C CYS A 1003 25.65 26.44 -6.57
N THR A 1004 26.50 27.16 -5.84
CA THR A 1004 26.22 28.54 -5.44
C THR A 1004 27.29 29.44 -6.03
N GLY A 1005 26.86 30.52 -6.67
CA GLY A 1005 27.79 31.44 -7.30
C GLY A 1005 27.28 31.97 -8.63
N GLY A 1006 26.43 31.19 -9.28
CA GLY A 1006 25.74 31.63 -10.48
C GLY A 1006 26.63 32.03 -11.64
N TYR A 1007 27.69 31.26 -11.89
CA TYR A 1007 28.58 31.50 -13.02
C TYR A 1007 28.17 30.73 -14.26
N ASP A 1008 27.13 29.91 -14.17
CA ASP A 1008 26.63 29.14 -15.29
C ASP A 1008 25.28 28.58 -14.92
N ILE A 1009 24.55 28.08 -15.91
CA ILE A 1009 23.28 27.42 -15.65
C ILE A 1009 23.54 26.10 -14.95
N ALA A 1010 22.77 25.82 -13.90
CA ALA A 1010 22.98 24.64 -13.08
C ALA A 1010 22.71 23.37 -13.88
N ASP A 1011 23.41 22.31 -13.51
CA ASP A 1011 23.23 21.01 -14.14
C ASP A 1011 22.18 20.21 -13.37
N LEU A 1012 22.05 18.92 -13.69
CA LEU A 1012 21.03 18.09 -13.08
C LEU A 1012 21.25 17.94 -11.57
N VAL A 1013 22.51 17.78 -11.16
CA VAL A 1013 22.80 17.52 -9.76
C VAL A 1013 22.53 18.75 -8.90
N CYS A 1014 22.97 19.93 -9.37
CA CYS A 1014 22.69 21.15 -8.62
C CYS A 1014 21.20 21.46 -8.60
N ALA A 1015 20.49 21.18 -9.70
CA ALA A 1015 19.04 21.38 -9.71
C ALA A 1015 18.35 20.45 -8.72
N GLN A 1016 18.83 19.21 -8.60
CA GLN A 1016 18.30 18.32 -7.57
C GLN A 1016 18.60 18.84 -6.17
N TYR A 1017 19.82 19.37 -5.97
CA TYR A 1017 20.18 19.91 -4.66
C TYR A 1017 19.29 21.10 -4.30
N TYR A 1018 18.86 21.88 -5.29
CA TYR A 1018 17.93 22.97 -5.03
C TYR A 1018 16.59 22.48 -4.53
N ASN A 1019 16.27 21.19 -4.71
CA ASN A 1019 15.01 20.63 -4.30
C ASN A 1019 15.11 19.83 -3.00
N GLY A 1020 16.22 19.98 -2.27
CA GLY A 1020 16.38 19.28 -1.01
C GLY A 1020 16.87 17.86 -1.11
N ILE A 1021 17.38 17.44 -2.27
CA ILE A 1021 17.88 16.09 -2.48
C ILE A 1021 19.39 16.15 -2.57
N MET A 1022 20.08 15.53 -1.61
CA MET A 1022 21.53 15.47 -1.59
C MET A 1022 21.97 14.02 -1.67
N VAL A 1023 23.01 13.77 -2.44
CA VAL A 1023 23.62 12.45 -2.51
C VAL A 1023 24.91 12.47 -1.69
N LEU A 1024 24.93 11.68 -0.62
CA LEU A 1024 26.06 11.69 0.29
C LEU A 1024 27.31 11.17 -0.40
N PRO A 1025 28.49 11.60 0.04
CA PRO A 1025 29.73 11.21 -0.66
C PRO A 1025 29.92 9.70 -0.70
N GLY A 1026 30.39 9.23 -1.85
CA GLY A 1026 30.58 7.80 -2.05
C GLY A 1026 31.94 7.43 -2.61
N VAL A 1027 32.72 8.44 -3.04
CA VAL A 1027 34.06 8.17 -3.54
C VAL A 1027 34.95 7.61 -2.44
N ALA A 1028 34.71 8.01 -1.20
CA ALA A 1028 35.49 7.47 -0.08
C ALA A 1028 35.28 5.97 0.04
N ASN A 1029 34.05 5.50 -0.15
CA ASN A 1029 33.79 4.06 -0.11
C ASN A 1029 34.49 3.34 -1.24
N ASP A 1030 34.52 3.93 -2.43
CA ASP A 1030 35.23 3.31 -3.54
C ASP A 1030 36.72 3.22 -3.27
N ASP A 1031 37.31 4.27 -2.72
CA ASP A 1031 38.73 4.24 -2.39
C ASP A 1031 39.03 3.22 -1.30
N LYS A 1032 38.15 3.14 -0.29
CA LYS A 1032 38.32 2.15 0.76
C LYS A 1032 38.24 0.74 0.21
N MET A 1033 37.30 0.49 -0.71
CA MET A 1033 37.18 -0.82 -1.33
C MET A 1033 38.42 -1.16 -2.15
N THR A 1034 38.94 -0.19 -2.89
CA THR A 1034 40.13 -0.44 -3.69
C THR A 1034 41.33 -0.78 -2.81
N MET A 1035 41.52 -0.04 -1.72
CA MET A 1035 42.59 -0.35 -0.78
C MET A 1035 42.38 -1.70 -0.12
N TYR A 1036 41.13 -2.03 0.21
CA TYR A 1036 40.81 -3.31 0.82
C TYR A 1036 41.21 -4.47 -0.08
N THR A 1037 40.81 -4.42 -1.35
CA THR A 1037 41.13 -5.50 -2.26
C THR A 1037 42.63 -5.55 -2.57
N ALA A 1038 43.28 -4.39 -2.67
CA ALA A 1038 44.72 -4.38 -2.89
C ALA A 1038 45.46 -5.03 -1.73
N SER A 1039 45.06 -4.72 -0.49
CA SER A 1039 45.70 -5.32 0.67
C SER A 1039 45.44 -6.83 0.72
N LEU A 1040 44.23 -7.25 0.36
CA LEU A 1040 43.93 -8.68 0.29
C LEU A 1040 44.83 -9.39 -0.70
N ALA A 1041 45.04 -8.79 -1.87
CA ALA A 1041 45.89 -9.41 -2.88
C ALA A 1041 47.36 -9.42 -2.45
N GLY A 1042 47.82 -8.34 -1.83
CA GLY A 1042 49.21 -8.26 -1.42
C GLY A 1042 49.57 -9.08 -0.20
N GLY A 1043 48.59 -9.43 0.62
CA GLY A 1043 48.88 -10.23 1.80
C GLY A 1043 49.14 -11.70 1.53
N ILE A 1044 48.88 -12.16 0.31
CA ILE A 1044 49.16 -13.56 -0.03
C ILE A 1044 50.65 -13.82 -0.02
N THR A 1045 51.44 -12.87 -0.51
CA THR A 1045 52.88 -13.04 -0.62
C THR A 1045 53.65 -12.52 0.59
N LEU A 1046 52.96 -12.04 1.62
CA LEU A 1046 53.63 -11.59 2.83
C LEU A 1046 54.13 -12.81 3.63
N GLY A 1047 55.38 -12.76 4.04
CA GLY A 1047 56.02 -13.91 4.66
C GLY A 1047 55.98 -13.93 6.18
N ALA A 1048 55.93 -12.76 6.80
CA ALA A 1048 55.87 -12.68 8.25
C ALA A 1048 55.13 -11.40 8.64
N LEU A 1049 54.62 -11.38 9.87
CA LEU A 1049 53.75 -10.31 10.32
C LEU A 1049 54.38 -9.37 11.34
N GLY A 1050 55.46 -9.78 12.01
CA GLY A 1050 55.98 -8.97 13.11
C GLY A 1050 56.52 -7.63 12.66
N GLY A 1051 57.33 -7.62 11.61
CA GLY A 1051 58.09 -6.43 11.27
C GLY A 1051 57.82 -5.83 9.91
N GLY A 1052 58.85 -5.87 9.04
CA GLY A 1052 58.76 -5.26 7.73
C GLY A 1052 58.05 -6.14 6.73
N ALA A 1053 58.10 -5.70 5.47
CA ALA A 1053 57.43 -6.39 4.37
C ALA A 1053 58.36 -7.47 3.84
N VAL A 1054 58.16 -8.70 4.34
CA VAL A 1054 58.91 -9.87 3.88
C VAL A 1054 58.06 -10.57 2.82
N ALA A 1055 58.67 -10.91 1.69
CA ALA A 1055 57.93 -11.43 0.55
C ALA A 1055 58.39 -12.84 0.20
N ILE A 1056 57.47 -13.61 -0.38
CA ILE A 1056 57.75 -14.93 -0.93
C ILE A 1056 57.29 -14.93 -2.37
N PRO A 1057 57.85 -15.82 -3.20
CA PRO A 1057 57.38 -15.92 -4.59
C PRO A 1057 55.94 -16.42 -4.64
N PHE A 1058 55.24 -16.02 -5.70
CA PHE A 1058 53.85 -16.43 -5.87
C PHE A 1058 53.74 -17.93 -6.09
N ALA A 1059 54.72 -18.52 -6.79
CA ALA A 1059 54.71 -19.97 -7.03
C ALA A 1059 54.77 -20.75 -5.72
N VAL A 1060 55.46 -20.23 -4.72
CA VAL A 1060 55.51 -20.90 -3.42
C VAL A 1060 54.13 -20.93 -2.77
N ALA A 1061 53.40 -19.82 -2.85
CA ALA A 1061 52.03 -19.78 -2.32
C ALA A 1061 51.11 -20.74 -3.07
N VAL A 1062 51.23 -20.78 -4.40
CA VAL A 1062 50.42 -21.69 -5.18
C VAL A 1062 50.75 -23.14 -4.82
N GLN A 1063 52.02 -23.44 -4.58
CA GLN A 1063 52.40 -24.79 -4.15
C GLN A 1063 51.80 -25.13 -2.80
N ALA A 1064 51.78 -24.17 -1.87
CA ALA A 1064 51.15 -24.40 -0.57
C ALA A 1064 49.67 -24.72 -0.73
N ARG A 1065 48.97 -23.98 -1.59
CA ARG A 1065 47.55 -24.26 -1.80
C ARG A 1065 47.34 -25.61 -2.49
N LEU A 1066 48.22 -25.97 -3.42
CA LEU A 1066 48.15 -27.29 -4.04
C LEU A 1066 48.32 -28.39 -3.00
N ASN A 1067 49.23 -28.20 -2.05
CA ASN A 1067 49.39 -29.16 -0.97
C ASN A 1067 48.15 -29.24 -0.10
N TYR A 1068 47.49 -28.11 0.12
CA TYR A 1068 46.24 -28.14 0.88
C TYR A 1068 45.18 -28.97 0.16
N VAL A 1069 45.11 -28.86 -1.17
CA VAL A 1069 44.15 -29.67 -1.91
C VAL A 1069 44.50 -31.15 -1.79
N ALA A 1070 45.74 -31.51 -2.07
CA ALA A 1070 46.20 -32.88 -1.94
C ALA A 1070 47.70 -32.87 -1.73
N LEU A 1071 48.17 -33.68 -0.79
CA LEU A 1071 49.59 -33.75 -0.50
C LEU A 1071 50.37 -34.16 -1.75
N GLN A 1072 51.36 -33.36 -2.10
CA GLN A 1072 52.09 -33.54 -3.36
C GLN A 1072 53.28 -34.46 -3.13
N THR A 1073 53.40 -35.48 -3.99
CA THR A 1073 54.41 -36.50 -3.82
C THR A 1073 55.44 -36.53 -4.94
N ASP A 1074 55.18 -35.88 -6.08
CA ASP A 1074 56.15 -35.80 -7.17
C ASP A 1074 56.83 -34.44 -7.10
N VAL A 1075 57.83 -34.34 -6.22
CA VAL A 1075 58.54 -33.09 -6.04
C VAL A 1075 59.41 -32.77 -7.24
N LEU A 1076 60.06 -33.79 -7.82
CA LEU A 1076 60.99 -33.55 -8.92
C LEU A 1076 60.24 -33.12 -10.18
N ASN A 1077 59.17 -33.81 -10.53
CA ASN A 1077 58.38 -33.47 -11.71
C ASN A 1077 57.37 -32.39 -11.41
N LYS A 1078 57.85 -31.28 -10.83
CA LYS A 1078 57.00 -30.16 -10.45
C LYS A 1078 56.93 -29.19 -11.63
N ASN A 1079 55.73 -29.04 -12.20
CA ASN A 1079 55.53 -28.18 -13.36
C ASN A 1079 54.31 -27.30 -13.11
N GLN A 1080 54.54 -26.07 -12.65
CA GLN A 1080 53.50 -25.08 -12.54
C GLN A 1080 53.39 -24.22 -13.79
N GLN A 1081 54.21 -24.47 -14.80
CA GLN A 1081 54.17 -23.68 -16.03
C GLN A 1081 52.85 -23.88 -16.75
N ILE A 1082 52.31 -25.09 -16.74
CA ILE A 1082 51.01 -25.34 -17.35
C ILE A 1082 49.93 -24.51 -16.67
N LEU A 1083 49.89 -24.56 -15.33
CA LEU A 1083 48.90 -23.82 -14.58
C LEU A 1083 49.07 -22.32 -14.76
N ALA A 1084 50.32 -21.84 -14.75
CA ALA A 1084 50.57 -20.41 -14.90
C ALA A 1084 50.17 -19.93 -16.30
N ASN A 1085 50.47 -20.71 -17.33
CA ASN A 1085 50.07 -20.34 -18.68
C ASN A 1085 48.55 -20.31 -18.83
N ALA A 1086 47.87 -21.31 -18.28
CA ALA A 1086 46.41 -21.32 -18.33
C ALA A 1086 45.84 -20.11 -17.61
N PHE A 1087 46.39 -19.77 -16.45
CA PHE A 1087 45.93 -18.59 -15.72
C PHE A 1087 46.14 -17.32 -16.52
N ASN A 1088 47.30 -17.17 -17.14
CA ASN A 1088 47.58 -15.97 -17.91
C ASN A 1088 46.64 -15.84 -19.10
N GLN A 1089 46.41 -16.93 -19.83
CA GLN A 1089 45.51 -16.87 -20.98
C GLN A 1089 44.08 -16.56 -20.55
N ALA A 1090 43.63 -17.18 -19.44
CA ALA A 1090 42.28 -16.91 -18.96
C ALA A 1090 42.11 -15.46 -18.54
N ILE A 1091 43.09 -14.90 -17.84
CA ILE A 1091 42.98 -13.51 -17.40
C ILE A 1091 43.02 -12.57 -18.59
N GLY A 1092 43.83 -12.90 -19.60
CA GLY A 1092 43.84 -12.08 -20.81
C GLY A 1092 42.51 -12.09 -21.53
N ASN A 1093 41.89 -13.26 -21.65
CA ASN A 1093 40.57 -13.34 -22.26
C ASN A 1093 39.53 -12.56 -21.46
N ILE A 1094 39.62 -12.63 -20.13
CA ILE A 1094 38.69 -11.89 -19.28
C ILE A 1094 38.85 -10.39 -19.46
N THR A 1095 40.10 -9.92 -19.52
CA THR A 1095 40.34 -8.49 -19.73
C THR A 1095 39.83 -8.04 -21.09
N GLN A 1096 40.03 -8.87 -22.11
CA GLN A 1096 39.48 -8.54 -23.43
C GLN A 1096 37.96 -8.45 -23.39
N ALA A 1097 37.31 -9.39 -22.71
CA ALA A 1097 35.86 -9.38 -22.64
C ALA A 1097 35.34 -8.16 -21.89
N PHE A 1098 36.02 -7.77 -20.82
CA PHE A 1098 35.64 -6.56 -20.10
C PHE A 1098 35.85 -5.31 -20.95
N GLY A 1099 36.93 -5.28 -21.72
CA GLY A 1099 37.18 -4.13 -22.59
C GLY A 1099 36.16 -4.02 -23.71
N LYS A 1100 35.79 -5.13 -24.31
CA LYS A 1100 34.83 -5.13 -25.41
C LYS A 1100 33.40 -5.19 -24.89
N LEU A 1112 32.65 -17.62 -21.89
CA LEU A 1112 32.70 -16.46 -21.01
C LEU A 1112 31.31 -16.01 -20.61
N ALA A 1113 30.52 -16.94 -20.05
CA ALA A 1113 29.20 -16.61 -19.56
C ALA A 1113 29.24 -15.87 -18.24
N THR A 1114 30.24 -16.18 -17.39
CA THR A 1114 30.36 -15.51 -16.11
C THR A 1114 30.61 -14.02 -16.28
N VAL A 1115 31.46 -13.65 -17.24
CA VAL A 1115 31.71 -12.24 -17.51
C VAL A 1115 30.45 -11.53 -17.94
N ALA A 1116 29.67 -12.18 -18.82
CA ALA A 1116 28.42 -11.59 -19.28
C ALA A 1116 27.44 -11.38 -18.14
N LYS A 1117 27.30 -12.38 -17.26
CA LYS A 1117 26.39 -12.24 -16.13
C LYS A 1117 26.84 -11.14 -15.18
N ALA A 1118 28.16 -11.05 -14.93
CA ALA A 1118 28.67 -10.00 -14.05
C ALA A 1118 28.40 -8.61 -14.63
N LEU A 1119 28.64 -8.44 -15.93
CA LEU A 1119 28.38 -7.15 -16.57
C LEU A 1119 26.90 -6.80 -16.48
N ALA A 1120 26.02 -7.78 -16.73
CA ALA A 1120 24.59 -7.53 -16.65
C ALA A 1120 24.18 -7.09 -15.26
N LYS A 1121 24.72 -7.76 -14.23
CA LYS A 1121 24.37 -7.41 -12.86
C LYS A 1121 24.81 -5.98 -12.51
N VAL A 1122 26.05 -5.63 -12.86
CA VAL A 1122 26.53 -4.28 -12.53
C VAL A 1122 25.68 -3.23 -13.24
N GLN A 1123 25.39 -3.45 -14.53
CA GLN A 1123 24.61 -2.47 -15.29
C GLN A 1123 23.22 -2.30 -14.69
N ASP A 1124 22.57 -3.41 -14.32
CA ASP A 1124 21.24 -3.32 -13.73
C ASP A 1124 21.27 -2.55 -12.42
N VAL A 1125 22.28 -2.81 -11.58
CA VAL A 1125 22.39 -2.08 -10.32
C VAL A 1125 22.44 -0.58 -10.57
N VAL A 1126 23.32 -0.15 -11.49
CA VAL A 1126 23.51 1.28 -11.74
C VAL A 1126 22.22 1.90 -12.28
N ASN A 1127 21.59 1.22 -13.24
CA ASN A 1127 20.38 1.78 -13.86
C ASN A 1127 19.25 1.92 -12.85
N THR A 1128 19.04 0.90 -12.01
CA THR A 1128 17.98 0.99 -11.00
C THR A 1128 18.24 2.14 -10.03
N GLN A 1129 19.44 2.27 -9.49
CA GLN A 1129 19.73 3.41 -8.60
C GLN A 1129 19.34 4.70 -9.31
N GLY A 1130 19.85 4.92 -10.51
CA GLY A 1130 19.52 6.20 -11.13
C GLY A 1130 18.02 6.41 -11.28
N GLN A 1131 17.30 5.36 -11.69
CA GLN A 1131 15.88 5.50 -12.00
C GLN A 1131 15.08 5.90 -10.77
N ALA A 1132 15.45 5.39 -9.59
CA ALA A 1132 14.69 5.73 -8.38
C ALA A 1132 14.68 7.24 -8.14
N LEU A 1133 15.87 7.86 -8.17
CA LEU A 1133 15.96 9.30 -7.96
C LEU A 1133 15.28 10.08 -9.07
N SER A 1134 15.41 9.62 -10.32
CA SER A 1134 14.74 10.32 -11.42
C SER A 1134 13.23 10.34 -11.22
N HIS A 1135 12.66 9.20 -10.82
CA HIS A 1135 11.22 9.15 -10.59
C HIS A 1135 10.81 10.04 -9.42
N LEU A 1136 11.63 10.08 -8.36
CA LEU A 1136 11.31 10.98 -7.25
C LEU A 1136 11.29 12.43 -7.70
N THR A 1137 12.27 12.84 -8.52
CA THR A 1137 12.33 14.23 -8.95
C THR A 1137 11.18 14.58 -9.89
N VAL A 1138 10.78 13.65 -10.76
CA VAL A 1138 9.76 13.97 -11.75
C VAL A 1138 8.38 14.23 -11.16
N GLN A 1139 8.17 13.92 -9.88
CA GLN A 1139 6.87 14.09 -9.26
C GLN A 1139 6.60 15.52 -8.80
N LEU A 1140 7.57 16.42 -8.92
CA LEU A 1140 7.35 17.81 -8.55
C LEU A 1140 6.68 18.62 -9.66
N GLN A 1141 6.51 18.04 -10.83
CA GLN A 1141 5.78 18.66 -11.94
C GLN A 1141 4.31 18.30 -11.93
N ASN A 1142 3.86 17.52 -10.96
CA ASN A 1142 2.49 17.05 -10.87
C ASN A 1142 1.70 17.97 -9.97
N ASN A 1143 0.58 18.49 -10.48
CA ASN A 1143 -0.37 19.24 -9.67
C ASN A 1143 -1.51 18.30 -9.31
N PHE A 1144 -1.73 18.09 -8.01
CA PHE A 1144 -2.65 17.07 -7.54
C PHE A 1144 -4.04 17.70 -7.45
N GLN A 1145 -4.68 17.81 -8.62
CA GLN A 1145 -6.00 18.43 -8.76
C GLN A 1145 -5.98 19.89 -8.34
N ALA A 1146 -4.86 20.56 -8.59
CA ALA A 1146 -4.69 21.97 -8.30
C ALA A 1146 -4.48 22.73 -9.60
N ILE A 1147 -4.58 24.06 -9.52
CA ILE A 1147 -4.46 24.86 -10.73
C ILE A 1147 -3.03 24.84 -11.27
N SER A 1148 -2.04 24.66 -10.41
CA SER A 1148 -0.65 24.68 -10.82
C SER A 1148 0.17 23.84 -9.86
N SER A 1149 1.36 23.47 -10.30
CA SER A 1149 2.32 22.77 -9.46
C SER A 1149 3.38 23.70 -8.88
N SER A 1150 3.22 25.01 -9.05
CA SER A 1150 4.13 26.00 -8.52
C SER A 1150 3.43 26.74 -7.38
N ILE A 1151 4.04 26.71 -6.19
CA ILE A 1151 3.45 27.38 -5.04
C ILE A 1151 3.52 28.89 -5.22
N SER A 1152 4.61 29.38 -5.79
CA SER A 1152 4.77 30.81 -6.01
C SER A 1152 3.70 31.35 -6.94
N ASP A 1153 3.41 30.62 -8.03
CA ASP A 1153 2.36 31.04 -8.95
C ASP A 1153 0.99 31.02 -8.28
N ILE A 1154 0.73 30.01 -7.45
CA ILE A 1154 -0.55 29.92 -6.75
C ILE A 1154 -0.74 31.13 -5.85
N TYR A 1155 0.29 31.47 -5.05
CA TYR A 1155 0.16 32.63 -4.18
C TYR A 1155 0.21 33.94 -4.96
N ASN A 1156 0.69 33.92 -6.19
CA ASN A 1156 0.67 35.10 -7.03
C ASN A 1156 -0.67 35.33 -7.71
N ARG A 1157 -1.49 34.29 -7.88
CA ARG A 1157 -2.73 34.40 -8.62
C ARG A 1157 -3.99 34.36 -7.76
N LEU A 1158 -3.90 33.94 -6.50
CA LEU A 1158 -5.08 33.73 -5.68
C LEU A 1158 -4.92 34.40 -4.32
N ASP A 1159 -6.06 34.73 -3.72
CA ASP A 1159 -6.09 35.27 -2.37
C ASP A 1159 -5.77 34.18 -1.36
N PRO A 1160 -5.25 34.55 -0.19
CA PRO A 1160 -4.71 33.54 0.75
C PRO A 1160 -5.73 32.46 1.12
N PRO A 1161 -6.99 32.79 1.39
CA PRO A 1161 -7.93 31.71 1.75
C PRO A 1161 -8.10 30.63 0.69
N SER A 1162 -8.08 31.00 -0.59
CA SER A 1162 -8.16 30.01 -1.66
C SER A 1162 -6.80 29.40 -1.96
N ALA A 1163 -5.74 30.21 -1.85
CA ALA A 1163 -4.40 29.72 -2.14
C ALA A 1163 -3.99 28.62 -1.17
N ASP A 1164 -4.35 28.75 0.11
CA ASP A 1164 -4.01 27.71 1.08
C ASP A 1164 -4.70 26.39 0.74
N ALA A 1165 -5.98 26.44 0.38
CA ALA A 1165 -6.69 25.24 -0.01
C ALA A 1165 -6.10 24.63 -1.28
N GLN A 1166 -5.54 25.46 -2.16
CA GLN A 1166 -4.87 24.92 -3.34
C GLN A 1166 -3.54 24.26 -2.98
N VAL A 1167 -2.78 24.87 -2.07
CA VAL A 1167 -1.46 24.35 -1.71
C VAL A 1167 -1.55 23.09 -0.85
N ASP A 1168 -2.67 22.89 -0.15
CA ASP A 1168 -2.85 21.67 0.63
C ASP A 1168 -2.76 20.41 -0.24
N ARG A 1169 -3.32 20.47 -1.45
CA ARG A 1169 -3.26 19.32 -2.34
C ARG A 1169 -1.83 18.98 -2.73
N LEU A 1170 -1.03 20.01 -3.05
CA LEU A 1170 0.37 19.78 -3.37
C LEU A 1170 1.11 19.19 -2.18
N ILE A 1171 0.84 19.70 -0.98
CA ILE A 1171 1.50 19.18 0.21
C ILE A 1171 1.19 17.71 0.41
N THR A 1172 -0.08 17.33 0.29
CA THR A 1172 -0.48 15.95 0.49
C THR A 1172 0.16 15.03 -0.56
N GLY A 1173 0.13 15.44 -1.83
CA GLY A 1173 0.71 14.61 -2.87
C GLY A 1173 2.21 14.41 -2.71
N ARG A 1174 2.91 15.49 -2.34
CA ARG A 1174 4.36 15.38 -2.18
C ARG A 1174 4.74 14.54 -0.97
N LEU A 1175 3.96 14.62 0.11
CA LEU A 1175 4.19 13.73 1.24
C LEU A 1175 3.98 12.27 0.86
N THR A 1176 2.95 11.98 0.07
CA THR A 1176 2.73 10.62 -0.39
C THR A 1176 3.89 10.12 -1.24
N ALA A 1177 4.41 10.98 -2.14
CA ALA A 1177 5.55 10.60 -2.95
C ALA A 1177 6.78 10.29 -2.08
N LEU A 1178 7.02 11.11 -1.06
CA LEU A 1178 8.14 10.86 -0.16
C LEU A 1178 7.99 9.53 0.57
N ASN A 1179 6.77 9.21 1.00
CA ASN A 1179 6.53 7.94 1.67
C ASN A 1179 6.85 6.76 0.75
N ALA A 1180 6.43 6.84 -0.52
CA ALA A 1180 6.74 5.78 -1.46
C ALA A 1180 8.24 5.61 -1.65
N PHE A 1181 8.95 6.73 -1.79
CA PHE A 1181 10.41 6.66 -1.95
C PHE A 1181 11.08 6.01 -0.74
N VAL A 1182 10.63 6.36 0.47
CA VAL A 1182 11.23 5.80 1.67
C VAL A 1182 11.01 4.30 1.73
N SER A 1183 9.80 3.84 1.40
CA SER A 1183 9.53 2.40 1.44
C SER A 1183 10.43 1.64 0.48
N GLN A 1184 10.55 2.14 -0.76
CA GLN A 1184 11.39 1.42 -1.73
C GLN A 1184 12.85 1.43 -1.29
N THR A 1185 13.31 2.53 -0.68
CA THR A 1185 14.69 2.59 -0.21
C THR A 1185 14.96 1.57 0.88
N LEU A 1186 14.04 1.42 1.84
CA LEU A 1186 14.25 0.46 2.92
C LEU A 1186 14.27 -0.97 2.39
N THR A 1187 13.38 -1.29 1.44
CA THR A 1187 13.39 -2.63 0.85
C THR A 1187 14.73 -2.91 0.16
N ARG A 1188 15.22 -1.95 -0.63
CA ARG A 1188 16.49 -2.13 -1.32
C ARG A 1188 17.63 -2.33 -0.32
N GLN A 1189 17.59 -1.58 0.79
CA GLN A 1189 18.65 -1.70 1.80
C GLN A 1189 18.67 -3.08 2.43
N ALA A 1190 17.48 -3.65 2.72
CA ALA A 1190 17.46 -5.00 3.28
C ALA A 1190 18.05 -6.02 2.30
N GLU A 1191 17.68 -5.92 1.02
CA GLU A 1191 18.24 -6.84 0.04
C GLU A 1191 19.75 -6.72 -0.05
N VAL A 1192 20.27 -5.50 -0.05
CA VAL A 1192 21.71 -5.31 -0.11
C VAL A 1192 22.38 -5.78 1.17
N ARG A 1193 21.68 -5.74 2.31
CA ARG A 1193 22.25 -6.28 3.53
C ARG A 1193 22.51 -7.79 3.39
N ALA A 1194 21.54 -8.50 2.83
CA ALA A 1194 21.76 -9.93 2.57
C ALA A 1194 22.92 -10.16 1.61
N SER A 1195 22.99 -9.34 0.54
CA SER A 1195 24.07 -9.49 -0.42
C SER A 1195 25.44 -9.22 0.21
N ARG A 1196 25.51 -8.23 1.11
CA ARG A 1196 26.76 -7.92 1.80
C ARG A 1196 27.19 -9.05 2.72
N GLN A 1197 26.23 -9.71 3.37
CA GLN A 1197 26.58 -10.89 4.17
C GLN A 1197 27.20 -11.97 3.29
N LEU A 1198 26.62 -12.20 2.11
CA LEU A 1198 27.20 -13.19 1.19
C LEU A 1198 28.61 -12.79 0.76
N ALA A 1199 28.82 -11.51 0.46
CA ALA A 1199 30.14 -11.04 0.05
C ALA A 1199 31.18 -11.22 1.15
N LYS A 1200 30.80 -10.94 2.39
CA LYS A 1200 31.72 -11.15 3.51
C LYS A 1200 32.08 -12.62 3.66
N ASP A 1201 31.09 -13.51 3.50
CA ASP A 1201 31.39 -14.94 3.56
C ASP A 1201 32.35 -15.34 2.46
N LYS A 1202 32.15 -14.83 1.24
CA LYS A 1202 33.05 -15.13 0.14
C LYS A 1202 34.46 -14.65 0.43
N VAL A 1203 34.61 -13.44 0.96
CA VAL A 1203 35.94 -12.91 1.24
C VAL A 1203 36.63 -13.75 2.31
N ASN A 1204 35.92 -14.08 3.38
CA ASN A 1204 36.56 -14.79 4.48
C ASN A 1204 36.90 -16.23 4.12
N GLU A 1205 36.07 -16.89 3.31
CA GLU A 1205 36.24 -18.32 3.08
C GLU A 1205 36.85 -18.67 1.73
N CYS A 1206 37.02 -17.70 0.83
CA CYS A 1206 37.63 -17.98 -0.47
C CYS A 1206 38.91 -17.19 -0.71
N VAL A 1207 39.01 -15.97 -0.18
CA VAL A 1207 40.18 -15.12 -0.40
C VAL A 1207 41.16 -15.21 0.76
N ARG A 1208 40.67 -15.07 1.99
CA ARG A 1208 41.51 -15.06 3.18
C ARG A 1208 41.79 -16.46 3.72
N SER A 1209 41.23 -17.49 3.12
CA SER A 1209 41.49 -18.87 3.50
C SER A 1209 41.04 -19.77 2.37
N GLN A 1210 41.27 -21.07 2.53
CA GLN A 1210 40.84 -22.08 1.57
C GLN A 1210 39.72 -22.89 2.20
N SER A 1211 38.58 -22.96 1.50
CA SER A 1211 37.36 -23.50 2.08
C SER A 1211 37.27 -25.01 1.87
N GLN A 1212 36.70 -25.67 2.87
CA GLN A 1212 36.40 -27.10 2.80
C GLN A 1212 34.98 -27.37 2.35
N ARG A 1213 34.22 -26.33 1.99
CA ARG A 1213 32.87 -26.52 1.48
C ARG A 1213 32.91 -26.83 0.00
N PHE A 1214 32.12 -27.82 -0.41
CA PHE A 1214 32.09 -28.27 -1.79
C PHE A 1214 31.29 -27.29 -2.65
N GLY A 1215 31.92 -26.75 -3.68
CA GLY A 1215 31.25 -25.91 -4.64
C GLY A 1215 30.98 -24.48 -4.22
N PHE A 1216 31.60 -24.02 -3.14
CA PHE A 1216 31.30 -22.68 -2.63
C PHE A 1216 32.04 -21.60 -3.42
N CYS A 1217 33.33 -21.79 -3.67
CA CYS A 1217 34.13 -20.81 -4.40
C CYS A 1217 34.29 -21.19 -5.87
N GLY A 1218 33.18 -21.34 -6.58
CA GLY A 1218 33.21 -21.67 -7.99
C GLY A 1218 32.98 -23.16 -8.25
N ASN A 1219 32.89 -23.52 -9.53
CA ASN A 1219 32.61 -24.90 -10.00
C ASN A 1219 33.93 -25.57 -10.29
N GLY A 1220 34.34 -26.45 -9.43
CA GLY A 1220 35.60 -27.14 -9.53
C GLY A 1220 36.32 -27.15 -8.19
N THR A 1221 37.57 -27.62 -8.21
CA THR A 1221 38.38 -27.69 -7.00
C THR A 1221 39.05 -26.34 -6.79
N HIS A 1222 38.64 -25.63 -5.74
CA HIS A 1222 39.10 -24.27 -5.49
C HIS A 1222 40.60 -24.25 -5.20
N LEU A 1223 41.34 -23.45 -5.97
CA LEU A 1223 42.76 -23.24 -5.73
C LEU A 1223 43.01 -21.94 -4.98
N PHE A 1224 42.59 -20.80 -5.54
CA PHE A 1224 42.67 -19.55 -4.80
C PHE A 1224 41.69 -18.55 -5.41
N SER A 1225 41.64 -17.35 -4.81
CA SER A 1225 40.72 -16.33 -5.26
C SER A 1225 41.34 -14.96 -5.07
N LEU A 1226 40.97 -14.04 -5.97
CA LEU A 1226 41.37 -12.64 -5.89
C LEU A 1226 40.12 -11.78 -5.99
N ALA A 1227 40.24 -10.52 -5.56
CA ALA A 1227 39.12 -9.60 -5.57
C ALA A 1227 39.51 -8.26 -6.18
N ASN A 1228 38.54 -7.63 -6.82
CA ASN A 1228 38.69 -6.27 -7.34
C ASN A 1228 37.44 -5.47 -6.99
N ALA A 1229 37.60 -4.15 -6.96
CA ALA A 1229 36.48 -3.27 -6.68
C ALA A 1229 35.66 -3.03 -7.94
N ALA A 1230 34.35 -2.95 -7.78
CA ALA A 1230 33.40 -2.70 -8.85
C ALA A 1230 32.40 -1.68 -8.35
N PRO A 1231 31.68 -1.00 -9.26
CA PRO A 1231 30.66 -0.04 -8.81
C PRO A 1231 29.65 -0.65 -7.85
N ASN A 1232 29.67 -0.18 -6.61
CA ASN A 1232 28.81 -0.60 -5.51
C ASN A 1232 29.16 -1.97 -4.93
N GLY A 1233 30.31 -2.56 -5.30
CA GLY A 1233 30.62 -3.88 -4.79
C GLY A 1233 31.95 -4.45 -5.19
N MET A 1234 32.01 -5.77 -5.36
CA MET A 1234 33.26 -6.46 -5.67
C MET A 1234 33.05 -7.46 -6.80
N ILE A 1235 34.16 -7.77 -7.49
CA ILE A 1235 34.23 -8.88 -8.42
C ILE A 1235 35.29 -9.84 -7.93
N PHE A 1236 34.93 -11.12 -7.85
CA PHE A 1236 35.82 -12.18 -7.43
C PHE A 1236 36.29 -12.97 -8.64
N PHE A 1237 37.60 -13.22 -8.69
CA PHE A 1237 38.20 -14.15 -9.65
C PHE A 1237 38.54 -15.42 -8.90
N HIS A 1238 37.82 -16.49 -9.20
CA HIS A 1238 38.04 -17.79 -8.57
C HIS A 1238 38.87 -18.65 -9.50
N THR A 1239 40.05 -19.05 -9.05
CA THR A 1239 40.94 -19.94 -9.78
C THR A 1239 40.77 -21.35 -9.23
N VAL A 1240 40.29 -22.26 -10.09
CA VAL A 1240 39.97 -23.63 -9.73
C VAL A 1240 40.70 -24.58 -10.68
N LEU A 1241 40.82 -25.82 -10.24
CA LEU A 1241 41.46 -26.87 -11.02
C LEU A 1241 40.45 -27.58 -11.91
N LEU A 1242 40.85 -27.83 -13.15
CA LEU A 1242 40.00 -28.48 -14.14
C LEU A 1242 40.68 -29.73 -14.65
N PRO A 1243 40.14 -30.93 -14.39
CA PRO A 1243 40.80 -32.15 -14.85
C PRO A 1243 40.52 -32.44 -16.31
N THR A 1244 41.48 -33.12 -16.94
CA THR A 1244 41.34 -33.52 -18.34
C THR A 1244 41.49 -35.02 -18.54
N ALA A 1245 41.79 -35.79 -17.50
CA ALA A 1245 41.97 -37.22 -17.66
C ALA A 1245 41.75 -37.90 -16.31
N TYR A 1246 41.42 -39.19 -16.37
CA TYR A 1246 41.22 -40.01 -15.20
C TYR A 1246 42.16 -41.20 -15.20
N GLU A 1247 42.73 -41.49 -14.05
CA GLU A 1247 43.55 -42.68 -13.82
C GLU A 1247 42.67 -43.74 -13.19
N THR A 1248 42.68 -44.95 -13.78
CA THR A 1248 41.89 -46.06 -13.27
C THR A 1248 42.77 -46.98 -12.43
N VAL A 1249 42.33 -47.26 -11.21
CA VAL A 1249 43.03 -48.16 -10.32
C VAL A 1249 42.03 -49.12 -9.69
N THR A 1250 42.49 -50.31 -9.32
CA THR A 1250 41.67 -51.27 -8.60
C THR A 1250 41.81 -51.00 -7.11
N ALA A 1251 40.69 -50.65 -6.47
CA ALA A 1251 40.70 -50.25 -5.07
C ALA A 1251 40.28 -51.39 -4.16
N TRP A 1252 40.61 -51.25 -2.89
CA TRP A 1252 40.29 -52.22 -1.87
C TRP A 1252 39.72 -51.51 -0.65
N SER A 1253 38.81 -52.20 0.05
CA SER A 1253 38.22 -51.66 1.27
C SER A 1253 39.00 -52.04 2.52
N GLY A 1254 40.01 -52.89 2.41
CA GLY A 1254 40.75 -53.33 3.57
C GLY A 1254 41.60 -54.52 3.21
N ILE A 1255 42.32 -55.02 4.22
CA ILE A 1255 43.22 -56.15 4.05
C ILE A 1255 42.86 -57.20 5.08
N CYS A 1256 42.55 -58.42 4.63
CA CYS A 1256 42.31 -59.54 5.53
C CYS A 1256 43.62 -60.29 5.71
N ALA A 1257 44.24 -60.13 6.88
CA ALA A 1257 45.56 -60.66 7.14
C ALA A 1257 45.45 -61.95 7.94
N SER A 1258 46.21 -62.96 7.52
CA SER A 1258 46.24 -64.25 8.19
C SER A 1258 47.67 -64.53 8.63
N ASP A 1259 47.88 -64.66 9.93
CA ASP A 1259 49.18 -65.02 10.49
C ASP A 1259 49.24 -66.53 10.75
N GLY A 1260 49.04 -67.30 9.69
CA GLY A 1260 48.98 -68.74 9.80
C GLY A 1260 47.64 -69.23 10.31
N ASP A 1261 47.35 -68.97 11.58
CA ASP A 1261 46.09 -69.34 12.19
C ASP A 1261 45.27 -68.16 12.67
N HIS A 1262 45.91 -67.07 13.11
CA HIS A 1262 45.19 -65.89 13.57
C HIS A 1262 44.86 -64.99 12.38
N THR A 1263 43.58 -64.61 12.27
CA THR A 1263 43.09 -63.79 11.19
C THR A 1263 42.52 -62.49 11.74
N PHE A 1264 42.93 -61.37 11.16
CA PHE A 1264 42.42 -60.06 11.55
C PHE A 1264 42.23 -59.22 10.29
N GLY A 1265 41.75 -57.99 10.47
CA GLY A 1265 41.54 -57.10 9.36
C GLY A 1265 42.23 -55.77 9.58
N LEU A 1266 42.54 -55.11 8.47
CA LEU A 1266 43.17 -53.79 8.48
C LEU A 1266 42.34 -52.86 7.62
N VAL A 1267 41.91 -51.74 8.20
CA VAL A 1267 41.22 -50.69 7.45
C VAL A 1267 42.08 -49.44 7.51
N VAL A 1268 41.66 -48.41 6.79
CA VAL A 1268 42.41 -47.17 6.68
C VAL A 1268 41.86 -46.16 7.68
N LYS A 1269 42.76 -45.51 8.43
CA LYS A 1269 42.34 -44.47 9.37
C LYS A 1269 41.60 -43.35 8.66
N ASP A 1270 42.18 -42.85 7.57
CA ASP A 1270 41.62 -41.72 6.84
C ASP A 1270 40.68 -42.23 5.77
N VAL A 1271 39.39 -41.91 5.90
CA VAL A 1271 38.40 -42.35 4.92
C VAL A 1271 38.47 -41.57 3.63
N GLN A 1272 39.34 -40.58 3.54
CA GLN A 1272 39.52 -39.78 2.33
C GLN A 1272 40.58 -40.35 1.41
N LEU A 1273 41.20 -41.47 1.77
CA LEU A 1273 42.24 -42.09 0.98
C LEU A 1273 41.75 -43.39 0.37
N THR A 1274 42.28 -43.71 -0.80
CA THR A 1274 41.97 -44.93 -1.53
C THR A 1274 43.21 -45.82 -1.54
N LEU A 1275 43.01 -47.10 -1.28
CA LEU A 1275 44.08 -48.09 -1.22
C LEU A 1275 44.10 -48.91 -2.50
N PHE A 1276 45.26 -49.02 -3.13
CA PHE A 1276 45.41 -49.83 -4.34
C PHE A 1276 46.78 -50.50 -4.32
N ARG A 1277 47.06 -51.24 -5.38
CA ARG A 1277 48.29 -52.03 -5.48
C ARG A 1277 48.98 -51.72 -6.80
N ASN A 1278 50.31 -51.61 -6.75
CA ASN A 1278 51.09 -51.32 -7.95
C ASN A 1278 51.45 -52.63 -8.66
N LEU A 1279 52.34 -52.54 -9.66
CA LEU A 1279 52.75 -53.73 -10.40
C LEU A 1279 53.50 -54.71 -9.51
N ASP A 1280 54.38 -54.20 -8.64
CA ASP A 1280 55.14 -55.04 -7.72
C ASP A 1280 54.30 -55.49 -6.52
N ASP A 1281 52.99 -55.31 -6.56
CA ASP A 1281 52.07 -55.72 -5.51
C ASP A 1281 52.38 -55.05 -4.18
N LYS A 1282 52.88 -53.83 -4.22
CA LYS A 1282 53.01 -53.00 -3.02
C LYS A 1282 51.76 -52.15 -2.87
N PHE A 1283 51.35 -51.92 -1.63
CA PHE A 1283 50.15 -51.15 -1.36
C PHE A 1283 50.45 -49.67 -1.35
N TYR A 1284 49.60 -48.89 -2.02
CA TYR A 1284 49.72 -47.44 -2.12
C TYR A 1284 48.41 -46.79 -1.70
N LEU A 1285 48.52 -45.57 -1.22
CA LEU A 1285 47.37 -44.74 -0.87
C LEU A 1285 47.35 -43.50 -1.75
N THR A 1286 46.16 -43.06 -2.11
CA THR A 1286 46.03 -41.83 -2.89
C THR A 1286 44.81 -41.05 -2.44
N PRO A 1287 44.86 -39.72 -2.50
CA PRO A 1287 43.63 -38.93 -2.34
C PRO A 1287 42.74 -39.08 -3.56
N ARG A 1288 41.47 -38.71 -3.40
CA ARG A 1288 40.53 -38.75 -4.49
C ARG A 1288 40.35 -37.40 -5.17
N THR A 1289 40.86 -36.32 -4.60
CA THR A 1289 40.82 -35.03 -5.27
C THR A 1289 41.84 -34.95 -6.40
N MET A 1290 43.05 -35.43 -6.15
CA MET A 1290 44.09 -35.53 -7.16
C MET A 1290 44.78 -36.87 -7.01
N TYR A 1291 45.38 -37.34 -8.09
CA TYR A 1291 46.10 -38.60 -8.08
C TYR A 1291 47.54 -38.34 -7.65
N GLN A 1292 47.82 -38.55 -6.36
CA GLN A 1292 49.15 -38.35 -5.79
C GLN A 1292 49.48 -39.57 -4.94
N PRO A 1293 49.88 -40.67 -5.57
CA PRO A 1293 50.08 -41.92 -4.81
C PRO A 1293 51.27 -41.84 -3.87
N ARG A 1294 51.14 -42.54 -2.74
CA ARG A 1294 52.17 -42.60 -1.73
C ARG A 1294 52.23 -44.02 -1.16
N VAL A 1295 53.38 -44.37 -0.61
CA VAL A 1295 53.58 -45.72 -0.07
C VAL A 1295 52.85 -45.83 1.26
N ALA A 1296 52.05 -46.88 1.40
CA ALA A 1296 51.28 -47.10 2.61
C ALA A 1296 52.14 -47.73 3.69
N THR A 1297 52.08 -47.18 4.89
CA THR A 1297 52.81 -47.69 6.05
C THR A 1297 51.85 -48.24 7.09
N ILE A 1298 52.41 -48.86 8.12
CA ILE A 1298 51.59 -49.54 9.11
C ILE A 1298 50.83 -48.58 9.99
N SER A 1299 51.27 -47.32 10.09
CA SER A 1299 50.57 -46.32 10.89
C SER A 1299 49.35 -45.77 10.18
N ASP A 1300 49.11 -46.15 8.94
CA ASP A 1300 47.95 -45.70 8.18
C ASP A 1300 46.75 -46.63 8.34
N PHE A 1301 46.84 -47.65 9.18
CA PHE A 1301 45.82 -48.67 9.27
C PHE A 1301 45.35 -48.84 10.71
N VAL A 1302 44.12 -49.32 10.84
CA VAL A 1302 43.52 -49.71 12.10
C VAL A 1302 43.24 -51.20 12.04
N GLN A 1303 43.65 -51.93 13.07
CA GLN A 1303 43.44 -53.37 13.15
C GLN A 1303 42.10 -53.66 13.81
N ILE A 1304 41.33 -54.54 13.20
CA ILE A 1304 40.00 -54.91 13.67
C ILE A 1304 39.90 -56.43 13.71
N GLU A 1305 38.91 -56.91 14.46
CA GLU A 1305 38.76 -58.35 14.67
C GLU A 1305 38.28 -59.06 13.42
N GLY A 1306 37.12 -58.67 12.90
CA GLY A 1306 36.56 -59.35 11.75
C GLY A 1306 37.14 -58.90 10.42
N CYS A 1307 36.75 -59.60 9.38
CA CYS A 1307 37.13 -59.30 8.00
C CYS A 1307 35.88 -59.02 7.18
N ASP A 1308 36.06 -58.90 5.87
CA ASP A 1308 34.97 -58.67 4.94
C ASP A 1308 35.21 -59.50 3.70
N VAL A 1309 34.12 -59.78 2.98
CA VAL A 1309 34.23 -60.51 1.72
C VAL A 1309 34.85 -59.66 0.63
N LEU A 1310 34.82 -58.33 0.76
CA LEU A 1310 35.39 -57.43 -0.23
C LEU A 1310 36.82 -57.00 0.12
N PHE A 1311 37.38 -57.50 1.22
CA PHE A 1311 38.76 -57.23 1.55
C PHE A 1311 39.69 -58.05 0.67
N VAL A 1312 40.92 -57.60 0.54
CA VAL A 1312 41.94 -58.34 -0.20
C VAL A 1312 42.67 -59.27 0.76
N ASN A 1313 42.95 -60.48 0.29
CA ASN A 1313 43.64 -61.48 1.10
C ASN A 1313 45.15 -61.32 0.95
N ALA A 1314 45.85 -61.25 2.08
CA ALA A 1314 47.30 -61.15 2.07
C ALA A 1314 47.84 -61.81 3.32
N THR A 1315 49.10 -62.22 3.25
CA THR A 1315 49.81 -62.78 4.39
C THR A 1315 50.65 -61.69 5.06
N VAL A 1316 51.26 -62.07 6.19
CA VAL A 1316 52.10 -61.12 6.92
C VAL A 1316 53.32 -60.72 6.12
N ILE A 1317 53.72 -61.52 5.12
CA ILE A 1317 54.89 -61.19 4.32
C ILE A 1317 54.61 -59.99 3.42
N GLU A 1318 53.42 -59.93 2.83
CA GLU A 1318 53.08 -58.88 1.87
C GLU A 1318 52.47 -57.65 2.54
N LEU A 1319 52.38 -57.63 3.86
CA LEU A 1319 51.76 -56.52 4.57
C LEU A 1319 52.61 -55.26 4.45
N PRO A 1320 52.00 -54.08 4.62
CA PRO A 1320 52.79 -52.84 4.62
C PRO A 1320 53.82 -52.81 5.73
N GLY A 1321 54.97 -52.22 5.44
CA GLY A 1321 56.06 -52.16 6.40
C GLY A 1321 55.90 -51.06 7.44
N CYS B 39 -56.80 -48.68 10.07
CA CYS B 39 -56.75 -49.57 11.23
C CYS B 39 -56.11 -50.91 10.85
N ARG B 40 -56.54 -51.51 9.74
CA ARG B 40 -55.96 -52.76 9.25
C ARG B 40 -55.68 -52.64 7.76
N GLN B 41 -54.49 -53.08 7.36
CA GLN B 41 -54.06 -52.96 5.97
C GLN B 41 -54.60 -54.11 5.13
N VAL B 42 -54.80 -53.83 3.85
CA VAL B 42 -55.35 -54.80 2.90
C VAL B 42 -54.76 -54.50 1.52
N ASN B 43 -54.32 -55.54 0.83
CA ASN B 43 -53.97 -55.43 -0.58
C ASN B 43 -55.25 -55.20 -1.38
N VAL B 44 -55.42 -53.97 -1.89
CA VAL B 44 -56.65 -53.63 -2.59
C VAL B 44 -56.78 -54.35 -3.93
N THR B 45 -55.67 -54.80 -4.51
CA THR B 45 -55.73 -55.50 -5.78
C THR B 45 -56.02 -56.99 -5.63
N GLN B 46 -56.06 -57.50 -4.41
CA GLN B 46 -56.32 -58.91 -4.16
C GLN B 46 -57.78 -59.21 -3.86
N LEU B 47 -58.66 -58.21 -3.91
CA LEU B 47 -60.07 -58.44 -3.67
C LEU B 47 -60.76 -58.92 -4.95
N ASP B 48 -62.06 -59.17 -4.85
CA ASP B 48 -62.85 -59.65 -5.97
C ASP B 48 -63.41 -58.47 -6.75
N GLY B 49 -63.10 -58.40 -8.03
CA GLY B 49 -63.52 -57.29 -8.87
C GLY B 49 -62.66 -56.05 -8.75
N ASN B 50 -61.63 -56.07 -7.92
CA ASN B 50 -60.71 -54.95 -7.76
C ASN B 50 -59.34 -55.25 -8.35
N GLU B 51 -59.25 -56.23 -9.26
CA GLU B 51 -57.97 -56.57 -9.85
C GLU B 51 -57.45 -55.43 -10.73
N ASN B 52 -58.32 -54.80 -11.50
CA ASN B 52 -57.93 -53.76 -12.45
C ASN B 52 -58.62 -52.44 -12.17
N LEU B 53 -58.85 -52.12 -10.89
CA LEU B 53 -59.44 -50.84 -10.53
C LEU B 53 -58.41 -49.72 -10.48
N ILE B 54 -57.12 -50.05 -10.47
CA ILE B 54 -56.06 -49.06 -10.43
C ILE B 54 -55.47 -48.81 -11.82
N ARG B 55 -55.24 -49.87 -12.58
CA ARG B 55 -54.72 -49.69 -13.93
C ARG B 55 -55.72 -48.94 -14.81
N ASP B 56 -57.02 -49.16 -14.57
CA ASP B 56 -58.05 -48.39 -15.25
C ASP B 56 -58.06 -46.93 -14.80
N PHE B 57 -57.35 -46.59 -13.73
CA PHE B 57 -57.28 -45.20 -13.28
C PHE B 57 -56.02 -44.49 -13.76
N LEU B 58 -54.87 -45.16 -13.80
CA LEU B 58 -53.69 -44.51 -14.33
C LEU B 58 -53.75 -44.30 -15.84
N PHE B 59 -54.60 -45.04 -16.55
CA PHE B 59 -54.72 -44.89 -18.00
C PHE B 59 -55.95 -44.10 -18.40
N GLN B 60 -56.53 -43.32 -17.47
CA GLN B 60 -57.70 -42.51 -17.80
C GLN B 60 -57.37 -41.48 -18.87
N ASN B 61 -56.23 -40.78 -18.70
CA ASN B 61 -55.87 -39.70 -19.61
C ASN B 61 -54.81 -40.10 -20.64
N PHE B 62 -54.09 -41.18 -20.41
CA PHE B 62 -53.07 -41.64 -21.36
C PHE B 62 -53.74 -42.57 -22.36
N LYS B 63 -54.04 -42.05 -23.55
CA LYS B 63 -54.74 -42.79 -24.58
C LYS B 63 -53.88 -43.04 -25.81
N GLU B 64 -52.57 -42.92 -25.69
CA GLU B 64 -51.64 -43.11 -26.79
C GLU B 64 -50.84 -44.39 -26.59
N GLU B 65 -49.89 -44.61 -27.49
CA GLU B 65 -49.02 -45.78 -27.45
C GLU B 65 -47.60 -45.35 -27.10
N GLY B 66 -46.96 -46.07 -26.20
CA GLY B 66 -45.61 -45.77 -25.77
C GLY B 66 -45.50 -45.80 -24.26
N THR B 67 -44.41 -45.24 -23.76
CA THR B 67 -44.11 -45.23 -22.33
C THR B 67 -44.02 -43.79 -21.83
N VAL B 68 -44.47 -43.57 -20.59
CA VAL B 68 -44.40 -42.26 -19.98
C VAL B 68 -44.48 -42.43 -18.47
N VAL B 69 -43.72 -41.61 -17.75
CA VAL B 69 -43.75 -41.59 -16.29
C VAL B 69 -44.59 -40.40 -15.86
N VAL B 70 -45.63 -40.66 -15.08
CA VAL B 70 -46.54 -39.63 -14.60
C VAL B 70 -46.36 -39.47 -13.09
N GLY B 71 -46.73 -38.30 -12.60
CA GLY B 71 -46.61 -38.01 -11.18
C GLY B 71 -47.83 -37.30 -10.66
N GLY B 72 -48.18 -37.60 -9.42
CA GLY B 72 -49.33 -36.98 -8.80
C GLY B 72 -49.76 -37.76 -7.58
N TYR B 73 -50.93 -37.38 -7.06
CA TYR B 73 -51.50 -38.02 -5.88
C TYR B 73 -52.33 -39.24 -6.32
N TYR B 74 -51.61 -40.27 -6.74
CA TYR B 74 -52.10 -41.54 -7.24
C TYR B 74 -52.19 -42.56 -6.11
N PRO B 75 -53.25 -43.38 -6.08
CA PRO B 75 -53.40 -44.34 -5.01
C PRO B 75 -52.37 -45.47 -5.09
N THR B 76 -52.06 -46.04 -3.93
CA THR B 76 -51.08 -47.10 -3.79
C THR B 76 -51.78 -48.45 -3.66
N GLU B 77 -50.98 -49.51 -3.56
CA GLU B 77 -51.53 -50.86 -3.51
C GLU B 77 -52.11 -51.21 -2.15
N VAL B 78 -51.52 -50.70 -1.07
CA VAL B 78 -51.93 -51.05 0.28
C VAL B 78 -52.95 -50.02 0.74
N TRP B 79 -54.20 -50.43 0.86
CA TRP B 79 -55.29 -49.59 1.32
C TRP B 79 -55.60 -49.91 2.77
N TYR B 80 -56.69 -49.32 3.29
CA TYR B 80 -57.08 -49.44 4.70
C TYR B 80 -58.52 -49.95 4.80
N ASN B 81 -58.70 -51.26 4.95
CA ASN B 81 -59.99 -51.79 5.33
C ASN B 81 -60.07 -51.83 6.85
N CYS B 82 -60.93 -51.00 7.43
CA CYS B 82 -61.15 -51.00 8.87
C CYS B 82 -62.45 -50.30 9.23
N THR B 89 -71.37 -45.70 15.85
CA THR B 89 -70.86 -44.35 16.03
C THR B 89 -69.34 -44.35 16.15
N ALA B 90 -68.68 -44.91 15.15
CA ALA B 90 -67.23 -44.97 15.09
C ALA B 90 -66.69 -43.94 14.10
N TYR B 91 -65.43 -43.57 14.28
CA TYR B 91 -64.82 -42.52 13.48
C TYR B 91 -63.41 -42.92 13.09
N ALA B 92 -62.96 -42.39 11.95
CA ALA B 92 -61.57 -42.49 11.51
C ALA B 92 -61.12 -41.11 11.06
N TYR B 93 -59.83 -40.84 11.19
CA TYR B 93 -59.28 -39.53 10.88
C TYR B 93 -58.04 -39.66 10.00
N PHE B 94 -58.04 -38.92 8.90
CA PHE B 94 -56.88 -38.79 8.02
C PHE B 94 -56.37 -37.35 8.10
N ASN B 95 -55.05 -37.18 8.07
CA ASN B 95 -54.45 -35.88 8.22
C ASN B 95 -53.37 -35.66 7.18
N ASN B 96 -53.22 -34.39 6.76
CA ASN B 96 -52.18 -33.96 5.82
C ASN B 96 -52.30 -34.65 4.46
N ILE B 97 -53.52 -35.03 4.06
CA ILE B 97 -53.73 -35.71 2.79
C ILE B 97 -54.19 -34.70 1.76
N HIS B 98 -53.83 -34.96 0.50
CA HIS B 98 -54.26 -34.12 -0.62
C HIS B 98 -55.36 -34.75 -1.45
N ALA B 99 -55.47 -36.07 -1.47
CA ALA B 99 -56.54 -36.74 -2.19
C ALA B 99 -57.14 -37.83 -1.32
N PHE B 100 -58.39 -38.19 -1.61
CA PHE B 100 -59.09 -39.24 -0.87
C PHE B 100 -59.76 -40.17 -1.84
N TYR B 101 -59.35 -41.44 -1.84
CA TYR B 101 -59.93 -42.45 -2.71
C TYR B 101 -60.66 -43.51 -1.88
N PHE B 102 -61.63 -44.16 -2.49
CA PHE B 102 -62.33 -45.26 -1.85
C PHE B 102 -62.96 -46.15 -2.92
N ASP B 103 -63.32 -47.36 -2.49
CA ASP B 103 -63.86 -48.39 -3.36
C ASP B 103 -64.85 -49.25 -2.59
N GLY B 116 -76.94 -52.03 -0.59
CA GLY B 116 -76.34 -50.72 -0.57
C GLY B 116 -75.65 -50.39 0.74
N LYS B 117 -74.36 -50.66 0.82
CA LYS B 117 -73.59 -50.37 2.02
C LYS B 117 -73.40 -48.87 2.17
N PRO B 118 -73.70 -48.29 3.32
CA PRO B 118 -73.55 -46.84 3.50
C PRO B 118 -72.17 -46.45 4.01
N LEU B 119 -71.75 -45.25 3.60
CA LEU B 119 -70.51 -44.66 4.08
C LEU B 119 -70.72 -43.16 4.20
N LEU B 120 -69.91 -42.53 5.03
CA LEU B 120 -70.00 -41.09 5.23
C LEU B 120 -68.61 -40.53 5.51
N PHE B 121 -68.25 -39.45 4.82
CA PHE B 121 -67.01 -38.77 5.16
C PHE B 121 -67.15 -37.28 4.88
N HIS B 122 -66.49 -36.49 5.72
CA HIS B 122 -66.60 -35.04 5.73
C HIS B 122 -65.20 -34.46 5.51
N VAL B 123 -65.07 -33.66 4.46
CA VAL B 123 -63.83 -32.94 4.14
C VAL B 123 -63.94 -31.53 4.70
N HIS B 124 -62.97 -31.16 5.53
CA HIS B 124 -63.01 -29.91 6.28
C HIS B 124 -62.43 -28.77 5.46
N GLY B 125 -63.01 -27.59 5.59
CA GLY B 125 -62.51 -26.40 4.94
C GLY B 125 -63.23 -25.17 5.45
N GLU B 126 -62.64 -24.02 5.14
CA GLU B 126 -63.23 -22.74 5.49
C GLU B 126 -63.35 -21.88 4.24
N PRO B 127 -64.48 -21.20 4.04
CA PRO B 127 -65.68 -21.18 4.87
C PRO B 127 -66.69 -22.25 4.49
N VAL B 128 -66.37 -23.13 3.55
CA VAL B 128 -67.28 -24.16 3.08
C VAL B 128 -66.62 -25.53 3.23
N SER B 129 -67.39 -26.49 3.73
CA SER B 129 -66.95 -27.86 3.90
C SER B 129 -67.84 -28.80 3.10
N VAL B 130 -67.37 -30.03 2.90
CA VAL B 130 -68.04 -30.98 2.03
C VAL B 130 -68.41 -32.22 2.83
N ILE B 131 -69.63 -32.73 2.63
CA ILE B 131 -70.06 -34.00 3.21
C ILE B 131 -70.46 -34.93 2.07
N ILE B 132 -69.91 -36.13 2.06
CA ILE B 132 -70.27 -37.15 1.08
C ILE B 132 -70.89 -38.31 1.84
N TYR B 133 -72.15 -38.63 1.51
CA TYR B 133 -72.91 -39.66 2.21
C TYR B 133 -73.51 -40.61 1.18
N ILE B 134 -73.00 -41.83 1.12
CA ILE B 134 -73.51 -42.85 0.21
C ILE B 134 -74.42 -43.78 0.99
N SER B 135 -75.69 -43.83 0.59
CA SER B 135 -76.67 -44.67 1.28
C SER B 135 -77.29 -45.68 0.33
N ARG B 144 -85.97 -39.37 -1.29
CA ARG B 144 -84.81 -39.84 -2.04
C ARG B 144 -85.19 -40.30 -3.43
N PRO B 145 -84.63 -39.64 -4.45
CA PRO B 145 -84.94 -40.02 -5.83
C PRO B 145 -84.45 -41.44 -6.13
N LEU B 146 -85.14 -42.09 -7.06
CA LEU B 146 -84.84 -43.49 -7.36
C LEU B 146 -83.44 -43.63 -7.95
N LEU B 147 -82.73 -44.66 -7.49
CA LEU B 147 -81.39 -44.98 -7.98
C LEU B 147 -80.42 -43.82 -7.78
N LYS B 148 -80.56 -43.11 -6.67
CA LYS B 148 -79.66 -42.03 -6.27
C LYS B 148 -79.12 -42.38 -4.90
N HIS B 149 -78.05 -43.19 -4.86
CA HIS B 149 -77.50 -43.63 -3.59
C HIS B 149 -76.72 -42.53 -2.89
N GLY B 150 -75.93 -41.76 -3.64
CA GLY B 150 -75.02 -40.81 -3.04
C GLY B 150 -75.61 -39.42 -2.89
N LEU B 151 -75.12 -38.70 -1.89
CA LEU B 151 -75.52 -37.32 -1.64
C LEU B 151 -74.28 -36.49 -1.31
N VAL B 152 -74.25 -35.27 -1.83
CA VAL B 152 -73.21 -34.30 -1.53
C VAL B 152 -73.87 -33.12 -0.84
N CYS B 153 -73.33 -32.74 0.32
CA CYS B 153 -73.83 -31.61 1.08
C CYS B 153 -72.71 -30.59 1.20
N ILE B 154 -72.90 -29.42 0.56
CA ILE B 154 -71.89 -28.33 0.67
C ILE B 154 -72.25 -27.49 1.89
N THR B 155 -71.82 -27.91 3.08
CA THR B 155 -72.19 -27.21 4.32
C THR B 155 -71.38 -25.95 4.46
N LYS B 156 -72.03 -24.81 4.69
CA LYS B 156 -71.29 -23.55 4.95
C LYS B 156 -71.12 -23.42 6.47
N THR B 157 -71.63 -24.39 7.22
CA THR B 157 -71.57 -24.34 8.70
C THR B 157 -70.31 -25.02 9.18
N ARG B 158 -70.07 -25.03 10.49
CA ARG B 158 -68.83 -25.63 11.05
C ARG B 158 -69.13 -27.05 11.55
N ASN B 159 -68.91 -27.31 12.84
CA ASN B 159 -69.13 -28.68 13.40
C ASN B 159 -70.58 -29.12 13.15
N VAL B 160 -70.76 -30.36 12.66
CA VAL B 160 -72.12 -30.89 12.37
C VAL B 160 -72.27 -32.26 13.03
N ASP B 161 -73.47 -32.57 13.54
CA ASP B 161 -73.69 -33.86 14.27
C ASP B 161 -73.75 -35.00 13.25
N TYR B 162 -72.78 -35.92 13.29
CA TYR B 162 -72.72 -37.02 12.29
C TYR B 162 -73.75 -38.09 12.63
N ASN B 163 -74.35 -38.02 13.82
CA ASN B 163 -75.39 -38.97 14.17
C ASN B 163 -76.77 -38.49 13.72
N SER B 164 -77.16 -37.27 14.10
CA SER B 164 -78.44 -36.72 13.69
C SER B 164 -78.51 -36.57 12.17
N PHE B 165 -77.35 -36.44 11.52
CA PHE B 165 -77.33 -36.37 10.06
C PHE B 165 -77.83 -37.67 9.44
N THR B 166 -77.40 -38.81 9.98
CA THR B 166 -77.76 -40.11 9.42
C THR B 166 -79.05 -40.67 10.03
N SER B 167 -79.29 -40.43 11.32
CA SER B 167 -80.46 -41.01 11.97
C SER B 167 -81.76 -40.36 11.48
N SER B 168 -81.73 -39.06 11.17
CA SER B 168 -82.93 -38.38 10.73
C SER B 168 -83.33 -38.82 9.33
N GLN B 169 -84.49 -38.34 8.89
CA GLN B 169 -85.00 -38.70 7.58
C GLN B 169 -84.19 -38.02 6.49
N TRP B 170 -84.13 -38.69 5.32
CA TRP B 170 -83.43 -38.11 4.19
C TRP B 170 -84.11 -36.85 3.67
N ASN B 171 -85.42 -36.71 3.93
CA ASN B 171 -86.15 -35.55 3.43
C ASN B 171 -85.61 -34.25 4.04
N SER B 172 -85.16 -34.31 5.28
CA SER B 172 -84.62 -33.13 5.98
C SER B 172 -83.29 -33.51 6.61
N ILE B 173 -82.21 -33.40 5.83
CA ILE B 173 -80.86 -33.63 6.35
C ILE B 173 -79.97 -32.45 5.98
N CYS B 174 -79.71 -32.27 4.69
CA CYS B 174 -78.89 -31.16 4.21
C CYS B 174 -79.81 -30.01 3.81
N THR B 175 -80.43 -29.41 4.82
CA THR B 175 -81.42 -28.36 4.65
C THR B 175 -80.89 -27.05 5.23
N GLY B 176 -81.64 -25.97 5.01
CA GLY B 176 -81.24 -24.66 5.50
C GLY B 176 -80.64 -23.81 4.40
N ASN B 177 -79.35 -23.48 4.53
CA ASN B 177 -78.61 -22.77 3.50
C ASN B 177 -77.54 -23.65 2.86
N ASP B 178 -77.50 -24.94 3.22
CA ASP B 178 -76.49 -25.86 2.73
C ASP B 178 -76.97 -26.49 1.43
N ARG B 179 -76.09 -26.55 0.44
CA ARG B 179 -76.45 -27.07 -0.87
C ARG B 179 -76.54 -28.59 -0.83
N LYS B 180 -77.59 -29.14 -1.42
CA LYS B 180 -77.80 -30.59 -1.49
C LYS B 180 -77.78 -31.03 -2.94
N VAL B 181 -77.01 -32.07 -3.24
CA VAL B 181 -76.94 -32.62 -4.60
C VAL B 181 -77.00 -34.14 -4.53
N PRO B 182 -78.11 -34.75 -4.96
CA PRO B 182 -78.16 -36.22 -5.00
C PRO B 182 -77.57 -36.77 -6.29
N PHE B 183 -76.56 -37.62 -6.18
CA PHE B 183 -75.90 -38.21 -7.33
C PHE B 183 -76.01 -39.73 -7.27
N SER B 184 -75.98 -40.34 -8.46
CA SER B 184 -76.24 -41.77 -8.63
C SER B 184 -74.92 -42.52 -8.71
N VAL B 185 -74.56 -43.21 -7.63
CA VAL B 185 -73.49 -44.20 -7.72
C VAL B 185 -73.91 -45.27 -8.70
N ILE B 186 -73.11 -45.46 -9.75
CA ILE B 186 -73.49 -46.35 -10.84
C ILE B 186 -73.48 -47.79 -10.35
N PRO B 187 -74.65 -48.42 -10.16
CA PRO B 187 -74.71 -49.80 -9.65
C PRO B 187 -74.65 -50.84 -10.75
N THR B 188 -73.80 -50.61 -11.75
CA THR B 188 -73.66 -51.52 -12.86
C THR B 188 -72.22 -51.84 -13.19
N ASP B 189 -71.25 -51.17 -12.56
CA ASP B 189 -69.85 -51.49 -12.71
C ASP B 189 -69.37 -52.52 -11.71
N ASN B 190 -70.25 -52.98 -10.83
CA ASN B 190 -69.93 -54.04 -9.87
C ASN B 190 -68.78 -53.64 -8.95
N GLY B 191 -68.68 -52.35 -8.66
CA GLY B 191 -67.64 -51.82 -7.79
C GLY B 191 -66.24 -52.14 -8.28
N THR B 192 -66.00 -51.94 -9.58
CA THR B 192 -64.72 -52.24 -10.20
C THR B 192 -63.97 -50.97 -10.63
N LYS B 193 -64.39 -49.80 -10.14
CA LYS B 193 -63.74 -48.55 -10.50
C LYS B 193 -63.56 -47.70 -9.25
N ILE B 194 -62.50 -46.90 -9.25
CA ILE B 194 -62.14 -46.10 -8.09
C ILE B 194 -63.07 -44.90 -7.99
N TYR B 195 -63.56 -44.61 -6.79
CA TYR B 195 -64.24 -43.36 -6.52
C TYR B 195 -63.28 -42.47 -5.75
N GLY B 196 -63.30 -41.18 -6.06
CA GLY B 196 -62.25 -40.34 -5.47
C GLY B 196 -62.55 -38.86 -5.50
N LEU B 197 -61.79 -38.14 -4.68
CA LEU B 197 -61.87 -36.69 -4.58
C LEU B 197 -60.46 -36.12 -4.49
N GLU B 198 -60.24 -34.99 -5.14
CA GLU B 198 -58.97 -34.27 -5.09
C GLU B 198 -59.28 -32.79 -4.99
N TRP B 199 -58.43 -32.05 -4.28
CA TRP B 199 -58.75 -30.66 -4.02
C TRP B 199 -57.48 -29.83 -3.89
N ASN B 200 -57.53 -28.61 -4.40
CA ASN B 200 -56.60 -27.55 -4.06
C ASN B 200 -57.41 -26.29 -3.82
N ASP B 201 -56.72 -25.19 -3.48
CA ASP B 201 -57.45 -23.98 -3.10
C ASP B 201 -58.17 -23.32 -4.25
N GLU B 202 -58.17 -23.91 -5.44
CA GLU B 202 -58.84 -23.34 -6.61
C GLU B 202 -59.84 -24.29 -7.25
N LEU B 203 -59.55 -25.59 -7.27
CA LEU B 203 -60.34 -26.55 -8.03
C LEU B 203 -60.62 -27.78 -7.18
N VAL B 204 -61.77 -28.41 -7.42
CA VAL B 204 -62.14 -29.65 -6.77
C VAL B 204 -62.51 -30.65 -7.87
N THR B 205 -61.80 -31.77 -7.91
CA THR B 205 -62.02 -32.81 -8.91
C THR B 205 -62.66 -34.02 -8.25
N ALA B 206 -63.70 -34.55 -8.89
CA ALA B 206 -64.39 -35.74 -8.44
C ALA B 206 -64.27 -36.82 -9.50
N TYR B 207 -63.87 -38.02 -9.09
CA TYR B 207 -63.77 -39.17 -9.98
C TYR B 207 -64.87 -40.16 -9.61
N ILE B 208 -65.84 -40.30 -10.51
CA ILE B 208 -66.90 -41.30 -10.40
C ILE B 208 -66.89 -42.12 -11.68
N SER B 209 -66.95 -43.43 -11.54
CA SER B 209 -66.83 -44.36 -12.67
C SER B 209 -65.52 -44.12 -13.43
N GLY B 210 -65.62 -43.65 -14.67
CA GLY B 210 -64.43 -43.44 -15.47
C GLY B 210 -64.33 -42.05 -16.03
N ARG B 211 -65.00 -41.09 -15.38
CA ARG B 211 -65.03 -39.71 -15.83
C ARG B 211 -64.63 -38.81 -14.68
N SER B 212 -64.08 -37.65 -15.02
CA SER B 212 -63.66 -36.66 -14.04
C SER B 212 -64.53 -35.41 -14.17
N TYR B 213 -65.05 -34.93 -13.05
CA TYR B 213 -65.82 -33.70 -13.00
C TYR B 213 -65.07 -32.66 -12.20
N ASN B 214 -65.17 -31.40 -12.62
CA ASN B 214 -64.44 -30.30 -11.99
C ASN B 214 -65.41 -29.27 -11.43
N TRP B 215 -65.05 -28.68 -10.29
CA TRP B 215 -65.76 -27.54 -9.74
C TRP B 215 -64.77 -26.46 -9.38
N ASN B 216 -65.09 -25.22 -9.72
CA ASN B 216 -64.24 -24.07 -9.43
C ASN B 216 -64.81 -23.37 -8.20
N ILE B 217 -64.16 -23.57 -7.06
CA ILE B 217 -64.56 -22.95 -5.79
C ILE B 217 -63.30 -22.48 -5.07
N ASN B 218 -63.34 -21.25 -4.56
CA ASN B 218 -62.21 -20.68 -3.82
C ASN B 218 -62.43 -20.97 -2.34
N ASN B 219 -61.67 -21.93 -1.81
CA ASN B 219 -61.82 -22.39 -0.43
C ASN B 219 -60.46 -22.46 0.23
N ASN B 220 -60.48 -22.69 1.55
CA ASN B 220 -59.28 -22.92 2.35
C ASN B 220 -59.42 -24.31 2.96
N TRP B 221 -58.98 -25.32 2.23
CA TRP B 221 -59.08 -26.70 2.69
C TRP B 221 -58.02 -26.98 3.75
N PHE B 222 -58.40 -27.79 4.74
CA PHE B 222 -57.51 -28.12 5.86
C PHE B 222 -56.72 -29.39 5.63
N ASN B 223 -56.97 -30.10 4.52
CA ASN B 223 -56.25 -31.33 4.18
C ASN B 223 -56.44 -32.42 5.22
N ASN B 224 -57.65 -32.51 5.79
CA ASN B 224 -57.99 -33.63 6.66
C ASN B 224 -59.46 -33.98 6.48
N VAL B 225 -59.77 -35.26 6.69
CA VAL B 225 -61.13 -35.78 6.49
C VAL B 225 -61.53 -36.59 7.72
N THR B 226 -62.84 -36.63 7.96
CA THR B 226 -63.44 -37.42 9.04
C THR B 226 -64.31 -38.49 8.42
N LEU B 227 -64.06 -39.76 8.77
CA LEU B 227 -64.74 -40.89 8.15
C LEU B 227 -65.52 -41.67 9.18
N MET B 228 -66.73 -42.09 8.82
CA MET B 228 -67.58 -42.93 9.67
C MET B 228 -67.66 -44.31 9.04
N TYR B 229 -67.28 -45.34 9.78
CA TYR B 229 -67.30 -46.70 9.24
C TYR B 229 -68.26 -47.63 9.96
N SER B 230 -68.66 -47.32 11.20
CA SER B 230 -69.57 -48.17 11.95
C SER B 230 -70.64 -47.33 12.63
N ARG B 231 -71.88 -47.80 12.56
CA ARG B 231 -73.01 -47.13 13.19
C ARG B 231 -74.17 -48.10 13.29
N SER B 232 -75.18 -47.72 14.07
CA SER B 232 -76.37 -48.53 14.25
C SER B 232 -77.48 -48.07 13.30
N SER B 233 -78.25 -49.03 12.82
CA SER B 233 -79.31 -48.76 11.85
C SER B 233 -80.39 -47.86 12.41
N THR B 236 -81.31 -45.24 7.17
CA THR B 236 -80.61 -45.20 5.89
C THR B 236 -79.22 -45.81 6.02
N TRP B 237 -78.90 -46.31 7.21
CA TRP B 237 -77.58 -46.87 7.51
C TRP B 237 -77.75 -48.35 7.82
N LEU B 238 -77.10 -49.21 7.04
CA LEU B 238 -77.09 -50.64 7.27
C LEU B 238 -75.72 -51.04 7.78
N HIS B 239 -75.69 -51.71 8.94
CA HIS B 239 -74.43 -52.05 9.59
C HIS B 239 -73.69 -53.09 8.76
N SER B 240 -72.66 -52.65 8.05
CA SER B 240 -71.83 -53.54 7.25
C SER B 240 -70.48 -52.88 7.01
N ALA B 241 -69.50 -53.69 6.61
CA ALA B 241 -68.14 -53.23 6.34
C ALA B 241 -67.73 -53.75 4.97
N ALA B 242 -68.08 -53.01 3.92
CA ALA B 242 -67.76 -53.39 2.55
C ALA B 242 -67.19 -52.18 1.79
N TYR B 243 -66.25 -51.48 2.42
CA TYR B 243 -65.68 -50.28 1.84
C TYR B 243 -64.20 -50.20 2.20
N VAL B 244 -63.36 -50.01 1.19
CA VAL B 244 -61.95 -49.74 1.41
C VAL B 244 -61.68 -48.29 1.06
N TYR B 245 -60.70 -47.69 1.74
CA TYR B 245 -60.41 -46.28 1.54
C TYR B 245 -58.93 -46.02 1.71
N GLN B 246 -58.48 -44.89 1.18
CA GLN B 246 -57.09 -44.46 1.26
C GLN B 246 -57.02 -42.95 1.15
N GLY B 247 -56.02 -42.38 1.81
CA GLY B 247 -55.69 -40.97 1.68
C GLY B 247 -54.30 -40.83 1.10
N VAL B 248 -54.14 -39.90 0.17
CA VAL B 248 -52.88 -39.69 -0.53
C VAL B 248 -52.34 -38.32 -0.14
N SER B 249 -51.09 -38.31 0.31
CA SER B 249 -50.40 -37.11 0.77
C SER B 249 -49.09 -36.83 0.08
N ASN B 250 -48.50 -37.81 -0.60
CA ASN B 250 -47.20 -37.68 -1.24
C ASN B 250 -47.34 -37.70 -2.75
N PHE B 251 -46.35 -37.14 -3.43
CA PHE B 251 -46.33 -37.09 -4.89
C PHE B 251 -45.72 -38.38 -5.40
N THR B 252 -46.56 -39.31 -5.85
CA THR B 252 -46.14 -40.62 -6.29
C THR B 252 -45.97 -40.65 -7.80
N TYR B 253 -45.05 -41.49 -8.26
CA TYR B 253 -44.74 -41.64 -9.67
C TYR B 253 -45.13 -43.03 -10.17
N TYR B 254 -45.71 -43.08 -11.36
CA TYR B 254 -46.12 -44.33 -12.00
C TYR B 254 -45.61 -44.34 -13.44
N LYS B 255 -44.93 -45.41 -13.83
CA LYS B 255 -44.49 -45.58 -15.21
C LYS B 255 -45.52 -46.42 -15.95
N LEU B 256 -46.05 -45.88 -17.04
CA LEU B 256 -47.07 -46.53 -17.84
C LEU B 256 -46.50 -46.88 -19.21
N ASN B 257 -46.82 -48.09 -19.68
CA ASN B 257 -46.36 -48.58 -20.98
C ASN B 257 -47.56 -49.21 -21.68
N ASN B 258 -47.97 -48.61 -22.79
CA ASN B 258 -49.06 -49.13 -23.61
C ASN B 258 -48.50 -49.58 -24.95
N THR B 259 -48.78 -50.83 -25.31
CA THR B 259 -48.30 -51.40 -26.57
C THR B 259 -49.42 -52.25 -27.17
N ASN B 260 -49.91 -51.84 -28.34
CA ASN B 260 -50.90 -52.62 -29.10
C ASN B 260 -52.13 -52.95 -28.26
N GLY B 261 -52.58 -51.99 -27.47
CA GLY B 261 -53.76 -52.16 -26.65
C GLY B 261 -53.51 -52.84 -25.31
N LEU B 262 -52.30 -53.30 -25.05
CA LEU B 262 -51.96 -53.90 -23.77
C LEU B 262 -51.27 -52.87 -22.89
N LYS B 263 -51.81 -52.66 -21.69
CA LYS B 263 -51.37 -51.59 -20.80
C LYS B 263 -50.75 -52.20 -19.54
N THR B 264 -49.51 -51.82 -19.25
CA THR B 264 -48.83 -52.25 -18.04
C THR B 264 -48.32 -51.02 -17.29
N TYR B 265 -48.13 -51.18 -15.98
CA TYR B 265 -47.66 -50.08 -15.15
C TYR B 265 -46.77 -50.59 -14.04
N GLU B 266 -45.74 -49.82 -13.71
CA GLU B 266 -44.82 -50.13 -12.63
C GLU B 266 -44.81 -48.99 -11.63
N PHE B 267 -44.61 -49.34 -10.36
CA PHE B 267 -44.47 -48.34 -9.31
C PHE B 267 -43.01 -47.89 -9.22
N CYS B 268 -42.81 -46.59 -9.06
CA CYS B 268 -41.49 -46.00 -8.96
C CYS B 268 -41.38 -45.22 -7.66
N GLU B 269 -40.43 -45.60 -6.81
CA GLU B 269 -40.18 -44.85 -5.58
C GLU B 269 -39.28 -43.65 -5.85
N ASP B 270 -38.20 -43.86 -6.59
CA ASP B 270 -37.30 -42.79 -6.99
C ASP B 270 -37.51 -42.51 -8.47
N TYR B 271 -37.80 -41.23 -8.79
CA TYR B 271 -37.95 -40.84 -10.18
C TYR B 271 -36.66 -41.04 -10.96
N GLU B 272 -35.52 -40.72 -10.34
CA GLU B 272 -34.23 -40.86 -11.02
C GLU B 272 -33.94 -42.31 -11.36
N TYR B 273 -34.28 -43.23 -10.46
CA TYR B 273 -34.03 -44.65 -10.72
C TYR B 273 -34.80 -45.13 -11.94
N CYS B 274 -36.08 -44.75 -12.05
CA CYS B 274 -36.91 -45.20 -13.17
C CYS B 274 -36.64 -44.43 -14.45
N THR B 275 -36.06 -43.24 -14.38
CA THR B 275 -35.91 -42.41 -15.58
C THR B 275 -34.48 -42.01 -15.88
N GLY B 276 -33.62 -41.91 -14.88
CA GLY B 276 -32.23 -41.57 -15.08
C GLY B 276 -31.85 -40.13 -14.82
N TYR B 277 -32.82 -39.23 -14.68
CA TYR B 277 -32.52 -37.85 -14.32
C TYR B 277 -33.47 -37.42 -13.21
N ALA B 278 -33.03 -36.43 -12.43
CA ALA B 278 -33.71 -36.07 -11.21
C ALA B 278 -35.02 -35.34 -11.50
N THR B 279 -35.87 -35.28 -10.48
CA THR B 279 -37.13 -34.57 -10.53
C THR B 279 -36.98 -33.16 -9.96
N ASN B 280 -38.00 -32.34 -10.19
CA ASN B 280 -38.02 -30.98 -9.67
C ASN B 280 -39.01 -30.79 -8.53
N VAL B 281 -39.56 -31.87 -7.98
CA VAL B 281 -40.48 -31.77 -6.86
C VAL B 281 -39.70 -31.98 -5.58
N PHE B 282 -39.82 -31.02 -4.66
CA PHE B 282 -39.08 -31.05 -3.41
C PHE B 282 -39.93 -30.44 -2.31
N ALA B 283 -39.62 -30.79 -1.08
CA ALA B 283 -40.31 -30.21 0.08
C ALA B 283 -39.34 -29.32 0.82
N PRO B 284 -39.57 -28.01 0.87
CA PRO B 284 -38.64 -27.12 1.59
C PRO B 284 -38.58 -27.45 3.08
N THR B 285 -37.39 -27.29 3.65
CA THR B 285 -37.17 -27.61 5.05
C THR B 285 -37.76 -26.51 5.94
N VAL B 286 -37.51 -26.59 7.24
CA VAL B 286 -38.00 -25.58 8.16
C VAL B 286 -37.33 -24.25 7.86
N GLY B 287 -38.13 -23.19 7.75
CA GLY B 287 -37.65 -21.88 7.39
C GLY B 287 -37.79 -21.54 5.93
N GLY B 288 -38.06 -22.53 5.07
CA GLY B 288 -38.25 -22.28 3.66
C GLY B 288 -36.98 -22.36 2.84
N TYR B 289 -36.20 -23.41 3.04
CA TYR B 289 -34.93 -23.59 2.34
C TYR B 289 -34.98 -24.84 1.47
N ILE B 290 -34.35 -24.74 0.29
CA ILE B 290 -34.29 -25.85 -0.65
C ILE B 290 -33.36 -26.91 -0.09
N PRO B 291 -33.71 -28.20 -0.19
CA PRO B 291 -32.84 -29.25 0.35
C PRO B 291 -31.46 -29.25 -0.30
N ASP B 292 -30.55 -30.00 0.32
CA ASP B 292 -29.13 -29.91 0.03
C ASP B 292 -28.69 -30.72 -1.19
N GLY B 293 -29.56 -31.56 -1.75
CA GLY B 293 -29.17 -32.33 -2.91
C GLY B 293 -30.05 -32.07 -4.12
N PHE B 294 -30.62 -30.89 -4.21
CA PHE B 294 -31.53 -30.55 -5.29
C PHE B 294 -30.75 -30.32 -6.58
N SER B 295 -31.44 -30.51 -7.71
CA SER B 295 -30.80 -30.48 -9.02
C SER B 295 -30.79 -29.10 -9.67
N PHE B 296 -31.75 -28.24 -9.34
CA PHE B 296 -31.85 -26.90 -9.90
C PHE B 296 -31.94 -26.93 -11.43
N ASN B 297 -32.95 -27.65 -11.93
CA ASN B 297 -33.02 -27.90 -13.36
C ASN B 297 -33.67 -26.76 -14.13
N ASN B 298 -34.85 -26.31 -13.68
CA ASN B 298 -35.47 -25.15 -14.30
C ASN B 298 -35.32 -23.95 -13.39
N TRP B 299 -34.18 -23.85 -12.71
CA TRP B 299 -33.88 -22.77 -11.79
C TRP B 299 -32.65 -22.05 -12.28
N PHE B 300 -32.72 -20.71 -12.31
CA PHE B 300 -31.64 -19.89 -12.85
C PHE B 300 -31.32 -18.77 -11.88
N LEU B 301 -30.17 -18.14 -12.09
CA LEU B 301 -29.81 -16.91 -11.40
C LEU B 301 -30.37 -15.73 -12.18
N LEU B 302 -31.08 -14.85 -11.48
CA LEU B 302 -31.67 -13.68 -12.13
C LEU B 302 -30.63 -12.61 -12.33
N THR B 303 -30.63 -12.00 -13.52
CA THR B 303 -29.62 -11.00 -13.84
C THR B 303 -30.22 -9.91 -14.71
N ASN B 304 -29.72 -8.71 -14.57
CA ASN B 304 -30.13 -7.60 -15.46
C ASN B 304 -28.92 -7.32 -16.37
N ASP B 305 -27.86 -8.13 -16.34
CA ASP B 305 -26.61 -7.86 -17.03
C ASP B 305 -26.09 -9.18 -17.60
N SER B 306 -24.79 -9.22 -17.89
CA SER B 306 -24.16 -10.45 -18.34
C SER B 306 -24.37 -11.58 -17.34
N THR B 307 -24.19 -12.81 -17.82
CA THR B 307 -24.45 -14.00 -17.05
C THR B 307 -23.14 -14.63 -16.60
N PHE B 308 -23.06 -15.00 -15.32
CA PHE B 308 -21.92 -15.74 -14.82
C PHE B 308 -21.91 -17.14 -15.41
N VAL B 309 -20.73 -17.61 -15.79
CA VAL B 309 -20.56 -18.93 -16.41
C VAL B 309 -20.08 -19.97 -15.40
N SER B 310 -19.06 -19.65 -14.63
CA SER B 310 -18.53 -20.57 -13.64
C SER B 310 -17.91 -19.78 -12.50
N GLY B 311 -18.24 -20.16 -11.27
CA GLY B 311 -17.66 -19.49 -10.12
C GLY B 311 -18.51 -19.68 -8.88
N ARG B 312 -18.17 -18.91 -7.86
CA ARG B 312 -18.88 -18.88 -6.60
C ARG B 312 -19.16 -17.43 -6.22
N PHE B 313 -20.41 -17.13 -5.87
CA PHE B 313 -20.80 -15.75 -5.62
C PHE B 313 -21.77 -15.69 -4.46
N VAL B 314 -21.60 -14.70 -3.59
CA VAL B 314 -22.57 -14.42 -2.54
C VAL B 314 -23.54 -13.38 -3.08
N THR B 315 -24.82 -13.72 -3.10
CA THR B 315 -25.82 -12.91 -3.79
C THR B 315 -27.12 -12.90 -3.02
N ASN B 316 -27.93 -11.88 -3.30
CA ASN B 316 -29.28 -11.74 -2.75
C ASN B 316 -30.25 -12.14 -3.84
N GLN B 317 -30.80 -13.34 -3.73
CA GLN B 317 -31.61 -13.92 -4.79
C GLN B 317 -32.92 -14.46 -4.23
N PRO B 318 -33.97 -14.53 -5.06
CA PRO B 318 -35.25 -15.07 -4.59
C PRO B 318 -35.20 -16.58 -4.40
N LEU B 319 -34.58 -17.04 -3.32
CA LEU B 319 -34.42 -18.47 -3.08
C LEU B 319 -35.06 -18.94 -1.79
N LEU B 320 -35.87 -18.11 -1.13
CA LEU B 320 -36.59 -18.54 0.07
C LEU B 320 -37.99 -18.97 -0.34
N VAL B 321 -38.28 -20.26 -0.24
CA VAL B 321 -39.50 -20.83 -0.79
C VAL B 321 -40.62 -20.73 0.25
N ASN B 322 -41.54 -19.79 0.04
CA ASN B 322 -42.73 -19.72 0.88
C ASN B 322 -43.66 -20.90 0.63
N CYS B 323 -43.72 -21.37 -0.62
CA CYS B 323 -44.61 -22.47 -0.98
C CYS B 323 -44.11 -23.06 -2.29
N LEU B 324 -44.25 -24.38 -2.43
CA LEU B 324 -43.99 -25.07 -3.69
C LEU B 324 -45.24 -25.82 -4.09
N TRP B 325 -45.73 -25.55 -5.30
CA TRP B 325 -46.96 -26.16 -5.80
C TRP B 325 -46.61 -27.14 -6.91
N PRO B 326 -46.67 -28.47 -6.67
CA PRO B 326 -46.43 -29.48 -7.73
C PRO B 326 -47.70 -29.64 -8.55
N VAL B 327 -47.60 -29.43 -9.86
CA VAL B 327 -48.79 -29.55 -10.76
C VAL B 327 -48.83 -31.01 -11.26
N PRO B 328 -49.83 -31.80 -10.88
CA PRO B 328 -49.92 -33.24 -11.25
C PRO B 328 -50.02 -33.41 -12.76
N SER B 329 -49.52 -34.54 -13.27
CA SER B 329 -49.60 -34.83 -14.72
C SER B 329 -51.05 -34.69 -15.20
N PHE B 330 -51.26 -34.19 -16.42
CA PHE B 330 -52.63 -34.04 -16.98
C PHE B 330 -53.46 -33.16 -16.04
N GLY B 331 -52.86 -32.09 -15.51
CA GLY B 331 -53.57 -31.23 -14.54
C GLY B 331 -53.49 -29.77 -14.96
N VAL B 332 -54.37 -28.94 -14.40
CA VAL B 332 -54.43 -27.50 -14.79
C VAL B 332 -54.04 -26.64 -13.58
N ALA B 333 -53.15 -25.65 -13.78
CA ALA B 333 -52.79 -24.72 -12.70
C ALA B 333 -53.37 -23.34 -13.02
N ALA B 334 -54.40 -22.93 -12.29
CA ALA B 334 -55.08 -21.64 -12.58
C ALA B 334 -55.20 -20.85 -11.28
N GLN B 335 -54.95 -19.55 -11.32
CA GLN B 335 -54.97 -18.77 -10.09
C GLN B 335 -54.88 -17.29 -10.41
N GLU B 336 -55.51 -16.47 -9.57
CA GLU B 336 -55.35 -15.00 -9.67
C GLU B 336 -54.57 -14.61 -8.41
N PHE B 337 -53.24 -14.51 -8.48
CA PHE B 337 -52.44 -14.31 -7.24
C PHE B 337 -52.00 -12.87 -7.03
N CYS B 338 -52.32 -12.32 -5.87
CA CYS B 338 -51.82 -10.97 -5.51
C CYS B 338 -50.63 -11.20 -4.57
N PHE B 339 -49.52 -10.48 -4.74
CA PHE B 339 -48.30 -10.78 -3.94
C PHE B 339 -48.51 -10.42 -2.48
N GLU B 340 -49.18 -11.30 -1.72
CA GLU B 340 -49.44 -11.06 -0.28
C GLU B 340 -49.83 -12.38 0.39
N GLY B 341 -48.84 -13.21 0.77
CA GLY B 341 -49.10 -14.49 1.44
C GLY B 341 -49.28 -15.63 0.45
N ALA B 342 -48.68 -16.79 0.75
CA ALA B 342 -48.78 -17.96 -0.15
C ALA B 342 -48.99 -19.21 0.68
N GLN B 343 -49.85 -19.13 1.69
CA GLN B 343 -50.15 -20.32 2.55
C GLN B 343 -51.38 -21.04 1.97
N PHE B 344 -51.16 -21.90 0.97
CA PHE B 344 -52.31 -22.58 0.31
C PHE B 344 -52.28 -24.04 0.68
N SER B 345 -53.37 -24.75 0.39
CA SER B 345 -53.41 -26.18 0.66
C SER B 345 -52.69 -27.00 -0.39
N GLN B 346 -52.33 -26.40 -1.52
CA GLN B 346 -51.60 -27.11 -2.56
C GLN B 346 -50.11 -27.19 -2.31
N CYS B 347 -49.62 -26.51 -1.28
CA CYS B 347 -48.18 -26.46 -1.01
C CYS B 347 -47.66 -27.83 -0.59
N ASN B 348 -46.46 -28.16 -1.06
CA ASN B 348 -45.81 -29.41 -0.72
C ASN B 348 -44.88 -29.17 0.46
N GLY B 349 -45.34 -29.51 1.65
CA GLY B 349 -44.55 -29.28 2.85
C GLY B 349 -45.14 -28.24 3.76
N VAL B 350 -44.30 -27.43 4.39
CA VAL B 350 -44.72 -26.41 5.35
C VAL B 350 -44.55 -25.05 4.69
N SER B 351 -45.63 -24.27 4.66
CA SER B 351 -45.61 -22.95 4.08
C SER B 351 -45.13 -21.92 5.10
N LEU B 352 -44.92 -20.69 4.63
CA LEU B 352 -44.56 -19.57 5.47
C LEU B 352 -45.59 -18.45 5.27
N ASN B 353 -45.72 -17.61 6.29
CA ASN B 353 -46.68 -16.52 6.26
C ASN B 353 -46.07 -15.20 5.80
N ASN B 354 -44.84 -15.23 5.30
CA ASN B 354 -44.22 -14.03 4.76
C ASN B 354 -44.88 -13.62 3.44
N THR B 355 -44.72 -12.35 3.09
CA THR B 355 -45.19 -11.87 1.80
C THR B 355 -44.29 -12.40 0.68
N VAL B 356 -44.86 -12.55 -0.51
CA VAL B 356 -44.18 -13.14 -1.65
C VAL B 356 -43.61 -12.02 -2.51
N ASP B 357 -42.35 -12.18 -2.93
CA ASP B 357 -41.70 -11.23 -3.82
C ASP B 357 -41.76 -11.65 -5.28
N VAL B 358 -41.42 -12.90 -5.58
CA VAL B 358 -41.34 -13.39 -6.94
C VAL B 358 -42.14 -14.67 -7.07
N ILE B 359 -42.70 -14.90 -8.25
CA ILE B 359 -43.38 -16.15 -8.58
C ILE B 359 -42.70 -16.75 -9.81
N ARG B 360 -42.29 -18.01 -9.70
CA ARG B 360 -41.54 -18.69 -10.76
C ARG B 360 -42.33 -19.87 -11.27
N PHE B 361 -42.47 -19.96 -12.58
CA PHE B 361 -43.02 -21.13 -13.25
C PHE B 361 -41.84 -21.92 -13.80
N ASN B 362 -41.60 -23.10 -13.23
CA ASN B 362 -40.49 -23.96 -13.64
C ASN B 362 -41.05 -25.00 -14.62
N LEU B 363 -41.17 -24.60 -15.87
CA LEU B 363 -41.85 -25.37 -16.89
C LEU B 363 -41.10 -25.28 -18.21
N ASN B 364 -41.02 -26.36 -18.96
CA ASN B 364 -40.48 -26.29 -20.33
C ASN B 364 -41.61 -25.73 -21.19
N PHE B 365 -41.57 -24.46 -21.58
CA PHE B 365 -42.56 -23.78 -22.40
C PHE B 365 -42.42 -24.25 -23.84
N THR B 366 -42.90 -25.46 -24.09
CA THR B 366 -42.90 -26.06 -25.42
C THR B 366 -44.21 -25.76 -26.11
N ALA B 367 -44.46 -26.46 -27.23
CA ALA B 367 -45.73 -26.29 -27.94
C ALA B 367 -46.88 -27.01 -27.26
N ASP B 368 -46.59 -27.93 -26.35
CA ASP B 368 -47.63 -28.71 -25.62
C ASP B 368 -48.27 -27.87 -24.51
N VAL B 369 -47.76 -26.68 -24.21
CA VAL B 369 -48.33 -25.84 -23.17
C VAL B 369 -49.46 -25.01 -23.77
N GLN B 370 -50.60 -25.03 -23.10
CA GLN B 370 -51.80 -24.36 -23.63
C GLN B 370 -52.38 -23.46 -22.54
N SER B 371 -53.00 -22.38 -22.93
CA SER B 371 -53.55 -21.39 -22.01
C SER B 371 -55.07 -21.47 -22.04
N GLY B 372 -55.68 -21.48 -20.85
CA GLY B 372 -57.11 -21.46 -20.74
C GLY B 372 -57.76 -20.10 -20.87
N MET B 373 -56.96 -19.05 -21.00
CA MET B 373 -57.46 -17.70 -21.23
C MET B 373 -57.44 -17.32 -22.71
N GLY B 374 -57.11 -18.26 -23.58
CA GLY B 374 -57.07 -17.99 -25.01
C GLY B 374 -55.65 -17.74 -25.49
N ALA B 375 -55.46 -16.64 -26.22
CA ALA B 375 -54.12 -16.22 -26.60
C ALA B 375 -53.36 -15.59 -25.44
N THR B 376 -54.07 -15.17 -24.40
CA THR B 376 -53.45 -14.58 -23.24
C THR B 376 -52.74 -15.65 -22.42
N VAL B 377 -51.49 -15.38 -22.07
CA VAL B 377 -50.77 -16.25 -21.15
C VAL B 377 -50.81 -15.70 -19.73
N PHE B 378 -50.56 -14.40 -19.57
CA PHE B 378 -50.60 -13.73 -18.28
C PHE B 378 -51.49 -12.50 -18.38
N SER B 379 -52.19 -12.21 -17.30
CA SER B 379 -53.05 -11.02 -17.21
C SER B 379 -52.65 -10.23 -15.99
N LEU B 380 -52.19 -9.00 -16.20
CA LEU B 380 -51.60 -8.19 -15.14
C LEU B 380 -52.53 -7.04 -14.80
N ASN B 381 -52.85 -6.92 -13.52
CA ASN B 381 -53.55 -5.77 -12.98
C ASN B 381 -52.49 -4.89 -12.31
N THR B 382 -52.22 -3.73 -12.88
CA THR B 382 -51.13 -2.88 -12.41
C THR B 382 -51.65 -1.78 -11.49
N THR B 383 -50.74 -0.92 -11.05
CA THR B 383 -51.09 0.16 -10.13
C THR B 383 -52.10 1.11 -10.77
N GLY B 384 -53.14 1.45 -10.03
CA GLY B 384 -54.20 2.27 -10.56
C GLY B 384 -55.26 1.54 -11.35
N GLY B 385 -55.24 0.21 -11.34
CA GLY B 385 -56.25 -0.56 -12.05
C GLY B 385 -56.01 -0.73 -13.53
N VAL B 386 -54.84 -0.35 -14.03
CA VAL B 386 -54.53 -0.53 -15.45
C VAL B 386 -54.26 -2.00 -15.72
N ILE B 387 -54.93 -2.54 -16.74
CA ILE B 387 -54.87 -3.96 -17.05
C ILE B 387 -54.01 -4.15 -18.30
N LEU B 388 -52.91 -4.88 -18.16
CA LEU B 388 -52.05 -5.25 -19.27
C LEU B 388 -52.14 -6.75 -19.51
N GLU B 389 -51.76 -7.18 -20.71
CA GLU B 389 -51.90 -8.59 -21.06
C GLU B 389 -50.72 -9.03 -21.92
N ILE B 390 -50.18 -10.21 -21.63
CA ILE B 390 -49.16 -10.83 -22.46
C ILE B 390 -49.84 -11.87 -23.33
N SER B 391 -49.71 -11.74 -24.65
CA SER B 391 -50.42 -12.61 -25.58
C SER B 391 -49.51 -13.06 -26.70
N CYS B 392 -49.54 -14.36 -27.00
CA CYS B 392 -48.74 -14.91 -28.09
C CYS B 392 -49.67 -15.44 -29.18
N TYR B 393 -49.41 -15.04 -30.42
CA TYR B 393 -50.23 -15.34 -31.57
C TYR B 393 -49.43 -16.14 -32.59
N ASN B 394 -50.11 -16.63 -33.61
CA ASN B 394 -49.47 -17.36 -34.70
C ASN B 394 -49.16 -16.45 -35.89
N ASP B 395 -49.44 -15.16 -35.78
CA ASP B 395 -49.18 -14.21 -36.86
C ASP B 395 -48.86 -12.86 -36.26
N THR B 396 -48.15 -12.04 -37.03
CA THR B 396 -47.72 -10.73 -36.55
C THR B 396 -48.90 -9.77 -36.48
N VAL B 397 -48.80 -8.82 -35.54
CA VAL B 397 -49.82 -7.81 -35.31
C VAL B 397 -49.18 -6.44 -35.46
N ARG B 398 -49.81 -5.57 -36.23
CA ARG B 398 -49.32 -4.20 -36.37
C ARG B 398 -49.55 -3.42 -35.08
N GLU B 399 -48.73 -2.41 -34.87
CA GLU B 399 -48.81 -1.63 -33.64
C GLU B 399 -50.12 -0.86 -33.57
N SER B 400 -50.69 -0.79 -32.37
CA SER B 400 -51.96 -0.12 -32.09
C SER B 400 -53.13 -0.79 -32.83
N SER B 401 -52.93 -2.02 -33.27
CA SER B 401 -53.96 -2.80 -33.93
C SER B 401 -54.21 -4.07 -33.12
N PHE B 402 -55.09 -4.93 -33.64
CA PHE B 402 -55.45 -6.17 -32.96
C PHE B 402 -55.36 -7.33 -33.92
N TYR B 403 -55.31 -8.53 -33.34
CA TYR B 403 -55.17 -9.75 -34.12
C TYR B 403 -56.39 -10.00 -34.99
N SER B 404 -56.17 -10.43 -36.22
CA SER B 404 -57.26 -10.73 -37.14
C SER B 404 -56.85 -11.81 -38.14
N GLY B 411 -57.22 -26.51 -28.98
CA GLY B 411 -56.80 -25.43 -29.86
C GLY B 411 -55.33 -25.11 -29.73
N ILE B 412 -54.58 -25.27 -30.83
CA ILE B 412 -53.15 -25.03 -30.83
C ILE B 412 -52.70 -24.87 -32.28
N THR B 413 -51.70 -24.02 -32.48
CA THR B 413 -51.14 -23.76 -33.80
C THR B 413 -49.74 -24.35 -33.89
N ASP B 414 -49.18 -24.27 -35.09
CA ASP B 414 -47.84 -24.79 -35.33
C ASP B 414 -47.03 -23.76 -36.10
N GLY B 415 -45.79 -23.55 -35.68
CA GLY B 415 -44.92 -22.58 -36.28
C GLY B 415 -44.46 -21.55 -35.29
N PRO B 416 -43.99 -20.40 -35.78
CA PRO B 416 -43.56 -19.33 -34.87
C PRO B 416 -44.73 -18.76 -34.09
N LYS B 417 -44.42 -18.28 -32.88
CA LYS B 417 -45.38 -17.58 -32.04
C LYS B 417 -44.82 -16.22 -31.70
N TYR B 418 -45.58 -15.17 -32.01
CA TYR B 418 -45.16 -13.79 -31.78
C TYR B 418 -45.89 -13.25 -30.57
N CYS B 419 -45.15 -12.72 -29.61
CA CYS B 419 -45.71 -12.34 -28.32
C CYS B 419 -45.71 -10.82 -28.15
N TYR B 420 -46.78 -10.32 -27.54
CA TYR B 420 -47.09 -8.91 -27.50
C TYR B 420 -47.59 -8.52 -26.12
N VAL B 421 -47.48 -7.22 -25.82
CA VAL B 421 -48.11 -6.61 -24.65
C VAL B 421 -49.28 -5.80 -25.16
N LEU B 422 -50.47 -6.11 -24.67
CA LEU B 422 -51.71 -5.46 -25.08
C LEU B 422 -52.26 -4.66 -23.92
N TYR B 423 -52.68 -3.43 -24.19
CA TYR B 423 -53.20 -2.53 -23.16
C TYR B 423 -54.72 -2.42 -23.18
N ASN B 424 -55.29 -2.10 -24.33
CA ASN B 424 -56.74 -1.97 -24.49
C ASN B 424 -57.22 -2.84 -25.64
N GLY B 425 -56.70 -4.06 -25.72
CA GLY B 425 -56.96 -4.91 -26.85
C GLY B 425 -56.12 -4.62 -28.07
N THR B 426 -55.21 -3.64 -27.99
CA THR B 426 -54.35 -3.26 -29.10
C THR B 426 -52.89 -3.45 -28.72
N ALA B 427 -52.09 -3.88 -29.69
CA ALA B 427 -50.68 -4.18 -29.43
C ALA B 427 -49.93 -2.93 -29.00
N LEU B 428 -49.37 -2.96 -27.80
CA LEU B 428 -48.61 -1.86 -27.24
C LEU B 428 -47.11 -2.03 -27.39
N LYS B 429 -46.61 -3.25 -27.25
CA LYS B 429 -45.18 -3.52 -27.32
C LYS B 429 -44.97 -4.88 -27.96
N TYR B 430 -43.90 -5.00 -28.75
CA TYR B 430 -43.54 -6.25 -29.39
C TYR B 430 -42.36 -6.85 -28.64
N LEU B 431 -42.54 -8.09 -28.15
CA LEU B 431 -41.50 -8.75 -27.38
C LEU B 431 -40.60 -9.63 -28.26
N GLY B 432 -41.19 -10.42 -29.13
CA GLY B 432 -40.43 -11.25 -30.04
C GLY B 432 -41.13 -12.58 -30.25
N THR B 433 -40.41 -13.48 -30.91
CA THR B 433 -40.89 -14.85 -31.07
C THR B 433 -40.51 -15.68 -29.86
N LEU B 434 -41.31 -16.70 -29.60
CA LEU B 434 -41.03 -17.59 -28.48
C LEU B 434 -39.90 -18.54 -28.84
N PRO B 435 -38.78 -18.52 -28.12
CA PRO B 435 -37.66 -19.41 -28.45
C PRO B 435 -37.98 -20.85 -28.08
N PRO B 436 -37.24 -21.81 -28.62
CA PRO B 436 -37.56 -23.22 -28.37
C PRO B 436 -37.10 -23.78 -27.03
N SER B 437 -36.33 -23.02 -26.25
CA SER B 437 -35.70 -23.55 -25.04
C SER B 437 -35.95 -22.65 -23.84
N VAL B 438 -37.21 -22.25 -23.66
CA VAL B 438 -37.60 -21.53 -22.45
C VAL B 438 -37.89 -22.55 -21.36
N LYS B 439 -37.21 -22.41 -20.22
CA LYS B 439 -37.32 -23.38 -19.14
C LYS B 439 -37.88 -22.82 -17.84
N GLU B 440 -37.89 -21.50 -17.67
CA GLU B 440 -38.48 -20.90 -16.49
C GLU B 440 -38.95 -19.49 -16.82
N ILE B 441 -40.02 -19.07 -16.17
CA ILE B 441 -40.47 -17.68 -16.25
C ILE B 441 -40.69 -17.18 -14.84
N ALA B 442 -39.94 -16.15 -14.44
CA ALA B 442 -40.08 -15.55 -13.12
C ALA B 442 -40.66 -14.15 -13.26
N ILE B 443 -41.65 -13.84 -12.44
CA ILE B 443 -42.31 -12.54 -12.45
C ILE B 443 -42.20 -11.92 -11.08
N SER B 444 -41.76 -10.68 -11.02
CA SER B 444 -41.63 -9.94 -9.78
C SER B 444 -42.78 -8.95 -9.64
N LYS B 445 -43.18 -8.69 -8.39
CA LYS B 445 -44.30 -7.79 -8.14
C LYS B 445 -43.98 -6.34 -8.44
N TRP B 446 -42.72 -6.02 -8.72
CA TRP B 446 -42.34 -4.68 -9.17
C TRP B 446 -42.37 -4.56 -10.69
N GLY B 447 -42.77 -5.62 -11.39
CA GLY B 447 -43.01 -5.55 -12.82
C GLY B 447 -41.98 -6.17 -13.71
N HIS B 448 -40.95 -6.81 -13.14
CA HIS B 448 -39.85 -7.34 -13.94
C HIS B 448 -40.13 -8.79 -14.33
N PHE B 449 -39.84 -9.12 -15.60
CA PHE B 449 -39.99 -10.46 -16.13
C PHE B 449 -38.63 -11.04 -16.47
N TYR B 450 -38.35 -12.24 -15.98
CA TYR B 450 -37.09 -12.94 -16.24
C TYR B 450 -37.40 -14.23 -16.98
N ILE B 451 -36.78 -14.41 -18.14
CA ILE B 451 -36.91 -15.62 -18.95
C ILE B 451 -35.55 -16.27 -19.01
N ASN B 452 -35.45 -17.49 -18.47
CA ASN B 452 -34.17 -18.20 -18.32
C ASN B 452 -33.16 -17.35 -17.57
N GLY B 453 -33.64 -16.56 -16.61
CA GLY B 453 -32.80 -15.81 -15.72
C GLY B 453 -32.48 -14.40 -16.15
N TYR B 454 -32.83 -13.99 -17.36
CA TYR B 454 -32.51 -12.67 -17.86
C TYR B 454 -33.75 -11.79 -17.92
N ASN B 455 -33.62 -10.56 -17.45
CA ASN B 455 -34.71 -9.59 -17.43
C ASN B 455 -34.91 -9.03 -18.83
N PHE B 456 -35.89 -9.57 -19.55
CA PHE B 456 -36.13 -9.13 -20.92
C PHE B 456 -37.06 -7.91 -20.99
N PHE B 457 -38.04 -7.80 -20.11
CA PHE B 457 -38.90 -6.63 -20.12
C PHE B 457 -39.46 -6.38 -18.73
N SER B 458 -39.99 -5.17 -18.55
CA SER B 458 -40.56 -4.72 -17.30
C SER B 458 -41.82 -3.93 -17.59
N THR B 459 -42.74 -3.95 -16.62
CA THR B 459 -43.98 -3.18 -16.73
C THR B 459 -44.13 -2.29 -15.50
N PHE B 460 -45.29 -1.69 -15.33
CA PHE B 460 -45.60 -1.00 -14.10
C PHE B 460 -45.67 -2.01 -12.96
N PRO B 461 -45.51 -1.57 -11.72
CA PRO B 461 -45.63 -2.50 -10.59
C PRO B 461 -46.98 -3.20 -10.61
N ILE B 462 -46.94 -4.50 -10.34
CA ILE B 462 -48.10 -5.37 -10.51
C ILE B 462 -48.86 -5.45 -9.19
N ASP B 463 -50.14 -5.08 -9.20
CA ASP B 463 -50.97 -5.24 -7.98
C ASP B 463 -51.37 -6.72 -7.83
N CYS B 464 -51.84 -7.34 -8.92
CA CYS B 464 -52.24 -8.78 -8.90
C CYS B 464 -52.07 -9.38 -10.30
N ILE B 465 -51.77 -10.68 -10.39
CA ILE B 465 -51.61 -11.33 -11.68
C ILE B 465 -52.45 -12.60 -11.76
N SER B 466 -53.08 -12.83 -12.90
CA SER B 466 -53.91 -14.01 -13.16
C SER B 466 -53.28 -14.88 -14.24
N PHE B 467 -53.47 -16.19 -14.10
CA PHE B 467 -52.99 -17.14 -15.10
C PHE B 467 -53.85 -18.41 -15.06
N ASN B 468 -53.76 -19.18 -16.15
CA ASN B 468 -54.51 -20.43 -16.30
C ASN B 468 -53.74 -21.28 -17.31
N LEU B 469 -52.94 -22.23 -16.82
CA LEU B 469 -52.01 -22.96 -17.65
C LEU B 469 -52.19 -24.47 -17.49
N THR B 470 -51.79 -25.21 -18.52
CA THR B 470 -51.86 -26.68 -18.57
C THR B 470 -50.82 -27.21 -19.54
N THR B 471 -50.35 -28.45 -19.39
CA THR B 471 -49.32 -29.06 -20.27
C THR B 471 -50.02 -30.02 -21.23
N SER B 472 -51.34 -30.05 -21.22
CA SER B 472 -52.17 -30.82 -22.18
C SER B 472 -52.05 -32.33 -22.05
N THR B 473 -51.62 -32.99 -23.13
CA THR B 473 -51.54 -34.46 -23.18
C THR B 473 -50.10 -34.95 -23.06
N SER B 474 -49.17 -34.07 -22.74
CA SER B 474 -47.76 -34.49 -22.50
C SER B 474 -47.63 -35.39 -21.27
N GLY B 475 -48.48 -35.18 -20.27
CA GLY B 475 -48.36 -35.92 -19.03
C GLY B 475 -47.24 -35.35 -18.20
N ALA B 476 -46.72 -34.21 -18.60
CA ALA B 476 -45.59 -33.69 -17.85
C ALA B 476 -46.07 -32.98 -16.60
N PHE B 477 -45.28 -33.08 -15.53
CA PHE B 477 -45.56 -32.40 -14.29
C PHE B 477 -44.51 -31.32 -14.06
N TRP B 478 -44.95 -30.18 -13.51
CA TRP B 478 -44.10 -29.02 -13.32
C TRP B 478 -44.43 -28.37 -11.98
N THR B 479 -43.77 -27.26 -11.69
CA THR B 479 -43.91 -26.62 -10.40
C THR B 479 -44.05 -25.11 -10.54
N ILE B 480 -44.73 -24.53 -9.56
CA ILE B 480 -44.78 -23.08 -9.35
C ILE B 480 -44.22 -22.81 -7.96
N ALA B 481 -43.27 -21.89 -7.88
CA ALA B 481 -42.63 -21.56 -6.62
C ALA B 481 -42.89 -20.10 -6.28
N TYR B 482 -43.39 -19.87 -5.07
CA TYR B 482 -43.53 -18.54 -4.51
C TYR B 482 -42.31 -18.28 -3.63
N THR B 483 -41.54 -17.24 -3.94
CA THR B 483 -40.21 -17.09 -3.38
C THR B 483 -39.98 -15.67 -2.90
N SER B 484 -39.07 -15.55 -1.93
CA SER B 484 -38.64 -14.29 -1.36
C SER B 484 -37.12 -14.21 -1.40
N TYR B 485 -36.63 -12.97 -1.38
CA TYR B 485 -35.19 -12.72 -1.49
C TYR B 485 -34.46 -13.13 -0.22
N THR B 486 -33.27 -13.70 -0.39
CA THR B 486 -32.44 -14.12 0.72
C THR B 486 -30.98 -14.12 0.28
N GLU B 487 -30.09 -14.07 1.26
CA GLU B 487 -28.65 -14.04 1.01
C GLU B 487 -28.10 -15.46 0.97
N ALA B 488 -27.31 -15.76 -0.05
CA ALA B 488 -26.83 -17.13 -0.20
C ALA B 488 -25.56 -17.15 -1.03
N LEU B 489 -24.72 -18.15 -0.77
CA LEU B 489 -23.55 -18.44 -1.59
C LEU B 489 -23.94 -19.49 -2.63
N VAL B 490 -23.81 -19.13 -3.90
CA VAL B 490 -24.23 -19.99 -5.00
C VAL B 490 -23.00 -20.36 -5.83
N GLN B 491 -22.90 -21.63 -6.19
CA GLN B 491 -21.86 -22.12 -7.07
C GLN B 491 -22.47 -22.43 -8.44
N VAL B 492 -21.81 -21.95 -9.49
CA VAL B 492 -22.33 -22.01 -10.85
C VAL B 492 -21.29 -22.68 -11.74
N GLU B 493 -21.73 -23.63 -12.56
CA GLU B 493 -20.88 -24.28 -13.56
C GLU B 493 -21.63 -24.31 -14.88
N ASN B 494 -21.03 -23.70 -15.91
CA ASN B 494 -21.63 -23.61 -17.24
C ASN B 494 -22.99 -22.92 -17.19
N THR B 495 -23.06 -21.81 -16.45
CA THR B 495 -24.25 -20.98 -16.25
C THR B 495 -25.36 -21.70 -15.50
N ALA B 496 -25.08 -22.86 -14.91
CA ALA B 496 -26.09 -23.65 -14.21
C ALA B 496 -25.75 -23.73 -12.73
N ILE B 497 -26.78 -23.69 -11.89
CA ILE B 497 -26.58 -23.77 -10.45
C ILE B 497 -26.19 -25.18 -10.06
N LYS B 498 -25.14 -25.30 -9.26
CA LYS B 498 -24.69 -26.59 -8.73
C LYS B 498 -24.96 -26.74 -7.25
N LYS B 499 -24.75 -25.71 -6.45
CA LYS B 499 -24.96 -25.80 -5.01
C LYS B 499 -25.35 -24.43 -4.47
N VAL B 500 -26.26 -24.44 -3.49
CA VAL B 500 -26.72 -23.23 -2.81
C VAL B 500 -26.51 -23.43 -1.32
N THR B 501 -25.87 -22.45 -0.68
CA THR B 501 -25.60 -22.49 0.76
C THR B 501 -26.17 -21.23 1.39
N TYR B 502 -27.10 -21.39 2.31
CA TYR B 502 -27.74 -20.24 2.94
C TYR B 502 -26.91 -19.75 4.11
N CYS B 503 -26.83 -18.42 4.25
CA CYS B 503 -26.18 -17.81 5.42
C CYS B 503 -27.22 -17.65 6.53
N ASN B 504 -27.66 -18.79 7.06
CA ASN B 504 -28.73 -18.83 8.04
C ASN B 504 -28.28 -19.29 9.43
N SER B 505 -26.98 -19.44 9.63
CA SER B 505 -26.46 -19.86 10.93
C SER B 505 -25.03 -19.36 11.07
N HIS B 506 -24.47 -19.55 12.27
CA HIS B 506 -23.13 -19.03 12.55
C HIS B 506 -22.09 -19.69 11.67
N ILE B 507 -22.08 -21.03 11.63
CA ILE B 507 -21.12 -21.74 10.77
C ILE B 507 -21.38 -21.42 9.32
N ASN B 508 -22.66 -21.29 8.94
CA ASN B 508 -23.00 -20.90 7.58
C ASN B 508 -22.62 -19.46 7.29
N ASN B 509 -22.68 -18.58 8.29
CA ASN B 509 -22.18 -17.22 8.10
C ASN B 509 -20.68 -17.22 7.84
N ILE B 510 -19.94 -18.06 8.55
CA ILE B 510 -18.50 -18.18 8.29
C ILE B 510 -18.25 -18.74 6.89
N LYS B 511 -19.06 -19.72 6.48
CA LYS B 511 -18.91 -20.28 5.14
C LYS B 511 -19.16 -19.23 4.07
N CYS B 512 -20.19 -18.41 4.25
CA CYS B 512 -20.47 -17.34 3.29
C CYS B 512 -19.36 -16.31 3.29
N SER B 513 -18.79 -16.00 4.46
CA SER B 513 -17.71 -15.01 4.52
C SER B 513 -16.46 -15.49 3.79
N GLN B 514 -16.17 -16.79 3.88
CA GLN B 514 -14.98 -17.36 3.24
C GLN B 514 -15.22 -17.82 1.81
N LEU B 515 -16.47 -17.75 1.34
CA LEU B 515 -16.83 -18.17 -0.03
C LEU B 515 -16.46 -19.63 -0.29
N THR B 516 -16.72 -20.48 0.69
CA THR B 516 -16.50 -21.91 0.51
C THR B 516 -17.47 -22.67 1.40
N ALA B 517 -17.96 -23.80 0.90
CA ALA B 517 -18.86 -24.65 1.65
C ALA B 517 -18.13 -25.71 2.46
N ASN B 518 -16.81 -25.83 2.30
CA ASN B 518 -15.98 -26.77 3.04
C ASN B 518 -14.85 -26.00 3.70
N LEU B 519 -15.07 -25.58 4.94
CA LEU B 519 -14.08 -24.81 5.66
C LEU B 519 -12.91 -25.69 6.11
N GLN B 520 -11.70 -25.17 6.00
CA GLN B 520 -10.55 -25.81 6.59
C GLN B 520 -10.46 -25.51 8.07
N ASN B 521 -9.89 -26.45 8.84
CA ASN B 521 -9.75 -26.28 10.26
C ASN B 521 -8.88 -25.06 10.57
N GLY B 522 -9.33 -24.22 11.49
CA GLY B 522 -8.57 -23.04 11.83
C GLY B 522 -9.38 -22.06 12.66
N PHE B 523 -8.88 -20.83 12.68
CA PHE B 523 -9.49 -19.74 13.43
C PHE B 523 -9.97 -18.68 12.45
N TYR B 524 -11.21 -18.23 12.63
CA TYR B 524 -11.81 -17.27 11.71
C TYR B 524 -12.37 -16.09 12.48
N PRO B 525 -12.27 -14.88 11.93
CA PRO B 525 -12.83 -13.71 12.62
C PRO B 525 -14.34 -13.70 12.55
N VAL B 526 -14.97 -13.32 13.67
CA VAL B 526 -16.41 -13.14 13.76
C VAL B 526 -16.69 -11.93 14.63
N ALA B 527 -17.96 -11.53 14.67
CA ALA B 527 -18.42 -10.50 15.58
C ALA B 527 -19.10 -11.14 16.78
N SER B 528 -18.95 -10.53 17.94
CA SER B 528 -19.47 -11.12 19.16
C SER B 528 -20.99 -11.08 19.23
N SER B 529 -21.62 -10.17 18.50
CA SER B 529 -23.09 -10.02 18.53
C SER B 529 -23.58 -9.14 17.39
N GLU B 530 -24.90 -9.03 17.23
CA GLU B 530 -25.48 -8.15 16.17
C GLU B 530 -26.45 -7.17 16.85
N VAL B 531 -26.22 -5.86 16.68
CA VAL B 531 -27.06 -4.83 17.35
C VAL B 531 -28.47 -4.85 16.76
N GLY B 532 -29.50 -4.87 17.61
CA GLY B 532 -30.89 -4.84 17.12
C GLY B 532 -31.49 -3.45 17.26
N LEU B 533 -32.70 -3.35 17.82
CA LEU B 533 -33.36 -2.05 18.02
C LEU B 533 -32.87 -1.46 19.34
N VAL B 534 -32.27 -0.27 19.31
CA VAL B 534 -31.67 0.32 20.54
C VAL B 534 -32.34 1.67 20.84
N ASN B 535 -32.17 2.16 22.07
CA ASN B 535 -32.69 3.47 22.44
C ASN B 535 -31.78 4.57 21.90
N LYS B 536 -32.21 5.81 22.07
CA LYS B 536 -31.54 6.97 21.52
C LYS B 536 -31.17 7.93 22.64
N SER B 537 -29.93 8.41 22.62
CA SER B 537 -29.42 9.38 23.58
C SER B 537 -28.93 10.61 22.85
N VAL B 538 -29.28 11.79 23.36
CA VAL B 538 -28.87 13.05 22.78
C VAL B 538 -28.36 13.95 23.91
N VAL B 539 -27.15 14.49 23.73
CA VAL B 539 -26.57 15.43 24.69
C VAL B 539 -26.17 16.68 23.94
N LEU B 540 -26.65 17.83 24.39
CA LEU B 540 -26.37 19.12 23.79
C LEU B 540 -25.93 20.11 24.86
N LEU B 541 -25.44 21.26 24.41
CA LEU B 541 -25.04 22.32 25.32
C LEU B 541 -26.26 23.12 25.77
N PRO B 542 -26.22 23.72 26.96
CA PRO B 542 -27.39 24.43 27.48
C PRO B 542 -27.75 25.64 26.64
N SER B 543 -29.04 25.93 26.58
CA SER B 543 -29.54 27.08 25.83
C SER B 543 -30.98 27.34 26.25
N PHE B 544 -31.51 28.47 25.78
CA PHE B 544 -32.93 28.75 25.93
C PHE B 544 -33.75 27.88 24.99
N TYR B 545 -34.99 27.62 25.37
CA TYR B 545 -35.90 26.79 24.56
C TYR B 545 -36.87 27.71 23.83
N SER B 546 -36.66 27.86 22.52
CA SER B 546 -37.57 28.58 21.65
C SER B 546 -37.64 27.82 20.33
N HIS B 547 -38.82 27.30 20.02
CA HIS B 547 -39.02 26.42 18.87
C HIS B 547 -39.80 27.13 17.78
N THR B 548 -39.38 26.92 16.55
CA THR B 548 -40.07 27.46 15.37
C THR B 548 -40.48 26.30 14.47
N SER B 549 -41.69 26.36 13.95
CA SER B 549 -42.16 25.43 12.92
C SER B 549 -42.15 26.14 11.58
N VAL B 550 -41.46 25.57 10.61
CA VAL B 550 -41.33 26.13 9.28
C VAL B 550 -42.16 25.26 8.35
N ASN B 551 -43.33 25.74 7.97
CA ASN B 551 -44.22 25.06 7.05
C ASN B 551 -43.99 25.60 5.64
N ILE B 552 -43.67 24.71 4.71
CA ILE B 552 -43.50 25.07 3.31
C ILE B 552 -44.72 24.56 2.56
N THR B 553 -45.45 25.48 1.93
CA THR B 553 -46.62 25.14 1.13
C THR B 553 -46.22 25.05 -0.33
N ILE B 554 -46.60 23.96 -0.98
CA ILE B 554 -46.27 23.73 -2.37
C ILE B 554 -47.56 23.44 -3.12
N ASP B 555 -47.84 24.24 -4.16
CA ASP B 555 -49.03 24.12 -4.98
C ASP B 555 -48.62 23.55 -6.34
N LEU B 556 -48.92 22.28 -6.57
CA LEU B 556 -48.58 21.62 -7.82
C LEU B 556 -49.65 21.84 -8.86
N GLY B 557 -49.23 22.15 -10.07
CA GLY B 557 -50.10 22.19 -11.21
C GLY B 557 -49.80 21.05 -12.16
N MET B 558 -50.80 20.22 -12.45
CA MET B 558 -50.62 19.05 -13.29
C MET B 558 -51.47 19.19 -14.55
N LYS B 559 -50.99 18.58 -15.63
CA LYS B 559 -51.72 18.51 -16.88
C LYS B 559 -51.53 17.11 -17.46
N LEU B 560 -52.34 16.78 -18.45
CA LEU B 560 -52.24 15.49 -19.12
C LEU B 560 -51.60 15.69 -20.49
N SER B 561 -50.54 14.92 -20.76
CA SER B 561 -49.85 15.03 -22.03
C SER B 561 -50.68 14.37 -23.13
N GLY B 562 -50.26 14.61 -24.38
CA GLY B 562 -50.94 13.98 -25.50
C GLY B 562 -50.79 12.47 -25.48
N TYR B 563 -49.64 11.99 -25.01
CA TYR B 563 -49.43 10.55 -24.87
C TYR B 563 -50.36 9.92 -23.84
N GLY B 564 -50.85 10.69 -22.88
CA GLY B 564 -51.70 10.18 -21.83
C GLY B 564 -51.03 9.98 -20.49
N GLN B 565 -50.04 10.79 -20.14
CA GLN B 565 -49.33 10.66 -18.88
C GLN B 565 -49.29 12.01 -18.16
N PRO B 566 -49.21 12.01 -16.83
CA PRO B 566 -49.18 13.28 -16.09
C PRO B 566 -47.90 14.06 -16.34
N ILE B 567 -48.04 15.39 -16.43
CA ILE B 567 -46.91 16.31 -16.57
C ILE B 567 -47.08 17.41 -15.54
N ALA B 568 -46.09 17.57 -14.67
CA ALA B 568 -46.14 18.59 -13.65
C ALA B 568 -45.66 19.93 -14.23
N SER B 569 -46.43 20.99 -13.95
CA SER B 569 -46.15 22.29 -14.54
C SER B 569 -44.99 22.97 -13.83
N ALA B 570 -44.28 23.81 -14.58
CA ALA B 570 -43.24 24.65 -14.02
C ALA B 570 -43.80 25.89 -13.34
N LEU B 571 -45.11 26.14 -13.46
CA LEU B 571 -45.79 27.22 -12.77
C LEU B 571 -46.22 26.83 -11.36
N SER B 572 -45.72 25.71 -10.86
CA SER B 572 -45.99 25.33 -9.48
C SER B 572 -45.33 26.33 -8.53
N ASN B 573 -46.00 26.61 -7.41
CA ASN B 573 -45.61 27.68 -6.53
C ASN B 573 -45.15 27.14 -5.18
N ILE B 574 -44.17 27.82 -4.58
CA ILE B 574 -43.68 27.53 -3.25
C ILE B 574 -43.94 28.74 -2.37
N THR B 575 -44.50 28.52 -1.19
CA THR B 575 -44.86 29.59 -0.26
C THR B 575 -44.10 29.38 1.05
N LEU B 576 -43.13 30.24 1.31
CA LEU B 576 -42.42 30.23 2.57
C LEU B 576 -43.20 30.99 3.62
N PRO B 577 -42.96 30.73 4.90
CA PRO B 577 -43.63 31.50 5.95
C PRO B 577 -43.30 32.98 5.86
N MET B 578 -44.25 33.80 6.31
CA MET B 578 -44.08 35.25 6.28
C MET B 578 -42.96 35.69 7.22
N GLN B 579 -42.14 36.61 6.75
CA GLN B 579 -41.07 37.17 7.57
C GLN B 579 -40.60 38.47 6.94
N ASP B 580 -40.64 39.55 7.71
CA ASP B 580 -40.24 40.88 7.24
C ASP B 580 -41.02 41.28 5.98
N ASN B 581 -42.33 41.01 5.99
CA ASN B 581 -43.23 41.40 4.92
C ASN B 581 -42.82 40.78 3.58
N ASN B 582 -42.41 39.52 3.61
CA ASN B 582 -42.03 38.79 2.41
C ASN B 582 -42.29 37.31 2.62
N THR B 583 -42.37 36.57 1.51
CA THR B 583 -42.56 35.12 1.56
C THR B 583 -41.59 34.39 0.63
N ASP B 584 -40.45 34.99 0.31
CA ASP B 584 -39.47 34.37 -0.54
C ASP B 584 -38.15 34.05 0.16
N VAL B 585 -37.91 34.62 1.34
CA VAL B 585 -36.74 34.31 2.15
C VAL B 585 -37.19 34.07 3.58
N TYR B 586 -36.64 33.02 4.20
CA TYR B 586 -36.94 32.73 5.60
C TYR B 586 -35.67 32.31 6.31
N CYS B 587 -35.32 33.02 7.38
CA CYS B 587 -34.15 32.71 8.18
C CYS B 587 -34.57 32.29 9.59
N ILE B 588 -33.97 31.20 10.08
CA ILE B 588 -34.29 30.70 11.42
C ILE B 588 -33.74 31.68 12.45
N ARG B 589 -34.62 32.16 13.34
CA ARG B 589 -34.25 33.14 14.35
C ARG B 589 -34.51 32.63 15.77
N SER B 590 -34.68 31.33 15.94
CA SER B 590 -34.88 30.73 17.25
C SER B 590 -33.75 29.75 17.54
N ASN B 591 -33.87 29.04 18.66
CA ASN B 591 -32.87 28.06 19.06
C ASN B 591 -33.11 26.69 18.44
N GLN B 592 -34.37 26.30 18.27
CA GLN B 592 -34.73 25.03 17.67
C GLN B 592 -35.79 25.24 16.60
N PHE B 593 -35.81 24.34 15.62
CA PHE B 593 -36.80 24.44 14.55
C PHE B 593 -37.14 23.06 14.02
N SER B 594 -38.30 22.98 13.38
CA SER B 594 -38.74 21.81 12.65
C SER B 594 -39.26 22.26 11.29
N VAL B 595 -39.20 21.37 10.30
CA VAL B 595 -39.61 21.69 8.94
C VAL B 595 -40.69 20.71 8.50
N TYR B 596 -41.73 21.25 7.86
CA TYR B 596 -42.84 20.45 7.36
C TYR B 596 -43.17 20.88 5.94
N VAL B 597 -43.74 19.96 5.16
CA VAL B 597 -44.17 20.23 3.79
C VAL B 597 -45.65 19.94 3.69
N HIS B 598 -46.42 20.92 3.23
CA HIS B 598 -47.84 20.78 2.96
C HIS B 598 -48.06 21.04 1.48
N SER B 599 -48.72 20.11 0.79
CA SER B 599 -48.87 20.17 -0.65
C SER B 599 -50.33 20.15 -1.05
N THR B 600 -50.63 20.87 -2.13
CA THR B 600 -51.93 20.85 -2.78
C THR B 600 -51.74 20.57 -4.27
N CYS B 601 -52.78 20.07 -4.92
CA CYS B 601 -52.74 19.67 -6.31
C CYS B 601 -53.90 20.29 -7.06
N LYS B 602 -53.63 20.78 -8.28
CA LYS B 602 -54.69 21.29 -9.14
C LYS B 602 -54.33 21.01 -10.59
N SER B 603 -55.36 20.90 -11.44
CA SER B 603 -55.20 20.46 -12.82
C SER B 603 -55.60 21.55 -13.80
N SER B 604 -55.07 21.44 -15.02
CA SER B 604 -55.36 22.38 -16.10
C SER B 604 -55.62 21.59 -17.39
N LEU B 605 -55.82 22.33 -18.48
CA LEU B 605 -56.19 21.77 -19.79
C LEU B 605 -55.34 22.39 -20.90
N TRP B 606 -54.02 22.41 -20.70
CA TRP B 606 -53.00 22.97 -21.58
C TRP B 606 -53.02 24.49 -21.64
N ASP B 607 -53.99 25.14 -21.01
CA ASP B 607 -54.05 26.60 -20.99
C ASP B 607 -53.49 27.20 -19.72
N ASN B 608 -52.92 26.39 -18.83
CA ASN B 608 -52.30 26.85 -17.59
C ASN B 608 -53.27 27.65 -16.73
N VAL B 609 -54.53 27.25 -16.73
CA VAL B 609 -55.55 27.81 -15.86
C VAL B 609 -56.00 26.67 -14.96
N PHE B 610 -55.53 26.68 -13.72
CA PHE B 610 -55.76 25.57 -12.79
C PHE B 610 -57.03 25.83 -12.01
N ASN B 611 -58.16 25.44 -12.57
CA ASN B 611 -59.46 25.64 -11.95
C ASN B 611 -60.07 24.37 -11.39
N SER B 612 -59.62 23.20 -11.82
CA SER B 612 -60.14 21.93 -11.37
C SER B 612 -59.21 21.29 -10.36
N ASP B 613 -59.71 20.26 -9.69
CA ASP B 613 -58.93 19.48 -8.74
C ASP B 613 -58.29 18.28 -9.45
N CYS B 614 -57.24 17.75 -8.84
CA CYS B 614 -56.52 16.63 -9.43
C CYS B 614 -57.33 15.35 -9.28
N THR B 615 -57.51 14.63 -10.38
CA THR B 615 -58.22 13.35 -10.37
C THR B 615 -57.27 12.26 -9.89
N ASP B 616 -57.69 11.01 -10.04
CA ASP B 616 -56.86 9.89 -9.59
C ASP B 616 -55.59 9.77 -10.43
N VAL B 617 -55.69 9.96 -11.75
CA VAL B 617 -54.52 9.85 -12.60
C VAL B 617 -53.57 11.03 -12.39
N LEU B 618 -54.12 12.23 -12.25
CA LEU B 618 -53.33 13.44 -12.19
C LEU B 618 -52.95 13.84 -10.76
N HIS B 619 -53.19 12.99 -9.77
CA HIS B 619 -52.84 13.30 -8.39
C HIS B 619 -51.34 13.18 -8.20
N ALA B 620 -50.78 14.10 -7.41
CA ALA B 620 -49.34 14.10 -7.12
C ALA B 620 -49.12 14.64 -5.72
N THR B 621 -47.95 14.32 -5.16
CA THR B 621 -47.54 14.80 -3.85
C THR B 621 -46.18 15.47 -3.96
N ALA B 622 -45.99 16.55 -3.22
CA ALA B 622 -44.75 17.29 -3.25
C ALA B 622 -43.71 16.63 -2.35
N VAL B 623 -42.52 16.39 -2.89
CA VAL B 623 -41.40 15.88 -2.12
C VAL B 623 -40.20 16.78 -2.34
N ILE B 624 -39.30 16.80 -1.37
CA ILE B 624 -38.09 17.60 -1.44
C ILE B 624 -36.90 16.66 -1.36
N LYS B 625 -36.02 16.73 -2.36
CA LYS B 625 -34.89 15.84 -2.52
C LYS B 625 -33.59 16.59 -2.33
N THR B 626 -32.51 15.83 -2.09
CA THR B 626 -31.26 16.39 -1.63
C THR B 626 -30.70 17.42 -2.61
N GLY B 627 -30.73 17.12 -3.90
CA GLY B 627 -30.11 17.99 -4.88
C GLY B 627 -28.61 18.06 -4.73
N THR B 628 -28.07 19.27 -4.58
CA THR B 628 -26.64 19.47 -4.43
C THR B 628 -26.23 19.75 -2.99
N CYS B 629 -27.11 19.53 -2.05
CA CYS B 629 -26.79 19.89 -0.67
C CYS B 629 -26.04 18.75 0.02
N PRO B 630 -25.24 19.06 1.05
CA PRO B 630 -24.60 18.02 1.85
C PRO B 630 -25.50 17.38 2.90
N PHE B 631 -26.80 17.64 2.84
CA PHE B 631 -27.75 17.06 3.77
C PHE B 631 -29.10 16.95 3.07
N SER B 632 -29.97 16.14 3.64
CA SER B 632 -31.30 15.93 3.10
C SER B 632 -32.32 16.76 3.88
N PHE B 633 -33.40 17.12 3.19
CA PHE B 633 -34.47 17.88 3.84
C PHE B 633 -35.14 17.06 4.93
N ASP B 634 -35.35 15.76 4.69
CA ASP B 634 -35.99 14.90 5.67
C ASP B 634 -35.10 14.61 6.87
N LYS B 635 -33.80 14.90 6.79
CA LYS B 635 -32.88 14.68 7.89
C LYS B 635 -32.57 15.95 8.66
N LEU B 636 -33.18 17.08 8.31
CA LEU B 636 -32.92 18.33 9.02
C LEU B 636 -33.42 18.26 10.45
N ASN B 637 -34.42 17.44 10.73
CA ASN B 637 -34.97 17.29 12.07
C ASN B 637 -34.21 16.28 12.91
N ASN B 638 -33.14 15.69 12.38
CA ASN B 638 -32.35 14.69 13.10
C ASN B 638 -31.18 15.33 13.84
N TYR B 639 -31.46 16.36 14.62
CA TYR B 639 -30.47 17.02 15.48
C TYR B 639 -29.27 17.52 14.71
N LEU B 640 -29.52 18.15 13.56
CA LEU B 640 -28.47 18.84 12.82
C LEU B 640 -28.31 20.25 13.36
N THR B 641 -27.06 20.67 13.54
CA THR B 641 -26.75 21.95 14.14
C THR B 641 -26.04 22.85 13.12
N PHE B 642 -26.45 24.11 13.08
CA PHE B 642 -25.85 25.11 12.23
C PHE B 642 -25.62 26.38 13.05
N ASN B 643 -24.80 27.27 12.52
CA ASN B 643 -24.73 28.62 13.04
C ASN B 643 -25.70 29.56 12.33
N LYS B 644 -26.07 29.24 11.09
CA LYS B 644 -27.05 30.04 10.35
C LYS B 644 -27.75 29.13 9.35
N PHE B 645 -29.05 29.33 9.17
CA PHE B 645 -29.82 28.52 8.23
C PHE B 645 -30.95 29.35 7.64
N CYS B 646 -30.94 29.52 6.32
CA CYS B 646 -31.97 30.27 5.62
C CYS B 646 -32.38 29.53 4.35
N LEU B 647 -33.67 29.61 4.04
CA LEU B 647 -34.25 29.08 2.82
C LEU B 647 -34.70 30.24 1.93
N SER B 648 -34.55 30.06 0.61
CA SER B 648 -34.83 31.14 -0.32
C SER B 648 -35.30 30.57 -1.65
N LEU B 649 -35.99 31.42 -2.41
CA LEU B 649 -36.44 31.08 -3.76
C LEU B 649 -35.55 31.67 -4.84
N HIS B 650 -34.47 32.36 -4.46
CA HIS B 650 -33.57 33.00 -5.41
C HIS B 650 -32.16 32.47 -5.26
N PRO B 651 -31.43 32.30 -6.36
CA PRO B 651 -30.13 31.61 -6.30
C PRO B 651 -28.96 32.48 -5.89
N VAL B 652 -29.17 33.75 -5.54
CA VAL B 652 -28.06 34.65 -5.25
C VAL B 652 -27.47 34.31 -3.88
N GLY B 653 -26.19 33.95 -3.86
CA GLY B 653 -25.50 33.69 -2.62
C GLY B 653 -25.82 32.38 -1.94
N ALA B 654 -26.45 31.44 -2.64
CA ALA B 654 -26.83 30.18 -2.02
C ALA B 654 -25.65 29.21 -1.99
N ASN B 655 -25.55 28.46 -0.88
CA ASN B 655 -24.54 27.41 -0.79
C ASN B 655 -24.93 26.20 -1.62
N CYS B 656 -26.19 25.79 -1.56
CA CYS B 656 -26.68 24.62 -2.28
C CYS B 656 -28.17 24.80 -2.52
N LYS B 657 -28.78 23.81 -3.17
CA LYS B 657 -30.21 23.86 -3.45
C LYS B 657 -30.82 22.47 -3.31
N PHE B 658 -32.06 22.43 -2.86
CA PHE B 658 -32.88 21.24 -2.85
C PHE B 658 -33.64 21.11 -4.16
N ASP B 659 -34.25 19.95 -4.37
CA ASP B 659 -35.05 19.70 -5.58
C ASP B 659 -36.48 19.42 -5.17
N VAL B 660 -37.40 20.31 -5.55
CA VAL B 660 -38.82 20.11 -5.29
C VAL B 660 -39.40 19.33 -6.46
N ALA B 661 -40.05 18.20 -6.16
CA ALA B 661 -40.55 17.31 -7.19
C ALA B 661 -41.99 16.92 -6.89
N ALA B 662 -42.67 16.47 -7.94
CA ALA B 662 -44.03 15.96 -7.89
C ALA B 662 -43.95 14.45 -8.06
N ARG B 663 -44.54 13.73 -7.12
CA ARG B 663 -44.59 12.27 -7.14
C ARG B 663 -45.98 11.82 -7.53
N THR B 664 -46.09 11.11 -8.65
CA THR B 664 -47.33 10.52 -9.10
C THR B 664 -47.30 9.02 -8.80
N ARG B 665 -48.29 8.29 -9.31
CA ARG B 665 -48.32 6.84 -9.13
C ARG B 665 -47.18 6.14 -9.86
N THR B 666 -46.54 6.79 -10.82
CA THR B 666 -45.49 6.14 -11.60
C THR B 666 -44.23 6.98 -11.82
N ASN B 667 -44.24 8.28 -11.55
CA ASN B 667 -43.12 9.12 -11.93
C ASN B 667 -42.84 10.17 -10.86
N GLU B 668 -41.60 10.63 -10.83
CA GLU B 668 -41.19 11.80 -10.07
C GLU B 668 -40.61 12.84 -11.02
N GLN B 669 -41.08 14.08 -10.91
CA GLN B 669 -40.65 15.13 -11.83
C GLN B 669 -40.27 16.38 -11.06
N VAL B 670 -39.07 16.90 -11.32
CA VAL B 670 -38.57 18.08 -10.62
C VAL B 670 -39.18 19.32 -11.26
N VAL B 671 -39.79 20.18 -10.43
CA VAL B 671 -40.54 21.33 -10.90
C VAL B 671 -39.90 22.64 -10.49
N ARG B 672 -39.31 22.71 -9.30
CA ARG B 672 -38.81 23.96 -8.75
C ARG B 672 -37.47 23.72 -8.07
N SER B 673 -36.91 24.79 -7.51
CA SER B 673 -35.66 24.74 -6.76
C SER B 673 -35.82 25.53 -5.47
N LEU B 674 -35.26 25.01 -4.39
CA LEU B 674 -35.23 25.67 -3.10
C LEU B 674 -33.77 25.85 -2.69
N TYR B 675 -33.35 27.09 -2.49
CA TYR B 675 -31.95 27.38 -2.22
C TYR B 675 -31.71 27.56 -0.73
N VAL B 676 -30.51 27.15 -0.29
CA VAL B 676 -30.16 27.10 1.11
C VAL B 676 -28.91 27.94 1.33
N ILE B 677 -28.91 28.73 2.40
CA ILE B 677 -27.73 29.46 2.86
C ILE B 677 -27.48 29.05 4.31
N TYR B 678 -26.35 28.41 4.57
CA TYR B 678 -26.09 27.90 5.90
C TYR B 678 -24.66 28.19 6.33
N GLU B 679 -24.47 28.26 7.63
CA GLU B 679 -23.17 28.41 8.27
C GLU B 679 -23.07 27.38 9.38
N GLU B 680 -22.01 26.58 9.35
CA GLU B 680 -21.82 25.50 10.31
C GLU B 680 -21.56 26.05 11.71
N GLY B 681 -22.04 25.31 12.71
CA GLY B 681 -21.93 25.77 14.09
C GLY B 681 -22.76 24.90 15.01
N ASP B 682 -23.19 25.49 16.11
CA ASP B 682 -24.02 24.78 17.08
C ASP B 682 -25.11 25.64 17.70
N ASN B 683 -25.34 26.85 17.20
CA ASN B 683 -26.33 27.73 17.81
C ASN B 683 -27.75 27.22 17.58
N ILE B 684 -28.07 26.83 16.35
CA ILE B 684 -29.41 26.40 15.96
C ILE B 684 -29.39 24.88 15.76
N ALA B 685 -30.40 24.21 16.30
CA ALA B 685 -30.53 22.77 16.19
C ALA B 685 -31.90 22.39 15.66
N GLY B 686 -31.95 21.53 14.64
CA GLY B 686 -33.21 20.97 14.20
C GLY B 686 -33.61 19.81 15.10
N VAL B 687 -34.90 19.72 15.39
CA VAL B 687 -35.40 18.74 16.35
C VAL B 687 -36.61 18.03 15.77
N PRO B 688 -36.90 16.79 16.20
CA PRO B 688 -38.07 16.08 15.64
C PRO B 688 -39.38 16.81 15.83
N SER B 689 -39.59 17.46 16.97
CA SER B 689 -40.82 18.19 17.26
C SER B 689 -40.59 19.02 18.52
N ASP B 690 -41.66 19.66 18.98
CA ASP B 690 -41.61 20.45 20.21
C ASP B 690 -42.44 19.78 21.31
N LEU B 697 -33.66 15.44 24.38
CA LEU B 697 -32.88 16.54 24.90
C LEU B 697 -32.27 16.19 26.26
N SER B 698 -30.94 16.04 26.28
CA SER B 698 -30.19 15.70 27.49
C SER B 698 -30.73 14.43 28.14
N VAL B 699 -31.05 13.44 27.32
CA VAL B 699 -31.51 12.14 27.78
C VAL B 699 -30.38 11.15 27.54
N LEU B 700 -29.92 10.51 28.62
CA LEU B 700 -28.75 9.63 28.57
C LEU B 700 -29.12 8.27 29.14
N HIS B 701 -28.93 7.23 28.34
CA HIS B 701 -29.12 5.85 28.78
C HIS B 701 -27.76 5.22 29.05
N LEU B 702 -27.58 4.67 30.24
CA LEU B 702 -26.29 4.17 30.68
C LEU B 702 -26.32 2.64 30.79
N ASP B 703 -25.13 2.05 30.63
CA ASP B 703 -24.90 0.62 30.86
C ASP B 703 -25.67 -0.28 29.90
N SER B 704 -26.04 0.24 28.73
CA SER B 704 -26.73 -0.55 27.73
C SER B 704 -26.42 0.02 26.36
N CYS B 705 -26.59 -0.80 25.33
CA CYS B 705 -26.35 -0.37 23.97
C CYS B 705 -27.33 0.72 23.58
N THR B 706 -26.83 1.78 22.97
CA THR B 706 -27.65 2.93 22.62
C THR B 706 -27.06 3.64 21.41
N ASP B 707 -27.92 4.28 20.64
CA ASP B 707 -27.51 5.14 19.54
C ASP B 707 -27.42 6.56 20.07
N TYR B 708 -26.22 7.13 20.03
CA TYR B 708 -25.95 8.39 20.71
C TYR B 708 -25.57 9.48 19.74
N ASN B 709 -25.94 10.71 20.11
CA ASN B 709 -25.51 11.94 19.46
C ASN B 709 -25.06 12.86 20.58
N ILE B 710 -23.75 13.02 20.74
CA ILE B 710 -23.16 13.74 21.87
C ILE B 710 -22.28 14.85 21.33
N TYR B 711 -22.74 16.10 21.44
CA TYR B 711 -22.02 17.27 20.94
C TYR B 711 -21.64 17.11 19.48
N GLY B 712 -22.54 16.53 18.71
CA GLY B 712 -22.32 16.34 17.28
C GLY B 712 -21.66 15.05 16.88
N LYS B 713 -21.26 14.21 17.83
CA LYS B 713 -20.65 12.92 17.54
C LYS B 713 -21.71 11.85 17.66
N THR B 714 -21.89 11.06 16.60
CA THR B 714 -22.92 10.05 16.53
C THR B 714 -22.32 8.66 16.48
N GLY B 715 -23.05 7.69 16.99
CA GLY B 715 -22.59 6.32 16.93
C GLY B 715 -23.50 5.38 17.69
N ILE B 716 -23.03 4.14 17.85
CA ILE B 716 -23.71 3.14 18.65
C ILE B 716 -22.71 2.60 19.67
N GLY B 717 -23.12 2.52 20.93
CA GLY B 717 -22.17 2.11 21.96
C GLY B 717 -22.83 2.01 23.31
N ILE B 718 -22.00 1.67 24.29
CA ILE B 718 -22.39 1.60 25.70
C ILE B 718 -21.67 2.73 26.44
N ILE B 719 -22.45 3.49 27.20
CA ILE B 719 -21.96 4.66 27.94
C ILE B 719 -21.97 4.33 29.42
N ARG B 720 -20.83 4.55 30.08
CA ARG B 720 -20.68 4.19 31.48
C ARG B 720 -20.04 5.34 32.25
N GLN B 721 -20.31 5.40 33.55
CA GLN B 721 -19.79 6.45 34.42
C GLN B 721 -18.46 6.01 35.01
N THR B 722 -17.54 6.97 35.18
CA THR B 722 -16.16 6.73 35.57
C THR B 722 -15.80 7.60 36.77
N ASN B 723 -14.77 7.19 37.51
CA ASN B 723 -14.18 8.01 38.57
C ASN B 723 -13.09 8.93 38.04
N SER B 724 -12.84 8.90 36.74
CA SER B 724 -11.72 9.62 36.15
C SER B 724 -11.85 11.12 36.39
N THR B 725 -10.72 11.77 36.57
CA THR B 725 -10.65 13.20 36.88
C THR B 725 -9.79 13.87 35.82
N LEU B 726 -10.43 14.29 34.73
CA LEU B 726 -9.80 15.07 33.68
C LEU B 726 -10.32 16.50 33.79
N LEU B 727 -9.43 17.44 34.11
CA LEU B 727 -9.83 18.81 34.39
C LEU B 727 -9.96 19.66 33.13
N SER B 728 -9.55 19.15 31.98
CA SER B 728 -9.55 19.92 30.75
C SER B 728 -10.55 19.35 29.75
N GLY B 729 -11.18 20.24 28.98
CA GLY B 729 -11.93 19.84 27.81
C GLY B 729 -13.34 19.38 28.08
N LEU B 730 -14.02 19.05 26.98
CA LEU B 730 -15.39 18.57 26.98
C LEU B 730 -15.51 17.11 26.60
N TYR B 731 -14.82 16.69 25.54
CA TYR B 731 -14.90 15.32 25.06
C TYR B 731 -13.57 14.94 24.44
N TYR B 732 -13.37 13.63 24.27
CA TYR B 732 -12.09 13.07 23.87
C TYR B 732 -12.32 12.03 22.78
N THR B 733 -11.47 12.06 21.76
CA THR B 733 -11.58 11.13 20.64
C THR B 733 -10.28 10.35 20.48
N SER B 734 -10.34 9.32 19.65
CA SER B 734 -9.18 8.47 19.39
C SER B 734 -8.41 8.99 18.18
N LEU B 735 -7.32 8.29 17.84
CA LEU B 735 -6.50 8.69 16.71
C LEU B 735 -7.23 8.56 15.38
N SER B 736 -8.24 7.70 15.31
CA SER B 736 -9.08 7.55 14.13
C SER B 736 -10.32 8.41 14.17
N GLY B 737 -10.50 9.22 15.22
CA GLY B 737 -11.60 10.15 15.28
C GLY B 737 -12.88 9.66 15.91
N ASP B 738 -12.82 8.57 16.67
CA ASP B 738 -14.00 8.02 17.32
C ASP B 738 -14.05 8.42 18.78
N LEU B 739 -15.26 8.71 19.26
CA LEU B 739 -15.44 9.24 20.61
C LEU B 739 -15.11 8.18 21.65
N LEU B 740 -14.30 8.54 22.64
CA LEU B 740 -13.93 7.66 23.74
C LEU B 740 -14.56 8.05 25.07
N GLY B 741 -14.83 9.33 25.27
CA GLY B 741 -15.47 9.76 26.50
C GLY B 741 -15.88 11.21 26.40
N PHE B 742 -16.68 11.63 27.37
CA PHE B 742 -17.15 13.01 27.42
C PHE B 742 -17.41 13.39 28.87
N LYS B 743 -17.79 14.65 29.07
CA LYS B 743 -17.93 15.21 30.41
C LYS B 743 -19.29 15.87 30.58
N ASN B 744 -19.84 15.73 31.78
CA ASN B 744 -21.08 16.41 32.15
C ASN B 744 -20.75 17.82 32.61
N VAL B 745 -21.30 18.82 31.92
CA VAL B 745 -20.97 20.22 32.22
C VAL B 745 -21.52 20.67 33.55
N THR B 746 -22.49 19.95 34.11
CA THR B 746 -23.10 20.35 35.37
C THR B 746 -22.36 19.81 36.59
N ASP B 747 -21.91 18.55 36.54
CA ASP B 747 -21.25 17.91 37.66
C ASP B 747 -19.77 17.67 37.46
N GLY B 748 -19.27 17.67 36.23
CA GLY B 748 -17.89 17.35 35.96
C GLY B 748 -17.57 15.88 35.87
N VAL B 749 -18.59 15.02 35.89
CA VAL B 749 -18.37 13.58 35.80
C VAL B 749 -17.96 13.21 34.38
N VAL B 750 -17.06 12.25 34.27
CA VAL B 750 -16.57 11.76 32.98
C VAL B 750 -17.24 10.43 32.68
N TYR B 751 -17.79 10.30 31.47
CA TYR B 751 -18.38 9.07 30.98
C TYR B 751 -17.51 8.51 29.86
N SER B 752 -17.41 7.19 29.81
CA SER B 752 -16.67 6.49 28.77
C SER B 752 -17.64 5.80 27.82
N VAL B 753 -17.22 5.71 26.55
CA VAL B 753 -18.02 5.13 25.48
C VAL B 753 -17.26 3.95 24.90
N THR B 754 -17.91 2.80 24.82
CA THR B 754 -17.29 1.61 24.25
C THR B 754 -18.20 0.99 23.20
N PRO B 755 -17.64 0.25 22.25
CA PRO B 755 -18.49 -0.42 21.25
C PRO B 755 -19.39 -1.47 21.86
N CYS B 756 -20.54 -1.70 21.21
CA CYS B 756 -21.50 -2.68 21.71
C CYS B 756 -21.03 -4.10 21.43
N ASP B 757 -20.42 -4.35 20.27
CA ASP B 757 -19.89 -5.65 19.94
C ASP B 757 -18.43 -5.52 19.52
N VAL B 758 -17.68 -6.59 19.72
CA VAL B 758 -16.24 -6.60 19.47
C VAL B 758 -15.91 -7.80 18.59
N SER B 759 -14.64 -7.86 18.19
CA SER B 759 -14.16 -8.95 17.36
C SER B 759 -13.87 -10.19 18.20
N ALA B 760 -14.21 -11.35 17.66
CA ALA B 760 -13.93 -12.62 18.30
C ALA B 760 -13.28 -13.56 17.29
N GLN B 761 -12.66 -14.61 17.80
CA GLN B 761 -12.06 -15.65 16.97
C GLN B 761 -12.81 -16.95 17.20
N ALA B 762 -13.34 -17.53 16.13
CA ALA B 762 -14.07 -18.79 16.20
C ALA B 762 -13.18 -19.92 15.73
N ALA B 763 -13.21 -21.04 16.46
CA ALA B 763 -12.39 -22.20 16.16
C ALA B 763 -13.24 -23.24 15.45
N VAL B 764 -12.85 -23.56 14.22
CA VAL B 764 -13.59 -24.50 13.37
C VAL B 764 -12.73 -25.75 13.20
N ILE B 765 -13.26 -26.89 13.66
CA ILE B 765 -12.64 -28.19 13.49
C ILE B 765 -13.69 -29.13 12.93
N ASP B 766 -13.40 -29.71 11.76
CA ASP B 766 -14.31 -30.63 11.08
C ASP B 766 -15.65 -29.97 10.79
N GLY B 767 -15.62 -28.72 10.35
CA GLY B 767 -16.83 -28.02 9.95
C GLY B 767 -17.83 -27.77 11.07
N THR B 768 -17.35 -27.45 12.26
CA THR B 768 -18.22 -27.11 13.37
C THR B 768 -17.50 -26.11 14.28
N ILE B 769 -18.29 -25.32 15.00
CA ILE B 769 -17.76 -24.34 15.94
C ILE B 769 -17.60 -25.01 17.29
N VAL B 770 -16.35 -25.15 17.74
CA VAL B 770 -16.06 -25.78 19.01
C VAL B 770 -15.69 -24.77 20.10
N GLY B 771 -15.28 -23.57 19.73
CA GLY B 771 -14.93 -22.57 20.73
C GLY B 771 -14.77 -21.21 20.09
N ALA B 772 -14.62 -20.22 20.95
CA ALA B 772 -14.46 -18.84 20.54
C ALA B 772 -13.71 -18.06 21.62
N MET B 773 -12.73 -17.29 21.19
CA MET B 773 -12.01 -16.37 22.06
C MET B 773 -12.55 -14.96 21.88
N THR B 774 -12.89 -14.31 22.99
CA THR B 774 -13.53 -13.01 22.95
C THR B 774 -13.08 -12.19 24.16
N SER B 775 -13.24 -10.88 24.05
CA SER B 775 -12.89 -9.97 25.13
C SER B 775 -14.07 -9.62 26.02
N ILE B 776 -15.26 -10.14 25.73
CA ILE B 776 -16.47 -9.85 26.48
C ILE B 776 -16.95 -11.14 27.13
N ASN B 777 -17.30 -11.05 28.42
CA ASN B 777 -17.83 -12.21 29.15
C ASN B 777 -19.34 -12.32 28.91
N SER B 778 -19.68 -12.71 27.69
CA SER B 778 -21.06 -12.94 27.31
C SER B 778 -21.10 -14.07 26.28
N GLU B 779 -22.21 -14.81 26.27
CA GLU B 779 -22.34 -15.94 25.37
C GLU B 779 -22.39 -15.47 23.92
N LEU B 780 -21.86 -16.31 23.03
CA LEU B 780 -21.81 -15.96 21.61
C LEU B 780 -21.69 -17.23 20.79
N LEU B 781 -22.18 -17.16 19.55
CA LEU B 781 -22.10 -18.25 18.58
C LEU B 781 -22.74 -19.54 19.10
N GLY B 782 -23.69 -19.41 20.03
CA GLY B 782 -24.37 -20.57 20.57
C GLY B 782 -23.58 -21.39 21.55
N LEU B 783 -22.57 -20.81 22.18
CA LEU B 783 -21.75 -21.50 23.17
C LEU B 783 -22.11 -21.00 24.57
N THR B 784 -22.05 -21.90 25.54
CA THR B 784 -22.52 -21.60 26.90
C THR B 784 -21.42 -21.68 27.94
N HIS B 785 -20.64 -22.77 27.95
CA HIS B 785 -19.59 -22.95 28.94
C HIS B 785 -18.37 -22.11 28.57
N TRP B 786 -17.65 -21.64 29.59
CA TRP B 786 -16.53 -20.76 29.35
C TRP B 786 -15.47 -20.91 30.42
N THR B 787 -14.28 -20.43 30.09
CA THR B 787 -13.14 -20.39 30.99
C THR B 787 -12.39 -19.09 30.75
N THR B 788 -11.49 -18.75 31.67
CA THR B 788 -10.74 -17.51 31.62
C THR B 788 -9.27 -17.79 31.36
N THR B 789 -8.64 -16.93 30.57
CA THR B 789 -7.24 -16.99 30.24
C THR B 789 -6.61 -15.63 30.54
N PRO B 790 -5.28 -15.55 30.58
CA PRO B 790 -4.64 -14.23 30.81
C PRO B 790 -5.04 -13.16 29.80
N ASN B 791 -5.36 -13.51 28.56
CA ASN B 791 -5.62 -12.51 27.54
C ASN B 791 -7.09 -12.42 27.13
N PHE B 792 -7.88 -13.47 27.29
CA PHE B 792 -9.24 -13.48 26.73
C PHE B 792 -10.12 -14.40 27.54
N TYR B 793 -11.41 -14.41 27.20
CA TYR B 793 -12.35 -15.43 27.62
C TYR B 793 -12.50 -16.45 26.51
N TYR B 794 -12.62 -17.72 26.89
CA TYR B 794 -12.78 -18.80 25.93
C TYR B 794 -14.11 -19.50 26.18
N TYR B 795 -15.00 -19.46 25.19
CA TYR B 795 -16.27 -20.16 25.26
C TYR B 795 -16.18 -21.42 24.43
N SER B 796 -16.76 -22.51 24.91
CA SER B 796 -16.54 -23.81 24.29
C SER B 796 -17.79 -24.67 24.36
N ILE B 797 -17.78 -25.72 23.54
CA ILE B 797 -18.75 -26.81 23.72
C ILE B 797 -18.33 -27.75 24.83
N TYR B 798 -17.06 -27.72 25.22
CA TYR B 798 -16.58 -28.55 26.31
C TYR B 798 -17.24 -28.13 27.62
N ASN B 799 -17.53 -29.11 28.47
CA ASN B 799 -18.27 -28.88 29.71
C ASN B 799 -17.33 -28.27 30.74
N TYR B 800 -17.16 -26.96 30.65
CA TYR B 800 -16.36 -26.22 31.61
C TYR B 800 -17.21 -25.86 32.83
N THR B 801 -16.65 -26.09 34.01
CA THR B 801 -17.35 -25.81 35.26
C THR B 801 -17.45 -24.30 35.50
N VAL B 815 -6.55 -30.78 31.31
CA VAL B 815 -7.17 -31.77 30.44
C VAL B 815 -6.15 -32.41 29.52
N ASP B 816 -6.04 -33.74 29.59
CA ASP B 816 -5.17 -34.50 28.70
C ASP B 816 -5.78 -34.45 27.30
N CYS B 817 -5.00 -33.99 26.33
CA CYS B 817 -5.54 -33.64 25.02
C CYS B 817 -4.49 -33.81 23.93
N GLU B 818 -4.99 -33.97 22.71
CA GLU B 818 -4.17 -33.84 21.51
C GLU B 818 -4.69 -32.70 20.66
N PRO B 819 -4.02 -31.54 20.64
CA PRO B 819 -4.55 -30.39 19.90
C PRO B 819 -4.58 -30.64 18.40
N ILE B 820 -5.55 -30.04 17.73
CA ILE B 820 -5.69 -30.15 16.28
C ILE B 820 -5.27 -28.86 15.58
N ILE B 821 -5.80 -27.73 16.03
CA ILE B 821 -5.41 -26.42 15.51
C ILE B 821 -4.75 -25.65 16.66
N THR B 822 -3.66 -24.95 16.34
CA THR B 822 -2.81 -24.40 17.39
C THR B 822 -2.09 -23.16 16.88
N TYR B 823 -2.23 -22.05 17.60
CA TYR B 823 -1.37 -20.89 17.44
C TYR B 823 -0.79 -20.50 18.79
N SER B 824 0.41 -19.93 18.75
CA SER B 824 1.11 -19.49 19.96
C SER B 824 1.24 -20.70 20.90
N ASN B 825 1.10 -20.47 22.20
CA ASN B 825 1.04 -21.55 23.17
C ASN B 825 -0.37 -22.08 23.38
N ILE B 826 -1.28 -21.83 22.44
CA ILE B 826 -2.68 -22.17 22.56
C ILE B 826 -3.00 -23.31 21.60
N GLY B 827 -3.74 -24.30 22.08
CA GLY B 827 -4.21 -25.37 21.24
C GLY B 827 -5.64 -25.75 21.55
N VAL B 828 -6.42 -26.07 20.53
CA VAL B 828 -7.83 -26.40 20.68
C VAL B 828 -8.04 -27.84 20.25
N CYS B 829 -8.77 -28.60 21.06
CA CYS B 829 -9.03 -30.00 20.78
C CYS B 829 -10.33 -30.17 20.00
N LYS B 830 -10.66 -31.41 19.66
CA LYS B 830 -11.89 -31.70 18.96
C LYS B 830 -13.10 -31.67 19.87
N ASN B 831 -12.93 -31.93 21.17
CA ASN B 831 -14.00 -31.74 22.13
C ASN B 831 -14.11 -30.31 22.62
N GLY B 832 -13.35 -29.39 22.01
CA GLY B 832 -13.46 -27.98 22.33
C GLY B 832 -12.64 -27.52 23.51
N ALA B 833 -11.79 -28.37 24.07
CA ALA B 833 -10.99 -27.99 25.22
C ALA B 833 -9.76 -27.19 24.79
N LEU B 834 -9.32 -26.29 25.68
CA LEU B 834 -8.19 -25.42 25.44
C LEU B 834 -6.99 -25.94 26.24
N VAL B 835 -5.86 -26.12 25.57
CA VAL B 835 -4.65 -26.62 26.20
C VAL B 835 -3.47 -25.72 25.83
N PHE B 836 -2.36 -25.93 26.53
CA PHE B 836 -1.18 -25.09 26.38
C PHE B 836 -0.06 -25.91 25.76
N ILE B 837 0.61 -25.33 24.77
CA ILE B 837 1.63 -26.00 23.99
C ILE B 837 2.99 -25.56 24.52
N ASN B 838 3.75 -26.51 25.08
CA ASN B 838 5.07 -26.21 25.58
C ASN B 838 6.11 -26.35 24.47
N VAL B 839 7.34 -25.96 24.79
CA VAL B 839 8.44 -26.03 23.84
C VAL B 839 8.96 -27.46 23.78
N THR B 840 9.55 -27.83 22.65
CA THR B 840 10.04 -29.18 22.44
C THR B 840 11.20 -29.50 23.39
N HIS B 841 11.24 -30.75 23.83
CA HIS B 841 12.26 -31.23 24.75
C HIS B 841 13.16 -32.24 24.06
N SER B 842 14.42 -32.30 24.49
CA SER B 842 15.38 -33.27 23.98
C SER B 842 16.40 -33.58 25.06
N ASP B 843 17.14 -34.67 24.86
CA ASP B 843 18.16 -35.07 25.81
C ASP B 843 19.29 -34.06 25.90
N GLY B 844 19.72 -33.52 24.76
CA GLY B 844 20.76 -32.54 24.72
C GLY B 844 21.85 -32.91 23.72
N ASP B 845 22.86 -32.06 23.67
CA ASP B 845 23.99 -32.25 22.77
C ASP B 845 25.12 -32.97 23.49
N VAL B 846 25.84 -33.80 22.74
CA VAL B 846 27.02 -34.47 23.26
C VAL B 846 28.16 -33.47 23.35
N GLN B 847 28.81 -33.43 24.50
CA GLN B 847 29.87 -32.45 24.72
C GLN B 847 31.24 -33.07 24.42
N PRO B 848 32.18 -32.26 23.93
CA PRO B 848 33.50 -32.78 23.54
C PRO B 848 34.47 -32.89 24.71
N ILE B 849 34.07 -33.67 25.72
CA ILE B 849 34.88 -33.83 26.92
C ILE B 849 35.32 -35.28 27.03
N SER B 850 36.47 -35.47 27.69
CA SER B 850 37.09 -36.78 27.82
C SER B 850 37.54 -37.00 29.27
N THR B 851 36.67 -36.68 30.22
CA THR B 851 36.98 -36.89 31.63
C THR B 851 35.74 -37.45 32.31
N GLY B 852 35.92 -38.51 33.09
CA GLY B 852 34.82 -39.02 33.89
C GLY B 852 33.90 -39.93 33.10
N ASN B 853 32.69 -40.09 33.62
CA ASN B 853 31.70 -40.95 32.96
C ASN B 853 31.02 -40.17 31.85
N VAL B 854 31.15 -40.64 30.61
CA VAL B 854 30.62 -39.96 29.45
C VAL B 854 29.75 -40.93 28.66
N THR B 855 28.79 -40.38 27.94
CA THR B 855 27.82 -41.15 27.17
C THR B 855 28.02 -40.94 25.68
N ILE B 856 27.87 -42.00 24.91
CA ILE B 856 28.08 -41.99 23.47
C ILE B 856 26.90 -42.71 22.81
N PRO B 857 26.24 -42.12 21.82
CA PRO B 857 25.10 -42.80 21.19
C PRO B 857 25.52 -44.10 20.51
N THR B 858 24.68 -45.13 20.65
CA THR B 858 25.08 -46.46 20.19
C THR B 858 24.04 -47.17 19.32
N ASN B 859 22.76 -46.94 19.55
CA ASN B 859 21.70 -47.70 18.88
C ASN B 859 20.94 -46.74 17.97
N PHE B 860 21.07 -46.93 16.66
CA PHE B 860 20.66 -45.93 15.68
C PHE B 860 19.55 -46.45 14.79
N THR B 861 18.59 -45.57 14.51
CA THR B 861 17.56 -45.75 13.49
C THR B 861 17.63 -44.58 12.51
N ILE B 862 16.69 -44.51 11.59
CA ILE B 862 16.72 -43.57 10.48
C ILE B 862 15.55 -42.60 10.61
N SER B 863 15.81 -41.32 10.38
CA SER B 863 14.78 -40.29 10.32
C SER B 863 14.89 -39.53 9.00
N VAL B 864 13.77 -39.35 8.33
CA VAL B 864 13.71 -38.63 7.05
C VAL B 864 12.92 -37.36 7.24
N GLN B 865 13.50 -36.22 6.86
CA GLN B 865 12.89 -34.91 7.01
C GLN B 865 12.78 -34.22 5.66
N VAL B 866 11.72 -33.45 5.48
CA VAL B 866 11.35 -32.88 4.19
C VAL B 866 11.53 -31.37 4.25
N GLU B 867 12.10 -30.79 3.19
CA GLU B 867 12.27 -29.35 3.13
C GLU B 867 12.01 -28.84 1.72
N TYR B 868 11.22 -27.78 1.60
CA TYR B 868 10.92 -27.17 0.31
C TYR B 868 11.66 -25.85 0.16
N ILE B 869 12.34 -25.66 -0.96
CA ILE B 869 13.02 -24.40 -1.25
C ILE B 869 12.64 -23.95 -2.65
N GLN B 870 12.25 -22.69 -2.78
CA GLN B 870 11.89 -22.11 -4.07
C GLN B 870 13.15 -21.66 -4.81
N VAL B 871 13.20 -21.96 -6.11
CA VAL B 871 14.36 -21.71 -6.93
C VAL B 871 14.11 -20.60 -7.95
N TYR B 872 12.92 -20.57 -8.55
CA TYR B 872 12.64 -19.61 -9.60
C TYR B 872 11.19 -19.14 -9.48
N THR B 873 10.90 -18.02 -10.12
CA THR B 873 9.55 -17.49 -10.25
C THR B 873 8.97 -17.86 -11.61
N THR B 874 7.67 -17.64 -11.74
CA THR B 874 6.99 -17.85 -13.02
C THR B 874 7.09 -16.59 -13.85
N PRO B 875 7.75 -16.61 -15.00
CA PRO B 875 7.89 -15.38 -15.79
C PRO B 875 6.59 -14.99 -16.46
N VAL B 876 6.32 -13.69 -16.46
CA VAL B 876 5.09 -13.13 -17.02
C VAL B 876 5.46 -12.04 -18.00
N SER B 877 4.91 -12.12 -19.21
CA SER B 877 5.14 -11.13 -20.25
C SER B 877 3.91 -10.24 -20.39
N ILE B 878 4.12 -8.93 -20.31
CA ILE B 878 3.03 -7.95 -20.37
C ILE B 878 3.19 -7.15 -21.65
N ASP B 879 2.16 -7.16 -22.49
CA ASP B 879 2.08 -6.30 -23.66
C ASP B 879 1.42 -5.00 -23.21
N CYS B 880 2.25 -3.98 -22.94
CA CYS B 880 1.74 -2.76 -22.33
C CYS B 880 0.74 -2.04 -23.22
N SER B 881 1.00 -1.98 -24.52
CA SER B 881 0.11 -1.30 -25.45
C SER B 881 -1.25 -1.96 -25.51
N ARG B 882 -1.31 -3.29 -25.51
CA ARG B 882 -2.58 -4.00 -25.53
C ARG B 882 -3.29 -3.97 -24.19
N TYR B 883 -2.56 -3.86 -23.08
CA TYR B 883 -3.20 -3.70 -21.79
C TYR B 883 -3.84 -2.33 -21.64
N VAL B 884 -3.11 -1.28 -21.99
CA VAL B 884 -3.64 0.08 -21.82
C VAL B 884 -4.75 0.35 -22.84
N CYS B 885 -4.47 0.11 -24.12
CA CYS B 885 -5.44 0.28 -25.18
C CYS B 885 -5.85 -1.10 -25.67
N ASN B 886 -7.15 -1.34 -25.76
CA ASN B 886 -7.65 -2.66 -26.13
C ASN B 886 -7.63 -2.85 -27.64
N GLY B 887 -6.46 -2.56 -28.23
CA GLY B 887 -6.31 -2.60 -29.66
C GLY B 887 -6.90 -1.44 -30.41
N ASN B 888 -7.29 -0.37 -29.71
CA ASN B 888 -7.97 0.76 -30.36
C ASN B 888 -6.95 1.65 -31.04
N PRO B 889 -7.06 1.88 -32.36
CA PRO B 889 -6.06 2.70 -33.04
C PRO B 889 -6.03 4.16 -32.58
N ARG B 890 -7.14 4.69 -32.06
CA ARG B 890 -7.14 6.06 -31.57
C ARG B 890 -6.45 6.19 -30.22
N CYS B 891 -6.52 5.15 -29.39
CA CYS B 891 -5.84 5.18 -28.10
C CYS B 891 -4.34 5.02 -28.26
N ASN B 892 -3.89 4.31 -29.30
CA ASN B 892 -2.46 4.13 -29.50
C ASN B 892 -1.75 5.45 -29.79
N LYS B 893 -2.35 6.29 -30.63
CA LYS B 893 -1.77 7.60 -30.93
C LYS B 893 -1.73 8.47 -29.69
N LEU B 894 -2.74 8.36 -28.83
CA LEU B 894 -2.74 9.10 -27.56
C LEU B 894 -1.65 8.60 -26.63
N LEU B 895 -1.43 7.28 -26.59
CA LEU B 895 -0.41 6.70 -25.72
C LEU B 895 1.00 7.00 -26.22
N THR B 896 1.14 7.23 -27.53
CA THR B 896 2.42 7.64 -28.09
C THR B 896 2.95 8.91 -27.43
N GLN B 897 2.04 9.83 -27.06
CA GLN B 897 2.45 11.09 -26.45
C GLN B 897 3.09 10.90 -25.09
N TYR B 898 2.92 9.74 -24.46
CA TYR B 898 3.63 9.41 -23.23
C TYR B 898 4.94 8.74 -23.65
N VAL B 899 6.03 9.49 -23.57
CA VAL B 899 7.28 9.08 -24.20
C VAL B 899 7.91 7.93 -23.40
N SER B 900 8.10 6.79 -24.06
CA SER B 900 8.80 5.64 -23.48
C SER B 900 8.18 5.20 -22.17
N ALA B 901 6.85 5.14 -22.12
CA ALA B 901 6.16 4.67 -20.92
C ALA B 901 5.96 3.16 -20.94
N CYS B 902 5.53 2.61 -22.08
CA CYS B 902 5.42 1.16 -22.20
C CYS B 902 6.79 0.51 -22.35
N GLN B 903 7.70 1.20 -23.03
CA GLN B 903 9.04 0.66 -23.26
C GLN B 903 9.77 0.42 -21.94
N THR B 904 9.64 1.35 -21.00
CA THR B 904 10.31 1.20 -19.71
C THR B 904 9.80 -0.03 -18.96
N ILE B 905 8.49 -0.22 -18.93
CA ILE B 905 7.89 -1.35 -18.23
C ILE B 905 8.34 -2.66 -18.87
N GLU B 906 8.27 -2.73 -20.20
CA GLU B 906 8.65 -3.95 -20.89
C GLU B 906 10.12 -4.26 -20.69
N GLN B 907 10.98 -3.24 -20.76
CA GLN B 907 12.41 -3.46 -20.58
C GLN B 907 12.74 -3.93 -19.17
N ALA B 908 12.11 -3.33 -18.16
CA ALA B 908 12.35 -3.77 -16.79
C ALA B 908 11.94 -5.23 -16.59
N LEU B 909 10.73 -5.58 -17.08
CA LEU B 909 10.26 -6.95 -16.93
C LEU B 909 11.14 -7.94 -17.67
N ALA B 910 11.61 -7.60 -18.87
CA ALA B 910 12.47 -8.49 -19.61
C ALA B 910 13.86 -8.63 -19.00
N MET B 911 14.41 -7.55 -18.48
CA MET B 911 15.74 -7.62 -17.86
C MET B 911 15.72 -8.49 -16.61
N GLY B 912 14.68 -8.36 -15.79
CA GLY B 912 14.60 -9.22 -14.61
C GLY B 912 14.56 -10.70 -14.95
N ALA B 913 13.74 -11.07 -15.94
CA ALA B 913 13.64 -12.46 -16.38
C ALA B 913 14.94 -12.97 -16.99
N ARG B 914 15.62 -12.14 -17.79
CA ARG B 914 16.89 -12.57 -18.36
C ARG B 914 17.94 -12.80 -17.28
N LEU B 915 18.01 -11.92 -16.28
CA LEU B 915 18.94 -12.12 -15.18
C LEU B 915 18.64 -13.40 -14.41
N GLU B 916 17.36 -13.65 -14.12
CA GLU B 916 17.02 -14.89 -13.43
C GLU B 916 17.35 -16.13 -14.26
N ASN B 917 17.09 -16.08 -15.57
CA ASN B 917 17.44 -17.22 -16.42
C ASN B 917 18.94 -17.47 -16.45
N MET B 918 19.74 -16.40 -16.53
CA MET B 918 21.18 -16.56 -16.51
C MET B 918 21.64 -17.16 -15.19
N GLU B 919 21.09 -16.69 -14.07
CA GLU B 919 21.49 -17.24 -12.77
C GLU B 919 21.09 -18.70 -12.64
N VAL B 920 19.91 -19.08 -13.14
CA VAL B 920 19.46 -20.46 -13.02
C VAL B 920 20.28 -21.39 -13.91
N ASP B 921 20.59 -20.95 -15.14
CA ASP B 921 21.24 -21.84 -16.09
C ASP B 921 22.64 -22.25 -15.65
N SER B 922 23.30 -21.43 -14.85
CA SER B 922 24.65 -21.74 -14.37
C SER B 922 24.63 -22.65 -13.15
N MET B 923 23.50 -23.28 -12.86
CA MET B 923 23.32 -24.13 -11.69
C MET B 923 22.85 -25.53 -12.04
N LEU B 924 21.99 -25.68 -13.04
CA LEU B 924 21.50 -26.99 -13.43
C LEU B 924 22.49 -27.67 -14.37
N PHE B 925 22.60 -28.98 -14.24
CA PHE B 925 23.47 -29.79 -15.09
C PHE B 925 22.99 -31.23 -15.02
N VAL B 926 23.40 -32.03 -16.01
CA VAL B 926 23.13 -33.45 -16.05
C VAL B 926 24.37 -34.19 -16.50
N SER B 927 24.39 -35.49 -16.21
CA SER B 927 25.40 -36.39 -16.74
C SER B 927 24.68 -37.60 -17.31
N GLU B 928 25.10 -38.03 -18.51
CA GLU B 928 24.40 -39.08 -19.24
C GLU B 928 24.45 -40.40 -18.49
N ASN B 929 25.61 -40.75 -17.96
CA ASN B 929 25.77 -42.04 -17.28
C ASN B 929 24.88 -42.12 -16.05
N ALA B 930 24.78 -41.03 -15.29
CA ALA B 930 23.92 -41.04 -14.11
C ALA B 930 22.45 -41.05 -14.51
N LEU B 931 22.11 -40.45 -15.65
CA LEU B 931 20.72 -40.52 -16.12
C LEU B 931 20.35 -41.92 -16.57
N LYS B 932 21.32 -42.67 -17.10
CA LYS B 932 21.05 -44.06 -17.48
C LYS B 932 20.75 -44.95 -16.30
N LEU B 933 21.09 -44.55 -15.08
CA LEU B 933 20.90 -45.37 -13.89
C LEU B 933 19.76 -44.91 -12.99
N ALA B 934 19.14 -43.77 -13.30
CA ALA B 934 18.18 -43.14 -12.38
C ALA B 934 16.76 -43.50 -12.82
N SER B 935 16.36 -44.73 -12.50
CA SER B 935 14.98 -45.16 -12.72
C SER B 935 14.71 -46.35 -11.83
N VAL B 936 13.43 -46.62 -11.61
CA VAL B 936 13.03 -47.76 -10.78
C VAL B 936 13.40 -49.07 -11.48
N GLU B 937 13.30 -49.10 -12.81
CA GLU B 937 13.66 -50.31 -13.55
C GLU B 937 15.16 -50.58 -13.46
N ALA B 938 15.99 -49.55 -13.59
CA ALA B 938 17.43 -49.74 -13.51
C ALA B 938 17.85 -50.19 -12.11
N PHE B 939 17.26 -49.60 -11.07
CA PHE B 939 17.58 -49.98 -9.70
C PHE B 939 17.08 -51.38 -9.36
N ASN B 940 16.07 -51.87 -10.06
CA ASN B 940 15.50 -53.19 -9.83
C ASN B 940 16.14 -54.27 -10.68
N SER B 941 17.09 -53.91 -11.55
CA SER B 941 17.77 -54.86 -12.42
C SER B 941 19.21 -55.05 -11.98
N THR B 942 19.79 -56.17 -12.40
CA THR B 942 21.18 -56.50 -12.11
C THR B 942 22.07 -56.33 -13.35
N GLU B 943 21.68 -55.42 -14.25
CA GLU B 943 22.39 -55.28 -15.51
C GLU B 943 23.70 -54.52 -15.34
N HIS B 944 23.66 -53.34 -14.73
CA HIS B 944 24.82 -52.46 -14.67
C HIS B 944 25.79 -52.80 -13.55
N LEU B 945 25.43 -53.72 -12.65
CA LEU B 945 26.27 -54.02 -11.50
C LEU B 945 27.62 -54.58 -11.94
N ASP B 946 28.69 -54.10 -11.33
CA ASP B 946 30.05 -54.54 -11.61
C ASP B 946 30.19 -56.02 -11.27
N PRO B 947 31.08 -56.75 -11.94
CA PRO B 947 31.15 -58.22 -11.75
C PRO B 947 31.45 -58.66 -10.33
N ILE B 948 32.20 -57.84 -9.57
CA ILE B 948 32.52 -58.23 -8.19
C ILE B 948 31.26 -58.28 -7.33
N TYR B 949 30.26 -57.47 -7.67
CA TYR B 949 29.00 -57.46 -6.93
C TYR B 949 28.05 -58.52 -7.50
N LYS B 950 28.47 -59.77 -7.39
CA LYS B 950 27.68 -60.89 -7.90
C LYS B 950 26.69 -61.42 -6.87
N GLU B 951 26.98 -61.27 -5.58
CA GLU B 951 26.07 -61.76 -4.55
C GLU B 951 24.85 -60.87 -4.41
N TRP B 952 24.97 -59.59 -4.74
CA TRP B 952 23.84 -58.67 -4.62
C TRP B 952 22.81 -58.94 -5.71
N PRO B 953 21.52 -58.93 -5.37
CA PRO B 953 20.50 -59.17 -6.40
C PRO B 953 20.35 -58.02 -7.38
N ASN B 954 20.31 -56.79 -6.89
CA ASN B 954 20.13 -55.62 -7.75
C ASN B 954 20.77 -54.41 -7.09
N ILE B 955 20.65 -53.26 -7.76
CA ILE B 955 21.24 -52.03 -7.23
C ILE B 955 20.48 -51.58 -5.98
N GLY B 956 19.16 -51.49 -6.06
CA GLY B 956 18.39 -50.93 -4.96
C GLY B 956 18.46 -51.75 -3.70
N GLY B 957 18.26 -53.06 -3.82
CA GLY B 957 18.32 -53.95 -2.68
C GLY B 957 17.22 -53.64 -1.66
N SER B 958 17.57 -53.82 -0.38
CA SER B 958 16.62 -53.63 0.70
C SER B 958 16.14 -52.19 0.82
N TRP B 959 16.83 -51.25 0.20
CA TRP B 959 16.40 -49.86 0.22
C TRP B 959 15.34 -49.56 -0.83
N LEU B 960 15.13 -50.46 -1.79
CA LEU B 960 14.24 -50.16 -2.92
C LEU B 960 12.84 -49.81 -2.46
N GLY B 961 12.38 -50.43 -1.38
CA GLY B 961 11.05 -50.18 -0.86
C GLY B 961 10.76 -48.72 -0.58
N GLY B 962 11.82 -47.93 -0.40
CA GLY B 962 11.64 -46.49 -0.31
C GLY B 962 11.98 -45.81 -1.61
N LEU B 963 13.07 -46.26 -2.25
CA LEU B 963 13.57 -45.58 -3.43
C LEU B 963 12.59 -45.63 -4.59
N LYS B 964 11.67 -46.57 -4.59
CA LYS B 964 10.66 -46.64 -5.64
C LYS B 964 9.74 -45.43 -5.64
N ASP B 965 9.59 -44.75 -4.50
CA ASP B 965 8.72 -43.59 -4.42
C ASP B 965 9.42 -42.29 -4.79
N ILE B 966 10.74 -42.31 -4.98
CA ILE B 966 11.52 -41.11 -5.20
C ILE B 966 12.14 -41.12 -6.58
N LEU B 967 12.42 -42.31 -7.10
CA LEU B 967 13.07 -42.43 -8.39
C LEU B 967 12.05 -42.30 -9.53
N PRO B 968 12.47 -41.79 -10.68
CA PRO B 968 11.58 -41.74 -11.84
C PRO B 968 11.22 -43.14 -12.32
N SER B 969 10.02 -43.25 -12.90
CA SER B 969 9.54 -44.52 -13.41
C SER B 969 8.91 -44.30 -14.77
N HIS B 970 8.93 -45.35 -15.61
CA HIS B 970 8.29 -45.29 -16.91
C HIS B 970 6.77 -45.39 -16.81
N ASN B 971 6.26 -45.83 -15.66
CA ASN B 971 4.82 -45.82 -15.41
C ASN B 971 4.37 -44.42 -14.96
N SER B 972 4.64 -43.45 -15.82
CA SER B 972 4.30 -42.06 -15.54
C SER B 972 4.05 -41.34 -16.86
N LYS B 973 3.34 -40.21 -16.77
CA LYS B 973 2.97 -39.48 -17.97
C LYS B 973 4.15 -38.75 -18.58
N ARG B 974 4.97 -38.10 -17.75
CA ARG B 974 6.08 -37.29 -18.22
C ARG B 974 7.40 -37.99 -17.95
N LYS B 975 8.42 -37.59 -18.70
CA LYS B 975 9.74 -38.18 -18.61
C LYS B 975 10.45 -37.73 -17.33
N TYR B 976 11.16 -38.66 -16.69
CA TYR B 976 11.97 -38.38 -15.51
C TYR B 976 11.13 -37.88 -14.33
N ARG B 977 9.90 -38.34 -14.21
CA ARG B 977 9.01 -37.93 -13.14
C ARG B 977 8.69 -39.11 -12.22
N SER B 978 8.64 -38.84 -10.93
CA SER B 978 8.43 -39.86 -9.90
C SER B 978 7.02 -39.77 -9.32
N ALA B 979 6.71 -40.73 -8.45
CA ALA B 979 5.39 -40.78 -7.84
C ALA B 979 5.14 -39.58 -6.93
N ILE B 980 6.13 -39.22 -6.11
CA ILE B 980 5.98 -38.09 -5.22
C ILE B 980 5.84 -36.79 -6.00
N GLU B 981 6.58 -36.66 -7.10
CA GLU B 981 6.44 -35.49 -7.96
C GLU B 981 5.04 -35.41 -8.56
N ASP B 982 4.46 -36.54 -8.95
CA ASP B 982 3.08 -36.57 -9.41
C ASP B 982 2.13 -36.10 -8.32
N LEU B 983 2.30 -36.63 -7.10
CA LEU B 983 1.42 -36.24 -6.01
C LEU B 983 1.53 -34.74 -5.72
N LEU B 984 2.74 -34.20 -5.75
CA LEU B 984 2.93 -32.77 -5.49
C LEU B 984 2.31 -31.92 -6.59
N PHE B 985 2.50 -32.29 -7.85
CA PHE B 985 1.97 -31.50 -8.93
C PHE B 985 0.46 -31.68 -9.13
N ASP B 986 -0.14 -32.69 -8.51
CA ASP B 986 -1.58 -32.80 -8.53
C ASP B 986 -2.24 -32.13 -7.33
N LYS B 987 -1.66 -32.28 -6.14
CA LYS B 987 -2.22 -31.65 -4.95
C LYS B 987 -2.17 -30.13 -5.02
N VAL B 988 -1.04 -29.59 -5.48
CA VAL B 988 -0.88 -28.15 -5.54
C VAL B 988 -1.27 -27.62 -6.92
N ASP B 997 -2.79 -24.67 -20.16
CA ASP B 997 -2.84 -23.22 -20.07
C ASP B 997 -1.62 -22.60 -20.74
N GLU B 998 -0.52 -23.36 -20.76
CA GLU B 998 0.72 -22.87 -21.37
C GLU B 998 0.66 -22.81 -22.89
N ASP B 999 -0.34 -23.44 -23.50
CA ASP B 999 -0.52 -23.41 -24.94
C ASP B 999 -1.58 -22.37 -25.29
N TYR B 1000 -1.19 -21.36 -26.06
CA TYR B 1000 -2.09 -20.29 -26.44
C TYR B 1000 -2.64 -20.46 -27.86
N LYS B 1001 -2.39 -21.60 -28.48
CA LYS B 1001 -2.96 -21.88 -29.79
C LYS B 1001 -4.45 -22.20 -29.71
N ARG B 1002 -4.95 -22.54 -28.52
CA ARG B 1002 -6.36 -22.86 -28.32
C ARG B 1002 -7.24 -21.63 -28.15
N CYS B 1003 -6.66 -20.46 -27.92
CA CYS B 1003 -7.43 -19.26 -27.60
C CYS B 1003 -7.84 -18.47 -28.82
N THR B 1004 -7.59 -18.99 -30.03
CA THR B 1004 -7.86 -18.25 -31.25
C THR B 1004 -8.92 -18.88 -32.15
N GLY B 1005 -9.23 -20.17 -31.97
CA GLY B 1005 -10.20 -20.82 -32.82
C GLY B 1005 -11.62 -20.30 -32.66
N GLY B 1006 -11.98 -19.91 -31.45
CA GLY B 1006 -13.35 -19.47 -31.18
C GLY B 1006 -14.38 -20.58 -31.26
N TYR B 1007 -14.06 -21.77 -30.78
CA TYR B 1007 -15.00 -22.89 -30.78
C TYR B 1007 -15.87 -22.92 -29.53
N ASP B 1008 -15.59 -22.08 -28.54
CA ASP B 1008 -16.40 -21.98 -27.34
C ASP B 1008 -16.08 -20.65 -26.67
N ILE B 1009 -16.76 -20.38 -25.57
CA ILE B 1009 -16.50 -19.16 -24.80
C ILE B 1009 -15.15 -19.29 -24.10
N ALA B 1010 -14.37 -18.22 -24.15
CA ALA B 1010 -13.03 -18.23 -23.59
C ALA B 1010 -13.07 -18.38 -22.07
N ASP B 1011 -12.02 -19.01 -21.53
CA ASP B 1011 -11.86 -19.15 -20.09
C ASP B 1011 -11.03 -17.99 -19.56
N LEU B 1012 -10.58 -18.09 -18.30
CA LEU B 1012 -9.85 -17.00 -17.66
C LEU B 1012 -8.51 -16.74 -18.33
N VAL B 1013 -7.79 -17.81 -18.68
CA VAL B 1013 -6.44 -17.64 -19.22
C VAL B 1013 -6.49 -17.04 -20.62
N CYS B 1014 -7.43 -17.48 -21.45
CA CYS B 1014 -7.56 -16.91 -22.79
C CYS B 1014 -7.95 -15.44 -22.72
N ALA B 1015 -8.83 -15.07 -21.78
CA ALA B 1015 -9.20 -13.68 -21.61
C ALA B 1015 -8.02 -12.84 -21.14
N GLN B 1016 -7.23 -13.35 -20.19
CA GLN B 1016 -6.03 -12.64 -19.77
C GLN B 1016 -5.07 -12.45 -20.94
N TYR B 1017 -4.95 -13.47 -21.79
CA TYR B 1017 -4.14 -13.36 -23.01
C TYR B 1017 -4.69 -12.26 -23.92
N TYR B 1018 -6.01 -12.18 -24.05
CA TYR B 1018 -6.62 -11.11 -24.82
C TYR B 1018 -6.34 -9.74 -24.24
N ASN B 1019 -6.09 -9.65 -22.94
CA ASN B 1019 -5.77 -8.39 -22.28
C ASN B 1019 -4.28 -8.09 -22.27
N GLY B 1020 -3.46 -8.86 -22.99
CA GLY B 1020 -2.05 -8.60 -23.06
C GLY B 1020 -1.20 -9.22 -21.98
N ILE B 1021 -1.72 -10.23 -21.28
CA ILE B 1021 -1.01 -10.87 -20.17
C ILE B 1021 -0.71 -12.31 -20.57
N MET B 1022 0.57 -12.64 -20.69
CA MET B 1022 1.00 -13.98 -21.07
C MET B 1022 1.85 -14.58 -19.98
N VAL B 1023 1.72 -15.88 -19.77
CA VAL B 1023 2.60 -16.65 -18.88
C VAL B 1023 3.48 -17.53 -19.76
N LEU B 1024 4.77 -17.35 -19.66
CA LEU B 1024 5.70 -18.07 -20.51
C LEU B 1024 6.53 -19.06 -19.71
N PRO B 1025 7.02 -20.12 -20.34
CA PRO B 1025 8.03 -20.96 -19.70
C PRO B 1025 9.42 -20.37 -19.86
N GLY B 1026 10.23 -20.52 -18.82
CA GLY B 1026 11.60 -20.06 -18.83
C GLY B 1026 12.60 -21.18 -18.97
N VAL B 1027 13.87 -20.82 -18.82
CA VAL B 1027 14.93 -21.82 -18.77
C VAL B 1027 14.71 -22.74 -17.58
N ALA B 1028 14.38 -22.17 -16.43
CA ALA B 1028 13.98 -22.95 -15.27
C ALA B 1028 12.61 -23.56 -15.53
N ASN B 1029 12.55 -24.88 -15.60
CA ASN B 1029 11.35 -25.57 -16.05
C ASN B 1029 11.16 -26.83 -15.21
N ASP B 1030 9.93 -27.32 -15.18
CA ASP B 1030 9.66 -28.55 -14.45
C ASP B 1030 10.34 -29.76 -15.09
N ASP B 1031 10.72 -29.66 -16.37
CA ASP B 1031 11.41 -30.74 -17.07
C ASP B 1031 12.91 -30.73 -16.75
N LYS B 1032 13.53 -29.54 -16.89
CA LYS B 1032 14.95 -29.42 -16.57
C LYS B 1032 15.24 -29.73 -15.11
N MET B 1033 14.39 -29.29 -14.19
CA MET B 1033 14.58 -29.60 -12.78
C MET B 1033 14.39 -31.08 -12.46
N THR B 1034 13.45 -31.76 -13.12
CA THR B 1034 13.33 -33.19 -12.97
C THR B 1034 14.53 -33.95 -13.49
N MET B 1035 15.07 -33.54 -14.65
CA MET B 1035 16.31 -34.14 -15.13
C MET B 1035 17.46 -33.90 -14.15
N TYR B 1036 17.55 -32.68 -13.64
CA TYR B 1036 18.58 -32.32 -12.66
C TYR B 1036 18.52 -33.23 -11.44
N THR B 1037 17.35 -33.36 -10.84
CA THR B 1037 17.24 -34.15 -9.62
C THR B 1037 17.39 -35.65 -9.88
N ALA B 1038 16.91 -36.15 -11.02
CA ALA B 1038 17.12 -37.54 -11.35
C ALA B 1038 18.59 -37.87 -11.57
N SER B 1039 19.32 -36.98 -12.26
CA SER B 1039 20.75 -37.18 -12.43
C SER B 1039 21.48 -37.14 -11.09
N LEU B 1040 21.06 -36.24 -10.20
CA LEU B 1040 21.65 -36.20 -8.87
C LEU B 1040 21.43 -37.50 -8.13
N ALA B 1041 20.21 -38.05 -8.20
CA ALA B 1041 19.92 -39.31 -7.51
C ALA B 1041 20.70 -40.47 -8.11
N GLY B 1042 20.81 -40.52 -9.44
CA GLY B 1042 21.51 -41.61 -10.08
C GLY B 1042 23.02 -41.53 -9.99
N GLY B 1043 23.56 -40.35 -9.70
CA GLY B 1043 25.00 -40.20 -9.57
C GLY B 1043 25.58 -40.80 -8.30
N ILE B 1044 24.74 -41.18 -7.34
CA ILE B 1044 25.23 -41.78 -6.11
C ILE B 1044 25.81 -43.16 -6.38
N THR B 1045 25.20 -43.92 -7.29
CA THR B 1045 25.60 -45.29 -7.57
C THR B 1045 26.53 -45.43 -8.77
N LEU B 1046 26.94 -44.34 -9.39
CA LEU B 1046 27.86 -44.40 -10.52
C LEU B 1046 29.27 -44.65 -10.01
N GLY B 1047 29.88 -45.77 -10.42
CA GLY B 1047 31.14 -46.20 -9.85
C GLY B 1047 32.37 -45.60 -10.50
N ALA B 1048 32.28 -45.13 -11.74
CA ALA B 1048 33.43 -44.53 -12.41
C ALA B 1048 32.93 -43.55 -13.47
N LEU B 1049 33.81 -42.64 -13.87
CA LEU B 1049 33.44 -41.52 -14.72
C LEU B 1049 34.02 -41.58 -16.12
N GLY B 1050 35.05 -42.39 -16.36
CA GLY B 1050 35.72 -42.37 -17.65
C GLY B 1050 34.85 -42.84 -18.81
N GLY B 1051 34.15 -43.96 -18.61
CA GLY B 1051 33.50 -44.60 -19.74
C GLY B 1051 32.01 -44.86 -19.57
N GLY B 1052 31.61 -46.12 -19.63
CA GLY B 1052 30.21 -46.48 -19.59
C GLY B 1052 29.63 -46.39 -18.19
N ALA B 1053 28.34 -46.69 -18.11
CA ALA B 1053 27.60 -46.58 -16.86
C ALA B 1053 27.82 -47.84 -16.03
N VAL B 1054 28.88 -47.82 -15.22
CA VAL B 1054 29.12 -48.86 -14.23
C VAL B 1054 28.43 -48.44 -12.94
N ALA B 1055 27.93 -49.43 -12.20
CA ALA B 1055 27.09 -49.15 -11.04
C ALA B 1055 27.53 -49.97 -9.84
N ILE B 1056 27.25 -49.43 -8.66
CA ILE B 1056 27.51 -50.11 -7.39
C ILE B 1056 26.19 -50.21 -6.65
N PRO B 1057 26.07 -51.17 -5.73
CA PRO B 1057 24.84 -51.27 -4.93
C PRO B 1057 24.68 -50.06 -4.02
N PHE B 1058 23.42 -49.76 -3.69
CA PHE B 1058 23.12 -48.65 -2.79
C PHE B 1058 23.67 -48.88 -1.39
N ALA B 1059 23.68 -50.14 -0.94
CA ALA B 1059 24.20 -50.44 0.39
C ALA B 1059 25.68 -50.10 0.51
N VAL B 1060 26.44 -50.25 -0.59
CA VAL B 1060 27.85 -49.89 -0.56
C VAL B 1060 28.03 -48.40 -0.33
N ALA B 1061 27.22 -47.58 -1.01
CA ALA B 1061 27.28 -46.14 -0.81
C ALA B 1061 26.86 -45.76 0.60
N VAL B 1062 25.84 -46.42 1.14
CA VAL B 1062 25.42 -46.13 2.51
C VAL B 1062 26.52 -46.50 3.50
N GLN B 1063 27.22 -47.59 3.24
CA GLN B 1063 28.34 -47.98 4.09
C GLN B 1063 29.47 -46.95 4.03
N ALA B 1064 29.74 -46.41 2.84
CA ALA B 1064 30.74 -45.34 2.73
C ALA B 1064 30.32 -44.10 3.52
N ARG B 1065 29.04 -43.74 3.46
CA ARG B 1065 28.55 -42.60 4.24
C ARG B 1065 28.71 -42.86 5.74
N LEU B 1066 28.38 -44.07 6.19
CA LEU B 1066 28.55 -44.42 7.60
C LEU B 1066 30.01 -44.33 8.01
N ASN B 1067 30.92 -44.80 7.15
CA ASN B 1067 32.34 -44.69 7.45
C ASN B 1067 32.78 -43.24 7.55
N TYR B 1068 32.22 -42.37 6.72
CA TYR B 1068 32.53 -40.95 6.84
C TYR B 1068 32.07 -40.39 8.18
N VAL B 1069 30.89 -40.80 8.63
CA VAL B 1069 30.41 -40.32 9.93
C VAL B 1069 31.33 -40.81 11.05
N ALA B 1070 31.61 -42.10 11.08
CA ALA B 1070 32.50 -42.67 12.09
C ALA B 1070 33.06 -43.98 11.55
N LEU B 1071 34.35 -44.19 11.75
CA LEU B 1071 35.00 -45.38 11.22
C LEU B 1071 34.41 -46.65 11.83
N GLN B 1072 33.81 -47.48 10.98
CA GLN B 1072 33.12 -48.68 11.44
C GLN B 1072 34.14 -49.78 11.71
N THR B 1073 34.17 -50.27 12.95
CA THR B 1073 35.13 -51.29 13.37
C THR B 1073 34.48 -52.64 13.61
N ASP B 1074 33.23 -52.83 13.22
CA ASP B 1074 32.53 -54.09 13.33
C ASP B 1074 32.10 -54.51 11.93
N VAL B 1075 33.01 -55.16 11.21
CA VAL B 1075 32.75 -55.52 9.81
C VAL B 1075 31.87 -56.74 9.65
N LEU B 1076 31.67 -57.51 10.72
CA LEU B 1076 30.91 -58.76 10.62
C LEU B 1076 29.42 -58.53 10.90
N ASN B 1077 29.09 -58.04 12.09
CA ASN B 1077 27.70 -57.85 12.49
C ASN B 1077 27.19 -56.52 11.97
N LYS B 1078 26.97 -56.47 10.66
CA LYS B 1078 26.37 -55.32 10.02
C LYS B 1078 24.86 -55.40 10.12
N ASN B 1079 24.22 -54.28 10.47
CA ASN B 1079 22.78 -54.23 10.70
C ASN B 1079 22.16 -53.12 9.84
N GLN B 1080 22.50 -53.10 8.56
CA GLN B 1080 21.90 -52.15 7.63
C GLN B 1080 20.44 -52.46 7.34
N GLN B 1081 19.97 -53.66 7.71
CA GLN B 1081 18.56 -53.99 7.51
C GLN B 1081 17.66 -53.11 8.36
N ILE B 1082 18.07 -52.82 9.59
CA ILE B 1082 17.27 -51.94 10.45
C ILE B 1082 17.13 -50.56 9.83
N LEU B 1083 18.25 -50.00 9.36
CA LEU B 1083 18.22 -48.68 8.73
C LEU B 1083 17.38 -48.69 7.47
N ALA B 1084 17.52 -49.74 6.65
CA ALA B 1084 16.73 -49.82 5.42
C ALA B 1084 15.23 -49.90 5.72
N ASN B 1085 14.84 -50.70 6.72
CA ASN B 1085 13.43 -50.81 7.07
C ASN B 1085 12.89 -49.48 7.58
N ALA B 1086 13.66 -48.80 8.44
CA ALA B 1086 13.23 -47.50 8.93
C ALA B 1086 13.07 -46.50 7.80
N PHE B 1087 14.02 -46.50 6.85
CA PHE B 1087 13.92 -45.60 5.71
C PHE B 1087 12.69 -45.90 4.87
N ASN B 1088 12.41 -47.19 4.62
CA ASN B 1088 11.25 -47.56 3.82
C ASN B 1088 9.96 -47.12 4.49
N GLN B 1089 9.84 -47.35 5.79
CA GLN B 1089 8.62 -46.94 6.50
C GLN B 1089 8.46 -45.42 6.52
N ALA B 1090 9.55 -44.69 6.73
CA ALA B 1090 9.47 -43.24 6.72
C ALA B 1090 9.04 -42.71 5.36
N ILE B 1091 9.61 -43.25 4.29
CA ILE B 1091 9.25 -42.80 2.95
C ILE B 1091 7.79 -43.15 2.65
N GLY B 1092 7.33 -44.30 3.10
CA GLY B 1092 5.93 -44.66 2.90
C GLY B 1092 4.99 -43.72 3.64
N ASN B 1093 5.27 -43.39 4.87
CA ASN B 1093 4.44 -42.42 5.63
C ASN B 1093 4.54 -41.01 5.04
N ILE B 1094 5.65 -40.60 4.44
CA ILE B 1094 5.71 -39.33 3.74
C ILE B 1094 4.83 -39.36 2.49
N THR B 1095 4.89 -40.46 1.73
CA THR B 1095 4.07 -40.59 0.53
C THR B 1095 2.59 -40.59 0.88
N GLN B 1096 2.22 -41.24 1.98
CA GLN B 1096 0.83 -41.15 2.44
C GLN B 1096 0.43 -39.72 2.75
N ALA B 1097 1.29 -38.99 3.48
CA ALA B 1097 0.95 -37.62 3.86
C ALA B 1097 0.85 -36.69 2.66
N PHE B 1098 1.61 -36.93 1.60
CA PHE B 1098 1.56 -36.08 0.42
C PHE B 1098 0.31 -36.33 -0.44
N GLY B 1099 -0.45 -37.38 -0.17
CA GLY B 1099 -1.60 -37.70 -0.98
C GLY B 1099 -2.91 -37.58 -0.23
N LYS B 1100 -2.85 -37.25 1.05
CA LYS B 1100 -4.04 -37.13 1.88
C LYS B 1100 -3.80 -36.18 3.05
N LEU B 1112 5.72 -35.77 11.34
CA LEU B 1112 5.25 -35.43 10.00
C LEU B 1112 4.90 -33.96 9.90
N ALA B 1113 5.50 -33.14 10.78
CA ALA B 1113 5.30 -31.70 10.73
C ALA B 1113 6.08 -31.05 9.58
N THR B 1114 7.20 -31.67 9.18
CA THR B 1114 7.97 -31.14 8.06
C THR B 1114 7.17 -31.20 6.77
N VAL B 1115 6.39 -32.27 6.57
CA VAL B 1115 5.55 -32.39 5.39
C VAL B 1115 4.48 -31.30 5.38
N ALA B 1116 3.88 -31.04 6.53
CA ALA B 1116 2.86 -29.99 6.62
C ALA B 1116 3.46 -28.63 6.31
N LYS B 1117 4.64 -28.33 6.86
CA LYS B 1117 5.28 -27.05 6.59
C LYS B 1117 5.62 -26.91 5.11
N ALA B 1118 6.12 -27.98 4.49
CA ALA B 1118 6.45 -27.93 3.07
C ALA B 1118 5.21 -27.70 2.23
N LEU B 1119 4.10 -28.38 2.54
CA LEU B 1119 2.87 -28.20 1.79
C LEU B 1119 2.35 -26.77 1.91
N ALA B 1120 2.37 -26.22 3.13
CA ALA B 1120 1.92 -24.85 3.32
C ALA B 1120 2.78 -23.87 2.53
N LYS B 1121 4.10 -24.07 2.54
CA LYS B 1121 5.01 -23.17 1.83
C LYS B 1121 4.76 -23.22 0.33
N VAL B 1122 4.62 -24.42 -0.24
CA VAL B 1122 4.37 -24.54 -1.67
C VAL B 1122 3.04 -23.89 -2.04
N GLN B 1123 2.00 -24.12 -1.22
CA GLN B 1123 0.70 -23.54 -1.52
C GLN B 1123 0.75 -22.03 -1.48
N ASP B 1124 1.45 -21.45 -0.51
CA ASP B 1124 1.59 -19.99 -0.45
C ASP B 1124 2.29 -19.47 -1.70
N VAL B 1125 3.37 -20.13 -2.11
CA VAL B 1125 4.12 -19.66 -3.27
C VAL B 1125 3.24 -19.68 -4.51
N VAL B 1126 2.46 -20.75 -4.69
CA VAL B 1126 1.60 -20.84 -5.87
C VAL B 1126 0.49 -19.80 -5.81
N ASN B 1127 -0.11 -19.59 -4.64
CA ASN B 1127 -1.25 -18.69 -4.53
C ASN B 1127 -0.86 -17.24 -4.80
N THR B 1128 0.31 -16.82 -4.33
CA THR B 1128 0.67 -15.40 -4.42
C THR B 1128 0.72 -14.93 -5.88
N GLN B 1129 1.31 -15.72 -6.76
CA GLN B 1129 1.44 -15.32 -8.16
C GLN B 1129 0.08 -15.20 -8.84
N GLY B 1130 -0.81 -16.16 -8.58
CA GLY B 1130 -2.14 -16.08 -9.15
C GLY B 1130 -2.92 -14.87 -8.67
N GLN B 1131 -2.80 -14.56 -7.38
CA GLN B 1131 -3.46 -13.37 -6.85
C GLN B 1131 -2.91 -12.11 -7.52
N ALA B 1132 -1.58 -12.05 -7.70
CA ALA B 1132 -0.97 -10.88 -8.33
C ALA B 1132 -1.46 -10.72 -9.76
N LEU B 1133 -1.59 -11.82 -10.50
CA LEU B 1133 -2.07 -11.73 -11.88
C LEU B 1133 -3.53 -11.29 -11.93
N SER B 1134 -4.37 -11.82 -11.03
CA SER B 1134 -5.80 -11.49 -11.08
C SER B 1134 -6.04 -10.04 -10.66
N HIS B 1135 -5.28 -9.53 -9.70
CA HIS B 1135 -5.44 -8.15 -9.28
C HIS B 1135 -5.14 -7.16 -10.41
N LEU B 1136 -4.26 -7.53 -11.33
CA LEU B 1136 -3.96 -6.70 -12.49
C LEU B 1136 -5.08 -6.68 -13.51
N THR B 1137 -5.78 -7.81 -13.68
CA THR B 1137 -6.92 -7.87 -14.56
C THR B 1137 -8.16 -7.19 -13.98
N VAL B 1138 -8.28 -7.15 -12.65
CA VAL B 1138 -9.43 -6.46 -12.05
C VAL B 1138 -9.32 -4.94 -12.14
N GLN B 1139 -8.14 -4.41 -12.44
CA GLN B 1139 -7.96 -2.96 -12.57
C GLN B 1139 -8.39 -2.42 -13.92
N LEU B 1140 -8.69 -3.28 -14.88
CA LEU B 1140 -9.19 -2.86 -16.18
C LEU B 1140 -10.69 -2.55 -16.14
N GLN B 1141 -11.33 -2.78 -15.00
CA GLN B 1141 -12.74 -2.49 -14.81
C GLN B 1141 -12.96 -1.22 -14.00
N ASN B 1142 -11.93 -0.37 -13.91
CA ASN B 1142 -11.95 0.84 -13.11
C ASN B 1142 -12.09 2.04 -14.03
N ASN B 1143 -13.00 2.96 -13.67
CA ASN B 1143 -13.30 4.10 -14.53
C ASN B 1143 -12.22 5.17 -14.48
N PHE B 1144 -11.53 5.33 -13.35
CA PHE B 1144 -10.57 6.41 -13.14
C PHE B 1144 -11.22 7.77 -13.41
N GLN B 1145 -12.42 7.95 -12.85
CA GLN B 1145 -13.18 9.20 -12.95
C GLN B 1145 -13.54 9.54 -14.40
N ALA B 1146 -13.82 8.54 -15.21
CA ALA B 1146 -14.29 8.73 -16.57
C ALA B 1146 -15.73 8.24 -16.68
N ILE B 1147 -16.36 8.55 -17.81
CA ILE B 1147 -17.75 8.17 -18.00
C ILE B 1147 -17.90 6.65 -18.09
N SER B 1148 -16.92 5.98 -18.68
CA SER B 1148 -16.99 4.53 -18.88
C SER B 1148 -15.61 3.93 -18.66
N SER B 1149 -15.56 2.60 -18.65
CA SER B 1149 -14.31 1.86 -18.58
C SER B 1149 -13.92 1.26 -19.92
N SER B 1150 -14.70 1.48 -20.97
CA SER B 1150 -14.47 0.92 -22.28
C SER B 1150 -14.06 2.02 -23.24
N ILE B 1151 -12.96 1.81 -23.94
CA ILE B 1151 -12.46 2.82 -24.88
C ILE B 1151 -13.37 2.92 -26.11
N SER B 1152 -13.87 1.77 -26.60
CA SER B 1152 -14.80 1.80 -27.72
C SER B 1152 -16.11 2.46 -27.35
N ASP B 1153 -16.55 2.32 -26.10
CA ASP B 1153 -17.77 2.99 -25.65
C ASP B 1153 -17.56 4.50 -25.57
N ILE B 1154 -16.38 4.93 -25.14
CA ILE B 1154 -16.11 6.37 -25.06
C ILE B 1154 -16.00 6.97 -26.47
N TYR B 1155 -15.35 6.26 -27.39
CA TYR B 1155 -15.21 6.79 -28.74
C TYR B 1155 -16.47 6.64 -29.59
N ASN B 1156 -17.48 5.93 -29.11
CA ASN B 1156 -18.75 5.82 -29.81
C ASN B 1156 -19.78 6.83 -29.34
N ARG B 1157 -19.50 7.56 -28.27
CA ARG B 1157 -20.47 8.49 -27.69
C ARG B 1157 -20.01 9.94 -27.71
N LEU B 1158 -18.72 10.21 -27.89
CA LEU B 1158 -18.18 11.55 -27.75
C LEU B 1158 -17.40 11.92 -29.00
N ASP B 1159 -17.38 13.22 -29.28
CA ASP B 1159 -16.53 13.76 -30.32
C ASP B 1159 -15.07 13.62 -29.90
N PRO B 1160 -14.15 13.50 -30.86
CA PRO B 1160 -12.75 13.18 -30.53
C PRO B 1160 -12.12 14.18 -29.57
N PRO B 1161 -12.39 15.50 -29.67
CA PRO B 1161 -11.80 16.43 -28.68
C PRO B 1161 -12.12 16.12 -27.23
N SER B 1162 -13.33 15.62 -26.96
CA SER B 1162 -13.73 15.25 -25.61
C SER B 1162 -13.42 13.79 -25.27
N ALA B 1163 -13.51 12.90 -26.27
CA ALA B 1163 -13.16 11.51 -26.04
C ALA B 1163 -11.70 11.35 -25.70
N ASP B 1164 -10.83 12.17 -26.29
CA ASP B 1164 -9.41 12.15 -25.94
C ASP B 1164 -9.18 12.54 -24.49
N ALA B 1165 -9.86 13.57 -24.00
CA ALA B 1165 -9.76 13.97 -22.61
C ALA B 1165 -10.34 12.94 -21.65
N GLN B 1166 -11.33 12.18 -22.09
CA GLN B 1166 -11.82 11.08 -21.26
C GLN B 1166 -10.91 9.88 -21.26
N VAL B 1167 -10.24 9.60 -22.37
CA VAL B 1167 -9.36 8.44 -22.46
C VAL B 1167 -8.00 8.67 -21.80
N ASP B 1168 -7.56 9.93 -21.70
CA ASP B 1168 -6.29 10.21 -21.05
C ASP B 1168 -6.28 9.75 -19.58
N ARG B 1169 -7.41 9.86 -18.89
CA ARG B 1169 -7.48 9.42 -17.49
C ARG B 1169 -7.33 7.92 -17.36
N LEU B 1170 -7.97 7.15 -18.26
CA LEU B 1170 -7.78 5.71 -18.27
C LEU B 1170 -6.34 5.34 -18.59
N ILE B 1171 -5.71 6.06 -19.52
CA ILE B 1171 -4.31 5.79 -19.83
C ILE B 1171 -3.44 5.99 -18.60
N THR B 1172 -3.65 7.10 -17.89
CA THR B 1172 -2.85 7.38 -16.70
C THR B 1172 -3.04 6.31 -15.63
N GLY B 1173 -4.29 5.95 -15.32
CA GLY B 1173 -4.53 4.94 -14.31
C GLY B 1173 -3.99 3.57 -14.67
N ARG B 1174 -4.17 3.15 -15.93
CA ARG B 1174 -3.69 1.85 -16.36
C ARG B 1174 -2.18 1.79 -16.45
N LEU B 1175 -1.50 2.92 -16.63
CA LEU B 1175 -0.04 2.91 -16.54
C LEU B 1175 0.44 2.84 -15.09
N THR B 1176 -0.26 3.52 -14.17
CA THR B 1176 0.10 3.42 -12.76
C THR B 1176 -0.04 1.97 -12.26
N ALA B 1177 -1.10 1.29 -12.68
CA ALA B 1177 -1.27 -0.11 -12.27
C ALA B 1177 -0.12 -0.99 -12.74
N LEU B 1178 0.32 -0.80 -13.99
CA LEU B 1178 1.44 -1.58 -14.51
C LEU B 1178 2.73 -1.26 -13.77
N ASN B 1179 2.95 0.00 -13.42
CA ASN B 1179 4.14 0.35 -12.66
C ASN B 1179 4.16 -0.35 -11.31
N ALA B 1180 3.02 -0.40 -10.62
CA ALA B 1180 2.95 -1.10 -9.34
C ALA B 1180 3.23 -2.59 -9.52
N PHE B 1181 2.66 -3.19 -10.56
CA PHE B 1181 2.90 -4.61 -10.83
C PHE B 1181 4.39 -4.89 -11.05
N VAL B 1182 5.05 -4.03 -11.81
CA VAL B 1182 6.48 -4.21 -12.08
C VAL B 1182 7.29 -4.11 -10.80
N SER B 1183 6.97 -3.13 -9.95
CA SER B 1183 7.72 -2.99 -8.70
C SER B 1183 7.61 -4.23 -7.81
N GLN B 1184 6.39 -4.74 -7.68
CA GLN B 1184 6.15 -5.94 -6.83
C GLN B 1184 6.86 -7.17 -7.42
N THR B 1185 6.88 -7.29 -8.75
CA THR B 1185 7.55 -8.41 -9.39
C THR B 1185 9.06 -8.35 -9.14
N LEU B 1186 9.65 -7.16 -9.26
CA LEU B 1186 11.08 -7.04 -9.02
C LEU B 1186 11.43 -7.36 -7.57
N THR B 1187 10.60 -6.93 -6.62
CA THR B 1187 10.86 -7.27 -5.22
C THR B 1187 10.83 -8.79 -4.99
N ARG B 1188 9.83 -9.47 -5.56
CA ARG B 1188 9.75 -10.91 -5.41
C ARG B 1188 10.95 -11.61 -6.04
N GLN B 1189 11.41 -11.14 -7.21
CA GLN B 1189 12.59 -11.72 -7.81
C GLN B 1189 13.81 -11.53 -6.93
N ALA B 1190 13.92 -10.37 -6.28
CA ALA B 1190 15.03 -10.11 -5.38
C ALA B 1190 15.06 -11.10 -4.23
N GLU B 1191 13.88 -11.45 -3.68
CA GLU B 1191 13.89 -12.42 -2.58
C GLU B 1191 14.15 -13.85 -3.07
N VAL B 1192 13.62 -14.21 -4.24
CA VAL B 1192 13.87 -15.55 -4.76
C VAL B 1192 15.34 -15.74 -5.13
N ARG B 1193 16.08 -14.66 -5.38
CA ARG B 1193 17.52 -14.78 -5.59
C ARG B 1193 18.21 -15.41 -4.37
N ALA B 1194 17.93 -14.88 -3.17
CA ALA B 1194 18.52 -15.44 -1.96
C ALA B 1194 18.01 -16.84 -1.68
N SER B 1195 16.72 -17.08 -1.96
CA SER B 1195 16.20 -18.44 -1.79
C SER B 1195 16.96 -19.43 -2.68
N ARG B 1196 17.25 -19.06 -3.92
CA ARG B 1196 17.97 -19.93 -4.84
C ARG B 1196 19.42 -20.12 -4.41
N GLN B 1197 20.03 -19.08 -3.83
CA GLN B 1197 21.37 -19.26 -3.27
C GLN B 1197 21.38 -20.32 -2.17
N LEU B 1198 20.38 -20.27 -1.28
CA LEU B 1198 20.27 -21.29 -0.25
C LEU B 1198 20.06 -22.69 -0.84
N ALA B 1199 19.22 -22.79 -1.88
CA ALA B 1199 19.01 -24.09 -2.52
C ALA B 1199 20.29 -24.63 -3.15
N LYS B 1200 21.07 -23.76 -3.77
CA LYS B 1200 22.35 -24.16 -4.35
C LYS B 1200 23.29 -24.69 -3.27
N ASP B 1201 23.36 -24.00 -2.13
CA ASP B 1201 24.20 -24.49 -1.04
C ASP B 1201 23.72 -25.85 -0.53
N LYS B 1202 22.40 -26.02 -0.39
CA LYS B 1202 21.88 -27.30 0.09
C LYS B 1202 22.22 -28.43 -0.88
N VAL B 1203 22.06 -28.20 -2.18
CA VAL B 1203 22.40 -29.23 -3.15
C VAL B 1203 23.89 -29.56 -3.09
N ASN B 1204 24.74 -28.53 -3.04
CA ASN B 1204 26.18 -28.78 -3.10
C ASN B 1204 26.71 -29.46 -1.84
N GLU B 1205 26.14 -29.17 -0.67
CA GLU B 1205 26.71 -29.64 0.58
C GLU B 1205 25.95 -30.77 1.24
N CYS B 1206 24.71 -31.05 0.84
CA CYS B 1206 23.95 -32.14 1.42
C CYS B 1206 23.67 -33.27 0.44
N VAL B 1207 23.62 -32.99 -0.85
CA VAL B 1207 23.27 -33.99 -1.87
C VAL B 1207 24.52 -34.47 -2.60
N ARG B 1208 25.37 -33.55 -3.05
CA ARG B 1208 26.56 -33.90 -3.81
C ARG B 1208 27.76 -34.18 -2.93
N SER B 1209 27.64 -34.01 -1.62
CA SER B 1209 28.71 -34.35 -0.69
C SER B 1209 28.09 -34.51 0.70
N GLN B 1210 28.93 -34.78 1.68
CA GLN B 1210 28.52 -34.90 3.07
C GLN B 1210 29.08 -33.72 3.84
N SER B 1211 28.20 -32.94 4.45
CA SER B 1211 28.61 -31.68 5.06
C SER B 1211 29.23 -31.91 6.43
N GLN B 1212 30.22 -31.08 6.76
CA GLN B 1212 30.84 -31.06 8.07
C GLN B 1212 30.29 -29.96 8.96
N ARG B 1213 29.22 -29.29 8.53
CA ARG B 1213 28.60 -28.25 9.32
C ARG B 1213 27.49 -28.85 10.18
N PHE B 1214 27.47 -28.49 11.45
CA PHE B 1214 26.55 -29.10 12.41
C PHE B 1214 25.13 -28.60 12.17
N GLY B 1215 24.20 -29.54 12.01
CA GLY B 1215 22.80 -29.21 11.91
C GLY B 1215 22.37 -28.51 10.65
N PHE B 1216 23.13 -28.66 9.56
CA PHE B 1216 22.80 -27.97 8.32
C PHE B 1216 21.83 -28.77 7.45
N CYS B 1217 22.06 -30.06 7.30
CA CYS B 1217 21.18 -30.94 6.53
C CYS B 1217 20.20 -31.68 7.44
N GLY B 1218 19.45 -30.97 8.27
CA GLY B 1218 18.45 -31.57 9.11
C GLY B 1218 18.88 -31.67 10.57
N ASN B 1219 17.93 -32.09 11.41
CA ASN B 1219 18.13 -32.27 12.87
C ASN B 1219 18.63 -33.68 13.10
N GLY B 1220 19.89 -33.80 13.41
CA GLY B 1220 20.51 -35.09 13.59
C GLY B 1220 21.81 -35.19 12.81
N THR B 1221 22.41 -36.37 12.87
CA THR B 1221 23.65 -36.63 12.16
C THR B 1221 23.31 -36.99 10.71
N HIS B 1222 23.72 -36.14 9.77
CA HIS B 1222 23.35 -36.30 8.37
C HIS B 1222 23.98 -37.55 7.78
N LEU B 1223 23.17 -38.33 7.07
CA LEU B 1223 23.66 -39.50 6.35
C LEU B 1223 23.63 -39.28 4.85
N PHE B 1224 22.47 -38.97 4.27
CA PHE B 1224 22.48 -38.58 2.86
C PHE B 1224 21.18 -37.85 2.52
N SER B 1225 21.21 -37.10 1.41
CA SER B 1225 20.05 -36.33 0.98
C SER B 1225 19.71 -36.67 -0.46
N LEU B 1226 18.41 -36.63 -0.76
CA LEU B 1226 17.90 -36.77 -2.11
C LEU B 1226 17.02 -35.57 -2.42
N ALA B 1227 16.72 -35.37 -3.70
CA ALA B 1227 15.94 -34.22 -4.12
C ALA B 1227 14.92 -34.61 -5.18
N ASN B 1228 13.80 -33.91 -5.18
CA ASN B 1228 12.75 -34.01 -6.19
C ASN B 1228 12.34 -32.61 -6.62
N ALA B 1229 11.73 -32.52 -7.79
CA ALA B 1229 11.23 -31.24 -8.28
C ALA B 1229 9.86 -30.93 -7.69
N ALA B 1230 9.61 -29.65 -7.46
CA ALA B 1230 8.36 -29.17 -6.90
C ALA B 1230 7.99 -27.90 -7.65
N PRO B 1231 6.71 -27.49 -7.60
CA PRO B 1231 6.33 -26.22 -8.22
C PRO B 1231 7.20 -25.07 -7.79
N ASN B 1232 7.93 -24.50 -8.74
CA ASN B 1232 8.82 -23.34 -8.59
C ASN B 1232 10.10 -23.65 -7.82
N GLY B 1233 10.37 -24.90 -7.49
CA GLY B 1233 11.56 -25.21 -6.72
C GLY B 1233 11.80 -26.68 -6.53
N MET B 1234 12.30 -27.06 -5.35
CA MET B 1234 12.57 -28.47 -5.12
C MET B 1234 12.34 -28.85 -3.67
N ILE B 1235 12.24 -30.16 -3.45
CA ILE B 1235 12.00 -30.77 -2.15
C ILE B 1235 13.19 -31.67 -1.83
N PHE B 1236 13.76 -31.48 -0.65
CA PHE B 1236 14.88 -32.27 -0.17
C PHE B 1236 14.40 -33.27 0.87
N PHE B 1237 14.82 -34.51 0.72
CA PHE B 1237 14.67 -35.55 1.73
C PHE B 1237 16.02 -35.73 2.40
N HIS B 1238 16.11 -35.33 3.67
CA HIS B 1238 17.32 -35.50 4.47
C HIS B 1238 17.18 -36.77 5.30
N THR B 1239 18.09 -37.71 5.11
CA THR B 1239 18.12 -38.95 5.86
C THR B 1239 19.24 -38.84 6.89
N VAL B 1240 18.86 -38.86 8.17
CA VAL B 1240 19.76 -38.64 9.30
C VAL B 1240 19.64 -39.81 10.26
N LEU B 1241 20.67 -39.96 11.09
CA LEU B 1241 20.71 -40.99 12.13
C LEU B 1241 20.03 -40.49 13.40
N LEU B 1242 19.28 -41.36 14.04
CA LEU B 1242 18.57 -41.05 15.27
C LEU B 1242 18.96 -42.04 16.35
N PRO B 1243 19.64 -41.63 17.41
CA PRO B 1243 20.03 -42.58 18.45
C PRO B 1243 18.87 -42.98 19.33
N THR B 1244 18.95 -44.21 19.85
CA THR B 1244 17.95 -44.71 20.79
C THR B 1244 18.57 -45.20 22.09
N ALA B 1245 19.88 -45.06 22.27
CA ALA B 1245 20.54 -45.55 23.48
C ALA B 1245 21.84 -44.77 23.66
N TYR B 1246 22.40 -44.87 24.85
CA TYR B 1246 23.68 -44.26 25.18
C TYR B 1246 24.54 -45.27 25.93
N GLU B 1247 25.78 -45.43 25.49
CA GLU B 1247 26.76 -46.26 26.15
C GLU B 1247 27.62 -45.37 27.05
N THR B 1248 27.82 -45.80 28.29
CA THR B 1248 28.58 -45.02 29.26
C THR B 1248 29.96 -45.64 29.45
N VAL B 1249 30.99 -44.80 29.35
CA VAL B 1249 32.37 -45.25 29.55
C VAL B 1249 33.08 -44.27 30.46
N THR B 1250 34.11 -44.75 31.15
CA THR B 1250 34.98 -43.91 31.95
C THR B 1250 36.14 -43.44 31.08
N ALA B 1251 36.26 -42.13 30.88
CA ALA B 1251 37.17 -41.55 29.92
C ALA B 1251 38.25 -40.74 30.63
N TRP B 1252 39.44 -40.77 30.05
CA TRP B 1252 40.63 -40.13 30.58
C TRP B 1252 41.15 -39.11 29.57
N SER B 1253 41.79 -38.06 30.10
CA SER B 1253 42.33 -36.99 29.27
C SER B 1253 43.76 -37.26 28.84
N GLY B 1254 44.39 -38.31 29.35
CA GLY B 1254 45.75 -38.63 28.97
C GLY B 1254 46.31 -39.68 29.91
N ILE B 1255 47.54 -40.09 29.61
CA ILE B 1255 48.22 -41.13 30.37
C ILE B 1255 49.53 -40.55 30.90
N CYS B 1256 49.71 -40.59 32.21
CA CYS B 1256 50.97 -40.16 32.84
C CYS B 1256 51.80 -41.40 33.12
N ALA B 1257 52.84 -41.62 32.31
CA ALA B 1257 53.63 -42.83 32.36
C ALA B 1257 54.98 -42.53 33.02
N SER B 1258 55.33 -43.33 34.02
CA SER B 1258 56.57 -43.15 34.78
C SER B 1258 57.53 -44.27 34.44
N ASP B 1259 58.79 -43.92 34.18
CA ASP B 1259 59.85 -44.86 33.86
C ASP B 1259 61.09 -44.48 34.66
N GLY B 1260 61.19 -44.98 35.88
CA GLY B 1260 62.32 -44.68 36.75
C GLY B 1260 62.37 -43.22 37.17
N HIS B 1262 62.03 -41.47 33.19
CA HIS B 1262 61.47 -40.40 34.00
C HIS B 1262 59.95 -40.51 34.08
N THR B 1263 59.26 -39.39 33.87
CA THR B 1263 57.81 -39.34 33.87
C THR B 1263 57.36 -38.39 32.78
N PHE B 1264 56.49 -38.87 31.89
CA PHE B 1264 56.04 -38.08 30.76
C PHE B 1264 54.56 -38.33 30.51
N GLY B 1265 53.92 -37.37 29.86
CA GLY B 1265 52.51 -37.47 29.54
C GLY B 1265 52.28 -37.88 28.09
N LEU B 1266 51.16 -38.55 27.86
CA LEU B 1266 50.71 -38.94 26.53
C LEU B 1266 49.30 -38.41 26.35
N VAL B 1267 49.08 -37.63 25.30
CA VAL B 1267 47.76 -37.10 24.99
C VAL B 1267 47.32 -37.66 23.64
N VAL B 1268 46.01 -37.81 23.47
CA VAL B 1268 45.50 -38.34 22.21
C VAL B 1268 45.68 -37.30 21.12
N LYS B 1269 46.29 -37.71 20.01
CA LYS B 1269 46.61 -36.79 18.93
C LYS B 1269 45.34 -36.20 18.30
N ASP B 1270 44.34 -37.03 18.08
CA ASP B 1270 43.07 -36.58 17.50
C ASP B 1270 42.11 -36.20 18.62
N VAL B 1271 41.71 -34.93 18.67
CA VAL B 1271 40.84 -34.46 19.76
C VAL B 1271 39.38 -34.85 19.55
N GLN B 1272 39.06 -35.52 18.46
CA GLN B 1272 37.71 -36.01 18.22
C GLN B 1272 37.47 -37.40 18.80
N LEU B 1273 38.47 -38.00 19.44
CA LEU B 1273 38.37 -39.34 19.98
C LEU B 1273 38.37 -39.30 21.50
N THR B 1274 37.67 -40.26 22.09
CA THR B 1274 37.63 -40.45 23.54
C THR B 1274 38.43 -41.70 23.89
N LEU B 1275 39.28 -41.57 24.91
CA LEU B 1275 40.11 -42.65 25.40
C LEU B 1275 39.46 -43.29 26.63
N PHE B 1276 39.35 -44.61 26.64
CA PHE B 1276 38.82 -45.31 27.80
C PHE B 1276 39.52 -46.64 27.95
N ARG B 1277 39.09 -47.41 28.96
CA ARG B 1277 39.69 -48.69 29.29
C ARG B 1277 38.63 -49.78 29.20
N ASN B 1278 38.98 -50.89 28.56
CA ASN B 1278 38.06 -52.01 28.42
C ASN B 1278 38.07 -52.86 29.69
N LEU B 1279 37.40 -54.02 29.64
CA LEU B 1279 37.28 -54.87 30.83
C LEU B 1279 38.62 -55.49 31.21
N ASP B 1280 39.51 -55.71 30.26
CA ASP B 1280 40.83 -56.27 30.53
C ASP B 1280 41.88 -55.19 30.76
N ASP B 1281 41.46 -53.97 31.10
CA ASP B 1281 42.36 -52.85 31.37
C ASP B 1281 43.22 -52.49 30.16
N LYS B 1282 42.70 -52.72 28.96
CA LYS B 1282 43.36 -52.31 27.73
C LYS B 1282 42.74 -51.01 27.23
N PHE B 1283 43.59 -50.12 26.70
CA PHE B 1283 43.13 -48.82 26.26
C PHE B 1283 42.45 -48.90 24.90
N TYR B 1284 41.37 -48.14 24.75
CA TYR B 1284 40.58 -48.09 23.54
C TYR B 1284 40.25 -46.64 23.20
N LEU B 1285 40.01 -46.40 21.92
CA LEU B 1285 39.62 -45.09 21.41
C LEU B 1285 38.29 -45.22 20.68
N THR B 1286 37.42 -44.22 20.86
CA THR B 1286 36.15 -44.24 20.14
C THR B 1286 35.76 -42.84 19.67
N PRO B 1287 35.08 -42.74 18.54
CA PRO B 1287 34.48 -41.45 18.16
C PRO B 1287 33.32 -41.11 19.09
N ARG B 1288 32.99 -39.82 19.14
CA ARG B 1288 31.87 -39.36 19.95
C ARG B 1288 30.57 -39.26 19.17
N THR B 1289 30.59 -39.51 17.87
CA THR B 1289 29.38 -39.52 17.07
C THR B 1289 28.70 -40.89 17.08
N MET B 1290 29.48 -41.96 17.04
CA MET B 1290 28.98 -43.32 17.14
C MET B 1290 29.91 -44.09 18.06
N TYR B 1291 29.37 -45.12 18.71
CA TYR B 1291 30.17 -45.97 19.57
C TYR B 1291 30.85 -47.03 18.71
N GLN B 1292 32.09 -46.76 18.30
CA GLN B 1292 32.87 -47.65 17.45
C GLN B 1292 34.26 -47.80 18.03
N PRO B 1293 34.40 -48.56 19.12
CA PRO B 1293 35.70 -48.64 19.80
C PRO B 1293 36.75 -49.38 18.98
N ARG B 1294 38.00 -48.94 19.14
CA ARG B 1294 39.12 -49.58 18.48
C ARG B 1294 40.34 -49.50 19.38
N VAL B 1295 41.27 -50.43 19.19
CA VAL B 1295 42.44 -50.53 20.05
C VAL B 1295 43.37 -49.36 19.80
N ALA B 1296 43.90 -48.79 20.87
CA ALA B 1296 44.78 -47.63 20.79
C ALA B 1296 46.22 -48.07 20.60
N THR B 1297 46.88 -47.51 19.60
CA THR B 1297 48.28 -47.80 19.31
C THR B 1297 49.15 -46.61 19.66
N ILE B 1298 50.46 -46.81 19.61
CA ILE B 1298 51.40 -45.77 20.01
C ILE B 1298 51.42 -44.62 19.00
N SER B 1299 51.01 -44.86 17.76
CA SER B 1299 50.97 -43.80 16.77
C SER B 1299 49.82 -42.83 16.99
N ASP B 1300 48.93 -43.11 17.94
CA ASP B 1300 47.79 -42.25 18.23
C ASP B 1300 48.08 -41.22 19.30
N PHE B 1301 49.29 -41.21 19.87
CA PHE B 1301 49.58 -40.41 21.05
C PHE B 1301 50.72 -39.42 20.76
N VAL B 1302 50.67 -38.30 21.47
CA VAL B 1302 51.70 -37.27 21.42
C VAL B 1302 52.32 -37.18 22.81
N GLN B 1303 53.65 -37.17 22.87
CA GLN B 1303 54.38 -37.18 24.13
C GLN B 1303 54.70 -35.76 24.56
N ILE B 1304 54.41 -35.46 25.83
CA ILE B 1304 54.61 -34.13 26.39
C ILE B 1304 55.36 -34.27 27.71
N GLU B 1305 55.97 -33.16 28.13
CA GLU B 1305 56.78 -33.16 29.34
C GLU B 1305 55.92 -33.26 30.60
N GLY B 1306 54.84 -32.48 30.67
CA GLY B 1306 54.07 -32.38 31.89
C GLY B 1306 52.88 -33.33 31.94
N CYS B 1307 52.27 -33.40 33.12
CA CYS B 1307 51.08 -34.20 33.36
C CYS B 1307 50.05 -33.36 34.09
N ASP B 1308 48.77 -33.68 33.86
CA ASP B 1308 47.68 -33.07 34.59
C ASP B 1308 47.22 -34.00 35.71
N VAL B 1309 46.39 -33.45 36.60
CA VAL B 1309 45.89 -34.23 37.74
C VAL B 1309 44.80 -35.21 37.35
N LEU B 1310 44.22 -35.05 36.16
CA LEU B 1310 43.12 -35.90 35.70
C LEU B 1310 43.60 -37.01 34.77
N PHE B 1311 44.91 -37.24 34.71
CA PHE B 1311 45.48 -38.29 33.87
C PHE B 1311 45.46 -39.61 34.61
N VAL B 1312 45.24 -40.70 33.86
CA VAL B 1312 45.31 -42.03 34.46
C VAL B 1312 46.76 -42.40 34.70
N ASN B 1313 47.06 -42.90 35.89
CA ASN B 1313 48.40 -43.37 36.20
C ASN B 1313 48.62 -44.74 35.56
N ALA B 1314 49.74 -44.89 34.86
CA ALA B 1314 50.06 -46.16 34.24
C ALA B 1314 51.57 -46.31 34.18
N THR B 1315 52.02 -47.55 34.10
CA THR B 1315 53.42 -47.89 33.97
C THR B 1315 53.74 -48.20 32.51
N VAL B 1316 55.03 -48.22 32.18
CA VAL B 1316 55.49 -48.50 30.83
C VAL B 1316 55.04 -49.91 30.43
N ILE B 1317 54.88 -50.78 31.40
CA ILE B 1317 54.48 -52.16 31.12
C ILE B 1317 53.09 -52.20 30.50
N GLU B 1318 52.15 -51.45 31.08
CA GLU B 1318 50.75 -51.50 30.66
C GLU B 1318 50.40 -50.42 29.64
N LEU B 1319 51.37 -49.95 28.87
CA LEU B 1319 51.13 -48.93 27.86
C LEU B 1319 50.66 -49.57 26.57
N PRO B 1320 49.99 -48.80 25.69
CA PRO B 1320 49.55 -49.37 24.41
C PRO B 1320 50.72 -49.86 23.58
N GLY B 1321 50.49 -50.97 22.88
CA GLY B 1321 51.52 -51.55 22.02
C GLY B 1321 51.85 -50.70 20.82
N THR C 32 17.34 46.66 47.49
CA THR C 32 16.59 47.53 46.59
C THR C 32 17.04 48.98 46.73
N ILE C 33 17.73 49.28 47.82
CA ILE C 33 18.21 50.63 48.10
C ILE C 33 19.54 50.84 47.40
N LYS C 34 19.69 52.02 46.79
CA LYS C 34 20.96 52.37 46.16
C LYS C 34 22.06 52.43 47.23
N PRO C 35 23.26 51.95 46.92
CA PRO C 35 24.31 51.89 47.95
C PRO C 35 24.64 53.27 48.52
N ASN C 36 24.84 53.31 49.84
CA ASN C 36 25.19 54.53 50.54
C ASN C 36 25.83 54.14 51.87
N ASN C 37 26.75 54.98 52.34
CA ASN C 37 27.45 54.71 53.59
C ASN C 37 26.60 55.00 54.82
N ASP C 38 25.57 55.84 54.69
CA ASP C 38 24.76 56.21 55.85
C ASP C 38 23.80 55.11 56.27
N CYS C 39 23.40 54.25 55.33
CA CYS C 39 22.40 53.23 55.64
C CYS C 39 23.04 52.02 56.29
N ARG C 40 22.22 51.29 57.05
CA ARG C 40 22.68 50.11 57.78
C ARG C 40 21.50 49.18 58.02
N GLN C 41 21.78 47.88 57.97
CA GLN C 41 20.74 46.87 58.22
C GLN C 41 20.35 46.87 59.70
N VAL C 42 19.07 46.66 59.95
CA VAL C 42 18.51 46.69 61.30
C VAL C 42 17.54 45.53 61.46
N ASN C 43 17.68 44.78 62.55
CA ASN C 43 16.68 43.80 62.96
C ASN C 43 15.52 44.56 63.59
N VAL C 44 14.46 44.77 62.81
CA VAL C 44 13.35 45.60 63.29
C VAL C 44 12.53 44.89 64.36
N THR C 45 12.61 43.57 64.44
CA THR C 45 11.82 42.82 65.42
C THR C 45 12.47 42.80 66.80
N GLN C 46 13.71 43.24 66.93
CA GLN C 46 14.43 43.23 68.20
C GLN C 46 14.61 44.62 68.78
N LEU C 47 13.81 45.59 68.34
CA LEU C 47 13.89 46.95 68.83
C LEU C 47 12.76 47.21 69.83
N ASP C 48 12.63 48.46 70.26
CA ASP C 48 11.57 48.86 71.17
C ASP C 48 10.41 49.48 70.39
N GLY C 49 9.20 49.11 70.79
CA GLY C 49 8.01 49.55 70.09
C GLY C 49 7.82 48.85 68.77
N ASN C 50 8.55 47.75 68.56
CA ASN C 50 8.43 46.99 67.32
C ASN C 50 8.46 45.48 67.58
N GLU C 51 8.10 45.03 68.79
CA GLU C 51 8.10 43.60 69.08
C GLU C 51 7.04 42.87 68.26
N ASN C 52 5.84 43.43 68.16
CA ASN C 52 4.74 42.84 67.40
C ASN C 52 4.34 43.69 66.21
N LEU C 53 5.31 44.37 65.60
CA LEU C 53 5.05 45.25 64.47
C LEU C 53 4.69 44.49 63.20
N ILE C 54 5.06 43.21 63.09
CA ILE C 54 4.79 42.44 61.89
C ILE C 54 3.55 41.57 62.03
N ARG C 55 3.41 40.89 63.17
CA ARG C 55 2.24 40.01 63.37
C ARG C 55 0.94 40.80 63.33
N ASP C 56 0.94 41.99 63.93
CA ASP C 56 -0.26 42.83 63.90
C ASP C 56 -0.63 43.21 62.48
N PHE C 57 0.38 43.48 61.63
CA PHE C 57 0.11 43.81 60.24
C PHE C 57 -0.34 42.59 59.46
N LEU C 58 0.27 41.44 59.73
CA LEU C 58 -0.10 40.22 59.01
C LEU C 58 -1.53 39.80 59.31
N PHE C 59 -1.94 39.89 60.58
CA PHE C 59 -3.26 39.43 60.99
C PHE C 59 -4.32 40.51 60.88
N GLN C 60 -4.12 41.50 60.01
CA GLN C 60 -5.12 42.55 59.85
C GLN C 60 -6.39 42.03 59.20
N ASN C 61 -6.25 41.20 58.16
CA ASN C 61 -7.39 40.70 57.39
C ASN C 61 -7.74 39.26 57.70
N PHE C 62 -6.98 38.57 58.54
CA PHE C 62 -7.22 37.18 58.89
C PHE C 62 -7.67 37.14 60.35
N LYS C 63 -8.98 37.31 60.56
CA LYS C 63 -9.56 37.31 61.89
C LYS C 63 -10.16 35.96 62.28
N GLU C 64 -10.04 34.95 61.42
CA GLU C 64 -10.63 33.64 61.67
C GLU C 64 -9.59 32.67 62.20
N GLU C 65 -10.07 31.52 62.66
CA GLU C 65 -9.22 30.46 63.18
C GLU C 65 -8.70 29.58 62.04
N GLY C 66 -7.65 28.84 62.32
CA GLY C 66 -7.05 27.93 61.37
C GLY C 66 -5.69 28.43 60.90
N THR C 67 -5.19 27.78 59.86
CA THR C 67 -3.89 28.10 59.27
C THR C 67 -4.05 28.38 57.79
N VAL C 68 -3.48 29.48 57.33
CA VAL C 68 -3.51 29.86 55.92
C VAL C 68 -2.11 30.36 55.53
N VAL C 69 -1.73 30.12 54.29
CA VAL C 69 -0.47 30.61 53.75
C VAL C 69 -0.80 31.76 52.80
N VAL C 70 -0.40 32.96 53.16
CA VAL C 70 -0.72 34.15 52.39
C VAL C 70 0.47 34.53 51.54
N GLY C 71 0.22 35.39 50.56
CA GLY C 71 1.27 35.87 49.69
C GLY C 71 1.02 37.31 49.29
N GLY C 72 2.10 38.02 49.05
CA GLY C 72 2.00 39.42 48.68
C GLY C 72 3.29 40.15 48.98
N TYR C 73 3.21 41.47 48.87
CA TYR C 73 4.35 42.35 49.11
C TYR C 73 4.35 42.76 50.59
N TYR C 74 4.64 41.77 51.45
CA TYR C 74 4.64 41.88 52.90
C TYR C 74 6.04 42.21 53.42
N PRO C 75 6.13 42.94 54.53
CA PRO C 75 7.44 43.32 55.05
C PRO C 75 8.20 42.14 55.65
N THR C 76 9.52 42.27 55.65
CA THR C 76 10.42 41.29 56.23
C THR C 76 11.09 41.86 57.49
N GLU C 77 11.98 41.08 58.07
CA GLU C 77 12.55 41.38 59.38
C GLU C 77 13.85 42.16 59.32
N VAL C 78 14.32 42.56 58.13
CA VAL C 78 15.55 43.32 58.00
C VAL C 78 15.21 44.64 57.30
N TRP C 79 15.33 45.74 58.03
CA TRP C 79 15.02 47.07 57.52
C TRP C 79 16.30 47.90 57.42
N TYR C 80 16.14 49.16 57.03
CA TYR C 80 17.25 50.07 56.82
C TYR C 80 17.14 51.26 57.77
N ASN C 81 18.27 51.63 58.37
CA ASN C 81 18.39 52.87 59.12
C ASN C 81 19.49 53.71 58.48
N CYS C 82 19.13 54.89 58.00
CA CYS C 82 20.06 55.79 57.33
C CYS C 82 20.06 57.12 58.06
N SER C 83 21.14 57.40 58.79
CA SER C 83 21.28 58.65 59.52
C SER C 83 22.68 59.20 59.29
N LYS C 84 22.78 60.53 59.28
CA LYS C 84 24.04 61.23 59.06
C LYS C 84 24.26 62.20 60.21
N THR C 85 25.41 62.08 60.88
CA THR C 85 25.74 62.99 61.97
C THR C 85 25.92 64.41 61.46
N LEU C 86 26.57 64.58 60.32
CA LEU C 86 26.75 65.88 59.72
C LEU C 86 25.42 66.41 59.18
N THR C 87 25.35 67.73 59.01
CA THR C 87 24.13 68.37 58.51
C THR C 87 24.29 68.82 57.07
N TYR C 91 20.23 61.98 50.23
CA TYR C 91 19.02 61.28 49.77
C TYR C 91 19.27 59.78 49.64
N ALA C 92 18.23 58.99 49.93
CA ALA C 92 18.25 57.55 49.75
C ALA C 92 17.26 57.17 48.66
N TYR C 93 17.67 56.24 47.80
CA TYR C 93 16.89 55.87 46.62
C TYR C 93 16.59 54.39 46.61
N PHE C 94 15.33 54.04 46.38
CA PHE C 94 14.88 52.67 46.21
C PHE C 94 14.37 52.50 44.78
N ASN C 95 14.76 51.42 44.13
CA ASN C 95 14.43 51.20 42.74
C ASN C 95 13.71 49.87 42.55
N ASN C 96 12.73 49.86 41.64
CA ASN C 96 11.98 48.67 41.26
C ASN C 96 11.34 48.01 42.49
N ILE C 97 10.43 48.75 43.11
CA ILE C 97 9.72 48.28 44.30
C ILE C 97 8.22 48.45 44.09
N HIS C 98 7.45 47.69 44.87
CA HIS C 98 6.00 47.74 44.79
C HIS C 98 5.35 48.34 46.04
N ALA C 99 5.87 48.04 47.22
CA ALA C 99 5.36 48.58 48.47
C ALA C 99 6.49 49.25 49.23
N PHE C 100 6.12 50.24 50.06
CA PHE C 100 7.09 50.97 50.87
C PHE C 100 6.56 51.06 52.29
N TYR C 101 7.35 50.56 53.25
CA TYR C 101 6.97 50.53 54.65
C TYR C 101 7.98 51.30 55.47
N PHE C 102 7.49 52.13 56.41
CA PHE C 102 8.34 52.79 57.37
C PHE C 102 7.69 52.72 58.75
N ASP C 103 8.53 52.67 59.77
CA ASP C 103 8.04 52.59 61.15
C ASP C 103 8.83 53.51 62.07
N PHE C 121 9.05 61.31 51.76
CA PHE C 121 9.62 60.75 50.55
C PHE C 121 8.75 61.06 49.34
N HIS C 122 9.25 60.73 48.15
CA HIS C 122 8.58 61.04 46.90
C HIS C 122 8.43 59.78 46.09
N VAL C 123 7.19 59.44 45.72
CA VAL C 123 6.89 58.31 44.87
C VAL C 123 6.61 58.84 43.46
N HIS C 124 7.42 58.41 42.50
CA HIS C 124 7.42 59.00 41.18
C HIS C 124 6.41 58.31 40.26
N GLY C 125 5.74 59.11 39.44
CA GLY C 125 4.78 58.60 38.49
C GLY C 125 4.37 59.68 37.50
N GLU C 126 3.68 59.24 36.45
CA GLU C 126 3.18 60.14 35.43
C GLU C 126 1.70 59.89 35.21
N PRO C 127 0.87 60.92 35.07
CA PRO C 127 1.20 62.35 35.09
C PRO C 127 1.07 62.96 36.49
N VAL C 128 1.06 62.14 37.54
CA VAL C 128 0.91 62.63 38.91
C VAL C 128 1.86 61.87 39.81
N SER C 129 2.27 62.51 40.90
CA SER C 129 3.12 61.89 41.90
C SER C 129 2.62 62.26 43.29
N VAL C 130 3.01 61.47 44.28
CA VAL C 130 2.59 61.65 45.67
C VAL C 130 3.83 61.88 46.51
N ILE C 131 3.83 62.96 47.29
CA ILE C 131 4.93 63.31 48.17
C ILE C 131 4.40 63.34 49.60
N ILE C 132 5.07 62.60 50.48
CA ILE C 132 4.68 62.56 51.88
C ILE C 132 5.64 63.40 52.72
N LYS C 148 -2.47 66.57 63.32
CA LYS C 148 -2.30 66.68 61.88
C LYS C 148 -0.84 66.94 61.52
N HIS C 149 0.06 66.12 62.08
CA HIS C 149 1.49 66.29 61.81
C HIS C 149 1.81 66.03 60.34
N GLY C 150 1.23 64.98 59.75
CA GLY C 150 1.62 64.57 58.42
C GLY C 150 0.90 65.31 57.32
N LEU C 151 1.58 65.41 56.18
CA LEU C 151 1.04 66.05 54.99
C LEU C 151 1.28 65.16 53.78
N VAL C 152 0.24 64.97 52.97
CA VAL C 152 0.35 64.28 51.69
C VAL C 152 0.01 65.26 50.59
N CYS C 153 0.84 65.32 49.55
CA CYS C 153 0.67 66.28 48.47
C CYS C 153 0.73 65.55 47.15
N ILE C 154 -0.37 65.61 46.40
CA ILE C 154 -0.43 65.08 45.05
C ILE C 154 -0.02 66.20 44.10
N THR C 155 1.14 66.04 43.47
CA THR C 155 1.72 67.05 42.59
C THR C 155 1.76 66.53 41.17
N LYS C 156 1.18 67.28 40.25
CA LYS C 156 1.26 66.98 38.82
C LYS C 156 2.41 67.75 38.15
N THR C 157 3.60 67.63 38.72
CA THR C 157 4.77 68.33 38.21
C THR C 157 6.03 67.49 38.33
N ASN C 163 16.62 71.41 48.79
CA ASN C 163 16.38 71.81 50.17
C ASN C 163 15.52 73.06 50.22
N SER C 164 14.43 73.07 49.44
CA SER C 164 13.54 74.22 49.36
C SER C 164 12.28 74.02 50.20
N PHE C 165 11.53 72.95 49.94
CA PHE C 165 10.27 72.73 50.65
C PHE C 165 10.52 72.29 52.10
N THR C 166 11.49 71.41 52.32
CA THR C 166 11.76 70.93 53.66
C THR C 166 12.36 72.01 54.56
N SER C 167 12.97 73.04 53.97
CA SER C 167 13.57 74.10 54.76
C SER C 167 12.55 75.09 55.29
N SER C 168 11.34 75.10 54.77
CA SER C 168 10.31 76.03 55.22
C SER C 168 9.12 75.29 55.81
N ILE C 173 1.89 72.71 51.97
CA ILE C 173 2.65 73.87 51.53
C ILE C 173 2.56 74.01 50.02
N CYS C 174 2.12 72.96 49.35
CA CYS C 174 2.03 72.92 47.91
C CYS C 174 0.67 73.43 47.45
N THR C 175 0.67 74.26 46.40
CA THR C 175 -0.55 74.81 45.86
C THR C 175 -0.75 74.41 44.39
N ASN C 177 -1.35 73.45 41.01
CA ASN C 177 -2.62 72.75 41.19
C ASN C 177 -2.45 71.53 42.09
N ASP C 178 -1.39 71.54 42.90
CA ASP C 178 -1.12 70.42 43.80
C ASP C 178 -2.21 70.34 44.86
N ARG C 179 -2.56 69.11 45.23
CA ARG C 179 -3.61 68.85 46.21
C ARG C 179 -3.00 68.42 47.54
N LYS C 180 -3.44 69.06 48.62
CA LYS C 180 -2.91 68.80 49.95
C LYS C 180 -3.96 68.12 50.81
N VAL C 181 -3.56 67.06 51.51
CA VAL C 181 -4.46 66.31 52.37
C VAL C 181 -3.81 66.13 53.73
N PRO C 182 -3.88 67.11 54.62
CA PRO C 182 -3.28 66.95 55.95
C PRO C 182 -3.88 65.76 56.69
N PHE C 183 -3.03 65.02 57.41
CA PHE C 183 -3.46 63.83 58.10
C PHE C 183 -2.70 63.71 59.41
N SER C 184 -3.37 63.17 60.42
CA SER C 184 -2.80 63.03 61.75
C SER C 184 -2.39 61.58 61.98
N VAL C 185 -1.14 61.40 62.39
CA VAL C 185 -0.65 60.10 62.82
C VAL C 185 -1.35 59.76 64.14
N ILE C 186 -1.19 58.53 64.61
CA ILE C 186 -1.78 58.14 65.89
C ILE C 186 -0.67 58.03 66.93
N PRO C 187 -0.32 59.11 67.62
CA PRO C 187 0.71 59.01 68.67
C PRO C 187 0.32 58.11 69.82
N THR C 188 -0.99 57.90 70.03
CA THR C 188 -1.43 56.98 71.08
C THR C 188 -0.99 55.56 70.79
N ASP C 189 -0.72 55.21 69.53
CA ASP C 189 -0.19 53.91 69.19
C ASP C 189 1.27 53.75 69.60
N ASN C 190 1.95 54.86 69.90
CA ASN C 190 3.33 54.84 70.39
C ASN C 190 4.27 54.16 69.41
N GLY C 191 4.01 54.35 68.12
CA GLY C 191 4.86 53.80 67.08
C GLY C 191 4.94 52.28 67.10
N THR C 192 3.83 51.63 67.45
CA THR C 192 3.76 50.17 67.49
C THR C 192 3.00 49.59 66.31
N LYS C 193 2.60 50.43 65.36
CA LYS C 193 1.87 49.98 64.17
C LYS C 193 2.63 50.40 62.92
N ILE C 194 2.77 49.48 61.98
CA ILE C 194 3.56 49.72 60.78
C ILE C 194 2.79 50.65 59.84
N TYR C 195 3.48 51.67 59.34
CA TYR C 195 2.94 52.54 58.31
C TYR C 195 3.42 52.04 56.95
N GLY C 196 2.57 52.18 55.94
CA GLY C 196 2.88 51.61 54.64
C GLY C 196 2.15 52.29 53.51
N LEU C 197 2.51 51.88 52.30
CA LEU C 197 1.92 52.43 51.08
C LEU C 197 2.21 51.47 49.93
N GLU C 198 1.16 50.92 49.34
CA GLU C 198 1.27 50.01 48.21
C GLU C 198 0.50 50.57 47.03
N TRP C 199 0.99 50.31 45.82
CA TRP C 199 0.38 50.93 44.65
C TRP C 199 0.41 49.98 43.46
N ASN C 200 -0.57 50.15 42.57
CA ASN C 200 -0.54 49.60 41.23
C ASN C 200 -1.20 50.62 40.31
N ASP C 201 -1.28 50.31 39.03
CA ASP C 201 -1.71 51.29 38.03
C ASP C 201 -3.17 51.69 38.18
N GLU C 202 -3.89 51.11 39.14
CA GLU C 202 -5.31 51.43 39.29
C GLU C 202 -5.68 51.82 40.71
N LEU C 203 -4.99 51.28 41.70
CA LEU C 203 -5.39 51.49 43.10
C LEU C 203 -4.18 51.74 43.97
N VAL C 204 -4.30 52.71 44.87
CA VAL C 204 -3.27 53.04 45.86
C VAL C 204 -3.82 52.73 47.25
N THR C 205 -3.07 51.96 48.02
CA THR C 205 -3.50 51.53 49.35
C THR C 205 -2.50 52.04 50.39
N ALA C 206 -3.00 52.72 51.41
CA ALA C 206 -2.18 53.27 52.48
C ALA C 206 -2.56 52.59 53.79
N TYR C 207 -1.56 52.03 54.48
CA TYR C 207 -1.77 51.36 55.75
C TYR C 207 -1.35 52.30 56.87
N ILE C 208 -2.34 52.84 57.58
CA ILE C 208 -2.10 53.74 58.71
C ILE C 208 -2.79 53.15 59.93
N SER C 209 -2.03 53.01 61.02
CA SER C 209 -2.50 52.37 62.25
C SER C 209 -2.92 50.95 61.88
N GLY C 210 -4.11 50.49 62.28
CA GLY C 210 -4.61 49.19 61.93
C GLY C 210 -5.62 49.18 60.80
N ARG C 211 -5.75 50.26 60.06
CA ARG C 211 -6.73 50.39 58.99
C ARG C 211 -6.03 50.57 57.66
N SER C 212 -6.76 50.31 56.58
CA SER C 212 -6.25 50.46 55.22
C SER C 212 -7.21 51.36 54.45
N TYR C 213 -6.65 52.34 53.73
CA TYR C 213 -7.42 53.30 52.96
C TYR C 213 -7.09 53.13 51.48
N ASN C 214 -8.12 53.04 50.65
CA ASN C 214 -7.97 52.79 49.23
C ASN C 214 -8.37 54.02 48.44
N TRP C 215 -7.55 54.37 47.44
CA TRP C 215 -7.82 55.47 46.55
C TRP C 215 -7.73 55.01 45.10
N ASN C 216 -8.60 55.57 44.27
CA ASN C 216 -8.74 55.13 42.88
C ASN C 216 -8.20 56.21 41.95
N ILE C 217 -6.95 56.02 41.50
CA ILE C 217 -6.31 56.94 40.57
C ILE C 217 -5.61 56.12 39.50
N ASN C 218 -5.86 56.46 38.23
CA ASN C 218 -5.14 55.84 37.13
C ASN C 218 -3.85 56.59 36.88
N ASN C 219 -2.71 55.92 37.10
CA ASN C 219 -1.42 56.57 37.02
C ASN C 219 -0.38 55.54 36.62
N ASN C 220 0.75 56.02 36.08
CA ASN C 220 1.83 55.18 35.59
C ASN C 220 3.00 55.29 36.57
N TRP C 221 3.01 54.43 37.58
CA TRP C 221 4.04 54.46 38.61
C TRP C 221 5.35 53.91 38.08
N PHE C 222 6.44 54.54 38.47
CA PHE C 222 7.78 54.14 38.05
C PHE C 222 8.42 53.14 39.00
N ASN C 223 7.74 52.79 40.09
CA ASN C 223 8.17 51.76 41.03
C ASN C 223 9.46 52.10 41.74
N ASN C 224 9.84 53.38 41.80
CA ASN C 224 11.02 53.79 42.54
C ASN C 224 10.71 54.99 43.42
N VAL C 225 11.39 55.05 44.55
CA VAL C 225 11.12 56.03 45.60
C VAL C 225 12.41 56.73 45.98
N THR C 226 12.37 58.06 46.07
CA THR C 226 13.49 58.84 46.57
C THR C 226 13.16 59.31 47.99
N LEU C 227 13.97 58.90 48.94
CA LEU C 227 13.76 59.23 50.36
C LEU C 227 14.77 60.28 50.79
N MET C 228 14.28 61.39 51.33
CA MET C 228 15.14 62.47 51.80
C MET C 228 15.48 62.31 53.27
N TYR C 229 15.99 61.13 53.63
CA TYR C 229 16.39 60.80 54.99
C TYR C 229 15.36 61.18 56.05
N SER C 233 18.41 72.13 59.70
CA SER C 233 17.12 72.02 60.35
C SER C 233 16.30 73.30 60.17
N THR C 234 15.06 73.29 60.66
CA THR C 234 14.14 74.40 60.47
C THR C 234 12.97 74.29 61.44
N ALA C 235 11.93 75.10 61.21
CA ALA C 235 10.70 74.96 61.99
C ALA C 235 10.10 73.57 61.85
N THR C 236 10.11 73.04 60.63
CA THR C 236 9.56 71.71 60.38
C THR C 236 10.58 70.62 60.71
N TRP C 237 11.73 70.63 60.03
CA TRP C 237 12.71 69.58 60.19
C TRP C 237 13.41 69.69 61.55
N LEU C 238 13.81 68.53 62.08
CA LEU C 238 14.51 68.47 63.36
C LEU C 238 15.31 67.18 63.39
N HIS C 239 16.63 67.30 63.40
CA HIS C 239 17.51 66.13 63.41
C HIS C 239 17.31 65.28 64.65
N TYR C 243 12.25 55.04 62.94
CA TYR C 243 12.22 55.61 61.60
C TYR C 243 13.00 54.76 60.61
N VAL C 244 12.73 53.45 60.61
CA VAL C 244 13.35 52.54 59.66
C VAL C 244 12.48 52.48 58.41
N TYR C 245 13.08 52.04 57.30
CA TYR C 245 12.39 51.97 56.01
C TYR C 245 12.64 50.63 55.36
N GLN C 246 11.75 50.28 54.43
CA GLN C 246 11.89 49.05 53.64
C GLN C 246 10.99 49.14 52.43
N GLY C 247 11.56 48.89 51.26
CA GLY C 247 10.80 48.80 50.03
C GLY C 247 10.80 47.37 49.51
N VAL C 248 9.61 46.78 49.43
CA VAL C 248 9.45 45.36 49.11
C VAL C 248 9.16 45.23 47.62
N SER C 249 9.86 44.30 46.96
CA SER C 249 9.69 44.09 45.53
C SER C 249 9.42 42.63 45.15
N ASN C 250 9.47 41.70 46.08
CA ASN C 250 9.27 40.29 45.79
C ASN C 250 8.02 39.77 46.49
N PHE C 251 7.35 38.82 45.84
CA PHE C 251 6.16 38.20 46.42
C PHE C 251 6.56 37.36 47.62
N THR C 252 6.27 37.87 48.82
CA THR C 252 6.66 37.21 50.05
C THR C 252 5.54 36.28 50.50
N TYR C 253 5.93 35.13 51.06
CA TYR C 253 4.99 34.14 51.55
C TYR C 253 5.14 34.01 53.06
N TYR C 254 4.01 33.97 53.77
CA TYR C 254 3.98 33.76 55.21
C TYR C 254 2.97 32.69 55.53
N LYS C 255 3.19 31.99 56.65
CA LYS C 255 2.25 30.99 57.15
C LYS C 255 1.68 31.49 58.47
N LEU C 256 0.40 31.83 58.48
CA LEU C 256 -0.27 32.35 59.67
C LEU C 256 -1.04 31.22 60.34
N ASN C 257 -0.86 31.09 61.65
CA ASN C 257 -1.54 30.08 62.45
C ASN C 257 -2.22 30.78 63.62
N ASN C 258 -3.50 30.45 63.84
CA ASN C 258 -4.30 31.10 64.87
C ASN C 258 -5.12 30.03 65.57
N THR C 259 -4.69 29.65 66.78
CA THR C 259 -5.37 28.63 67.58
C THR C 259 -5.68 29.19 68.95
N ASN C 260 -6.96 29.18 69.32
CA ASN C 260 -7.42 29.66 70.63
C ASN C 260 -6.97 31.09 70.90
N GLY C 261 -6.97 31.91 69.85
CA GLY C 261 -6.57 33.30 69.98
C GLY C 261 -5.07 33.52 69.97
N LEU C 262 -4.26 32.47 69.86
CA LEU C 262 -2.81 32.62 69.80
C LEU C 262 -2.40 32.79 68.35
N LYS C 263 -1.83 33.95 68.04
CA LYS C 263 -1.49 34.31 66.66
C LYS C 263 0.01 34.13 66.45
N THR C 264 0.38 33.19 65.59
CA THR C 264 1.77 32.91 65.26
C THR C 264 1.94 32.91 63.75
N TYR C 265 3.13 33.27 63.30
CA TYR C 265 3.44 33.32 61.88
C TYR C 265 4.84 32.77 61.64
N GLU C 266 5.06 32.28 60.42
CA GLU C 266 6.36 31.72 60.04
C GLU C 266 6.65 32.14 58.60
N PHE C 267 7.79 32.81 58.40
CA PHE C 267 8.21 33.20 57.07
C PHE C 267 8.53 31.97 56.23
N CYS C 268 8.18 32.02 54.95
CA CYS C 268 8.41 30.92 54.02
C CYS C 268 9.21 31.43 52.83
N GLU C 269 10.44 30.92 52.69
CA GLU C 269 11.25 31.30 51.53
C GLU C 269 10.75 30.64 50.26
N ASP C 270 10.41 29.36 50.34
CA ASP C 270 9.87 28.59 49.22
C ASP C 270 8.44 28.19 49.55
N TYR C 271 7.52 28.46 48.62
CA TYR C 271 6.12 28.12 48.86
C TYR C 271 5.91 26.62 48.90
N GLU C 272 6.70 25.84 48.16
CA GLU C 272 6.50 24.40 48.11
C GLU C 272 6.85 23.75 49.44
N TYR C 273 7.87 24.24 50.12
CA TYR C 273 8.30 23.62 51.38
C TYR C 273 7.22 23.75 52.45
N CYS C 274 6.61 24.93 52.57
CA CYS C 274 5.63 25.15 53.63
C CYS C 274 4.31 24.44 53.33
N THR C 275 3.89 24.43 52.06
CA THR C 275 2.59 23.91 51.68
C THR C 275 2.64 22.48 51.14
N GLY C 276 3.60 22.19 50.27
CA GLY C 276 3.66 20.91 49.61
C GLY C 276 3.14 20.91 48.18
N TYR C 277 2.76 22.08 47.66
CA TYR C 277 2.30 22.22 46.29
C TYR C 277 2.96 23.46 45.67
N ALA C 278 3.07 23.43 44.35
CA ALA C 278 3.79 24.49 43.64
C ALA C 278 2.98 25.78 43.59
N THR C 279 3.70 26.89 43.51
CA THR C 279 3.08 28.20 43.38
C THR C 279 2.86 28.53 41.90
N ASN C 280 1.95 29.47 41.66
CA ASN C 280 1.63 29.90 40.31
C ASN C 280 2.26 31.23 39.94
N VAL C 281 2.94 31.89 40.88
CA VAL C 281 3.62 33.15 40.58
C VAL C 281 4.97 32.86 39.98
N PHE C 282 5.30 33.57 38.90
CA PHE C 282 6.57 33.40 38.22
C PHE C 282 6.93 34.71 37.53
N ALA C 283 8.16 34.78 37.04
CA ALA C 283 8.65 35.94 36.32
C ALA C 283 9.05 35.53 34.92
N PRO C 284 8.49 36.13 33.86
CA PRO C 284 8.89 35.76 32.51
C PRO C 284 10.36 36.10 32.27
N THR C 285 11.03 35.22 31.52
CA THR C 285 12.41 35.46 31.15
C THR C 285 12.48 36.54 30.07
N VAL C 286 13.69 36.81 29.59
CA VAL C 286 13.87 37.86 28.59
C VAL C 286 13.17 37.43 27.30
N GLY C 287 12.24 38.26 26.83
CA GLY C 287 11.43 37.96 25.68
C GLY C 287 10.01 37.52 26.01
N GLY C 288 9.73 37.21 27.27
CA GLY C 288 8.39 36.83 27.68
C GLY C 288 8.10 35.35 27.58
N TYR C 289 9.02 34.52 28.07
CA TYR C 289 8.86 33.08 28.04
C TYR C 289 8.71 32.53 29.45
N ILE C 290 7.87 31.52 29.58
CA ILE C 290 7.61 30.90 30.89
C ILE C 290 8.83 30.09 31.32
N PRO C 291 9.27 30.18 32.58
CA PRO C 291 10.45 29.42 33.02
C PRO C 291 10.34 27.91 32.81
N ASP C 292 11.48 27.23 32.94
CA ASP C 292 11.52 25.81 32.61
C ASP C 292 10.80 24.96 33.65
N GLY C 293 10.89 25.33 34.92
CA GLY C 293 10.36 24.47 35.96
C GLY C 293 8.95 24.78 36.41
N PHE C 294 8.22 25.56 35.61
CA PHE C 294 6.86 25.94 35.97
C PHE C 294 5.94 24.71 35.96
N SER C 295 4.88 24.79 36.76
CA SER C 295 3.99 23.65 36.98
C SER C 295 2.74 23.66 36.10
N PHE C 296 2.28 24.82 35.64
CA PHE C 296 1.12 24.94 34.75
C PHE C 296 -0.14 24.38 35.42
N ASN C 297 -0.42 24.87 36.63
CA ASN C 297 -1.54 24.31 37.40
C ASN C 297 -2.89 24.82 36.92
N ASN C 298 -3.00 26.11 36.61
CA ASN C 298 -4.25 26.64 36.09
C ASN C 298 -4.04 27.14 34.66
N TRP C 299 -3.30 26.36 33.88
CA TRP C 299 -2.97 26.69 32.50
C TRP C 299 -3.37 25.51 31.62
N PHE C 300 -4.08 25.80 30.54
CA PHE C 300 -4.62 24.77 29.67
C PHE C 300 -4.31 25.08 28.22
N LEU C 301 -4.46 24.07 27.37
CA LEU C 301 -4.35 24.24 25.94
C LEU C 301 -5.73 24.64 25.39
N LEU C 302 -5.80 25.80 24.75
CA LEU C 302 -7.05 26.27 24.18
C LEU C 302 -7.44 25.38 23.01
N THR C 303 -8.73 25.01 22.95
CA THR C 303 -9.18 24.11 21.91
C THR C 303 -10.60 24.48 21.48
N ASN C 304 -10.92 24.24 20.22
CA ASN C 304 -12.29 24.47 19.74
C ASN C 304 -12.92 23.10 19.51
N ASP C 305 -12.21 21.99 19.79
CA ASP C 305 -12.66 20.64 19.47
C ASP C 305 -12.27 19.75 20.64
N SER C 306 -12.21 18.44 20.38
CA SER C 306 -11.80 17.48 21.41
C SER C 306 -10.43 17.83 21.98
N THR C 307 -10.19 17.33 23.19
CA THR C 307 -9.01 17.66 23.97
C THR C 307 -8.04 16.49 23.96
N PHE C 308 -6.77 16.78 23.68
CA PHE C 308 -5.73 15.76 23.72
C PHE C 308 -5.50 15.29 25.15
N VAL C 309 -5.26 13.99 25.31
CA VAL C 309 -5.09 13.40 26.63
C VAL C 309 -3.61 13.26 26.95
N SER C 310 -2.86 12.60 26.07
CA SER C 310 -1.44 12.39 26.30
C SER C 310 -0.71 12.38 24.97
N GLY C 311 0.34 13.19 24.86
CA GLY C 311 1.09 13.25 23.62
C GLY C 311 2.00 14.46 23.60
N ARG C 312 2.53 14.74 22.40
CA ARG C 312 3.44 15.85 22.18
C ARG C 312 3.13 16.45 20.82
N PHE C 313 2.94 17.77 20.77
CA PHE C 313 2.53 18.44 19.56
C PHE C 313 3.19 19.80 19.47
N VAL C 314 3.31 20.30 18.24
CA VAL C 314 3.78 21.64 17.96
C VAL C 314 2.57 22.47 17.56
N THR C 315 2.36 23.59 18.25
CA THR C 315 1.12 24.32 18.11
C THR C 315 1.34 25.80 18.37
N ASN C 316 0.41 26.62 17.89
CA ASN C 316 0.39 28.05 18.13
C ASN C 316 -0.57 28.34 19.28
N GLN C 317 -0.05 28.76 20.41
CA GLN C 317 -0.83 28.98 21.61
C GLN C 317 -0.51 30.35 22.19
N PRO C 318 -1.44 30.97 22.90
CA PRO C 318 -1.13 32.23 23.58
C PRO C 318 -0.27 32.00 24.82
N LEU C 319 1.03 31.79 24.60
CA LEU C 319 1.94 31.44 25.68
C LEU C 319 3.11 32.40 25.83
N LEU C 320 3.11 33.52 25.12
CA LEU C 320 4.12 34.56 25.29
C LEU C 320 3.59 35.61 26.25
N VAL C 321 4.05 35.56 27.49
CA VAL C 321 3.53 36.43 28.55
C VAL C 321 4.08 37.84 28.40
N ASN C 322 3.25 38.77 27.94
CA ASN C 322 3.65 40.17 27.91
C ASN C 322 3.72 40.76 29.32
N CYS C 323 2.91 40.26 30.24
CA CYS C 323 2.93 40.74 31.61
C CYS C 323 2.21 39.73 32.49
N LEU C 324 2.71 39.55 33.70
CA LEU C 324 2.06 38.73 34.71
C LEU C 324 1.73 39.59 35.91
N TRP C 325 0.46 39.61 36.28
CA TRP C 325 -0.01 40.40 37.42
C TRP C 325 -0.36 39.47 38.56
N PRO C 326 0.46 39.38 39.61
CA PRO C 326 0.11 38.57 40.77
C PRO C 326 -0.79 39.35 41.71
N VAL C 327 -2.00 38.86 41.91
CA VAL C 327 -2.94 39.50 42.83
C VAL C 327 -2.69 38.94 44.22
N PRO C 328 -2.35 39.78 45.20
CA PRO C 328 -1.98 39.28 46.53
C PRO C 328 -3.20 38.79 47.27
N SER C 329 -2.97 38.26 48.47
CA SER C 329 -4.07 37.83 49.32
C SER C 329 -4.87 39.04 49.79
N PHE C 330 -6.19 38.87 49.86
CA PHE C 330 -7.11 39.90 50.32
C PHE C 330 -7.03 41.16 49.46
N GLY C 331 -6.68 41.01 48.19
CA GLY C 331 -6.58 42.11 47.26
C GLY C 331 -7.75 42.15 46.29
N VAL C 332 -7.77 43.21 45.48
CA VAL C 332 -8.81 43.41 44.49
C VAL C 332 -8.13 43.69 43.15
N ALA C 333 -8.55 42.98 42.11
CA ALA C 333 -8.04 43.17 40.76
C ALA C 333 -9.15 43.76 39.90
N ALA C 334 -9.08 45.06 39.66
CA ALA C 334 -10.07 45.76 38.85
C ALA C 334 -9.36 46.54 37.75
N GLN C 335 -9.90 46.48 36.55
CA GLN C 335 -9.29 47.16 35.41
C GLN C 335 -10.29 47.23 34.27
N GLU C 336 -10.20 48.31 33.50
CA GLU C 336 -10.87 48.42 32.21
C GLU C 336 -9.78 48.30 31.14
N PHE C 337 -9.46 47.06 30.79
CA PHE C 337 -8.31 46.77 29.95
C PHE C 337 -8.70 46.79 28.49
N CYS C 338 -7.86 47.41 27.67
CA CYS C 338 -8.05 47.41 26.23
C CYS C 338 -6.77 46.92 25.55
N PHE C 339 -6.96 46.10 24.51
CA PHE C 339 -5.92 45.20 23.99
C PHE C 339 -4.90 46.01 23.20
N GLU C 340 -4.09 46.81 23.92
CA GLU C 340 -3.08 47.60 23.21
C GLU C 340 -1.74 47.65 23.93
N GLY C 341 -1.41 46.71 24.80
CA GLY C 341 -0.14 46.77 25.51
C GLY C 341 -0.31 46.61 27.00
N ALA C 342 0.56 45.83 27.63
CA ALA C 342 0.44 45.48 29.05
C ALA C 342 1.68 45.91 29.83
N GLN C 343 2.12 47.14 29.62
CA GLN C 343 3.24 47.69 30.39
C GLN C 343 2.68 48.36 31.63
N PHE C 344 2.50 47.57 32.69
CA PHE C 344 1.85 48.01 33.91
C PHE C 344 2.83 47.97 35.08
N SER C 345 2.54 48.77 36.10
CA SER C 345 3.37 48.81 37.29
C SER C 345 3.32 47.51 38.07
N GLN C 346 2.21 46.78 37.98
CA GLN C 346 2.02 45.56 38.77
C GLN C 346 2.64 44.33 38.13
N CYS C 347 3.21 44.45 36.94
CA CYS C 347 3.81 43.29 36.28
C CYS C 347 5.01 42.77 37.07
N ASN C 348 5.10 41.45 37.16
CA ASN C 348 6.18 40.78 37.88
C ASN C 348 7.26 40.40 36.88
N GLY C 349 8.36 41.13 36.88
CA GLY C 349 9.41 40.94 35.90
C GLY C 349 9.52 42.10 34.93
N VAL C 350 9.79 41.82 33.66
CA VAL C 350 9.93 42.85 32.64
C VAL C 350 8.81 42.67 31.62
N SER C 351 8.09 43.74 31.36
CA SER C 351 6.96 43.70 30.45
C SER C 351 7.43 43.91 29.01
N LEU C 352 6.64 43.38 28.08
CA LEU C 352 6.85 43.58 26.66
C LEU C 352 6.00 44.75 26.18
N ASN C 353 6.31 45.24 24.98
CA ASN C 353 5.54 46.32 24.37
C ASN C 353 4.71 45.83 23.19
N ASN C 354 4.54 44.52 23.03
CA ASN C 354 3.67 44.00 22.00
C ASN C 354 2.21 44.18 22.40
N THR C 355 1.33 44.14 21.40
CA THR C 355 -0.11 44.14 21.68
C THR C 355 -0.54 42.79 22.23
N VAL C 356 -1.56 42.81 23.07
CA VAL C 356 -2.04 41.62 23.76
C VAL C 356 -3.11 40.95 22.91
N ASP C 357 -3.09 39.62 22.89
CA ASP C 357 -4.09 38.83 22.18
C ASP C 357 -5.12 38.22 23.12
N VAL C 358 -4.67 37.57 24.20
CA VAL C 358 -5.54 36.85 25.12
C VAL C 358 -5.19 37.24 26.55
N ILE C 359 -6.22 37.46 27.36
CA ILE C 359 -6.05 37.71 28.79
C ILE C 359 -6.61 36.52 29.55
N ARG C 360 -5.81 35.99 30.48
CA ARG C 360 -6.17 34.80 31.23
C ARG C 360 -6.36 35.14 32.71
N PHE C 361 -7.32 34.46 33.33
CA PHE C 361 -7.55 34.54 34.77
C PHE C 361 -7.30 33.15 35.35
N ASN C 362 -6.18 32.99 36.02
CA ASN C 362 -5.80 31.71 36.61
C ASN C 362 -6.27 31.71 38.07
N LEU C 363 -7.42 31.10 38.31
CA LEU C 363 -8.11 31.26 39.58
C LEU C 363 -9.16 30.16 39.73
N ASN C 364 -9.22 29.55 40.90
CA ASN C 364 -10.30 28.58 41.16
C ASN C 364 -11.60 29.35 41.43
N PHE C 365 -12.50 29.40 40.46
CA PHE C 365 -13.79 30.08 40.57
C PHE C 365 -14.68 29.26 41.50
N THR C 366 -14.44 29.42 42.80
CA THR C 366 -15.20 28.76 43.85
C THR C 366 -16.27 29.71 44.38
N ALA C 367 -16.88 29.35 45.50
CA ALA C 367 -17.90 30.18 46.12
C ALA C 367 -17.33 31.42 46.78
N ASP C 368 -16.02 31.48 47.01
CA ASP C 368 -15.41 32.64 47.64
C ASP C 368 -15.15 33.79 46.68
N VAL C 369 -15.21 33.55 45.37
CA VAL C 369 -14.93 34.60 44.39
C VAL C 369 -16.14 35.52 44.29
N GLN C 370 -15.89 36.82 44.45
CA GLN C 370 -16.94 37.83 44.41
C GLN C 370 -16.60 38.88 43.38
N SER C 371 -17.65 39.55 42.87
CA SER C 371 -17.51 40.57 41.84
C SER C 371 -17.87 41.93 42.44
N GLY C 372 -17.05 42.93 42.14
CA GLY C 372 -17.33 44.28 42.60
C GLY C 372 -18.29 45.06 41.73
N MET C 373 -18.70 44.50 40.60
CA MET C 373 -19.70 45.11 39.74
C MET C 373 -21.11 44.58 40.01
N GLY C 374 -21.28 43.73 41.02
CA GLY C 374 -22.58 43.20 41.37
C GLY C 374 -22.80 41.81 40.84
N ALA C 375 -23.87 41.64 40.05
CA ALA C 375 -24.10 40.36 39.40
C ALA C 375 -23.20 40.17 38.19
N THR C 376 -22.78 41.26 37.56
CA THR C 376 -21.90 41.19 36.40
C THR C 376 -20.52 40.67 36.80
N VAL C 377 -19.95 39.83 35.95
CA VAL C 377 -18.58 39.36 36.11
C VAL C 377 -17.64 40.04 35.13
N PHE C 378 -18.05 40.12 33.86
CA PHE C 378 -17.28 40.80 32.82
C PHE C 378 -18.22 41.73 32.06
N SER C 379 -17.76 42.94 31.79
CA SER C 379 -18.49 43.89 30.96
C SER C 379 -17.70 44.09 29.67
N LEU C 380 -18.33 43.78 28.54
CA LEU C 380 -17.67 43.81 27.24
C LEU C 380 -18.17 44.99 26.42
N ASN C 381 -17.24 45.77 25.90
CA ASN C 381 -17.53 46.82 24.93
C ASN C 381 -17.09 46.33 23.57
N THR C 382 -18.04 46.01 22.71
CA THR C 382 -17.76 45.36 21.44
C THR C 382 -17.67 46.38 20.31
N THR C 383 -17.53 45.87 19.09
CA THR C 383 -17.44 46.74 17.93
C THR C 383 -18.78 47.43 17.68
N GLY C 384 -18.72 48.72 17.36
CA GLY C 384 -19.91 49.52 17.24
C GLY C 384 -20.48 50.03 18.55
N GLY C 385 -19.75 49.86 19.65
CA GLY C 385 -20.20 50.32 20.96
C GLY C 385 -21.41 49.59 21.50
N VAL C 386 -21.50 48.28 21.29
CA VAL C 386 -22.56 47.46 21.84
C VAL C 386 -22.03 46.82 23.12
N ILE C 387 -22.74 47.03 24.22
CA ILE C 387 -22.28 46.59 25.54
C ILE C 387 -22.96 45.28 25.90
N LEU C 388 -22.16 44.27 26.22
CA LEU C 388 -22.64 42.98 26.67
C LEU C 388 -22.12 42.73 28.09
N GLU C 389 -22.88 41.96 28.85
CA GLU C 389 -22.52 41.66 30.24
C GLU C 389 -22.64 40.17 30.48
N ILE C 390 -21.62 39.59 31.11
CA ILE C 390 -21.64 38.20 31.54
C ILE C 390 -22.02 38.21 33.02
N SER C 391 -23.26 37.80 33.30
CA SER C 391 -23.81 37.87 34.65
C SER C 391 -24.23 36.49 35.11
N CYS C 392 -24.03 36.22 36.39
CA CYS C 392 -24.48 34.98 37.01
C CYS C 392 -25.41 35.30 38.16
N TYR C 393 -26.51 34.57 38.27
CA TYR C 393 -27.54 34.79 39.27
C TYR C 393 -27.77 33.52 40.07
N ASN C 394 -28.43 33.66 41.21
CA ASN C 394 -28.81 32.52 42.03
C ASN C 394 -30.16 31.94 41.65
N ASP C 395 -30.83 32.52 40.66
CA ASP C 395 -32.10 31.99 40.18
C ASP C 395 -32.19 32.22 38.68
N THR C 396 -32.99 31.39 38.02
CA THR C 396 -33.11 31.48 36.57
C THR C 396 -33.92 32.72 36.17
N VAL C 397 -33.68 33.17 34.94
CA VAL C 397 -34.43 34.27 34.36
C VAL C 397 -34.93 33.83 32.99
N ARG C 398 -36.01 34.46 32.55
CA ARG C 398 -36.61 34.14 31.26
C ARG C 398 -35.94 34.93 30.15
N GLU C 399 -36.09 34.42 28.93
CA GLU C 399 -35.50 35.09 27.77
C GLU C 399 -36.14 36.46 27.57
N SER C 400 -35.30 37.45 27.24
CA SER C 400 -35.74 38.84 27.07
C SER C 400 -36.43 39.36 28.33
N SER C 401 -35.89 38.99 29.49
CA SER C 401 -36.43 39.43 30.78
C SER C 401 -35.26 39.78 31.68
N PHE C 402 -35.58 40.23 32.89
CA PHE C 402 -34.59 40.68 33.85
C PHE C 402 -34.76 39.91 35.16
N TYR C 403 -33.75 40.03 36.01
CA TYR C 403 -33.79 39.37 37.32
C TYR C 403 -34.87 40.00 38.18
N SER C 404 -35.81 39.17 38.65
CA SER C 404 -36.98 39.65 39.37
C SER C 404 -37.00 39.14 40.82
N TYR C 405 -35.83 38.90 41.39
CA TYR C 405 -35.72 38.49 42.79
C TYR C 405 -34.82 39.41 43.60
N GLY C 406 -34.49 40.58 43.08
CA GLY C 406 -33.62 41.51 43.77
C GLY C 406 -32.95 42.50 42.84
N THR C 413 -25.50 34.36 48.92
CA THR C 413 -26.14 33.51 47.92
C THR C 413 -25.34 32.23 47.71
N ASP C 414 -26.01 31.09 47.89
CA ASP C 414 -25.36 29.78 47.75
C ASP C 414 -26.23 28.87 46.90
N GLY C 415 -25.64 27.78 46.44
CA GLY C 415 -26.31 26.84 45.57
C GLY C 415 -25.92 27.01 44.12
N PRO C 416 -26.77 26.53 43.21
CA PRO C 416 -26.48 26.70 41.79
C PRO C 416 -26.46 28.16 41.39
N LYS C 417 -25.59 28.49 40.42
CA LYS C 417 -25.45 29.84 39.91
C LYS C 417 -25.65 29.80 38.40
N TYR C 418 -26.72 30.45 37.93
CA TYR C 418 -27.07 30.46 36.52
C TYR C 418 -26.47 31.68 35.85
N CYS C 419 -25.76 31.48 34.75
CA CYS C 419 -25.03 32.53 34.07
C CYS C 419 -25.64 32.84 32.72
N TYR C 420 -25.68 34.12 32.37
CA TYR C 420 -26.36 34.60 31.17
C TYR C 420 -25.50 35.62 30.46
N VAL C 421 -25.87 35.92 29.21
CA VAL C 421 -25.32 37.04 28.46
C VAL C 421 -26.43 38.07 28.35
N LEU C 422 -26.22 39.23 28.97
CA LEU C 422 -27.20 40.32 28.94
C LEU C 422 -26.78 41.34 27.89
N TYR C 423 -27.76 41.84 27.14
CA TYR C 423 -27.49 42.83 26.09
C TYR C 423 -27.94 44.23 26.49
N ASN C 424 -29.23 44.38 26.80
CA ASN C 424 -29.77 45.71 27.15
C ASN C 424 -30.51 45.55 28.48
N GLY C 425 -29.86 44.95 29.46
CA GLY C 425 -30.48 44.66 30.72
C GLY C 425 -31.35 43.43 30.73
N THR C 426 -31.56 42.80 29.56
CA THR C 426 -32.42 41.65 29.42
C THR C 426 -31.61 40.45 28.94
N ALA C 427 -32.03 39.26 29.36
CA ALA C 427 -31.30 38.04 29.02
C ALA C 427 -31.35 37.79 27.52
N LEU C 428 -30.17 37.55 26.95
CA LEU C 428 -30.04 37.28 25.52
C LEU C 428 -29.58 35.87 25.21
N LYS C 429 -28.73 35.28 26.05
CA LYS C 429 -28.23 33.93 25.82
C LYS C 429 -28.05 33.26 27.18
N TYR C 430 -28.39 31.98 27.25
CA TYR C 430 -28.25 31.20 28.47
C TYR C 430 -27.01 30.33 28.36
N LEU C 431 -26.06 30.53 29.27
CA LEU C 431 -24.78 29.83 29.20
C LEU C 431 -24.75 28.55 30.00
N GLY C 432 -25.57 28.44 31.05
CA GLY C 432 -25.60 27.27 31.89
C GLY C 432 -25.24 27.61 33.33
N THR C 433 -25.33 26.58 34.17
CA THR C 433 -24.93 26.73 35.57
C THR C 433 -23.42 26.68 35.69
N LEU C 434 -22.89 27.36 36.69
CA LEU C 434 -21.45 27.39 36.89
C LEU C 434 -20.97 26.06 37.46
N PRO C 435 -20.01 25.41 36.81
CA PRO C 435 -19.50 24.12 37.31
C PRO C 435 -18.65 24.33 38.56
N PRO C 436 -18.48 23.29 39.38
CA PRO C 436 -17.70 23.44 40.61
C PRO C 436 -16.21 23.22 40.39
N SER C 437 -15.76 23.22 39.14
CA SER C 437 -14.39 22.82 38.83
C SER C 437 -13.72 23.75 37.82
N VAL C 438 -14.12 25.02 37.79
CA VAL C 438 -13.50 25.96 36.88
C VAL C 438 -12.17 26.42 37.45
N LYS C 439 -11.12 26.31 36.65
CA LYS C 439 -9.76 26.67 37.07
C LYS C 439 -9.16 27.82 36.30
N GLU C 440 -9.63 28.10 35.08
CA GLU C 440 -9.12 29.22 34.32
C GLU C 440 -10.18 29.71 33.34
N ILE C 441 -10.20 31.02 33.11
CA ILE C 441 -11.02 31.63 32.08
C ILE C 441 -10.10 32.46 31.19
N ALA C 442 -10.11 32.18 29.89
CA ALA C 442 -9.31 32.90 28.91
C ALA C 442 -10.23 33.62 27.94
N ILE C 443 -9.96 34.90 27.71
CA ILE C 443 -10.78 35.74 26.84
C ILE C 443 -9.89 36.30 25.74
N SER C 444 -10.31 36.12 24.50
CA SER C 444 -9.59 36.60 23.33
C SER C 444 -10.18 37.91 22.84
N LYS C 445 -9.35 38.72 22.19
CA LYS C 445 -9.81 39.99 21.66
C LYS C 445 -10.80 39.82 20.51
N TRP C 446 -10.78 38.68 19.83
CA TRP C 446 -11.70 38.41 18.74
C TRP C 446 -13.04 37.87 19.22
N GLY C 447 -13.24 37.75 20.53
CA GLY C 447 -14.54 37.45 21.08
C GLY C 447 -14.73 36.06 21.65
N HIS C 448 -13.68 35.26 21.77
CA HIS C 448 -13.81 33.88 22.19
C HIS C 448 -13.53 33.73 23.67
N PHE C 449 -14.31 32.86 24.31
CA PHE C 449 -14.19 32.58 25.74
C PHE C 449 -13.83 31.11 25.91
N TYR C 450 -12.76 30.85 26.66
CA TYR C 450 -12.32 29.50 26.95
C TYR C 450 -12.40 29.25 28.45
N ILE C 451 -13.07 28.17 28.84
CA ILE C 451 -13.21 27.78 30.23
C ILE C 451 -12.56 26.41 30.38
N ASN C 452 -11.45 26.36 31.10
CA ASN C 452 -10.62 25.15 31.21
C ASN C 452 -10.22 24.63 29.83
N GLY C 453 -9.94 25.54 28.90
CA GLY C 453 -9.40 25.21 27.61
C GLY C 453 -10.40 25.12 26.47
N TYR C 454 -11.68 24.97 26.75
CA TYR C 454 -12.68 24.74 25.72
C TYR C 454 -13.45 26.02 25.43
N ASN C 455 -13.63 26.31 24.14
CA ASN C 455 -14.42 27.45 23.69
C ASN C 455 -15.91 27.15 23.84
N PHE C 456 -16.50 27.62 24.93
CA PHE C 456 -17.90 27.35 25.19
C PHE C 456 -18.84 28.37 24.54
N PHE C 457 -18.42 29.63 24.42
CA PHE C 457 -19.26 30.63 23.77
C PHE C 457 -18.38 31.75 23.24
N SER C 458 -18.90 32.47 22.26
CA SER C 458 -18.18 33.58 21.64
C SER C 458 -19.14 34.70 21.32
N THR C 459 -18.60 35.92 21.27
CA THR C 459 -19.39 37.12 21.02
C THR C 459 -18.81 37.89 19.84
N PHE C 460 -19.28 39.11 19.62
CA PHE C 460 -18.66 39.99 18.65
C PHE C 460 -17.25 40.35 19.11
N PRO C 461 -16.36 40.70 18.19
CA PRO C 461 -15.01 41.11 18.59
C PRO C 461 -15.03 42.23 19.61
N ILE C 462 -14.22 42.08 20.65
CA ILE C 462 -14.27 42.94 21.81
C ILE C 462 -13.34 44.13 21.59
N ASP C 463 -13.90 45.35 21.65
CA ASP C 463 -13.05 46.52 21.66
C ASP C 463 -12.20 46.56 22.92
N CYS C 464 -12.82 46.45 24.08
CA CYS C 464 -12.08 46.22 25.32
C CYS C 464 -13.05 45.92 26.46
N ILE C 465 -12.49 45.45 27.57
CA ILE C 465 -13.23 44.67 28.58
C ILE C 465 -12.95 45.24 29.96
N SER C 466 -13.94 45.15 30.85
CA SER C 466 -13.86 45.63 32.21
C SER C 466 -14.16 44.51 33.20
N PHE C 467 -13.50 44.54 34.35
CA PHE C 467 -13.71 43.53 35.38
C PHE C 467 -13.35 44.11 36.74
N ASN C 468 -13.84 43.45 37.79
CA ASN C 468 -13.56 43.85 39.16
C ASN C 468 -13.76 42.61 40.02
N LEU C 469 -12.67 41.93 40.37
CA LEU C 469 -12.75 40.64 41.03
C LEU C 469 -11.93 40.64 42.32
N THR C 470 -12.38 39.81 43.26
CA THR C 470 -11.67 39.58 44.51
C THR C 470 -12.04 38.21 45.01
N THR C 471 -11.22 37.68 45.93
CA THR C 471 -11.41 36.36 46.49
C THR C 471 -11.92 36.42 47.94
N SER C 472 -12.53 37.55 48.30
CA SER C 472 -13.17 37.73 49.62
C SER C 472 -12.11 37.55 50.70
N THR C 473 -12.32 36.68 51.70
CA THR C 473 -11.43 36.59 52.85
C THR C 473 -10.84 35.20 53.02
N SER C 474 -10.79 34.40 51.95
CA SER C 474 -10.14 33.11 52.04
C SER C 474 -8.62 33.22 52.05
N GLY C 475 -8.08 34.35 51.63
CA GLY C 475 -6.65 34.55 51.63
C GLY C 475 -5.91 33.97 50.43
N ALA C 476 -6.63 33.64 49.37
CA ALA C 476 -6.02 33.03 48.19
C ALA C 476 -5.45 34.10 47.26
N PHE C 477 -4.28 33.81 46.70
CA PHE C 477 -3.66 34.66 45.70
C PHE C 477 -3.70 33.97 44.35
N TRP C 478 -3.85 34.78 43.30
CA TRP C 478 -4.02 34.29 41.95
C TRP C 478 -3.31 35.25 41.00
N THR C 479 -3.23 34.89 39.72
CA THR C 479 -2.46 35.66 38.76
C THR C 479 -3.32 35.98 37.55
N ILE C 480 -2.97 37.06 36.87
CA ILE C 480 -3.54 37.43 35.57
C ILE C 480 -2.40 37.56 34.58
N ALA C 481 -2.52 36.87 33.44
CA ALA C 481 -1.48 36.86 32.42
C ALA C 481 -2.00 37.54 31.16
N TYR C 482 -1.18 38.41 30.59
CA TYR C 482 -1.44 39.03 29.29
C TYR C 482 -0.50 38.40 28.28
N THR C 483 -1.07 37.66 27.32
CA THR C 483 -0.28 36.77 26.48
C THR C 483 -0.51 37.06 25.02
N SER C 484 0.38 36.52 24.18
CA SER C 484 0.28 36.60 22.73
C SER C 484 0.63 35.24 22.14
N TYR C 485 0.30 35.07 20.86
CA TYR C 485 0.44 33.78 20.21
C TYR C 485 1.88 33.53 19.76
N THR C 486 2.41 32.36 20.10
CA THR C 486 3.70 31.88 19.61
C THR C 486 3.63 30.39 19.34
N GLU C 487 4.62 29.88 18.63
CA GLU C 487 4.74 28.46 18.34
C GLU C 487 5.66 27.79 19.35
N ALA C 488 5.22 26.66 19.89
CA ALA C 488 6.00 25.94 20.88
C ALA C 488 5.63 24.47 20.83
N LEU C 489 6.57 23.63 21.28
CA LEU C 489 6.34 22.20 21.43
C LEU C 489 5.85 21.93 22.85
N VAL C 490 4.62 21.44 22.98
CA VAL C 490 3.97 21.25 24.28
C VAL C 490 3.77 19.77 24.51
N GLN C 491 4.16 19.30 25.70
CA GLN C 491 3.95 17.92 26.11
C GLN C 491 2.80 17.88 27.11
N VAL C 492 1.84 16.99 26.87
CA VAL C 492 0.62 16.91 27.66
C VAL C 492 0.49 15.51 28.22
N GLU C 493 0.20 15.42 29.52
CA GLU C 493 -0.07 14.15 30.18
C GLU C 493 -1.39 14.25 30.93
N ASN C 494 -2.34 13.39 30.58
CA ASN C 494 -3.67 13.37 31.19
C ASN C 494 -4.37 14.73 31.06
N THR C 495 -4.31 15.28 29.85
CA THR C 495 -4.86 16.58 29.45
C THR C 495 -4.18 17.75 30.12
N ALA C 496 -3.15 17.53 30.93
CA ALA C 496 -2.49 18.60 31.67
C ALA C 496 -1.12 18.89 31.07
N ILE C 497 -0.78 20.18 30.99
CA ILE C 497 0.50 20.60 30.42
C ILE C 497 1.62 20.16 31.35
N LYS C 498 2.64 19.49 30.79
CA LYS C 498 3.78 19.05 31.56
C LYS C 498 5.07 19.77 31.19
N LYS C 499 5.20 20.24 29.96
CA LYS C 499 6.42 20.90 29.51
C LYS C 499 6.11 21.74 28.28
N VAL C 500 6.73 22.91 28.20
CA VAL C 500 6.60 23.80 27.05
C VAL C 500 7.99 24.16 26.57
N THR C 501 8.27 23.94 25.29
CA THR C 501 9.57 24.24 24.69
C THR C 501 9.33 25.19 23.51
N TYR C 502 9.74 26.44 23.67
CA TYR C 502 9.55 27.43 22.63
C TYR C 502 10.52 27.22 21.49
N CYS C 503 10.06 27.46 20.26
CA CYS C 503 10.93 27.43 19.09
C CYS C 503 11.42 28.85 18.80
N ASN C 504 12.38 29.28 19.62
CA ASN C 504 12.84 30.66 19.60
C ASN C 504 14.35 30.80 19.35
N SER C 505 15.08 29.70 19.26
CA SER C 505 16.52 29.74 19.02
C SER C 505 16.88 28.77 17.89
N HIS C 506 18.17 28.67 17.61
CA HIS C 506 18.62 27.78 16.55
C HIS C 506 18.52 26.32 16.96
N ILE C 507 18.92 25.99 18.19
CA ILE C 507 18.80 24.61 18.66
C ILE C 507 17.34 24.25 18.93
N ASN C 508 16.53 25.22 19.35
CA ASN C 508 15.13 24.94 19.64
C ASN C 508 14.34 24.69 18.37
N ASN C 509 14.76 25.25 17.24
CA ASN C 509 14.10 24.96 15.98
C ASN C 509 14.29 23.50 15.59
N ILE C 510 15.47 22.94 15.84
CA ILE C 510 15.69 21.52 15.58
C ILE C 510 14.89 20.67 16.56
N LYS C 511 14.77 21.12 17.81
CA LYS C 511 13.99 20.38 18.80
C LYS C 511 12.52 20.35 18.42
N CYS C 512 12.00 21.44 17.86
CA CYS C 512 10.60 21.47 17.45
C CYS C 512 10.35 20.65 16.19
N SER C 513 11.34 20.61 15.29
CA SER C 513 11.17 19.82 14.06
C SER C 513 11.21 18.34 14.35
N GLN C 514 12.00 17.92 15.33
CA GLN C 514 12.11 16.51 15.69
C GLN C 514 11.11 16.09 16.75
N LEU C 515 10.31 17.03 17.27
CA LEU C 515 9.28 16.73 18.26
C LEU C 515 9.85 16.06 19.50
N THR C 516 10.98 16.58 19.98
CA THR C 516 11.64 16.04 21.15
C THR C 516 12.47 17.13 21.79
N ALA C 517 12.57 17.11 23.11
CA ALA C 517 13.36 18.07 23.85
C ALA C 517 14.75 17.57 24.19
N ASN C 518 15.01 16.28 24.01
CA ASN C 518 16.31 15.67 24.27
C ASN C 518 16.84 15.15 22.94
N LEU C 519 17.63 15.98 22.26
CA LEU C 519 18.13 15.63 20.94
C LEU C 519 19.27 14.61 21.04
N GLN C 520 19.18 13.54 20.26
CA GLN C 520 20.27 12.59 20.16
C GLN C 520 21.33 13.13 19.21
N ASN C 521 22.58 12.72 19.45
CA ASN C 521 23.70 13.23 18.67
C ASN C 521 23.58 12.81 17.21
N GLY C 522 23.92 13.74 16.31
CA GLY C 522 23.89 13.44 14.90
C GLY C 522 23.79 14.71 14.08
N PHE C 523 23.46 14.52 12.80
CA PHE C 523 23.31 15.61 11.84
C PHE C 523 21.83 15.80 11.52
N TYR C 524 21.41 17.06 11.41
CA TYR C 524 20.01 17.40 11.21
C TYR C 524 19.89 18.42 10.08
N PRO C 525 19.04 18.18 9.09
CA PRO C 525 18.89 19.14 7.99
C PRO C 525 18.19 20.41 8.48
N VAL C 526 18.77 21.55 8.11
CA VAL C 526 18.23 22.87 8.45
C VAL C 526 18.32 23.75 7.21
N ALA C 527 17.90 25.00 7.36
CA ALA C 527 18.02 26.01 6.32
C ALA C 527 19.16 26.95 6.65
N SER C 528 19.88 27.38 5.61
CA SER C 528 21.02 28.31 5.82
C SER C 528 20.50 29.63 6.40
N SER C 529 19.46 30.20 5.82
CA SER C 529 18.95 31.52 6.28
C SER C 529 17.44 31.64 6.02
N GLU C 530 16.85 32.79 6.38
CA GLU C 530 15.41 33.02 6.14
C GLU C 530 15.24 34.33 5.35
N VAL C 531 14.39 34.33 4.32
CA VAL C 531 14.20 35.54 3.46
C VAL C 531 13.17 36.48 4.13
N GLY C 532 13.33 37.79 3.93
CA GLY C 532 12.39 38.76 4.51
C GLY C 532 11.89 39.74 3.48
N LEU C 533 12.13 41.04 3.70
CA LEU C 533 11.68 42.08 2.74
C LEU C 533 12.67 42.12 1.55
N VAL C 534 12.17 41.77 0.36
CA VAL C 534 13.07 41.72 -0.83
C VAL C 534 12.50 42.65 -1.92
N ASN C 535 13.31 42.94 -2.95
CA ASN C 535 12.85 43.77 -4.05
C ASN C 535 12.06 42.92 -5.04
N LYS C 536 11.48 43.59 -6.03
CA LYS C 536 10.69 42.93 -7.06
C LYS C 536 11.29 43.20 -8.44
N SER C 537 11.17 42.20 -9.32
CA SER C 537 11.75 42.29 -10.65
C SER C 537 10.75 41.68 -11.64
N VAL C 538 10.41 42.42 -12.68
CA VAL C 538 9.47 41.97 -13.71
C VAL C 538 10.16 42.01 -15.06
N VAL C 539 10.02 40.95 -15.84
CA VAL C 539 10.53 40.90 -17.20
C VAL C 539 9.47 40.31 -18.10
N LEU C 540 8.88 41.15 -18.95
CA LEU C 540 7.84 40.73 -19.88
C LEU C 540 8.35 40.81 -21.31
N LEU C 541 7.63 40.15 -22.21
CA LEU C 541 7.97 40.22 -23.62
C LEU C 541 7.67 41.61 -24.17
N PRO C 542 8.45 42.07 -25.15
CA PRO C 542 8.23 43.43 -25.68
C PRO C 542 6.87 43.56 -26.35
N SER C 543 6.27 44.73 -26.18
CA SER C 543 4.97 45.01 -26.78
C SER C 543 4.75 46.52 -26.78
N PHE C 544 3.84 46.96 -27.64
CA PHE C 544 3.48 48.36 -27.69
C PHE C 544 2.72 48.76 -26.43
N TYR C 545 2.89 50.01 -26.01
CA TYR C 545 2.26 50.52 -24.80
C TYR C 545 0.84 50.95 -25.12
N SER C 546 -0.13 50.33 -24.44
CA SER C 546 -1.54 50.67 -24.62
C SER C 546 -2.26 50.26 -23.34
N HIS C 547 -2.68 51.24 -22.54
CA HIS C 547 -3.24 50.99 -21.22
C HIS C 547 -4.69 51.41 -21.17
N THR C 548 -5.49 50.61 -20.45
CA THR C 548 -6.89 50.92 -20.21
C THR C 548 -7.19 50.76 -18.72
N SER C 549 -8.11 51.57 -18.22
CA SER C 549 -8.54 51.51 -16.83
C SER C 549 -10.00 51.07 -16.80
N VAL C 550 -10.27 49.99 -16.08
CA VAL C 550 -11.61 49.41 -15.99
C VAL C 550 -12.15 49.74 -14.61
N ASN C 551 -12.95 50.79 -14.53
CA ASN C 551 -13.59 51.20 -13.28
C ASN C 551 -14.96 50.54 -13.20
N ILE C 552 -15.13 49.65 -12.23
CA ILE C 552 -16.40 49.00 -11.97
C ILE C 552 -17.09 49.76 -10.86
N THR C 553 -18.31 50.22 -11.12
CA THR C 553 -19.09 50.97 -10.15
C THR C 553 -20.16 50.05 -9.57
N ILE C 554 -20.14 49.88 -8.25
CA ILE C 554 -21.10 49.04 -7.55
C ILE C 554 -21.89 49.92 -6.60
N ASP C 555 -23.21 49.99 -6.82
CA ASP C 555 -24.11 50.79 -6.00
C ASP C 555 -24.90 49.84 -5.10
N LEU C 556 -24.57 49.85 -3.81
CA LEU C 556 -25.18 48.96 -2.85
C LEU C 556 -26.45 49.56 -2.29
N GLY C 557 -27.39 48.68 -1.95
CA GLY C 557 -28.62 49.08 -1.29
C GLY C 557 -28.84 48.29 -0.01
N MET C 558 -29.01 48.98 1.10
CA MET C 558 -29.03 48.35 2.41
C MET C 558 -30.40 48.54 3.08
N LYS C 559 -30.73 47.61 3.97
CA LYS C 559 -31.94 47.68 4.78
C LYS C 559 -31.64 47.11 6.15
N LEU C 560 -32.56 47.32 7.08
CA LEU C 560 -32.45 46.79 8.43
C LEU C 560 -33.48 45.69 8.62
N SER C 561 -33.02 44.53 9.09
CA SER C 561 -33.92 43.40 9.27
C SER C 561 -34.79 43.60 10.51
N GLY C 562 -35.70 42.66 10.74
CA GLY C 562 -36.56 42.73 11.93
C GLY C 562 -35.77 42.43 13.19
N TYR C 563 -34.58 41.86 13.05
CA TYR C 563 -33.71 41.56 14.22
C TYR C 563 -32.70 42.70 14.42
N GLY C 564 -32.73 43.69 13.52
CA GLY C 564 -31.84 44.86 13.66
C GLY C 564 -30.49 44.66 12.99
N GLN C 565 -30.31 43.56 12.26
CA GLN C 565 -29.07 43.36 11.53
C GLN C 565 -29.18 43.90 10.11
N PRO C 566 -28.08 44.40 9.55
CA PRO C 566 -28.14 44.93 8.18
C PRO C 566 -28.27 43.80 7.15
N ILE C 567 -29.06 44.08 6.12
CA ILE C 567 -29.31 43.14 5.03
C ILE C 567 -29.04 43.84 3.71
N ALA C 568 -28.19 43.26 2.87
CA ALA C 568 -27.85 43.83 1.58
C ALA C 568 -28.84 43.35 0.52
N SER C 569 -29.29 44.28 -0.31
CA SER C 569 -30.35 44.02 -1.27
C SER C 569 -29.80 43.42 -2.56
N ALA C 570 -30.65 42.65 -3.22
CA ALA C 570 -30.34 42.12 -4.54
C ALA C 570 -30.65 43.12 -5.64
N LEU C 571 -31.22 44.27 -5.30
CA LEU C 571 -31.41 45.38 -6.23
C LEU C 571 -30.17 46.25 -6.33
N SER C 572 -29.03 45.78 -5.84
CA SER C 572 -27.76 46.46 -6.04
C SER C 572 -27.34 46.36 -7.50
N ASN C 573 -26.62 47.38 -7.96
CA ASN C 573 -26.31 47.52 -9.37
C ASN C 573 -24.81 47.53 -9.60
N ILE C 574 -24.39 46.97 -10.74
CA ILE C 574 -23.01 46.98 -11.18
C ILE C 574 -22.97 47.70 -12.52
N THR C 575 -22.11 48.70 -12.63
CA THR C 575 -21.94 49.47 -13.85
C THR C 575 -20.53 49.26 -14.38
N LEU C 576 -20.43 48.79 -15.60
CA LEU C 576 -19.17 48.63 -16.29
C LEU C 576 -18.88 49.85 -17.15
N PRO C 577 -17.63 50.06 -17.55
CA PRO C 577 -17.34 51.15 -18.49
C PRO C 577 -18.11 50.99 -19.79
N MET C 578 -18.52 52.11 -20.36
CA MET C 578 -19.33 52.07 -21.57
C MET C 578 -18.50 51.63 -22.77
N GLN C 579 -19.07 50.76 -23.59
CA GLN C 579 -18.37 50.25 -24.76
C GLN C 579 -19.42 49.72 -25.74
N ASP C 580 -19.48 50.31 -26.93
CA ASP C 580 -20.43 49.92 -27.97
C ASP C 580 -21.87 50.11 -27.51
N ASN C 581 -22.18 51.31 -27.01
CA ASN C 581 -23.53 51.70 -26.61
C ASN C 581 -24.10 50.79 -25.52
N ASN C 582 -23.25 50.22 -24.68
CA ASN C 582 -23.71 49.30 -23.65
C ASN C 582 -22.80 49.40 -22.44
N THR C 583 -23.33 48.97 -21.29
CA THR C 583 -22.59 49.01 -20.04
C THR C 583 -22.72 47.68 -19.28
N ASP C 584 -23.00 46.59 -19.99
CA ASP C 584 -23.14 45.28 -19.38
C ASP C 584 -22.06 44.28 -19.82
N VAL C 585 -21.41 44.53 -20.95
CA VAL C 585 -20.32 43.69 -21.43
C VAL C 585 -19.13 44.60 -21.72
N TYR C 586 -17.95 44.21 -21.25
CA TYR C 586 -16.73 44.96 -21.51
C TYR C 586 -15.61 43.98 -21.82
N CYS C 587 -14.96 44.15 -22.97
CA CYS C 587 -13.83 43.33 -23.38
C CYS C 587 -12.58 44.18 -23.47
N ILE C 588 -11.47 43.65 -22.97
CA ILE C 588 -10.21 44.40 -22.97
C ILE C 588 -9.65 44.41 -24.39
N ARG C 589 -9.38 45.61 -24.90
CA ARG C 589 -8.92 45.78 -26.26
C ARG C 589 -7.53 46.39 -26.37
N SER C 590 -6.94 46.84 -25.27
CA SER C 590 -5.59 47.37 -25.28
C SER C 590 -4.59 46.27 -24.96
N ASN C 591 -3.32 46.64 -24.81
CA ASN C 591 -2.28 45.67 -24.48
C ASN C 591 -2.11 45.47 -22.98
N GLN C 592 -2.49 46.46 -22.17
CA GLN C 592 -2.40 46.38 -20.73
C GLN C 592 -3.66 46.98 -20.12
N PHE C 593 -3.95 46.62 -18.88
CA PHE C 593 -5.14 47.13 -18.22
C PHE C 593 -4.98 47.07 -16.71
N SER C 594 -5.80 47.85 -16.03
CA SER C 594 -5.89 47.84 -14.57
C SER C 594 -7.36 47.91 -14.18
N VAL C 595 -7.73 47.20 -13.12
CA VAL C 595 -9.11 47.11 -12.67
C VAL C 595 -9.22 47.78 -11.30
N TYR C 596 -10.26 48.60 -11.13
CA TYR C 596 -10.56 49.27 -9.88
C TYR C 596 -12.04 49.13 -9.58
N VAL C 597 -12.38 49.19 -8.30
CA VAL C 597 -13.76 49.10 -7.85
C VAL C 597 -14.11 50.37 -7.08
N HIS C 598 -15.21 51.01 -7.47
CA HIS C 598 -15.74 52.17 -6.79
C HIS C 598 -17.13 51.81 -6.27
N SER C 599 -17.38 52.10 -4.99
CA SER C 599 -18.60 51.65 -4.33
C SER C 599 -19.36 52.83 -3.74
N THR C 600 -20.69 52.71 -3.73
CA THR C 600 -21.59 53.66 -3.10
C THR C 600 -22.64 52.88 -2.32
N CYS C 601 -23.19 53.51 -1.28
CA CYS C 601 -24.12 52.85 -0.38
C CYS C 601 -25.34 53.73 -0.14
N LYS C 602 -26.52 53.14 -0.23
CA LYS C 602 -27.79 53.81 0.06
C LYS C 602 -28.67 52.87 0.87
N SER C 603 -29.69 53.45 1.51
CA SER C 603 -30.53 52.70 2.44
C SER C 603 -32.00 52.87 2.08
N SER C 604 -32.81 51.93 2.57
CA SER C 604 -34.25 51.93 2.30
C SER C 604 -34.98 51.49 3.56
N LEU C 605 -36.31 51.35 3.47
CA LEU C 605 -37.15 51.06 4.61
C LEU C 605 -38.17 49.98 4.31
N TRP C 606 -37.73 48.85 3.74
CA TRP C 606 -38.56 47.73 3.31
C TRP C 606 -39.41 48.09 2.10
N ASP C 607 -39.23 49.28 1.54
CA ASP C 607 -39.99 49.71 0.38
C ASP C 607 -39.18 49.71 -0.91
N ASN C 608 -37.91 49.32 -0.86
CA ASN C 608 -37.02 49.24 -2.01
C ASN C 608 -36.82 50.59 -2.68
N VAL C 609 -37.05 51.68 -1.96
CA VAL C 609 -36.81 53.03 -2.48
C VAL C 609 -35.58 53.56 -1.74
N PHE C 610 -34.44 53.56 -2.42
CA PHE C 610 -33.17 53.93 -1.81
C PHE C 610 -32.96 55.43 -1.99
N ASN C 611 -33.28 56.20 -0.96
CA ASN C 611 -33.24 57.65 -1.04
C ASN C 611 -32.26 58.30 -0.07
N SER C 612 -31.90 57.64 1.03
CA SER C 612 -31.04 58.24 2.04
C SER C 612 -29.69 57.54 2.08
N ASP C 613 -28.65 58.32 2.37
CA ASP C 613 -27.33 57.75 2.57
C ASP C 613 -27.34 56.84 3.80
N CYS C 614 -26.75 55.66 3.64
CA CYS C 614 -26.82 54.66 4.71
C CYS C 614 -26.03 55.12 5.93
N THR C 615 -26.54 54.75 7.10
CA THR C 615 -26.01 55.24 8.37
C THR C 615 -24.78 54.43 8.77
N ASP C 616 -24.30 54.63 10.00
CA ASP C 616 -23.12 53.92 10.47
C ASP C 616 -23.37 52.42 10.59
N VAL C 617 -24.55 52.04 11.08
CA VAL C 617 -24.87 50.62 11.20
C VAL C 617 -25.02 49.97 9.83
N LEU C 618 -25.59 50.71 8.88
CA LEU C 618 -25.85 50.19 7.54
C LEU C 618 -24.72 50.45 6.56
N HIS C 619 -23.62 51.07 7.00
CA HIS C 619 -22.54 51.37 6.08
C HIS C 619 -21.85 50.08 5.63
N ALA C 620 -21.68 49.94 4.31
CA ALA C 620 -21.07 48.76 3.73
C ALA C 620 -20.17 49.16 2.58
N THR C 621 -19.18 48.30 2.30
CA THR C 621 -18.26 48.50 1.19
C THR C 621 -18.33 47.29 0.27
N ALA C 622 -18.30 47.54 -1.03
CA ALA C 622 -18.41 46.48 -2.01
C ALA C 622 -17.05 45.84 -2.25
N VAL C 623 -17.00 44.51 -2.17
CA VAL C 623 -15.80 43.74 -2.45
C VAL C 623 -16.14 42.65 -3.45
N ILE C 624 -15.13 42.23 -4.20
CA ILE C 624 -15.28 41.19 -5.22
C ILE C 624 -14.41 40.01 -4.80
N LYS C 625 -15.03 38.86 -4.60
CA LYS C 625 -14.36 37.67 -4.13
C LYS C 625 -14.12 36.69 -5.28
N THR C 626 -13.33 35.66 -4.99
CA THR C 626 -12.86 34.76 -6.05
C THR C 626 -14.02 34.03 -6.73
N GLY C 627 -14.99 33.56 -5.96
CA GLY C 627 -16.06 32.77 -6.52
C GLY C 627 -15.59 31.44 -7.04
N THR C 628 -15.74 31.21 -8.34
CA THR C 628 -15.30 29.97 -8.98
C THR C 628 -14.14 30.18 -9.94
N CYS C 629 -13.58 31.37 -10.01
CA CYS C 629 -12.51 31.63 -10.96
C CYS C 629 -11.20 31.05 -10.46
N PRO C 630 -10.28 30.72 -11.38
CA PRO C 630 -8.94 30.27 -10.98
C PRO C 630 -7.99 31.40 -10.59
N PHE C 631 -8.50 32.61 -10.40
CA PHE C 631 -7.69 33.74 -9.99
C PHE C 631 -8.58 34.67 -9.17
N SER C 632 -7.94 35.54 -8.40
CA SER C 632 -8.66 36.53 -7.61
C SER C 632 -8.74 37.85 -8.39
N PHE C 633 -9.79 38.62 -8.09
CA PHE C 633 -9.97 39.90 -8.76
C PHE C 633 -8.88 40.89 -8.36
N ASP C 634 -8.49 40.88 -7.09
CA ASP C 634 -7.43 41.77 -6.62
C ASP C 634 -6.05 41.36 -7.13
N LYS C 635 -5.90 40.17 -7.67
CA LYS C 635 -4.62 39.69 -8.20
C LYS C 635 -4.51 39.87 -9.70
N LEU C 636 -5.51 40.44 -10.36
CA LEU C 636 -5.42 40.65 -11.80
C LEU C 636 -4.32 41.63 -12.17
N ASN C 637 -4.04 42.59 -11.29
CA ASN C 637 -3.00 43.58 -11.53
C ASN C 637 -1.60 43.04 -11.27
N ASN C 638 -1.47 41.78 -10.89
CA ASN C 638 -0.18 41.19 -10.58
C ASN C 638 0.46 40.52 -11.80
N TYR C 639 0.53 41.26 -12.90
CA TYR C 639 1.19 40.83 -14.13
C TYR C 639 0.65 39.49 -14.64
N LEU C 640 -0.67 39.32 -14.56
CA LEU C 640 -1.32 38.15 -15.14
C LEU C 640 -1.58 38.38 -16.61
N THR C 641 -1.43 37.33 -17.41
CA THR C 641 -1.49 37.44 -18.86
C THR C 641 -2.63 36.61 -19.43
N PHE C 642 -3.32 37.18 -20.41
CA PHE C 642 -4.42 36.51 -21.09
C PHE C 642 -4.33 36.79 -22.58
N ASN C 643 -5.00 35.95 -23.36
CA ASN C 643 -5.22 36.24 -24.77
C ASN C 643 -6.52 36.98 -25.00
N LYS C 644 -7.51 36.76 -24.12
CA LYS C 644 -8.80 37.39 -24.19
C LYS C 644 -9.30 37.57 -22.77
N PHE C 645 -10.01 38.68 -22.51
CA PHE C 645 -10.56 38.92 -21.18
C PHE C 645 -11.78 39.81 -21.31
N CYS C 646 -12.94 39.30 -20.92
CA CYS C 646 -14.19 40.03 -21.00
C CYS C 646 -14.96 39.87 -19.70
N LEU C 647 -15.57 40.97 -19.24
CA LEU C 647 -16.44 40.97 -18.08
C LEU C 647 -17.87 41.21 -18.52
N SER C 648 -18.79 40.39 -18.03
CA SER C 648 -20.19 40.47 -18.44
C SER C 648 -21.10 40.32 -17.23
N LEU C 649 -22.32 40.83 -17.37
CA LEU C 649 -23.37 40.67 -16.37
C LEU C 649 -24.32 39.54 -16.70
N HIS C 650 -24.04 38.77 -17.76
CA HIS C 650 -24.89 37.69 -18.21
C HIS C 650 -24.09 36.38 -18.26
N PRO C 651 -24.72 35.26 -17.90
CA PRO C 651 -23.97 34.01 -17.72
C PRO C 651 -23.70 33.22 -18.99
N VAL C 652 -24.16 33.68 -20.15
CA VAL C 652 -24.02 32.89 -21.37
C VAL C 652 -22.56 32.85 -21.81
N GLY C 653 -22.01 31.64 -21.90
CA GLY C 653 -20.64 31.47 -22.36
C GLY C 653 -19.56 31.80 -21.37
N ALA C 654 -19.91 32.04 -20.11
CA ALA C 654 -18.93 32.44 -19.12
C ALA C 654 -18.06 31.26 -18.70
N ASN C 655 -16.77 31.53 -18.50
CA ASN C 655 -15.85 30.50 -18.04
C ASN C 655 -15.92 30.33 -16.52
N CYS C 656 -15.95 31.43 -15.79
CA CYS C 656 -16.02 31.40 -14.34
C CYS C 656 -16.87 32.58 -13.89
N LYS C 657 -16.89 32.83 -12.58
CA LYS C 657 -17.80 33.82 -12.02
C LYS C 657 -17.24 34.37 -10.72
N PHE C 658 -17.03 35.69 -10.66
CA PHE C 658 -16.71 36.37 -9.43
C PHE C 658 -17.96 36.56 -8.58
N ASP C 659 -17.76 36.72 -7.28
CA ASP C 659 -18.85 36.95 -6.33
C ASP C 659 -18.72 38.35 -5.77
N VAL C 660 -19.75 39.16 -5.99
CA VAL C 660 -19.76 40.55 -5.51
C VAL C 660 -20.48 40.59 -4.18
N ALA C 661 -19.81 41.08 -3.14
CA ALA C 661 -20.31 41.05 -1.78
C ALA C 661 -20.31 42.46 -1.20
N ALA C 662 -21.12 42.63 -0.15
CA ALA C 662 -21.19 43.89 0.60
C ALA C 662 -20.66 43.64 2.00
N ARG C 663 -19.52 44.21 2.33
CA ARG C 663 -18.87 44.00 3.61
C ARG C 663 -19.36 45.07 4.59
N THR C 664 -20.10 44.64 5.60
CA THR C 664 -20.47 45.52 6.70
C THR C 664 -19.42 45.38 7.80
N ARG C 665 -19.73 45.90 8.99
CA ARG C 665 -18.83 45.76 10.12
C ARG C 665 -18.96 44.40 10.80
N THR C 666 -19.84 43.53 10.31
CA THR C 666 -20.11 42.26 10.96
C THR C 666 -19.93 41.07 10.03
N ASN C 667 -20.35 41.20 8.77
CA ASN C 667 -20.38 40.06 7.87
C ASN C 667 -20.10 40.52 6.44
N GLU C 668 -20.13 39.55 5.52
CA GLU C 668 -20.07 39.79 4.08
C GLU C 668 -21.19 39.01 3.42
N GLN C 669 -22.03 39.69 2.65
CA GLN C 669 -23.16 39.07 1.98
C GLN C 669 -23.04 39.25 0.47
N VAL C 670 -23.18 38.16 -0.27
CA VAL C 670 -23.08 38.19 -1.72
C VAL C 670 -24.38 38.73 -2.30
N VAL C 671 -24.26 39.72 -3.19
CA VAL C 671 -25.43 40.35 -3.78
C VAL C 671 -25.57 40.08 -5.27
N ARG C 672 -24.47 40.06 -6.03
CA ARG C 672 -24.55 39.90 -7.47
C ARG C 672 -23.47 38.95 -7.94
N SER C 673 -23.45 38.69 -9.24
CA SER C 673 -22.45 37.84 -9.87
C SER C 673 -21.84 38.58 -11.06
N LEU C 674 -20.54 38.43 -11.23
CA LEU C 674 -19.81 39.04 -12.35
C LEU C 674 -19.14 37.92 -13.13
N TYR C 675 -19.53 37.75 -14.38
CA TYR C 675 -19.08 36.61 -15.17
C TYR C 675 -17.85 36.97 -16.00
N VAL C 676 -16.98 35.98 -16.19
CA VAL C 676 -15.69 36.18 -16.83
C VAL C 676 -15.59 35.26 -18.03
N ILE C 677 -15.13 35.80 -19.16
CA ILE C 677 -14.80 35.04 -20.35
C ILE C 677 -13.34 35.34 -20.66
N TYR C 678 -12.50 34.31 -20.67
CA TYR C 678 -11.07 34.52 -20.83
C TYR C 678 -10.46 33.40 -21.67
N GLU C 679 -9.27 33.67 -22.20
CA GLU C 679 -8.48 32.70 -22.95
C GLU C 679 -7.04 32.78 -22.48
N GLU C 680 -6.41 31.62 -22.29
CA GLU C 680 -5.01 31.60 -21.88
C GLU C 680 -4.10 32.09 -23.00
N GLY C 681 -3.03 32.77 -22.63
CA GLY C 681 -2.10 33.31 -23.61
C GLY C 681 -1.27 34.43 -22.98
N ASP C 682 -0.71 35.27 -23.85
CA ASP C 682 0.18 36.34 -23.40
C ASP C 682 -0.02 37.65 -24.13
N ASN C 683 -1.11 37.83 -24.88
CA ASN C 683 -1.29 39.07 -25.64
C ASN C 683 -1.68 40.25 -24.75
N ILE C 684 -2.40 39.99 -23.66
CA ILE C 684 -2.86 41.02 -22.74
C ILE C 684 -2.25 40.77 -21.37
N ALA C 685 -1.89 41.84 -20.66
CA ALA C 685 -1.30 41.71 -19.35
C ALA C 685 -1.88 42.75 -18.40
N GLY C 686 -2.20 42.32 -17.18
CA GLY C 686 -2.63 43.25 -16.15
C GLY C 686 -1.44 43.86 -15.44
N VAL C 687 -1.56 45.14 -15.10
CA VAL C 687 -0.44 45.87 -14.49
C VAL C 687 -0.94 46.63 -13.27
N PRO C 688 -0.09 46.93 -12.30
CA PRO C 688 -0.57 47.59 -11.08
C PRO C 688 -1.25 48.93 -11.31
N SER C 689 -0.77 49.71 -12.27
CA SER C 689 -1.37 51.01 -12.57
C SER C 689 -0.88 51.55 -13.91
N SER C 698 9.83 47.07 -16.51
CA SER C 698 10.83 46.01 -16.49
C SER C 698 12.10 46.47 -15.78
N VAL C 699 12.22 46.11 -14.51
CA VAL C 699 13.38 46.44 -13.69
C VAL C 699 14.02 45.13 -13.25
N LEU C 700 15.33 45.00 -13.49
CA LEU C 700 16.06 43.76 -13.22
C LEU C 700 17.16 44.04 -12.20
N HIS C 701 16.89 43.69 -10.95
CA HIS C 701 17.91 43.78 -9.91
C HIS C 701 18.84 42.58 -9.98
N LEU C 702 20.12 42.80 -9.70
CA LEU C 702 21.14 41.77 -9.83
C LEU C 702 21.91 41.63 -8.53
N ASP C 703 22.42 40.42 -8.30
CA ASP C 703 23.27 40.11 -7.15
C ASP C 703 22.59 40.38 -5.81
N SER C 704 21.30 40.07 -5.71
CA SER C 704 20.55 40.19 -4.46
C SER C 704 19.26 39.39 -4.58
N CYS C 705 18.80 38.84 -3.44
CA CYS C 705 17.56 38.09 -3.42
C CYS C 705 16.39 39.00 -3.76
N THR C 706 15.65 38.64 -4.83
CA THR C 706 14.52 39.43 -5.29
C THR C 706 13.36 38.50 -5.61
N ASP C 707 12.15 39.06 -5.58
CA ASP C 707 10.97 38.37 -6.07
C ASP C 707 10.81 38.67 -7.55
N TYR C 708 10.90 37.65 -8.39
CA TYR C 708 10.97 37.84 -9.82
C TYR C 708 9.73 37.31 -10.52
N ASN C 709 9.32 38.01 -11.57
CA ASN C 709 8.27 37.59 -12.49
C ASN C 709 8.86 37.69 -13.89
N ILE C 710 9.42 36.59 -14.39
CA ILE C 710 10.20 36.59 -15.63
C ILE C 710 9.48 35.70 -16.62
N TYR C 711 8.83 36.30 -17.62
CA TYR C 711 8.09 35.58 -18.65
C TYR C 711 7.04 34.65 -18.04
N GLY C 712 6.40 35.11 -16.98
CA GLY C 712 5.36 34.34 -16.32
C GLY C 712 5.84 33.38 -15.26
N LYS C 713 7.16 33.25 -15.07
CA LYS C 713 7.73 32.39 -14.04
C LYS C 713 7.97 33.23 -12.79
N THR C 714 7.50 32.73 -11.64
CA THR C 714 7.60 33.44 -10.39
C THR C 714 8.43 32.65 -9.39
N GLY C 715 9.11 33.37 -8.51
CA GLY C 715 9.92 32.73 -7.48
C GLY C 715 10.74 33.75 -6.75
N ILE C 716 11.63 33.25 -5.91
CA ILE C 716 12.57 34.07 -5.15
C ILE C 716 13.98 33.51 -5.33
N GLY C 717 14.93 34.38 -5.65
CA GLY C 717 16.28 33.93 -5.89
C GLY C 717 17.20 35.09 -6.23
N ILE C 718 18.39 34.75 -6.71
CA ILE C 718 19.40 35.72 -7.10
C ILE C 718 19.67 35.57 -8.59
N ILE C 719 19.63 36.68 -9.30
CA ILE C 719 19.86 36.70 -10.75
C ILE C 719 21.24 37.25 -11.00
N ARG C 720 22.03 36.54 -11.80
CA ARG C 720 23.40 36.91 -12.10
C ARG C 720 23.65 36.80 -13.60
N GLN C 721 24.35 37.79 -14.14
CA GLN C 721 24.69 37.78 -15.56
C GLN C 721 25.86 36.84 -15.81
N THR C 722 25.67 35.91 -16.77
CA THR C 722 26.71 34.93 -17.09
C THR C 722 27.11 35.08 -18.54
N ASN C 723 28.20 34.43 -18.96
CA ASN C 723 28.59 34.47 -20.40
C ASN C 723 28.40 33.07 -21.00
N SER C 724 27.56 32.24 -20.35
CA SER C 724 27.28 30.88 -20.89
C SER C 724 26.76 31.01 -22.32
N THR C 725 25.83 31.94 -22.56
CA THR C 725 25.31 32.17 -23.93
C THR C 725 24.98 30.84 -24.57
N LEU C 726 24.30 29.96 -23.83
CA LEU C 726 23.93 28.63 -24.38
C LEU C 726 22.44 28.37 -24.07
N LEU C 727 21.58 29.33 -24.39
CA LEU C 727 20.14 29.19 -24.06
C LEU C 727 19.36 28.78 -25.31
N SER C 728 18.98 27.51 -25.42
CA SER C 728 18.14 27.08 -26.54
C SER C 728 16.70 27.50 -26.26
N GLY C 729 16.28 28.61 -26.86
CA GLY C 729 14.92 29.09 -26.66
C GLY C 729 14.86 30.43 -25.96
N LEU C 730 13.96 30.56 -24.99
CA LEU C 730 13.78 31.81 -24.25
C LEU C 730 14.19 31.68 -22.79
N TYR C 731 13.78 30.61 -22.12
CA TYR C 731 14.16 30.36 -20.74
C TYR C 731 14.48 28.89 -20.56
N TYR C 732 15.13 28.56 -19.46
CA TYR C 732 15.50 27.20 -19.13
C TYR C 732 14.88 26.80 -17.80
N THR C 733 14.31 25.60 -17.75
CA THR C 733 13.71 25.07 -16.53
C THR C 733 14.32 23.72 -16.21
N SER C 734 14.33 23.40 -14.91
CA SER C 734 14.83 22.12 -14.46
C SER C 734 13.78 21.03 -14.67
N LEU C 735 14.09 19.82 -14.22
CA LEU C 735 13.17 18.70 -14.39
C LEU C 735 11.91 18.90 -13.55
N SER C 736 12.00 19.63 -12.45
CA SER C 736 10.87 19.87 -11.57
C SER C 736 10.08 21.12 -11.92
N GLY C 737 10.55 21.93 -12.86
CA GLY C 737 9.86 23.13 -13.27
C GLY C 737 10.40 24.43 -12.74
N ASP C 738 11.55 24.42 -12.08
CA ASP C 738 12.13 25.65 -11.54
C ASP C 738 12.95 26.37 -12.61
N LEU C 739 12.89 27.70 -12.60
CA LEU C 739 13.60 28.50 -13.58
C LEU C 739 15.07 28.56 -13.23
N LEU C 740 15.93 28.11 -14.16
CA LEU C 740 17.37 28.10 -13.96
C LEU C 740 18.07 29.24 -14.67
N GLY C 741 17.56 29.68 -15.82
CA GLY C 741 18.16 30.78 -16.53
C GLY C 741 17.28 31.24 -17.67
N PHE C 742 17.30 32.54 -17.92
CA PHE C 742 16.54 33.15 -19.01
C PHE C 742 17.48 33.98 -19.88
N LYS C 743 16.99 34.34 -21.06
CA LYS C 743 17.78 35.07 -22.05
C LYS C 743 17.12 36.40 -22.37
N ASN C 744 17.93 37.46 -22.42
CA ASN C 744 17.37 38.78 -22.83
C ASN C 744 17.12 38.72 -24.33
N VAL C 745 15.86 38.86 -24.72
CA VAL C 745 15.45 38.72 -26.12
C VAL C 745 15.97 39.87 -26.96
N THR C 746 16.05 41.08 -26.40
CA THR C 746 16.50 42.23 -27.17
C THR C 746 18.00 42.18 -27.41
N ASP C 747 18.79 42.19 -26.33
CA ASP C 747 20.25 42.23 -26.46
C ASP C 747 20.81 40.86 -26.80
N GLY C 748 20.60 39.88 -25.93
CA GLY C 748 21.13 38.55 -26.15
C GLY C 748 21.85 37.97 -24.95
N VAL C 749 21.96 38.77 -23.88
CA VAL C 749 22.63 38.32 -22.67
C VAL C 749 21.81 37.23 -22.00
N VAL C 750 22.49 36.35 -21.27
CA VAL C 750 21.86 35.24 -20.57
C VAL C 750 22.16 35.37 -19.08
N TYR C 751 21.12 35.26 -18.27
CA TYR C 751 21.23 35.34 -16.81
C TYR C 751 20.91 33.99 -16.19
N SER C 752 21.40 33.79 -14.98
CA SER C 752 21.14 32.56 -14.23
C SER C 752 20.45 32.90 -12.92
N VAL C 753 19.56 32.01 -12.49
CA VAL C 753 18.79 32.18 -11.26
C VAL C 753 19.14 31.05 -10.32
N THR C 754 19.50 31.39 -9.08
CA THR C 754 19.79 30.38 -8.07
C THR C 754 19.05 30.73 -6.78
N PRO C 755 18.62 29.72 -6.01
CA PRO C 755 18.00 30.00 -4.72
C PRO C 755 18.96 30.72 -3.79
N CYS C 756 18.43 31.69 -3.04
CA CYS C 756 19.27 32.42 -2.11
C CYS C 756 19.28 31.82 -0.71
N ASP C 757 18.51 30.75 -0.50
CA ASP C 757 18.62 29.91 0.69
C ASP C 757 18.76 28.46 0.27
N VAL C 758 19.62 27.72 0.98
CA VAL C 758 19.96 26.35 0.63
C VAL C 758 19.89 25.48 1.88
N SER C 759 20.04 24.18 1.66
CA SER C 759 20.02 23.21 2.77
C SER C 759 21.40 23.12 3.43
N ALA C 760 21.38 22.88 4.73
CA ALA C 760 22.59 22.69 5.50
C ALA C 760 22.38 21.54 6.46
N GLN C 761 23.49 20.96 6.93
CA GLN C 761 23.48 19.89 7.92
C GLN C 761 24.14 20.41 9.19
N ALA C 762 23.41 20.36 10.29
CA ALA C 762 23.91 20.85 11.57
C ALA C 762 24.38 19.70 12.44
N ALA C 763 25.56 19.83 13.01
CA ALA C 763 26.13 18.83 13.90
C ALA C 763 25.73 19.16 15.33
N VAL C 764 25.01 18.25 15.97
CA VAL C 764 24.52 18.45 17.33
C VAL C 764 25.18 17.42 18.23
N ILE C 765 25.86 17.90 19.27
CA ILE C 765 26.51 17.04 20.27
C ILE C 765 26.11 17.54 21.64
N ASP C 766 25.46 16.67 22.42
CA ASP C 766 25.00 17.00 23.77
C ASP C 766 24.07 18.22 23.76
N GLY C 767 23.16 18.26 22.80
CA GLY C 767 22.18 19.32 22.75
C GLY C 767 22.73 20.68 22.39
N THR C 768 23.85 20.73 21.66
CA THR C 768 24.43 22.00 21.23
C THR C 768 24.86 21.88 19.78
N ILE C 769 24.76 22.99 19.05
CA ILE C 769 25.23 23.05 17.67
C ILE C 769 26.73 23.32 17.71
N VAL C 770 27.53 22.33 17.30
CA VAL C 770 28.98 22.49 17.29
C VAL C 770 29.50 22.82 15.90
N GLY C 771 28.72 22.60 14.85
CA GLY C 771 29.18 22.89 13.50
C GLY C 771 28.04 22.73 12.51
N ALA C 772 28.31 23.11 11.27
CA ALA C 772 27.32 23.04 10.21
C ALA C 772 28.00 22.95 8.86
N MET C 773 27.45 22.10 7.99
CA MET C 773 27.96 21.90 6.64
C MET C 773 27.06 22.61 5.64
N THR C 774 27.64 23.44 4.79
CA THR C 774 26.85 24.26 3.89
C THR C 774 27.61 24.50 2.60
N SER C 775 26.88 24.91 1.57
CA SER C 775 27.44 25.20 0.26
C SER C 775 27.63 26.70 0.01
N ILE C 776 27.25 27.56 0.96
CA ILE C 776 27.39 29.00 0.83
C ILE C 776 28.41 29.47 1.86
N ASN C 777 29.31 30.36 1.43
CA ASN C 777 30.36 30.86 2.30
C ASN C 777 29.85 32.09 3.07
N SER C 778 28.85 31.85 3.92
CA SER C 778 28.27 32.87 4.77
C SER C 778 27.96 32.26 6.13
N GLU C 779 27.98 33.12 7.15
CA GLU C 779 27.72 32.66 8.51
C GLU C 779 26.28 32.19 8.66
N LEU C 780 26.09 31.18 9.51
CA LEU C 780 24.77 30.62 9.73
C LEU C 780 24.73 29.95 11.08
N LEU C 781 23.52 29.87 11.66
CA LEU C 781 23.27 29.17 12.92
C LEU C 781 24.11 29.75 14.07
N GLY C 782 24.51 31.00 13.96
CA GLY C 782 25.31 31.61 15.01
C GLY C 782 26.75 31.16 15.07
N LEU C 783 27.29 30.66 13.97
CA LEU C 783 28.67 30.19 13.91
C LEU C 783 29.49 31.18 13.09
N THR C 784 30.71 31.46 13.54
CA THR C 784 31.55 32.49 12.95
C THR C 784 32.75 31.93 12.18
N HIS C 785 33.47 30.99 12.78
CA HIS C 785 34.67 30.43 12.13
C HIS C 785 34.29 29.38 11.11
N TRP C 786 35.13 29.23 10.09
CA TRP C 786 34.84 28.30 9.01
C TRP C 786 36.13 27.76 8.41
N THR C 787 36.01 26.63 7.73
CA THR C 787 37.09 26.02 6.99
C THR C 787 36.51 25.39 5.73
N THR C 788 37.38 25.12 4.77
CA THR C 788 36.96 24.59 3.47
C THR C 788 37.35 23.12 3.35
N THR C 789 36.42 22.32 2.84
CA THR C 789 36.60 20.91 2.53
C THR C 789 36.37 20.69 1.04
N PRO C 790 36.77 19.55 0.49
CA PRO C 790 36.59 19.33 -0.96
C PRO C 790 35.15 19.36 -1.44
N ASN C 791 34.17 19.18 -0.55
CA ASN C 791 32.77 19.15 -0.98
C ASN C 791 31.90 20.24 -0.36
N PHE C 792 32.34 20.92 0.69
CA PHE C 792 31.48 21.86 1.38
C PHE C 792 32.34 22.80 2.22
N TYR C 793 31.72 23.86 2.71
CA TYR C 793 32.28 24.72 3.74
C TYR C 793 31.79 24.23 5.09
N TYR C 794 32.70 24.16 6.05
CA TYR C 794 32.35 23.74 7.40
C TYR C 794 32.49 24.93 8.35
N TYR C 795 31.38 25.30 8.99
CA TYR C 795 31.36 26.36 9.99
C TYR C 795 31.31 25.74 11.38
N SER C 796 32.15 26.24 12.29
CA SER C 796 32.33 25.58 13.57
C SER C 796 32.47 26.59 14.68
N ILE C 797 32.29 26.10 15.92
CA ILE C 797 32.66 26.86 17.11
C ILE C 797 34.15 26.75 17.41
N TYR C 798 34.84 25.79 16.81
CA TYR C 798 36.28 25.68 16.93
C TYR C 798 36.96 26.86 16.24
N ASN C 799 38.08 27.30 16.82
CA ASN C 799 38.75 28.52 16.37
C ASN C 799 39.62 28.21 15.16
N TYR C 800 38.98 28.13 14.01
CA TYR C 800 39.71 28.05 12.74
C TYR C 800 40.20 29.44 12.33
N THR C 801 41.18 29.45 11.43
CA THR C 801 41.78 30.70 10.94
C THR C 801 41.62 30.72 9.42
N ASN C 802 40.48 31.22 8.96
CA ASN C 802 40.18 31.27 7.54
C ASN C 802 39.13 32.34 7.25
N VAL C 815 44.16 18.85 13.77
CA VAL C 815 43.54 18.55 15.06
C VAL C 815 43.54 17.05 15.29
N ASP C 816 43.48 16.65 16.56
CA ASP C 816 43.45 15.24 16.94
C ASP C 816 42.54 15.07 18.13
N CYS C 817 41.28 14.75 17.89
CA CYS C 817 40.33 14.46 18.95
C CYS C 817 39.95 13.00 18.90
N GLU C 818 38.93 12.65 19.68
CA GLU C 818 38.13 11.45 19.45
C GLU C 818 36.80 11.89 18.87
N PRO C 819 36.50 11.60 17.61
CA PRO C 819 35.23 12.04 17.03
C PRO C 819 34.05 11.41 17.74
N ILE C 820 32.96 12.18 17.85
CA ILE C 820 31.75 11.74 18.52
C ILE C 820 30.72 11.23 17.52
N ILE C 821 30.44 12.00 16.47
CA ILE C 821 29.53 11.61 15.41
C ILE C 821 30.31 11.60 14.10
N THR C 822 30.17 10.51 13.34
CA THR C 822 30.93 10.32 12.12
C THR C 822 30.00 9.84 11.01
N TYR C 823 30.39 10.17 9.77
CA TYR C 823 29.83 9.54 8.60
C TYR C 823 30.88 9.53 7.51
N SER C 824 31.06 8.39 6.86
CA SER C 824 32.09 8.22 5.83
C SER C 824 33.43 8.57 6.45
N ASN C 825 34.26 9.33 5.73
CA ASN C 825 35.57 9.73 6.22
C ASN C 825 35.54 11.03 7.00
N ILE C 826 34.38 11.47 7.47
CA ILE C 826 34.24 12.76 8.15
C ILE C 826 33.72 12.52 9.56
N GLY C 827 34.41 13.11 10.54
CA GLY C 827 33.98 13.02 11.92
C GLY C 827 34.08 14.37 12.60
N VAL C 828 33.22 14.56 13.60
CA VAL C 828 33.12 15.82 14.31
C VAL C 828 33.44 15.59 15.78
N CYS C 829 34.32 16.43 16.33
CA CYS C 829 34.73 16.33 17.73
C CYS C 829 33.70 17.03 18.62
N LYS C 830 33.88 16.90 19.93
CA LYS C 830 33.06 17.66 20.86
C LYS C 830 33.40 19.15 20.88
N ASN C 831 34.66 19.50 20.66
CA ASN C 831 35.01 20.91 20.59
C ASN C 831 34.67 21.54 19.25
N GLY C 832 34.07 20.79 18.34
CA GLY C 832 33.65 21.30 17.06
C GLY C 832 34.62 21.14 15.92
N ALA C 833 35.69 20.38 16.11
CA ALA C 833 36.72 20.23 15.10
C ALA C 833 36.36 19.12 14.12
N LEU C 834 36.76 19.28 12.86
CA LEU C 834 36.48 18.33 11.81
C LEU C 834 37.71 17.47 11.59
N VAL C 835 37.57 16.15 11.76
CA VAL C 835 38.66 15.21 11.60
C VAL C 835 38.32 14.22 10.51
N PHE C 836 39.35 13.64 9.90
CA PHE C 836 39.21 12.68 8.82
C PHE C 836 39.59 11.29 9.33
N ILE C 837 38.73 10.31 9.06
CA ILE C 837 38.85 8.97 9.60
C ILE C 837 39.38 8.04 8.52
N ASN C 838 40.43 7.29 8.86
CA ASN C 838 41.00 6.34 7.93
C ASN C 838 40.41 4.94 8.17
N VAL C 839 40.68 4.04 7.24
CA VAL C 839 40.23 2.66 7.35
C VAL C 839 40.99 1.95 8.45
N THR C 840 40.37 0.93 9.04
CA THR C 840 40.97 0.18 10.12
C THR C 840 42.21 -0.56 9.65
N HIS C 841 43.18 -0.70 10.56
CA HIS C 841 44.45 -1.35 10.28
C HIS C 841 44.59 -2.63 11.11
N SER C 842 45.32 -3.60 10.56
CA SER C 842 45.63 -4.83 11.26
C SER C 842 47.03 -5.29 10.88
N ASP C 843 47.51 -6.31 11.58
CA ASP C 843 48.84 -6.84 11.27
C ASP C 843 48.82 -7.65 9.99
N GLY C 844 47.76 -8.41 9.75
CA GLY C 844 47.63 -9.25 8.59
C GLY C 844 47.17 -10.64 8.96
N ASP C 845 47.08 -11.49 7.94
CA ASP C 845 46.63 -12.87 8.11
C ASP C 845 47.84 -13.80 8.11
N VAL C 846 47.80 -14.80 8.99
CA VAL C 846 48.84 -15.82 9.03
C VAL C 846 48.73 -16.70 7.79
N GLN C 847 49.84 -16.91 7.10
CA GLN C 847 49.79 -17.65 5.85
C GLN C 847 50.25 -19.09 6.04
N PRO C 848 49.73 -20.02 5.25
CA PRO C 848 50.11 -21.45 5.37
C PRO C 848 51.48 -21.75 4.78
N ILE C 849 52.49 -21.02 5.24
CA ILE C 849 53.84 -21.06 4.70
C ILE C 849 54.75 -21.73 5.72
N SER C 850 55.56 -22.69 5.26
CA SER C 850 56.50 -23.40 6.11
C SER C 850 57.89 -23.39 5.49
N THR C 851 58.33 -22.20 5.05
CA THR C 851 59.66 -22.02 4.51
C THR C 851 60.19 -20.65 4.91
N GLY C 852 61.41 -20.61 5.43
CA GLY C 852 61.99 -19.37 5.88
C GLY C 852 61.68 -19.06 7.33
N ASN C 853 61.77 -17.78 7.66
CA ASN C 853 61.48 -17.31 9.01
C ASN C 853 60.01 -16.89 9.07
N VAL C 854 59.24 -17.61 9.89
CA VAL C 854 57.80 -17.43 9.96
C VAL C 854 57.43 -17.05 11.38
N THR C 855 56.25 -16.43 11.52
CA THR C 855 55.75 -15.96 12.81
C THR C 855 54.49 -16.71 13.18
N ILE C 856 54.34 -16.99 14.48
CA ILE C 856 53.17 -17.71 15.00
C ILE C 856 52.65 -17.00 16.24
N PRO C 857 51.37 -16.67 16.32
CA PRO C 857 50.85 -15.99 17.50
C PRO C 857 51.03 -16.82 18.76
N THR C 858 51.43 -16.15 19.85
CA THR C 858 51.85 -16.90 21.03
C THR C 858 51.24 -16.40 22.33
N ASN C 859 50.96 -15.11 22.46
CA ASN C 859 50.48 -14.52 23.70
C ASN C 859 49.05 -14.05 23.49
N PHE C 860 48.10 -14.70 24.14
CA PHE C 860 46.69 -14.54 23.83
C PHE C 860 45.93 -13.92 24.99
N THR C 861 44.97 -13.07 24.66
CA THR C 861 43.96 -12.55 25.58
C THR C 861 42.58 -12.81 24.98
N ILE C 862 41.55 -12.29 25.63
CA ILE C 862 40.17 -12.58 25.27
C ILE C 862 39.48 -11.30 24.80
N SER C 863 38.77 -11.40 23.68
CA SER C 863 37.93 -10.33 23.16
C SER C 863 36.50 -10.85 23.01
N VAL C 864 35.52 -10.01 23.34
CA VAL C 864 34.11 -10.37 23.25
C VAL C 864 33.43 -9.38 22.31
N GLN C 865 32.66 -9.91 21.35
CA GLN C 865 31.95 -9.11 20.38
C GLN C 865 30.47 -9.47 20.41
N VAL C 866 29.63 -8.48 20.10
CA VAL C 866 28.18 -8.57 20.29
C VAL C 866 27.51 -8.47 18.94
N GLU C 867 26.51 -9.33 18.71
CA GLU C 867 25.76 -9.34 17.46
C GLU C 867 24.28 -9.52 17.75
N TYR C 868 23.43 -8.80 17.02
CA TYR C 868 21.99 -8.92 17.12
C TYR C 868 21.42 -9.43 15.80
N ILE C 869 20.54 -10.42 15.87
CA ILE C 869 19.84 -10.95 14.70
C ILE C 869 18.36 -11.07 15.04
N GLN C 870 17.50 -10.58 14.15
CA GLN C 870 16.06 -10.71 14.32
C GLN C 870 15.58 -12.09 13.88
N VAL C 871 14.66 -12.66 14.65
CA VAL C 871 14.22 -14.04 14.43
C VAL C 871 12.75 -14.07 14.05
N TYR C 872 11.96 -13.12 14.54
CA TYR C 872 10.53 -13.13 14.27
C TYR C 872 10.01 -11.70 14.25
N THR C 873 8.81 -11.55 13.69
CA THR C 873 8.08 -10.29 13.68
C THR C 873 6.98 -10.32 14.73
N THR C 874 6.28 -9.21 14.87
CA THR C 874 5.12 -9.15 15.76
C THR C 874 3.86 -9.32 14.92
N PRO C 875 3.16 -10.44 15.04
CA PRO C 875 2.01 -10.69 14.17
C PRO C 875 0.82 -9.81 14.50
N VAL C 876 0.04 -9.51 13.47
CA VAL C 876 -1.11 -8.63 13.57
C VAL C 876 -2.29 -9.29 12.86
N SER C 877 -3.45 -9.26 13.51
CA SER C 877 -4.69 -9.75 12.92
C SER C 877 -5.63 -8.58 12.65
N ILE C 878 -6.23 -8.56 11.47
CA ILE C 878 -7.15 -7.49 11.07
C ILE C 878 -8.51 -8.09 10.79
N ASP C 879 -9.54 -7.53 11.42
CA ASP C 879 -10.92 -7.82 11.07
C ASP C 879 -11.33 -6.86 9.97
N CYS C 880 -11.43 -7.36 8.74
CA CYS C 880 -11.55 -6.49 7.57
C CYS C 880 -12.85 -5.69 7.61
N SER C 881 -13.96 -6.31 8.01
CA SER C 881 -15.24 -5.62 7.97
C SER C 881 -15.37 -4.59 9.09
N ARG C 882 -14.70 -4.81 10.22
CA ARG C 882 -14.74 -3.82 11.29
C ARG C 882 -13.83 -2.62 10.98
N TYR C 883 -12.75 -2.83 10.25
CA TYR C 883 -11.91 -1.71 9.86
C TYR C 883 -12.61 -0.82 8.84
N VAL C 884 -13.20 -1.43 7.81
CA VAL C 884 -13.84 -0.65 6.76
C VAL C 884 -15.13 -0.02 7.26
N CYS C 885 -15.98 -0.83 7.88
CA CYS C 885 -17.24 -0.35 8.45
C CYS C 885 -17.14 -0.43 9.97
N ASN C 886 -17.40 0.69 10.64
CA ASN C 886 -17.19 0.77 12.08
C ASN C 886 -18.34 0.08 12.82
N GLY C 887 -18.57 -1.18 12.46
CA GLY C 887 -19.67 -1.94 13.03
C GLY C 887 -21.04 -1.52 12.55
N ASN C 888 -21.13 -0.85 11.40
CA ASN C 888 -22.40 -0.35 10.91
C ASN C 888 -23.14 -1.44 10.14
N PRO C 889 -24.39 -1.74 10.51
CA PRO C 889 -25.15 -2.77 9.78
C PRO C 889 -25.38 -2.45 8.31
N ARG C 890 -25.58 -1.17 7.98
CA ARG C 890 -25.85 -0.81 6.60
C ARG C 890 -24.59 -0.81 5.73
N CYS C 891 -23.44 -0.49 6.31
CA CYS C 891 -22.20 -0.51 5.55
C CYS C 891 -21.78 -1.94 5.20
N ASN C 892 -22.13 -2.91 6.05
CA ASN C 892 -21.79 -4.30 5.77
C ASN C 892 -22.53 -4.83 4.56
N LYS C 893 -23.78 -4.40 4.35
CA LYS C 893 -24.54 -4.85 3.19
C LYS C 893 -23.92 -4.38 1.89
N LEU C 894 -23.30 -3.19 1.89
CA LEU C 894 -22.61 -2.72 0.71
C LEU C 894 -21.28 -3.45 0.52
N LEU C 895 -20.65 -3.87 1.61
CA LEU C 895 -19.38 -4.58 1.55
C LEU C 895 -19.53 -6.03 1.09
N THR C 896 -20.75 -6.56 1.09
CA THR C 896 -20.97 -7.93 0.60
C THR C 896 -20.58 -8.05 -0.87
N GLN C 897 -20.76 -6.98 -1.65
CA GLN C 897 -20.26 -6.96 -3.02
C GLN C 897 -18.73 -6.95 -3.08
N TYR C 898 -18.07 -6.75 -1.94
CA TYR C 898 -16.62 -6.86 -1.83
C TYR C 898 -16.20 -7.98 -0.88
N VAL C 899 -17.02 -9.03 -0.75
CA VAL C 899 -16.70 -10.12 0.18
C VAL C 899 -15.42 -10.82 -0.23
N SER C 900 -15.16 -10.93 -1.53
CA SER C 900 -13.90 -11.49 -2.00
C SER C 900 -12.74 -10.58 -1.67
N ALA C 901 -12.96 -9.27 -1.66
CA ALA C 901 -11.89 -8.32 -1.36
C ALA C 901 -11.38 -8.47 0.06
N CYS C 902 -12.29 -8.64 1.02
CA CYS C 902 -11.87 -8.80 2.41
C CYS C 902 -11.30 -10.18 2.67
N GLN C 903 -11.83 -11.20 2.01
CA GLN C 903 -11.34 -12.57 2.20
C GLN C 903 -9.90 -12.70 1.70
N THR C 904 -9.57 -12.00 0.60
CA THR C 904 -8.20 -12.02 0.10
C THR C 904 -7.24 -11.40 1.11
N ILE C 905 -7.64 -10.30 1.75
CA ILE C 905 -6.78 -9.63 2.71
C ILE C 905 -6.54 -10.51 3.92
N GLU C 906 -7.61 -11.10 4.46
CA GLU C 906 -7.48 -11.84 5.71
C GLU C 906 -6.70 -13.13 5.52
N GLN C 907 -6.90 -13.82 4.40
CA GLN C 907 -6.19 -15.07 4.16
C GLN C 907 -4.69 -14.83 4.00
N ALA C 908 -4.32 -13.73 3.33
CA ALA C 908 -2.91 -13.43 3.13
C ALA C 908 -2.19 -13.19 4.46
N LEU C 909 -2.88 -12.54 5.40
CA LEU C 909 -2.27 -12.26 6.69
C LEU C 909 -2.19 -13.51 7.55
N ALA C 910 -3.25 -14.32 7.56
CA ALA C 910 -3.28 -15.50 8.41
C ALA C 910 -2.29 -16.56 7.93
N MET C 911 -2.13 -16.70 6.63
CA MET C 911 -1.19 -17.68 6.11
C MET C 911 0.26 -17.27 6.37
N GLY C 912 0.54 -15.97 6.31
CA GLY C 912 1.88 -15.51 6.64
C GLY C 912 2.24 -15.70 8.09
N ALA C 913 1.26 -15.54 8.98
CA ALA C 913 1.51 -15.74 10.41
C ALA C 913 1.60 -17.21 10.78
N ARG C 914 0.90 -18.07 10.03
CA ARG C 914 0.94 -19.53 10.29
C ARG C 914 2.30 -20.10 9.86
N LEU C 915 2.87 -19.55 8.78
CA LEU C 915 4.13 -20.09 8.28
C LEU C 915 5.31 -19.65 9.14
N GLU C 916 5.28 -18.44 9.70
CA GLU C 916 6.33 -18.01 10.61
C GLU C 916 6.27 -18.78 11.93
N ASN C 917 5.07 -19.12 12.38
CA ASN C 917 4.92 -19.92 13.59
C ASN C 917 5.44 -21.34 13.38
N MET C 918 5.23 -21.90 12.19
CA MET C 918 5.73 -23.24 11.90
C MET C 918 7.25 -23.30 11.92
N GLU C 919 7.92 -22.29 11.36
CA GLU C 919 9.37 -22.29 11.27
C GLU C 919 10.04 -21.94 12.58
N VAL C 920 9.42 -21.11 13.41
CA VAL C 920 9.99 -20.81 14.72
C VAL C 920 9.87 -22.01 15.66
N ASP C 921 8.76 -22.74 15.59
CA ASP C 921 8.53 -23.85 16.51
C ASP C 921 9.43 -25.04 16.22
N SER C 922 9.94 -25.16 15.00
CA SER C 922 10.85 -26.23 14.66
C SER C 922 12.31 -25.87 14.90
N MET C 923 12.57 -24.68 15.45
CA MET C 923 13.91 -24.22 15.75
C MET C 923 14.24 -24.24 17.23
N LEU C 924 13.28 -23.88 18.08
CA LEU C 924 13.52 -23.82 19.52
C LEU C 924 13.30 -25.17 20.18
N PHE C 925 14.08 -25.42 21.23
CA PHE C 925 13.98 -26.63 22.04
C PHE C 925 14.65 -26.36 23.37
N VAL C 926 14.39 -27.24 24.34
CA VAL C 926 15.04 -27.18 25.64
C VAL C 926 15.47 -28.58 26.04
N SER C 927 16.41 -28.64 26.98
CA SER C 927 16.80 -29.86 27.66
C SER C 927 16.50 -29.70 29.14
N GLU C 928 15.79 -30.68 29.72
CA GLU C 928 15.40 -30.56 31.11
C GLU C 928 16.61 -30.52 32.04
N ASN C 929 17.62 -31.35 31.76
CA ASN C 929 18.80 -31.39 32.61
C ASN C 929 19.67 -30.15 32.45
N ALA C 930 19.68 -29.55 31.26
CA ALA C 930 20.48 -28.36 31.05
C ALA C 930 19.85 -27.13 31.69
N LEU C 931 18.52 -27.10 31.80
CA LEU C 931 17.86 -25.96 32.44
C LEU C 931 18.06 -25.95 33.95
N LYS C 932 18.30 -27.12 34.55
CA LYS C 932 18.58 -27.18 35.98
C LYS C 932 19.89 -26.47 36.31
N LEU C 933 20.89 -26.60 35.44
CA LEU C 933 22.20 -26.00 35.65
C LEU C 933 22.28 -24.55 35.18
N ALA C 934 21.23 -24.04 34.54
CA ALA C 934 21.28 -22.71 33.91
C ALA C 934 20.74 -21.67 34.88
N SER C 935 21.59 -21.29 35.84
CA SER C 935 21.28 -20.20 36.75
C SER C 935 22.56 -19.74 37.42
N VAL C 936 22.53 -18.51 37.93
CA VAL C 936 23.67 -17.99 38.68
C VAL C 936 23.84 -18.77 39.99
N GLU C 937 22.73 -19.18 40.59
CA GLU C 937 22.80 -19.92 41.85
C GLU C 937 23.43 -21.30 41.65
N ALA C 938 23.11 -21.98 40.55
CA ALA C 938 23.66 -23.31 40.32
C ALA C 938 25.14 -23.26 39.97
N PHE C 939 25.58 -22.19 39.31
CA PHE C 939 26.99 -22.04 38.99
C PHE C 939 27.81 -21.66 40.22
N ASN C 940 27.18 -21.10 41.24
CA ASN C 940 27.86 -20.72 42.47
C ASN C 940 27.88 -21.83 43.51
N SER C 941 27.30 -22.99 43.19
CA SER C 941 27.25 -24.13 44.09
C SER C 941 28.08 -25.28 43.52
N THR C 942 28.36 -26.26 44.38
CA THR C 942 29.04 -27.49 43.99
C THR C 942 28.14 -28.72 44.12
N GLU C 943 26.83 -28.52 44.09
CA GLU C 943 25.91 -29.62 44.33
C GLU C 943 25.90 -30.62 43.18
N HIS C 944 25.98 -30.13 41.93
CA HIS C 944 25.85 -30.98 40.77
C HIS C 944 27.18 -31.50 40.24
N LEU C 945 28.29 -31.12 40.86
CA LEU C 945 29.59 -31.48 40.33
C LEU C 945 29.82 -33.00 40.44
N ASP C 946 30.52 -33.53 39.45
CA ASP C 946 31.02 -34.89 39.53
C ASP C 946 31.98 -35.01 40.71
N PRO C 947 31.91 -36.07 41.50
CA PRO C 947 32.81 -36.16 42.67
C PRO C 947 34.28 -36.12 42.33
N ILE C 948 34.68 -36.42 41.09
CA ILE C 948 36.09 -36.35 40.71
C ILE C 948 36.59 -34.92 40.55
N TYR C 949 35.72 -33.93 40.68
CA TYR C 949 36.11 -32.52 40.63
C TYR C 949 36.04 -31.88 42.00
N LYS C 950 36.36 -32.64 43.05
CA LYS C 950 36.30 -32.12 44.42
C LYS C 950 37.28 -30.99 44.65
N GLU C 951 38.35 -30.89 43.87
CA GLU C 951 39.31 -29.81 44.02
C GLU C 951 38.78 -28.48 43.51
N TRP C 952 37.64 -28.47 42.83
CA TRP C 952 37.05 -27.25 42.30
C TRP C 952 35.96 -26.74 43.23
N PRO C 953 35.91 -25.42 43.49
CA PRO C 953 34.92 -24.91 44.45
C PRO C 953 33.51 -24.93 43.91
N ASN C 954 33.30 -24.53 42.65
CA ASN C 954 31.97 -24.51 42.06
C ASN C 954 32.10 -24.68 40.55
N ILE C 955 30.95 -24.64 39.86
CA ILE C 955 30.95 -24.74 38.41
C ILE C 955 31.56 -23.48 37.80
N GLY C 956 31.13 -22.30 38.27
CA GLY C 956 31.54 -21.07 37.62
C GLY C 956 33.03 -20.80 37.71
N GLY C 957 33.59 -21.01 38.90
CA GLY C 957 35.01 -20.77 39.08
C GLY C 957 35.38 -19.32 38.89
N SER C 958 36.51 -19.08 38.22
CA SER C 958 36.97 -17.73 37.95
C SER C 958 36.21 -17.08 36.79
N TRP C 959 35.44 -17.83 36.01
CA TRP C 959 34.64 -17.26 34.95
C TRP C 959 33.28 -16.78 35.44
N LEU C 960 32.99 -16.92 36.73
CA LEU C 960 31.67 -16.55 37.25
C LEU C 960 31.47 -15.05 37.26
N GLY C 961 32.56 -14.28 37.26
CA GLY C 961 32.45 -12.83 37.26
C GLY C 961 31.76 -12.28 36.03
N GLY C 962 31.93 -12.92 34.88
CA GLY C 962 31.28 -12.48 33.66
C GLY C 962 30.03 -13.26 33.35
N LEU C 963 29.96 -14.51 33.81
CA LEU C 963 28.79 -15.34 33.56
C LEU C 963 27.60 -14.95 34.41
N LYS C 964 27.79 -14.13 35.44
CA LYS C 964 26.67 -13.71 36.28
C LYS C 964 25.77 -12.70 35.59
N ASP C 965 26.27 -12.01 34.56
CA ASP C 965 25.44 -11.08 33.79
C ASP C 965 24.78 -11.74 32.58
N ILE C 966 25.11 -12.99 32.28
CA ILE C 966 24.56 -13.70 31.14
C ILE C 966 23.60 -14.79 31.57
N LEU C 967 23.89 -15.47 32.66
CA LEU C 967 23.04 -16.54 33.15
C LEU C 967 21.80 -15.97 33.84
N PRO C 968 20.66 -16.66 33.74
CA PRO C 968 19.47 -16.21 34.44
C PRO C 968 19.64 -16.29 35.96
N SER C 969 18.95 -15.39 36.65
CA SER C 969 19.06 -15.29 38.10
C SER C 969 17.68 -15.17 38.72
N HIS C 970 17.63 -15.31 40.04
CA HIS C 970 16.41 -15.11 40.80
C HIS C 970 16.27 -13.70 41.33
N ASN C 971 17.24 -12.82 41.05
CA ASN C 971 17.17 -11.42 41.40
C ASN C 971 16.46 -10.59 40.33
N SER C 972 15.63 -11.22 39.51
CA SER C 972 14.86 -10.55 38.47
C SER C 972 13.37 -10.78 38.75
N LYS C 973 12.53 -10.34 37.83
CA LYS C 973 11.08 -10.52 37.93
C LYS C 973 10.59 -11.70 37.10
N ARG C 974 10.85 -11.68 35.79
CA ARG C 974 10.44 -12.77 34.93
C ARG C 974 11.37 -13.97 35.11
N LYS C 975 10.85 -15.14 34.76
CA LYS C 975 11.61 -16.37 34.85
C LYS C 975 12.61 -16.47 33.71
N TYR C 976 13.75 -17.08 34.01
CA TYR C 976 14.82 -17.32 33.02
C TYR C 976 15.34 -16.02 32.41
N ARG C 977 15.31 -14.93 33.17
CA ARG C 977 15.81 -13.64 32.71
C ARG C 977 17.10 -13.30 33.43
N SER C 978 17.99 -12.63 32.71
CA SER C 978 19.31 -12.26 33.22
C SER C 978 19.43 -10.75 33.34
N ALA C 979 20.60 -10.30 33.78
CA ALA C 979 20.83 -8.87 33.95
C ALA C 979 20.87 -8.16 32.62
N ILE C 980 21.56 -8.73 31.63
CA ILE C 980 21.65 -8.10 30.31
C ILE C 980 20.30 -8.14 29.62
N GLU C 981 19.56 -9.24 29.76
CA GLU C 981 18.23 -9.32 29.16
C GLU C 981 17.29 -8.27 29.74
N ASP C 982 17.36 -8.04 31.05
CA ASP C 982 16.50 -7.03 31.67
C ASP C 982 16.82 -5.64 31.16
N LEU C 983 18.11 -5.34 30.96
CA LEU C 983 18.49 -4.02 30.47
C LEU C 983 18.02 -3.80 29.04
N LEU C 984 18.10 -4.82 28.19
CA LEU C 984 17.72 -4.66 26.80
C LEU C 984 16.22 -4.43 26.65
N PHE C 985 15.41 -5.18 27.40
CA PHE C 985 13.97 -5.04 27.29
C PHE C 985 13.45 -3.77 27.94
N ASP C 986 14.29 -3.05 28.67
CA ASP C 986 13.90 -1.75 29.23
C ASP C 986 14.50 -0.58 28.46
N LYS C 987 15.51 -0.82 27.64
CA LYS C 987 16.09 0.24 26.83
C LYS C 987 15.31 0.47 25.54
N VAL C 988 14.43 -0.45 25.17
CA VAL C 988 13.65 -0.32 23.94
C VAL C 988 12.16 -0.39 24.26
N VAL C 989 11.79 0.06 25.46
CA VAL C 989 10.39 0.06 25.86
C VAL C 989 10.08 1.30 26.69
N ASP C 997 0.86 -4.37 27.84
CA ASP C 997 -0.26 -5.21 28.25
C ASP C 997 -0.94 -5.86 27.05
N GLU C 998 -1.01 -7.19 27.07
CA GLU C 998 -1.63 -7.97 26.02
C GLU C 998 -3.01 -8.49 26.42
N ASP C 999 -3.57 -7.97 27.50
CA ASP C 999 -4.88 -8.39 28.00
C ASP C 999 -5.94 -7.52 27.34
N TYR C 1000 -6.78 -8.12 26.52
CA TYR C 1000 -7.88 -7.41 25.87
C TYR C 1000 -9.17 -7.46 26.66
N LYS C 1001 -9.18 -8.15 27.81
CA LYS C 1001 -10.36 -8.13 28.68
C LYS C 1001 -10.54 -6.79 29.37
N ARG C 1002 -9.49 -5.98 29.45
CA ARG C 1002 -9.58 -4.67 30.08
C ARG C 1002 -10.16 -3.60 29.16
N CYS C 1003 -10.24 -3.88 27.86
CA CYS C 1003 -10.69 -2.88 26.91
C CYS C 1003 -12.20 -2.73 26.86
N THR C 1004 -12.94 -3.69 27.40
CA THR C 1004 -14.40 -3.66 27.37
C THR C 1004 -15.02 -3.36 28.72
N GLY C 1005 -14.21 -3.23 29.78
CA GLY C 1005 -14.78 -2.94 31.09
C GLY C 1005 -15.39 -1.55 31.18
N GLY C 1006 -14.75 -0.57 30.56
CA GLY C 1006 -15.25 0.78 30.57
C GLY C 1006 -14.99 1.57 31.84
N TYR C 1007 -13.97 1.18 32.62
CA TYR C 1007 -13.67 1.88 33.86
C TYR C 1007 -12.81 3.12 33.67
N ASP C 1008 -12.39 3.40 32.44
CA ASP C 1008 -11.59 4.59 32.16
C ASP C 1008 -11.59 4.83 30.66
N ILE C 1009 -11.01 5.96 30.26
CA ILE C 1009 -10.86 6.27 28.85
C ILE C 1009 -9.83 5.33 28.23
N ALA C 1010 -10.14 4.81 27.05
CA ALA C 1010 -9.28 3.83 26.41
C ALA C 1010 -7.95 4.45 25.98
N ASP C 1011 -6.90 3.64 26.06
CA ASP C 1011 -5.58 4.03 25.61
C ASP C 1011 -5.42 3.72 24.11
N LEU C 1012 -4.19 3.79 23.61
CA LEU C 1012 -3.95 3.58 22.18
C LEU C 1012 -4.23 2.14 21.78
N VAL C 1013 -3.84 1.17 22.62
CA VAL C 1013 -4.00 -0.23 22.24
C VAL C 1013 -5.47 -0.63 22.26
N CYS C 1014 -6.23 -0.17 23.25
CA CYS C 1014 -7.66 -0.48 23.29
C CYS C 1014 -8.40 0.18 22.13
N ALA C 1015 -8.05 1.43 21.81
CA ALA C 1015 -8.72 2.12 20.72
C ALA C 1015 -8.45 1.45 19.38
N GLN C 1016 -7.24 0.94 19.17
CA GLN C 1016 -6.94 0.19 17.95
C GLN C 1016 -7.78 -1.07 17.85
N TYR C 1017 -8.03 -1.72 19.00
CA TYR C 1017 -8.85 -2.93 19.01
C TYR C 1017 -10.27 -2.62 18.57
N TYR C 1018 -10.77 -1.43 18.90
CA TYR C 1018 -12.11 -1.04 18.47
C TYR C 1018 -12.19 -0.85 16.96
N ASN C 1019 -11.05 -0.68 16.30
CA ASN C 1019 -10.96 -0.52 14.86
C ASN C 1019 -10.65 -1.82 14.15
N GLY C 1020 -10.68 -2.96 14.84
CA GLY C 1020 -10.42 -4.23 14.22
C GLY C 1020 -8.96 -4.59 14.06
N ILE C 1021 -8.07 -4.01 14.86
CA ILE C 1021 -6.63 -4.24 14.75
C ILE C 1021 -6.18 -4.92 16.03
N MET C 1022 -5.80 -6.19 15.93
CA MET C 1022 -5.36 -6.96 17.08
C MET C 1022 -3.89 -7.34 16.91
N VAL C 1023 -3.11 -7.13 17.97
CA VAL C 1023 -1.73 -7.59 18.03
C VAL C 1023 -1.74 -8.93 18.73
N LEU C 1024 -1.39 -9.99 18.00
CA LEU C 1024 -1.46 -11.36 18.48
C LEU C 1024 -0.46 -11.58 19.60
N PRO C 1025 -0.68 -12.57 20.47
CA PRO C 1025 0.20 -12.72 21.65
C PRO C 1025 1.66 -12.86 21.28
N GLY C 1026 2.48 -11.98 21.87
CA GLY C 1026 3.90 -11.96 21.59
C GLY C 1026 4.76 -11.98 22.83
N VAL C 1027 4.13 -12.27 23.98
CA VAL C 1027 4.87 -12.44 25.22
C VAL C 1027 5.28 -13.88 25.46
N ALA C 1028 4.65 -14.83 24.77
CA ALA C 1028 5.06 -16.23 24.89
C ALA C 1028 6.35 -16.49 24.12
N ASN C 1029 6.51 -15.83 22.98
CA ASN C 1029 7.73 -16.02 22.18
C ASN C 1029 8.96 -15.49 22.92
N ASP C 1030 8.81 -14.37 23.62
CA ASP C 1030 9.92 -13.86 24.44
C ASP C 1030 10.24 -14.83 25.57
N ASP C 1031 9.23 -15.47 26.15
CA ASP C 1031 9.47 -16.44 27.21
C ASP C 1031 10.11 -17.71 26.66
N LYS C 1032 9.71 -18.13 25.46
CA LYS C 1032 10.31 -19.31 24.85
C LYS C 1032 11.76 -19.06 24.47
N MET C 1033 12.09 -17.85 24.05
CA MET C 1033 13.46 -17.54 23.66
C MET C 1033 14.39 -17.50 24.87
N THR C 1034 13.88 -17.01 26.01
CA THR C 1034 14.69 -17.02 27.22
C THR C 1034 15.00 -18.44 27.68
N MET C 1035 14.01 -19.33 27.59
CA MET C 1035 14.24 -20.74 27.92
C MET C 1035 15.19 -21.39 26.92
N TYR C 1036 15.08 -20.99 25.65
CA TYR C 1036 15.95 -21.54 24.61
C TYR C 1036 17.40 -21.18 24.85
N THR C 1037 17.68 -19.90 25.12
CA THR C 1037 19.06 -19.45 25.26
C THR C 1037 19.64 -19.88 26.62
N ALA C 1038 18.80 -20.02 27.64
CA ALA C 1038 19.28 -20.50 28.92
C ALA C 1038 19.70 -21.96 28.85
N SER C 1039 18.90 -22.80 28.20
CA SER C 1039 19.24 -24.21 28.06
C SER C 1039 20.53 -24.38 27.25
N LEU C 1040 20.76 -23.51 26.27
CA LEU C 1040 21.99 -23.57 25.49
C LEU C 1040 23.21 -23.30 26.36
N ALA C 1041 23.11 -22.35 27.28
CA ALA C 1041 24.24 -22.02 28.14
C ALA C 1041 24.47 -23.08 29.20
N GLY C 1042 23.39 -23.63 29.76
CA GLY C 1042 23.54 -24.66 30.77
C GLY C 1042 24.00 -26.00 30.24
N GLY C 1043 23.88 -26.22 28.94
CA GLY C 1043 24.30 -27.49 28.34
C GLY C 1043 25.78 -27.59 28.05
N ILE C 1044 26.52 -26.49 28.13
CA ILE C 1044 27.96 -26.53 27.96
C ILE C 1044 28.61 -27.32 29.10
N THR C 1045 28.07 -27.19 30.30
CA THR C 1045 28.63 -27.84 31.49
C THR C 1045 27.95 -29.16 31.83
N LEU C 1046 27.07 -29.66 30.97
CA LEU C 1046 26.42 -30.94 31.19
C LEU C 1046 27.35 -32.07 30.78
N GLY C 1047 27.55 -33.04 31.67
CA GLY C 1047 28.52 -34.09 31.45
C GLY C 1047 27.99 -35.35 30.80
N ALA C 1048 26.75 -35.71 31.10
CA ALA C 1048 26.13 -36.91 30.55
C ALA C 1048 24.69 -36.60 30.16
N LEU C 1049 24.12 -37.48 29.34
CA LEU C 1049 22.82 -37.21 28.73
C LEU C 1049 21.68 -38.08 29.23
N GLY C 1050 21.96 -39.30 29.66
CA GLY C 1050 20.88 -40.22 29.95
C GLY C 1050 20.33 -40.23 31.36
N GLY C 1051 20.78 -39.34 32.24
CA GLY C 1051 20.36 -39.42 33.63
C GLY C 1051 20.07 -38.09 34.27
N GLY C 1052 20.69 -37.83 35.42
CA GLY C 1052 20.49 -36.59 36.14
C GLY C 1052 21.37 -35.48 35.63
N ALA C 1053 21.38 -34.38 36.38
CA ALA C 1053 22.14 -33.19 35.99
C ALA C 1053 23.58 -33.35 36.48
N VAL C 1054 24.40 -33.98 35.64
CA VAL C 1054 25.83 -34.10 35.89
C VAL C 1054 26.53 -32.85 35.36
N ALA C 1055 27.45 -32.30 36.15
CA ALA C 1055 28.08 -31.03 35.83
C ALA C 1055 29.59 -31.16 35.83
N ILE C 1056 30.23 -30.32 35.02
CA ILE C 1056 31.68 -30.18 34.99
C ILE C 1056 32.01 -28.71 35.18
N PRO C 1057 33.21 -28.40 35.66
CA PRO C 1057 33.59 -26.98 35.81
C PRO C 1057 33.65 -26.29 34.46
N PHE C 1058 33.38 -24.98 34.48
CA PHE C 1058 33.44 -24.20 33.24
C PHE C 1058 34.86 -24.12 32.70
N ALA C 1059 35.87 -24.23 33.58
CA ALA C 1059 37.26 -24.20 33.11
C ALA C 1059 37.61 -25.47 32.37
N VAL C 1060 36.99 -26.60 32.71
CA VAL C 1060 37.21 -27.83 31.97
C VAL C 1060 36.59 -27.73 30.58
N ALA C 1061 35.45 -27.07 30.46
CA ALA C 1061 34.81 -26.89 29.15
C ALA C 1061 35.62 -25.95 28.27
N VAL C 1062 36.22 -24.91 28.85
CA VAL C 1062 37.06 -24.00 28.09
C VAL C 1062 38.33 -24.72 27.62
N GLN C 1063 38.87 -25.60 28.45
CA GLN C 1063 40.09 -26.30 28.11
C GLN C 1063 39.89 -27.21 26.90
N ALA C 1064 38.71 -27.84 26.80
CA ALA C 1064 38.42 -28.67 25.64
C ALA C 1064 38.30 -27.84 24.38
N ARG C 1065 37.80 -26.61 24.51
CA ARG C 1065 37.71 -25.71 23.36
C ARG C 1065 39.08 -25.29 22.87
N LEU C 1066 40.01 -25.06 23.81
CA LEU C 1066 41.36 -24.67 23.43
C LEU C 1066 42.07 -25.80 22.69
N ASN C 1067 41.76 -27.05 23.05
CA ASN C 1067 42.37 -28.19 22.38
C ASN C 1067 41.88 -28.32 20.94
N TYR C 1068 40.66 -27.90 20.66
CA TYR C 1068 40.14 -27.96 19.31
C TYR C 1068 40.77 -26.91 18.41
N VAL C 1069 41.26 -25.82 19.00
CA VAL C 1069 41.99 -24.82 18.22
C VAL C 1069 43.40 -25.31 17.92
N ALA C 1070 44.12 -25.72 18.96
CA ALA C 1070 45.47 -26.25 18.82
C ALA C 1070 45.73 -27.17 20.00
N LEU C 1071 46.22 -28.37 19.72
CA LEU C 1071 46.52 -29.33 20.79
C LEU C 1071 47.49 -28.72 21.78
N GLN C 1072 47.07 -28.62 23.05
CA GLN C 1072 47.85 -27.96 24.07
C GLN C 1072 48.92 -28.90 24.61
N THR C 1073 50.18 -28.45 24.55
CA THR C 1073 51.32 -29.26 24.97
C THR C 1073 52.03 -28.68 26.19
N ASP C 1074 51.37 -27.78 26.90
CA ASP C 1074 51.93 -27.11 28.08
C ASP C 1074 51.01 -27.31 29.27
N VAL C 1075 50.61 -28.57 29.49
CA VAL C 1075 49.58 -28.88 30.48
C VAL C 1075 50.03 -28.49 31.88
N LEU C 1076 51.29 -28.78 32.22
CA LEU C 1076 51.76 -28.54 33.58
C LEU C 1076 51.73 -27.06 33.94
N ASN C 1077 52.17 -26.20 33.02
CA ASN C 1077 52.25 -24.77 33.26
C ASN C 1077 51.28 -24.06 32.31
N LYS C 1078 50.02 -23.97 32.74
CA LYS C 1078 48.99 -23.28 31.98
C LYS C 1078 48.28 -22.30 32.91
N ASN C 1079 47.70 -21.27 32.31
CA ASN C 1079 47.02 -20.23 33.09
C ASN C 1079 45.79 -19.77 32.31
N GLN C 1080 44.62 -20.26 32.71
CA GLN C 1080 43.36 -19.71 32.22
C GLN C 1080 42.94 -18.48 33.00
N GLN C 1081 43.70 -18.11 34.03
CA GLN C 1081 43.37 -16.91 34.80
C GLN C 1081 43.47 -15.66 33.94
N ILE C 1082 44.46 -15.60 33.05
CA ILE C 1082 44.58 -14.45 32.15
C ILE C 1082 43.38 -14.39 31.22
N LEU C 1083 42.96 -15.54 30.69
CA LEU C 1083 41.80 -15.57 29.82
C LEU C 1083 40.52 -15.27 30.61
N ALA C 1084 40.40 -15.82 31.81
CA ALA C 1084 39.21 -15.59 32.63
C ALA C 1084 39.08 -14.13 33.03
N ASN C 1085 40.19 -13.49 33.39
CA ASN C 1085 40.14 -12.10 33.83
C ASN C 1085 39.74 -11.17 32.68
N ALA C 1086 40.31 -11.40 31.50
CA ALA C 1086 39.95 -10.57 30.34
C ALA C 1086 38.50 -10.78 29.94
N PHE C 1087 37.96 -11.98 30.20
CA PHE C 1087 36.56 -12.24 29.93
C PHE C 1087 35.64 -11.51 30.90
N ASN C 1088 36.02 -11.46 32.17
CA ASN C 1088 35.20 -10.80 33.18
C ASN C 1088 35.16 -9.29 32.96
N GLN C 1089 36.28 -8.70 32.57
CA GLN C 1089 36.31 -7.27 32.30
C GLN C 1089 35.58 -6.92 31.02
N ALA C 1090 35.68 -7.77 30.00
CA ALA C 1090 34.99 -7.51 28.74
C ALA C 1090 33.49 -7.52 28.93
N ILE C 1091 32.97 -8.50 29.68
CA ILE C 1091 31.54 -8.55 29.96
C ILE C 1091 31.12 -7.39 30.86
N GLY C 1092 31.97 -6.97 31.80
CA GLY C 1092 31.64 -5.85 32.65
C GLY C 1092 31.50 -4.55 31.90
N ASN C 1093 32.29 -4.35 30.85
CA ASN C 1093 32.16 -3.13 30.02
C ASN C 1093 30.89 -3.22 29.18
N ILE C 1094 30.52 -4.43 28.73
CA ILE C 1094 29.34 -4.57 27.90
C ILE C 1094 28.08 -4.28 28.68
N THR C 1095 28.02 -4.73 29.93
CA THR C 1095 26.86 -4.44 30.78
C THR C 1095 26.76 -2.95 31.08
N GLN C 1096 27.90 -2.27 31.21
CA GLN C 1096 27.87 -0.83 31.43
C GLN C 1096 27.28 -0.09 30.23
N ALA C 1097 27.65 -0.50 29.02
CA ALA C 1097 27.16 0.18 27.82
C ALA C 1097 25.69 -0.14 27.54
N PHE C 1098 25.20 -1.29 27.98
CA PHE C 1098 23.79 -1.64 27.81
C PHE C 1098 22.90 -0.97 28.84
N GLY C 1099 23.48 -0.27 29.81
CA GLY C 1099 22.69 0.40 30.83
C GLY C 1099 22.72 1.91 30.67
N LYS C 1100 23.70 2.41 29.92
CA LYS C 1100 23.80 3.84 29.64
C LYS C 1100 22.62 4.33 28.81
N LEU C 1112 33.88 -0.51 22.01
CA LEU C 1112 32.52 -0.99 22.13
C LEU C 1112 31.73 -0.67 20.85
N ALA C 1113 32.37 -0.85 19.71
CA ALA C 1113 31.71 -0.57 18.43
C ALA C 1113 30.62 -1.58 18.13
N THR C 1114 30.83 -2.84 18.52
CA THR C 1114 29.81 -3.87 18.28
C THR C 1114 28.56 -3.62 19.11
N VAL C 1115 28.73 -3.08 20.32
CA VAL C 1115 27.58 -2.80 21.17
C VAL C 1115 26.76 -1.63 20.61
N ALA C 1116 27.44 -0.62 20.07
CA ALA C 1116 26.74 0.51 19.48
C ALA C 1116 25.94 0.09 18.26
N LYS C 1117 26.51 -0.78 17.43
CA LYS C 1117 25.79 -1.27 16.25
C LYS C 1117 24.58 -2.12 16.64
N ALA C 1118 24.72 -2.94 17.69
CA ALA C 1118 23.63 -3.79 18.11
C ALA C 1118 22.46 -2.98 18.67
N LEU C 1119 22.75 -1.96 19.48
CA LEU C 1119 21.69 -1.13 20.03
C LEU C 1119 20.93 -0.39 18.95
N ALA C 1120 21.65 0.13 17.95
CA ALA C 1120 21.00 0.83 16.85
C ALA C 1120 20.11 -0.12 16.04
N LYS C 1121 20.56 -1.35 15.84
CA LYS C 1121 19.79 -2.32 15.08
C LYS C 1121 18.49 -2.68 15.80
N VAL C 1122 18.56 -2.85 17.13
CA VAL C 1122 17.36 -3.22 17.89
C VAL C 1122 16.34 -2.09 17.88
N GLN C 1123 16.79 -0.85 18.03
CA GLN C 1123 15.87 0.28 18.04
C GLN C 1123 15.19 0.46 16.70
N ASP C 1124 15.91 0.22 15.60
CA ASP C 1124 15.32 0.37 14.28
C ASP C 1124 14.21 -0.65 14.05
N VAL C 1125 14.37 -1.86 14.58
CA VAL C 1125 13.35 -2.90 14.40
C VAL C 1125 12.07 -2.50 15.12
N VAL C 1126 12.19 -2.01 16.36
CA VAL C 1126 11.02 -1.69 17.16
C VAL C 1126 10.28 -0.47 16.58
N ASN C 1127 11.03 0.55 16.17
CA ASN C 1127 10.40 1.75 15.63
C ASN C 1127 9.62 1.46 14.36
N THR C 1128 10.18 0.65 13.46
CA THR C 1128 9.52 0.37 12.19
C THR C 1128 8.19 -0.34 12.38
N GLN C 1129 8.15 -1.31 13.30
CA GLN C 1129 6.91 -2.06 13.53
C GLN C 1129 5.80 -1.16 14.06
N GLY C 1130 6.13 -0.27 15.00
CA GLY C 1130 5.12 0.59 15.57
C GLY C 1130 4.56 1.58 14.58
N GLN C 1131 5.39 2.08 13.66
CA GLN C 1131 4.94 3.07 12.69
C GLN C 1131 4.01 2.48 11.64
N ALA C 1132 4.19 1.19 11.31
CA ALA C 1132 3.32 0.57 10.31
C ALA C 1132 1.87 0.53 10.79
N LEU C 1133 1.66 0.21 12.06
CA LEU C 1133 0.30 0.19 12.61
C LEU C 1133 -0.27 1.59 12.75
N SER C 1134 0.56 2.56 13.12
CA SER C 1134 0.09 3.92 13.32
C SER C 1134 -0.40 4.53 12.02
N HIS C 1135 0.32 4.28 10.93
CA HIS C 1135 -0.09 4.81 9.63
C HIS C 1135 -1.42 4.23 9.19
N LEU C 1136 -1.64 2.94 9.45
CA LEU C 1136 -2.90 2.31 9.10
C LEU C 1136 -4.06 2.93 9.87
N THR C 1137 -3.83 3.28 11.14
CA THR C 1137 -4.91 3.83 11.96
C THR C 1137 -5.25 5.26 11.56
N VAL C 1138 -4.29 6.03 11.06
CA VAL C 1138 -4.55 7.41 10.68
C VAL C 1138 -5.24 7.56 9.33
N GLN C 1139 -5.38 6.47 8.58
CA GLN C 1139 -6.10 6.51 7.31
C GLN C 1139 -7.60 6.51 7.49
N LEU C 1140 -8.09 6.33 8.72
CA LEU C 1140 -9.51 6.34 8.99
C LEU C 1140 -10.03 7.76 9.18
N GLN C 1141 -9.16 8.76 9.15
CA GLN C 1141 -9.55 10.15 9.18
C GLN C 1141 -9.57 10.78 7.79
N ASN C 1142 -9.37 9.98 6.75
CA ASN C 1142 -9.39 10.45 5.37
C ASN C 1142 -10.81 10.38 4.83
N ASN C 1143 -11.30 11.50 4.30
CA ASN C 1143 -12.66 11.54 3.77
C ASN C 1143 -12.77 10.83 2.43
N PHE C 1144 -11.67 10.74 1.69
CA PHE C 1144 -11.67 10.17 0.33
C PHE C 1144 -12.71 10.87 -0.55
N GLN C 1145 -12.75 12.19 -0.44
CA GLN C 1145 -13.66 13.04 -1.22
C GLN C 1145 -15.12 12.74 -0.91
N ALA C 1146 -15.44 12.62 0.37
CA ALA C 1146 -16.80 12.50 0.85
C ALA C 1146 -17.09 13.63 1.83
N ILE C 1147 -18.32 13.67 2.34
CA ILE C 1147 -18.69 14.74 3.27
C ILE C 1147 -17.95 14.58 4.60
N SER C 1148 -17.74 13.34 5.05
CA SER C 1148 -17.04 13.10 6.29
C SER C 1148 -16.42 11.71 6.24
N SER C 1149 -15.61 11.40 7.25
CA SER C 1149 -14.99 10.11 7.41
C SER C 1149 -15.71 9.23 8.43
N SER C 1150 -16.86 9.68 8.92
CA SER C 1150 -17.66 8.92 9.88
C SER C 1150 -18.88 8.35 9.15
N ILE C 1151 -19.02 7.03 9.20
CA ILE C 1151 -20.15 6.38 8.52
C ILE C 1151 -21.46 6.69 9.24
N SER C 1152 -21.42 6.81 10.56
CA SER C 1152 -22.62 7.17 11.31
C SER C 1152 -23.09 8.58 10.96
N ASP C 1153 -22.15 9.52 10.81
CA ASP C 1153 -22.52 10.89 10.49
C ASP C 1153 -23.11 10.99 9.09
N ILE C 1154 -22.60 10.19 8.14
CA ILE C 1154 -23.13 10.21 6.78
C ILE C 1154 -24.56 9.70 6.77
N TYR C 1155 -24.84 8.62 7.50
CA TYR C 1155 -26.17 8.04 7.51
C TYR C 1155 -27.16 8.82 8.37
N ASN C 1156 -26.69 9.78 9.16
CA ASN C 1156 -27.58 10.63 9.94
C ASN C 1156 -27.89 11.95 9.27
N ARG C 1157 -27.20 12.28 8.18
CA ARG C 1157 -27.41 13.53 7.48
C ARG C 1157 -28.03 13.36 6.11
N LEU C 1158 -28.01 12.16 5.54
CA LEU C 1158 -28.41 11.94 4.16
C LEU C 1158 -29.39 10.78 4.06
N ASP C 1159 -30.18 10.79 2.99
CA ASP C 1159 -31.08 9.70 2.68
C ASP C 1159 -30.30 8.51 2.12
N PRO C 1160 -30.83 7.30 2.28
CA PRO C 1160 -30.09 6.09 1.88
C PRO C 1160 -29.63 6.11 0.43
N PRO C 1161 -30.44 6.60 -0.52
CA PRO C 1161 -29.92 6.66 -1.91
C PRO C 1161 -28.66 7.50 -2.06
N SER C 1162 -28.56 8.61 -1.34
CA SER C 1162 -27.37 9.46 -1.43
C SER C 1162 -26.33 9.13 -0.38
N ALA C 1163 -26.74 8.54 0.74
CA ALA C 1163 -25.77 8.13 1.75
C ALA C 1163 -24.92 6.97 1.26
N ASP C 1164 -25.53 6.04 0.52
CA ASP C 1164 -24.78 4.89 0.01
C ASP C 1164 -23.68 5.32 -0.95
N ALA C 1165 -23.98 6.30 -1.82
CA ALA C 1165 -22.96 6.78 -2.74
C ALA C 1165 -21.77 7.41 -2.00
N GLN C 1166 -22.04 8.06 -0.87
CA GLN C 1166 -20.96 8.62 -0.07
C GLN C 1166 -20.15 7.54 0.64
N VAL C 1167 -20.82 6.47 1.09
CA VAL C 1167 -20.11 5.42 1.81
C VAL C 1167 -19.23 4.61 0.89
N ASP C 1168 -19.63 4.43 -0.38
CA ASP C 1168 -18.81 3.67 -1.32
C ASP C 1168 -17.43 4.29 -1.50
N ARG C 1169 -17.33 5.62 -1.40
CA ARG C 1169 -16.01 6.25 -1.46
C ARG C 1169 -15.15 5.85 -0.28
N LEU C 1170 -15.72 5.78 0.92
CA LEU C 1170 -14.95 5.35 2.08
C LEU C 1170 -14.55 3.88 1.96
N ILE C 1171 -15.44 3.04 1.44
CA ILE C 1171 -15.17 1.61 1.33
C ILE C 1171 -14.01 1.38 0.36
N THR C 1172 -14.04 2.04 -0.79
CA THR C 1172 -12.99 1.85 -1.80
C THR C 1172 -11.65 2.35 -1.29
N GLY C 1173 -11.63 3.50 -0.62
CA GLY C 1173 -10.38 4.02 -0.11
C GLY C 1173 -9.78 3.19 1.00
N ARG C 1174 -10.63 2.67 1.89
CA ARG C 1174 -10.12 1.89 3.02
C ARG C 1174 -9.70 0.50 2.61
N LEU C 1175 -10.31 -0.07 1.56
CA LEU C 1175 -9.83 -1.33 1.02
C LEU C 1175 -8.48 -1.16 0.36
N THR C 1176 -8.24 -0.01 -0.26
CA THR C 1176 -6.93 0.29 -0.84
C THR C 1176 -5.87 0.42 0.25
N ALA C 1177 -6.23 1.02 1.38
CA ALA C 1177 -5.28 1.19 2.48
C ALA C 1177 -4.88 -0.15 3.09
N LEU C 1178 -5.83 -1.10 3.16
CA LEU C 1178 -5.52 -2.41 3.72
C LEU C 1178 -4.62 -3.21 2.79
N ASN C 1179 -4.81 -3.07 1.48
CA ASN C 1179 -3.98 -3.79 0.53
C ASN C 1179 -2.54 -3.31 0.58
N ALA C 1180 -2.32 -2.02 0.81
CA ALA C 1180 -0.97 -1.51 0.94
C ALA C 1180 -0.30 -2.01 2.22
N PHE C 1181 -1.07 -2.15 3.30
CA PHE C 1181 -0.53 -2.68 4.54
C PHE C 1181 -0.13 -4.14 4.39
N VAL C 1182 -0.95 -4.93 3.69
CA VAL C 1182 -0.65 -6.35 3.52
C VAL C 1182 0.59 -6.53 2.65
N SER C 1183 0.74 -5.71 1.61
CA SER C 1183 1.88 -5.83 0.72
C SER C 1183 3.18 -5.55 1.46
N GLN C 1184 3.19 -4.56 2.34
CA GLN C 1184 4.39 -4.24 3.12
C GLN C 1184 4.67 -5.28 4.19
N THR C 1185 3.64 -5.89 4.76
CA THR C 1185 3.82 -6.90 5.79
C THR C 1185 4.47 -8.16 5.23
N LEU C 1186 4.05 -8.60 4.05
CA LEU C 1186 4.64 -9.79 3.44
C LEU C 1186 6.05 -9.54 2.96
N THR C 1187 6.35 -8.34 2.49
CA THR C 1187 7.72 -8.01 2.11
C THR C 1187 8.64 -8.05 3.32
N ARG C 1188 8.19 -7.50 4.44
CA ARG C 1188 8.95 -7.52 5.69
C ARG C 1188 9.11 -8.93 6.25
N GLN C 1189 8.18 -9.84 5.94
CA GLN C 1189 8.22 -11.18 6.49
C GLN C 1189 9.20 -12.08 5.75
N ALA C 1190 9.53 -11.76 4.51
CA ALA C 1190 10.52 -12.52 3.74
C ALA C 1190 11.95 -12.04 4.00
N GLU C 1191 12.12 -10.91 4.67
CA GLU C 1191 13.43 -10.45 5.07
C GLU C 1191 13.82 -10.96 6.44
N VAL C 1192 12.85 -11.17 7.33
CA VAL C 1192 13.10 -11.85 8.59
C VAL C 1192 13.24 -13.35 8.39
N ARG C 1193 12.72 -13.89 7.29
CA ARG C 1193 12.96 -15.28 6.96
C ARG C 1193 14.43 -15.54 6.65
N ALA C 1194 15.07 -14.61 5.93
CA ALA C 1194 16.50 -14.73 5.66
C ALA C 1194 17.33 -14.48 6.91
N SER C 1195 16.88 -13.56 7.76
CA SER C 1195 17.59 -13.28 9.00
C SER C 1195 17.51 -14.44 9.97
N ARG C 1196 16.35 -15.11 10.02
CA ARG C 1196 16.17 -16.24 10.92
C ARG C 1196 17.00 -17.44 10.48
N GLN C 1197 17.31 -17.53 9.19
CA GLN C 1197 18.18 -18.59 8.71
C GLN C 1197 19.63 -18.34 9.14
N LEU C 1198 20.05 -17.08 9.16
CA LEU C 1198 21.38 -16.75 9.65
C LEU C 1198 21.50 -16.99 11.15
N ALA C 1199 20.46 -16.68 11.91
CA ALA C 1199 20.48 -16.92 13.35
C ALA C 1199 20.55 -18.40 13.66
N LYS C 1200 19.82 -19.22 12.90
CA LYS C 1200 19.84 -20.66 13.09
C LYS C 1200 21.22 -21.24 12.81
N ASP C 1201 21.94 -20.67 11.85
CA ASP C 1201 23.28 -21.15 11.53
C ASP C 1201 24.29 -20.75 12.60
N LYS C 1202 24.09 -19.59 13.22
CA LYS C 1202 25.01 -19.16 14.28
C LYS C 1202 24.86 -20.00 15.53
N VAL C 1203 23.63 -20.37 15.87
CA VAL C 1203 23.42 -21.22 17.05
C VAL C 1203 24.02 -22.61 16.82
N ASN C 1204 23.85 -23.15 15.62
CA ASN C 1204 24.32 -24.50 15.34
C ASN C 1204 25.83 -24.56 15.17
N GLU C 1205 26.45 -23.49 14.68
CA GLU C 1205 27.85 -23.51 14.32
C GLU C 1205 28.74 -22.69 15.24
N CYS C 1206 28.18 -21.81 16.05
CA CYS C 1206 28.99 -21.04 17.00
C CYS C 1206 28.65 -21.32 18.46
N VAL C 1207 27.41 -21.67 18.78
CA VAL C 1207 26.99 -21.92 20.15
C VAL C 1207 26.97 -23.42 20.45
N ARG C 1208 26.37 -24.22 19.57
CA ARG C 1208 26.22 -25.65 19.80
C ARG C 1208 27.43 -26.45 19.34
N SER C 1209 28.41 -25.84 18.69
CA SER C 1209 29.62 -26.51 18.28
C SER C 1209 30.66 -25.46 17.93
N GLN C 1210 31.84 -25.92 17.52
CA GLN C 1210 32.92 -25.07 17.06
C GLN C 1210 33.13 -25.32 15.57
N SER C 1211 33.07 -24.26 14.78
CA SER C 1211 33.10 -24.42 13.33
C SER C 1211 34.52 -24.25 12.78
N GLN C 1212 34.73 -24.81 11.59
CA GLN C 1212 35.97 -24.69 10.86
C GLN C 1212 35.90 -23.62 9.78
N ARG C 1213 35.01 -22.65 9.93
CA ARG C 1213 34.85 -21.56 8.97
C ARG C 1213 35.55 -20.33 9.48
N PHE C 1214 36.34 -19.69 8.61
CA PHE C 1214 37.17 -18.56 8.99
C PHE C 1214 36.32 -17.30 9.09
N GLY C 1215 36.34 -16.66 10.26
CA GLY C 1215 35.69 -15.39 10.44
C GLY C 1215 34.17 -15.44 10.57
N PHE C 1216 33.59 -16.62 10.78
CA PHE C 1216 32.13 -16.71 10.85
C PHE C 1216 31.61 -16.23 12.20
N CYS C 1217 32.21 -16.69 13.29
CA CYS C 1217 31.80 -16.29 14.63
C CYS C 1217 32.72 -15.20 15.19
N GLY C 1218 32.80 -14.09 14.46
CA GLY C 1218 33.53 -12.92 14.92
C GLY C 1218 34.92 -12.81 14.31
N ASN C 1219 35.60 -11.69 14.59
CA ASN C 1219 36.95 -11.35 14.08
C ASN C 1219 37.96 -11.87 15.07
N GLY C 1220 38.56 -12.98 14.75
CA GLY C 1220 39.50 -13.65 15.62
C GLY C 1220 39.24 -15.14 15.66
N THR C 1221 40.10 -15.83 16.39
CA THR C 1221 40.00 -17.28 16.55
C THR C 1221 38.88 -17.60 17.54
N HIS C 1222 37.82 -18.24 17.05
CA HIS C 1222 36.64 -18.48 17.85
C HIS C 1222 36.90 -19.49 18.95
N LEU C 1223 36.44 -19.18 20.16
CA LEU C 1223 36.57 -20.08 21.30
C LEU C 1223 35.24 -20.65 21.75
N PHE C 1224 34.28 -19.80 22.12
CA PHE C 1224 32.93 -20.24 22.43
C PHE C 1224 31.98 -19.06 22.33
N SER C 1225 30.70 -19.35 22.20
CA SER C 1225 29.67 -18.31 22.09
C SER C 1225 28.54 -18.60 23.06
N LEU C 1226 27.89 -17.53 23.50
CA LEU C 1226 26.69 -17.60 24.32
C LEU C 1226 25.62 -16.72 23.69
N ALA C 1227 24.37 -16.93 24.10
CA ALA C 1227 23.26 -16.19 23.53
C ALA C 1227 22.34 -15.71 24.63
N ASN C 1228 21.62 -14.62 24.34
CA ASN C 1228 20.59 -14.10 25.23
C ASN C 1228 19.43 -13.60 24.38
N ALA C 1229 18.25 -13.55 24.99
CA ALA C 1229 17.07 -13.07 24.30
C ALA C 1229 17.07 -11.55 24.18
N ALA C 1230 16.62 -11.06 23.04
CA ALA C 1230 16.47 -9.65 22.76
C ALA C 1230 15.09 -9.45 22.16
N PRO C 1231 14.60 -8.21 22.12
CA PRO C 1231 13.31 -7.96 21.45
C PRO C 1231 13.31 -8.39 20.00
N ASN C 1232 12.42 -9.33 19.66
CA ASN C 1232 12.20 -9.89 18.33
C ASN C 1232 13.36 -10.74 17.83
N GLY C 1233 14.34 -11.04 18.67
CA GLY C 1233 15.48 -11.80 18.24
C GLY C 1233 16.37 -12.24 19.38
N MET C 1234 17.68 -12.28 19.15
CA MET C 1234 18.63 -12.72 20.16
C MET C 1234 19.95 -11.98 19.94
N ILE C 1235 20.78 -11.99 20.98
CA ILE C 1235 22.11 -11.40 20.94
C ILE C 1235 23.14 -12.50 21.21
N PHE C 1236 24.24 -12.48 20.46
CA PHE C 1236 25.30 -13.45 20.60
C PHE C 1236 26.52 -12.79 21.23
N PHE C 1237 27.18 -13.49 22.15
CA PHE C 1237 28.44 -13.05 22.73
C PHE C 1237 29.55 -13.97 22.22
N HIS C 1238 30.31 -13.47 21.25
CA HIS C 1238 31.37 -14.25 20.62
C HIS C 1238 32.68 -14.02 21.35
N THR C 1239 33.21 -15.06 21.98
CA THR C 1239 34.48 -15.00 22.68
C THR C 1239 35.57 -15.54 21.77
N VAL C 1240 36.55 -14.69 21.45
CA VAL C 1240 37.60 -15.02 20.51
C VAL C 1240 38.95 -14.78 21.17
N LEU C 1241 39.98 -15.43 20.61
CA LEU C 1241 41.35 -15.25 21.06
C LEU C 1241 41.98 -14.08 20.34
N LEU C 1242 42.69 -13.25 21.10
CA LEU C 1242 43.33 -12.05 20.55
C LEU C 1242 44.83 -12.12 20.82
N PRO C 1243 45.68 -12.27 19.81
CA PRO C 1243 47.11 -12.42 20.05
C PRO C 1243 47.79 -11.08 20.30
N THR C 1244 48.76 -11.08 21.21
CA THR C 1244 49.52 -9.89 21.53
C THR C 1244 50.99 -9.98 21.16
N ALA C 1245 51.49 -11.15 20.75
CA ALA C 1245 52.88 -11.32 20.39
C ALA C 1245 52.98 -12.41 19.33
N TYR C 1246 54.14 -12.46 18.68
CA TYR C 1246 54.43 -13.48 17.68
C TYR C 1246 55.72 -14.19 18.04
N GLU C 1247 55.80 -15.46 17.64
CA GLU C 1247 57.00 -16.28 17.84
C GLU C 1247 57.61 -16.56 16.47
N THR C 1248 58.91 -16.31 16.34
CA THR C 1248 59.61 -16.48 15.08
C THR C 1248 60.42 -17.76 15.11
N VAL C 1249 60.22 -18.63 14.12
CA VAL C 1249 60.95 -19.88 13.98
C VAL C 1249 61.42 -20.01 12.54
N THR C 1250 62.45 -20.84 12.34
CA THR C 1250 62.96 -21.14 11.02
C THR C 1250 62.30 -22.42 10.53
N ALA C 1251 61.46 -22.32 9.53
CA ALA C 1251 60.63 -23.43 9.08
C ALA C 1251 61.26 -24.13 7.89
N TRP C 1252 60.88 -25.40 7.72
CA TRP C 1252 61.38 -26.25 6.64
C TRP C 1252 60.21 -26.91 5.95
N SER C 1253 60.30 -27.02 4.62
CA SER C 1253 59.25 -27.65 3.84
C SER C 1253 59.37 -29.17 3.80
N GLY C 1254 60.44 -29.73 4.34
CA GLY C 1254 60.65 -31.17 4.30
C GLY C 1254 62.05 -31.49 4.73
N ILE C 1255 62.40 -32.77 4.59
CA ILE C 1255 63.73 -33.27 4.95
C ILE C 1255 64.26 -34.11 3.79
N CYS C 1256 65.51 -33.86 3.43
CA CYS C 1256 66.23 -34.70 2.47
C CYS C 1256 67.20 -35.58 3.26
N ALA C 1257 66.89 -36.87 3.36
CA ALA C 1257 67.65 -37.79 4.19
C ALA C 1257 68.58 -38.63 3.32
N SER C 1258 69.86 -38.61 3.64
CA SER C 1258 70.88 -39.35 2.91
C SER C 1258 71.22 -40.63 3.67
N ASP C 1259 71.09 -41.76 3.00
CA ASP C 1259 71.39 -43.05 3.61
C ASP C 1259 71.65 -44.12 2.55
N HIS C 1262 71.56 -43.79 -1.33
CA HIS C 1262 70.11 -43.79 -1.25
C HIS C 1262 69.61 -42.56 -0.50
N THR C 1263 69.10 -41.58 -1.25
CA THR C 1263 68.54 -40.37 -0.68
C THR C 1263 67.05 -40.29 -1.01
N PHE C 1264 66.26 -39.96 0.00
CA PHE C 1264 64.80 -39.83 -0.15
C PHE C 1264 64.35 -38.56 0.56
N GLY C 1265 63.04 -38.29 0.48
CA GLY C 1265 62.46 -37.12 1.11
C GLY C 1265 61.40 -37.51 2.12
N LEU C 1266 61.29 -36.70 3.16
CA LEU C 1266 60.23 -36.82 4.16
C LEU C 1266 59.46 -35.52 4.20
N VAL C 1267 58.13 -35.60 4.09
CA VAL C 1267 57.27 -34.43 4.16
C VAL C 1267 56.22 -34.66 5.24
N VAL C 1268 55.82 -33.57 5.90
CA VAL C 1268 54.88 -33.65 7.00
C VAL C 1268 53.52 -34.11 6.49
N LYS C 1269 52.97 -35.13 7.15
CA LYS C 1269 51.70 -35.72 6.70
C LYS C 1269 50.54 -34.75 6.86
N ASP C 1270 50.47 -34.06 8.01
CA ASP C 1270 49.42 -33.08 8.26
C ASP C 1270 49.91 -31.71 7.81
N VAL C 1271 49.25 -31.15 6.80
CA VAL C 1271 49.73 -29.91 6.18
C VAL C 1271 49.40 -28.67 6.99
N GLN C 1272 48.76 -28.81 8.14
CA GLN C 1272 48.48 -27.69 9.02
C GLN C 1272 49.57 -27.45 10.05
N LEU C 1273 50.66 -28.22 10.00
CA LEU C 1273 51.73 -28.16 10.99
C LEU C 1273 52.99 -27.61 10.34
N THR C 1274 53.71 -26.79 11.10
CA THR C 1274 54.98 -26.21 10.66
C THR C 1274 56.14 -26.96 11.31
N LEU C 1275 57.11 -27.37 10.50
CA LEU C 1275 58.26 -28.12 10.97
C LEU C 1275 59.44 -27.17 11.15
N PHE C 1276 59.97 -27.10 12.37
CA PHE C 1276 61.11 -26.26 12.68
C PHE C 1276 62.08 -27.04 13.56
N ARG C 1277 63.21 -26.41 13.85
CA ARG C 1277 64.29 -27.04 14.60
C ARG C 1277 64.66 -26.17 15.79
N ASN C 1278 64.86 -26.80 16.94
CA ASN C 1278 65.21 -26.08 18.16
C ASN C 1278 66.72 -25.84 18.21
N LEU C 1279 67.19 -25.32 19.34
CA LEU C 1279 68.63 -25.06 19.48
C LEU C 1279 69.44 -26.34 19.56
N ASP C 1280 68.88 -27.41 20.12
CA ASP C 1280 69.55 -28.69 20.24
C ASP C 1280 69.46 -29.53 18.97
N ASP C 1281 69.12 -28.90 17.83
CA ASP C 1281 69.05 -29.57 16.54
C ASP C 1281 68.08 -30.75 16.56
N LYS C 1282 66.94 -30.56 17.21
CA LYS C 1282 65.88 -31.56 17.27
C LYS C 1282 64.64 -31.00 16.60
N PHE C 1283 64.04 -31.79 15.70
CA PHE C 1283 62.90 -31.32 14.93
C PHE C 1283 61.65 -31.25 15.80
N TYR C 1284 60.86 -30.21 15.61
CA TYR C 1284 59.62 -29.99 16.33
C TYR C 1284 58.52 -29.64 15.35
N LEU C 1285 57.28 -29.83 15.78
CA LEU C 1285 56.10 -29.48 15.00
C LEU C 1285 55.20 -28.56 15.80
N THR C 1286 54.64 -27.56 15.14
CA THR C 1286 53.66 -26.69 15.79
C THR C 1286 52.53 -26.36 14.83
N PRO C 1287 51.32 -26.19 15.33
CA PRO C 1287 50.25 -25.61 14.52
C PRO C 1287 50.46 -24.12 14.33
N ARG C 1288 49.76 -23.56 13.35
CA ARG C 1288 49.89 -22.14 13.04
C ARG C 1288 48.82 -21.28 13.69
N THR C 1289 47.78 -21.88 14.28
CA THR C 1289 46.79 -21.12 15.01
C THR C 1289 47.35 -20.62 16.33
N MET C 1290 48.04 -21.50 17.07
CA MET C 1290 48.71 -21.14 18.31
C MET C 1290 50.08 -21.80 18.31
N TYR C 1291 51.00 -21.23 19.10
CA TYR C 1291 52.35 -21.77 19.22
C TYR C 1291 52.36 -22.83 20.31
N GLN C 1292 52.19 -24.09 19.92
CA GLN C 1292 52.15 -25.23 20.84
C GLN C 1292 53.11 -26.30 20.33
N PRO C 1293 54.41 -26.12 20.53
CA PRO C 1293 55.38 -27.05 19.91
C PRO C 1293 55.37 -28.43 20.54
N ARG C 1294 55.63 -29.43 19.70
CA ARG C 1294 55.69 -30.82 20.13
C ARG C 1294 56.73 -31.55 19.30
N VAL C 1295 57.29 -32.61 19.89
CA VAL C 1295 58.38 -33.35 19.26
C VAL C 1295 57.85 -34.12 18.06
N ALA C 1296 58.56 -34.05 16.94
CA ALA C 1296 58.17 -34.76 15.73
C ALA C 1296 58.71 -36.18 15.75
N THR C 1297 57.84 -37.15 15.44
CA THR C 1297 58.20 -38.55 15.36
C THR C 1297 58.09 -39.03 13.93
N ILE C 1298 58.43 -40.30 13.71
CA ILE C 1298 58.47 -40.85 12.36
C ILE C 1298 57.08 -41.09 11.79
N SER C 1299 56.05 -41.15 12.63
CA SER C 1299 54.68 -41.35 12.17
C SER C 1299 54.04 -40.06 11.68
N ASP C 1300 54.73 -38.94 11.78
CA ASP C 1300 54.24 -37.65 11.29
C ASP C 1300 54.62 -37.38 9.84
N PHE C 1301 55.42 -38.24 9.22
CA PHE C 1301 56.04 -37.95 7.94
C PHE C 1301 55.60 -38.95 6.87
N VAL C 1302 55.74 -38.53 5.62
CA VAL C 1302 55.47 -39.36 4.45
C VAL C 1302 56.72 -39.41 3.60
N GLN C 1303 57.11 -40.62 3.18
CA GLN C 1303 58.33 -40.80 2.41
C GLN C 1303 58.03 -40.69 0.92
N ILE C 1304 58.79 -39.85 0.23
CA ILE C 1304 58.63 -39.63 -1.20
C ILE C 1304 59.99 -39.86 -1.87
N GLU C 1305 59.95 -40.03 -3.20
CA GLU C 1305 61.15 -40.40 -3.94
C GLU C 1305 62.11 -39.23 -4.06
N GLY C 1306 61.61 -38.05 -4.38
CA GLY C 1306 62.47 -36.92 -4.72
C GLY C 1306 62.55 -35.86 -3.64
N CYS C 1307 63.72 -35.21 -3.56
CA CYS C 1307 63.95 -34.11 -2.65
C CYS C 1307 63.65 -32.78 -3.33
N ASP C 1308 63.94 -31.69 -2.63
CA ASP C 1308 63.71 -30.35 -3.14
C ASP C 1308 64.83 -29.44 -2.66
N VAL C 1309 64.96 -28.30 -3.33
CA VAL C 1309 66.00 -27.33 -2.96
C VAL C 1309 65.74 -26.77 -1.57
N LEU C 1310 64.48 -26.46 -1.26
CA LEU C 1310 64.11 -25.83 0.00
C LEU C 1310 64.01 -26.80 1.16
N PHE C 1311 64.42 -28.06 0.98
CA PHE C 1311 64.43 -29.00 2.09
C PHE C 1311 65.67 -28.80 2.95
N VAL C 1312 65.70 -29.48 4.09
CA VAL C 1312 66.85 -29.43 4.99
C VAL C 1312 67.61 -30.74 4.88
N ASN C 1313 68.92 -30.65 4.68
CA ASN C 1313 69.75 -31.84 4.59
C ASN C 1313 69.94 -32.46 5.96
N ALA C 1314 69.87 -33.79 6.01
CA ALA C 1314 70.09 -34.50 7.26
C ALA C 1314 70.49 -35.93 6.95
N THR C 1315 71.13 -36.56 7.92
CA THR C 1315 71.53 -37.96 7.84
C THR C 1315 70.56 -38.81 8.66
N VAL C 1316 70.70 -40.13 8.53
CA VAL C 1316 69.81 -41.04 9.25
C VAL C 1316 69.99 -40.91 10.75
N ILE C 1317 71.15 -40.42 11.21
CA ILE C 1317 71.37 -40.25 12.64
C ILE C 1317 70.52 -39.11 13.19
N GLU C 1318 70.45 -38.01 12.45
CA GLU C 1318 69.74 -36.81 12.89
C GLU C 1318 68.27 -36.82 12.50
N LEU C 1319 67.69 -37.98 12.23
CA LEU C 1319 66.31 -38.09 11.80
C LEU C 1319 65.38 -38.34 12.99
N PRO C 1320 64.09 -37.99 12.87
CA PRO C 1320 63.15 -38.23 13.97
C PRO C 1320 63.07 -39.69 14.37
N GLY C 1321 62.93 -39.96 15.66
CA GLY C 1321 62.86 -41.31 16.17
C GLY C 1321 61.61 -42.06 15.74
C1 NAG D . -30.95 -15.70 -35.33
C2 NAG D . -30.20 -14.84 -36.35
C3 NAG D . -31.13 -14.49 -37.51
C4 NAG D . -31.80 -15.72 -38.08
C5 NAG D . -32.47 -16.50 -36.94
C6 NAG D . -33.11 -17.79 -37.38
C7 NAG D . -28.60 -12.99 -36.08
C8 NAG D . -28.30 -11.75 -35.29
N2 NAG D . -29.72 -13.64 -35.73
O3 NAG D . -30.38 -13.81 -38.48
O4 NAG D . -32.74 -15.26 -39.02
O5 NAG D . -31.49 -16.82 -35.98
O6 NAG D . -32.11 -18.72 -37.70
O7 NAG D . -27.85 -13.37 -36.98
C1 NAG D . -32.35 -15.69 -40.33
C2 NAG D . -33.62 -15.81 -41.18
C3 NAG D . -33.24 -16.20 -42.61
C4 NAG D . -32.21 -15.25 -43.16
C5 NAG D . -31.01 -15.16 -42.21
C6 NAG D . -29.94 -14.20 -42.65
C7 NAG D . -35.59 -16.42 -39.85
C8 NAG D . -36.41 -17.57 -39.33
N2 NAG D . -34.52 -16.76 -40.60
O3 NAG D . -34.43 -16.20 -43.37
O4 NAG D . -31.82 -15.73 -44.43
O5 NAG D . -31.47 -14.77 -40.93
O6 NAG D . -30.45 -12.89 -42.68
O7 NAG D . -35.91 -15.26 -39.61
C1 NAG E . 58.98 -5.87 -15.59
C2 NAG E . 58.04 -5.31 -16.66
C3 NAG E . 58.65 -5.50 -18.05
C4 NAG E . 60.08 -4.97 -18.10
C5 NAG E . 60.88 -5.60 -16.96
C6 NAG E . 62.31 -5.13 -16.87
C7 NAG E . 55.61 -5.35 -16.16
C8 NAG E . 55.73 -3.92 -15.70
N2 NAG E . 56.74 -5.93 -16.61
O3 NAG E . 57.81 -4.87 -18.98
O4 NAG E . 60.59 -5.31 -19.37
O5 NAG E . 60.25 -5.30 -15.74
O6 NAG E . 62.78 -5.28 -15.55
O7 NAG E . 54.54 -5.93 -16.14
C1 NAG E . 61.09 -4.13 -20.04
C2 NAG E . 62.00 -4.59 -21.18
C3 NAG E . 62.53 -3.37 -21.92
C4 NAG E . 61.39 -2.46 -22.37
C5 NAG E . 60.50 -2.14 -21.16
C6 NAG E . 59.30 -1.29 -21.51
C7 NAG E . 63.21 -6.72 -20.93
C8 NAG E . 64.41 -7.36 -20.29
N2 NAG E . 63.07 -5.40 -20.67
O3 NAG E . 63.29 -3.82 -23.01
O4 NAG E . 61.97 -1.31 -22.91
O5 NAG E . 60.05 -3.35 -20.58
O6 NAG E . 58.51 -1.10 -20.36
O7 NAG E . 62.43 -7.35 -21.61
C1 NAG F . -11.51 32.42 -54.99
C2 NAG F . -11.28 33.21 -56.29
C3 NAG F . -12.58 33.34 -57.07
C4 NAG F . -13.30 32.01 -57.23
C5 NAG F . -13.38 31.29 -55.88
C6 NAG F . -13.99 29.91 -55.97
C7 NAG F . -9.48 34.91 -56.22
C8 NAG F . -9.19 36.34 -55.82
N2 NAG F . -10.75 34.51 -55.98
O3 NAG F . -12.27 33.91 -58.31
O4 NAG F . -14.58 32.29 -57.73
O5 NAG F . -12.08 31.18 -55.33
O6 NAG F . -13.89 29.27 -54.72
O7 NAG F . -8.63 34.19 -56.72
C1 NAG F . -14.71 31.81 -59.08
C2 NAG F . -16.20 31.68 -59.40
C3 NAG F . -16.38 31.22 -60.84
C4 NAG F . -15.62 32.15 -61.79
C5 NAG F . -14.16 32.24 -61.34
C6 NAG F . -13.31 33.16 -62.18
C7 NAG F . -17.62 31.16 -57.46
C8 NAG F . -18.19 30.04 -56.63
N2 NAG F . -16.84 30.77 -58.49
O3 NAG F . -17.75 31.20 -61.13
O4 NAG F . -15.73 31.60 -63.09
O5 NAG F . -14.12 32.70 -60.00
O6 NAG F . -13.85 34.47 -62.17
O7 NAG F . -17.85 32.33 -57.20
C1 NAG G . 19.69 17.59 -67.63
C2 NAG G . 19.47 19.10 -67.80
C3 NAG G . 18.11 19.31 -68.48
C4 NAG G . 18.03 18.51 -69.79
C5 NAG G . 18.42 17.04 -69.51
C6 NAG G . 18.46 16.15 -70.73
C7 NAG G . 20.58 20.44 -66.06
C8 NAG G . 20.40 21.06 -64.69
N2 NAG G . 19.52 19.77 -66.53
O3 NAG G . 17.96 20.69 -68.65
O4 NAG G . 16.71 18.55 -70.28
O5 NAG G . 19.69 17.01 -68.91
O6 NAG G . 19.55 16.51 -71.54
O7 NAG G . 21.63 20.56 -66.68
C1 NAG G . 16.53 19.67 -71.18
C2 NAG G . 16.30 19.16 -72.61
C3 NAG G . 16.05 20.35 -73.53
C4 NAG G . 14.94 21.25 -72.99
C5 NAG G . 15.24 21.61 -71.53
C6 NAG G . 14.15 22.43 -70.87
C7 NAG G . 17.34 17.21 -73.74
C8 NAG G . 15.94 16.67 -73.96
N2 NAG G . 17.42 18.39 -73.09
O3 NAG G . 15.74 19.86 -74.81
O4 NAG G . 14.89 22.38 -73.80
O5 NAG G . 15.42 20.43 -70.78
O6 NAG G . 14.39 22.50 -69.49
O7 NAG G . 18.32 16.60 -74.13
C1 NAG H . 19.25 33.85 -52.47
C2 NAG H . 19.26 34.11 -53.99
C3 NAG H . 20.56 34.78 -54.41
C4 NAG H . 20.89 35.97 -53.51
C5 NAG H . 20.84 35.52 -52.05
C6 NAG H . 21.16 36.60 -51.04
C7 NAG H . 18.40 32.72 -55.83
C8 NAG H . 18.37 31.32 -56.39
N2 NAG H . 19.11 32.87 -54.70
O3 NAG H . 20.42 35.18 -55.75
O4 NAG H . 22.18 36.41 -53.87
O5 NAG H . 19.54 35.03 -51.78
O6 NAG H . 20.26 37.67 -51.20
O7 NAG H . 17.81 33.64 -56.37
C1 NAG H . 22.10 37.75 -54.39
C2 NAG H . 23.42 38.45 -54.09
C3 NAG H . 23.41 39.86 -54.68
C4 NAG H . 23.04 39.82 -56.16
C5 NAG H . 21.73 39.05 -56.33
C6 NAG H . 21.27 38.92 -57.76
C7 NAG H . 24.59 37.74 -52.04
C8 NAG H . 24.67 37.95 -50.55
N2 NAG H . 23.66 38.50 -52.67
O3 NAG H . 24.68 40.42 -54.47
O4 NAG H . 22.94 41.15 -56.60
O5 NAG H . 21.88 37.75 -55.78
O6 NAG H . 22.18 38.12 -58.48
O7 NAG H . 25.30 36.94 -52.62
C1 NAG I . 42.50 -16.44 -24.88
C2 NAG I . 43.83 -15.76 -25.23
C3 NAG I . 44.51 -16.48 -26.39
C4 NAG I . 44.59 -17.98 -26.15
C5 NAG I . 43.18 -18.48 -25.83
C6 NAG I . 43.12 -19.97 -25.56
C7 NAG I . 44.22 -13.36 -24.88
C8 NAG I . 43.84 -11.98 -25.38
N2 NAG I . 43.62 -14.38 -25.53
O3 NAG I . 45.79 -15.92 -26.56
O4 NAG I . 45.08 -18.55 -27.34
O5 NAG I . 42.70 -17.81 -24.69
O6 NAG I . 41.77 -20.34 -25.32
O7 NAG I . 45.00 -13.51 -23.95
C1 NAG I . 46.32 -19.21 -27.09
C2 NAG I . 46.47 -20.35 -28.12
C3 NAG I . 47.80 -21.06 -27.91
C4 NAG I . 48.94 -20.05 -27.97
C5 NAG I . 48.67 -18.92 -26.96
C6 NAG I . 49.72 -17.85 -26.97
C7 NAG I . 44.31 -21.29 -28.82
C8 NAG I . 43.29 -22.34 -28.52
N2 NAG I . 45.38 -21.27 -28.00
O3 NAG I . 47.92 -22.04 -28.90
O4 NAG I . 50.13 -20.73 -27.67
O5 NAG I . 47.42 -18.33 -27.25
O6 NAG I . 49.29 -16.77 -26.18
O7 NAG I . 44.18 -20.51 -29.75
C1 NAG J . 31.50 -27.36 -14.03
C2 NAG J . 30.56 -27.33 -15.24
C3 NAG J . 30.72 -28.63 -16.02
C4 NAG J . 32.17 -28.87 -16.41
C5 NAG J . 33.02 -28.84 -15.15
C6 NAG J . 34.50 -28.94 -15.41
C7 NAG J . 28.40 -26.15 -15.02
C8 NAG J . 27.07 -26.19 -14.37
N2 NAG J . 29.19 -27.20 -14.82
O3 NAG J . 29.90 -28.59 -17.17
O4 NAG J . 32.28 -30.15 -16.99
O5 NAG J . 32.82 -27.61 -14.44
O6 NAG J . 35.14 -29.40 -14.23
O7 NAG J . 28.75 -25.21 -15.72
C1 NAG J . 32.88 -30.31 -18.24
C2 NAG J . 33.21 -31.79 -18.45
C3 NAG J . 33.64 -32.00 -19.89
C4 NAG J . 32.57 -31.50 -20.85
C5 NAG J . 32.29 -30.04 -20.55
C6 NAG J . 31.14 -29.48 -21.35
C7 NAG J . 34.18 -32.74 -16.40
C8 NAG J . 35.46 -33.02 -15.67
N2 NAG J . 34.31 -32.23 -17.62
O3 NAG J . 33.89 -33.38 -20.10
O4 NAG J . 33.14 -31.61 -22.15
O5 NAG J . 31.91 -29.88 -19.17
O6 NAG J . 30.01 -30.30 -21.24
O7 NAG J . 33.09 -32.95 -15.89
C1 BMA J . 32.44 -32.13 -23.22
C2 BMA J . 33.02 -31.43 -24.41
C3 BMA J . 32.37 -31.94 -25.66
C4 BMA J . 32.57 -33.44 -25.77
C5 BMA J . 31.98 -34.09 -24.53
C6 BMA J . 32.20 -35.58 -24.48
O2 BMA J . 34.43 -31.64 -24.45
O3 BMA J . 32.95 -31.27 -26.79
O4 BMA J . 31.88 -33.91 -26.92
O5 BMA J . 32.61 -33.54 -23.36
O6 BMA J . 33.52 -35.94 -24.90
C1 MAN J . 32.47 -29.97 -26.87
C2 MAN J . 30.97 -30.02 -26.94
C3 MAN J . 30.51 -30.55 -28.29
C4 MAN J . 31.14 -29.76 -29.41
C5 MAN J . 32.66 -29.72 -29.26
C6 MAN J . 33.30 -28.78 -30.26
O2 MAN J . 30.42 -28.73 -26.65
O3 MAN J . 29.09 -30.48 -28.37
O4 MAN J . 30.82 -30.35 -30.66
O5 MAN J . 33.03 -29.23 -27.96
O6 MAN J . 32.44 -27.69 -30.56
C1 MAN J . 33.52 -36.97 -25.86
C2 MAN J . 34.21 -38.17 -25.26
C3 MAN J . 35.66 -37.85 -24.96
C4 MAN J . 36.34 -37.38 -26.23
C5 MAN J . 35.58 -36.19 -26.80
C6 MAN J . 36.13 -35.69 -28.11
O2 MAN J . 34.09 -39.28 -26.15
O3 MAN J . 36.31 -39.00 -24.44
O4 MAN J . 37.70 -37.01 -25.97
O5 MAN J . 34.21 -36.55 -27.03
O6 MAN J . 35.39 -34.56 -28.56
C1 NAG K . 48.22 -37.00 -18.66
C2 NAG K . 47.88 -38.40 -19.21
C3 NAG K . 49.17 -39.14 -19.58
C4 NAG K . 50.10 -38.29 -20.45
C5 NAG K . 50.28 -36.91 -19.81
C6 NAG K . 51.10 -35.96 -20.65
C7 NAG K . 46.08 -39.93 -18.48
C8 NAG K . 45.59 -39.96 -19.91
N2 NAG K . 47.16 -39.18 -18.24
O3 NAG K . 48.82 -40.34 -20.22
O4 NAG K . 51.33 -38.97 -20.52
O5 NAG K . 49.02 -36.33 -19.60
O6 NAG K . 50.42 -35.72 -21.85
O7 NAG K . 45.51 -40.58 -17.61
C1 NAG K . 51.55 -39.43 -21.88
C2 NAG K . 53.07 -39.58 -22.09
C3 NAG K . 53.33 -40.14 -23.49
C4 NAG K . 52.53 -41.41 -23.72
C5 NAG K . 51.05 -41.15 -23.41
C6 NAG K . 50.17 -42.37 -23.57
C7 NAG K . 54.72 -38.13 -20.99
C8 NAG K . 55.30 -36.74 -20.97
N2 NAG K . 53.75 -38.34 -21.91
O3 NAG K . 54.71 -40.38 -23.61
O4 NAG K . 52.73 -41.79 -25.07
O5 NAG K . 50.95 -40.68 -22.09
O6 NAG K . 50.56 -43.35 -22.63
O7 NAG K . 55.11 -39.00 -20.23
C1 NAG L . -35.50 35.85 -32.29
C2 NAG L . -35.17 36.80 -33.45
C3 NAG L . -35.65 38.23 -33.14
C4 NAG L . -37.04 38.29 -32.54
C5 NAG L . -37.18 37.24 -31.42
C6 NAG L . -38.55 37.14 -30.80
C7 NAG L . -33.16 36.41 -34.84
C8 NAG L . -34.08 35.96 -35.94
N2 NAG L . -33.75 36.79 -33.70
O3 NAG L . -35.59 38.95 -34.34
O4 NAG L . -37.17 39.61 -32.05
O5 NAG L . -36.85 35.98 -31.95
O6 NAG L . -39.44 36.62 -31.75
O7 NAG L . -31.95 36.42 -34.99
C1 NAG L . -38.41 40.22 -32.50
C2 NAG L . -38.75 41.33 -31.50
C3 NAG L . -40.02 42.06 -31.95
C4 NAG L . -39.86 42.54 -33.38
C5 NAG L . -39.48 41.36 -34.27
C6 NAG L . -39.28 41.75 -35.72
C7 NAG L . -38.08 41.10 -29.15
C8 NAG L . -38.43 40.44 -27.84
N2 NAG L . -38.91 40.81 -30.18
O3 NAG L . -40.23 43.13 -31.06
O4 NAG L . -41.09 43.12 -33.77
O5 NAG L . -38.28 40.78 -33.79
O6 NAG L . -39.11 40.60 -36.51
O7 NAG L . -37.11 41.83 -29.26
C1 NAG M . -3.63 21.87 -34.75
C2 NAG M . -3.25 20.71 -35.65
C3 NAG M . -4.28 20.55 -36.77
C4 NAG M . -5.68 20.45 -36.20
C5 NAG M . -5.95 21.64 -35.28
C6 NAG M . -7.28 21.54 -34.57
C7 NAG M . -0.87 20.31 -36.10
C8 NAG M . -0.86 19.35 -34.96
N2 NAG M . -1.98 21.02 -36.26
O3 NAG M . -3.95 19.39 -37.51
O4 NAG M . -6.62 20.52 -37.27
O5 NAG M . -4.95 21.75 -34.26
O6 NAG M . -7.34 22.51 -33.53
O7 NAG M . 0.09 20.44 -36.85
C1 NAG M . -7.24 19.35 -37.68
C2 NAG M . -8.44 19.76 -38.54
C3 NAG M . -9.04 18.55 -39.21
C4 NAG M . -7.99 17.77 -39.99
C5 NAG M . -6.82 17.44 -39.07
C6 NAG M . -5.66 16.80 -39.82
C7 NAG M . -9.90 21.64 -37.97
C8 NAG M . -9.42 22.29 -39.24
N2 NAG M . -9.43 20.42 -37.72
O3 NAG M . -10.07 19.01 -40.08
O4 NAG M . -8.55 16.52 -40.37
O5 NAG M . -6.30 18.62 -38.44
O6 NAG M . -5.03 17.73 -40.69
O7 NAG M . -10.69 22.20 -37.22
C1 BMA M . -9.08 16.38 -41.65
C2 BMA M . -8.96 14.92 -42.00
C3 BMA M . -9.62 14.64 -43.33
C4 BMA M . -11.06 15.09 -43.27
C5 BMA M . -11.13 16.55 -42.89
C6 BMA M . -12.56 17.03 -42.73
O2 BMA M . -9.50 14.11 -40.96
O3 BMA M . -9.52 13.26 -43.64
O4 BMA M . -11.70 14.94 -44.53
O5 BMA M . -10.46 16.75 -41.64
O6 BMA M . -13.41 15.91 -42.72
C1 MAN M . -9.28 13.05 -44.99
C2 MAN M . -9.52 11.67 -45.53
C3 MAN M . -8.31 10.79 -45.26
C4 MAN M . -7.05 11.44 -45.82
C5 MAN M . -6.89 12.85 -45.27
C6 MAN M . -5.74 13.62 -45.88
O2 MAN M . -9.83 11.74 -46.92
O3 MAN M . -8.50 9.50 -45.85
O4 MAN M . -5.91 10.66 -45.53
O5 MAN M . -8.09 13.63 -45.51
O6 MAN M . -6.17 14.57 -46.85
C1 MAN M . -14.77 16.14 -43.01
C2 MAN M . -15.43 16.65 -41.74
C3 MAN M . -15.21 15.67 -40.61
C4 MAN M . -15.76 14.32 -41.02
C5 MAN M . -15.07 13.87 -42.30
C6 MAN M . -15.59 12.55 -42.83
O2 MAN M . -16.82 16.86 -41.97
O3 MAN M . -15.84 16.15 -39.43
O4 MAN M . -15.48 13.36 -40.00
O5 MAN M . -15.30 14.86 -43.34
O6 MAN M . -14.69 11.50 -42.48
C1 NAG N . 39.45 -53.37 -13.81
C2 NAG N . 38.74 -54.73 -13.84
C3 NAG N . 39.69 -55.83 -14.27
C4 NAG N . 40.49 -55.44 -15.51
C5 NAG N . 41.12 -54.06 -15.29
C6 NAG N . 41.97 -53.56 -16.44
C7 NAG N . 36.90 -55.07 -12.22
C8 NAG N . 36.61 -55.39 -10.77
N2 NAG N . 38.21 -55.02 -12.54
O3 NAG N . 38.93 -56.99 -14.49
O4 NAG N . 41.46 -56.44 -15.71
O5 NAG N . 40.08 -53.14 -15.04
O6 NAG N . 42.54 -52.32 -16.09
O7 NAG N . 36.01 -54.86 -13.02
C1 NAG N . 41.29 -57.03 -17.02
C2 NAG N . 42.49 -57.94 -17.30
C3 NAG N . 42.32 -58.59 -18.67
C4 NAG N . 40.96 -59.28 -18.78
C5 NAG N . 39.85 -58.28 -18.39
C6 NAG N . 38.45 -58.85 -18.44
C7 NAG N . 44.72 -57.39 -16.38
C8 NAG N . 45.91 -56.49 -16.55
N2 NAG N . 43.72 -57.19 -17.27
O3 NAG N . 43.37 -59.49 -18.85
O4 NAG N . 40.81 -59.72 -20.11
O5 NAG N . 40.11 -57.80 -17.08
O6 NAG N . 38.35 -59.96 -17.57
O7 NAG N . 44.67 -58.23 -15.49
C1 NAG O . -25.29 15.77 34.69
C2 NAG O . -26.35 14.89 34.04
C3 NAG O . -27.73 15.36 34.50
C4 NAG O . -27.83 15.43 36.01
C5 NAG O . -26.65 16.23 36.57
C6 NAG O . -26.56 16.25 38.07
C7 NAG O . -26.32 13.90 31.78
C8 NAG O . -26.50 12.56 32.45
N2 NAG O . -26.26 14.95 32.61
O3 NAG O . -28.69 14.49 33.97
O4 NAG O . -29.06 16.07 36.29
O5 NAG O . -25.45 15.67 36.08
O6 NAG O . -25.36 16.88 38.46
O7 NAG O . -26.25 13.99 30.56
C1 NAG O . -29.86 15.25 37.18
C2 NAG O . -30.62 16.19 38.13
C3 NAG O . -31.49 15.36 39.06
C4 NAG O . -32.39 14.41 38.27
C5 NAG O . -31.54 13.60 37.29
C6 NAG O . -32.34 12.67 36.42
C7 NAG O . -29.58 18.34 38.69
C8 NAG O . -28.57 19.01 39.60
N2 NAG O . -29.72 17.02 38.88
O3 NAG O . -32.24 16.25 39.85
O4 NAG O . -33.05 13.59 39.20
O5 NAG O . -30.80 14.48 36.47
O6 NAG O . -31.49 12.01 35.50
O7 NAG O . -30.21 18.98 37.86
C1 NAG P . 11.24 -55.60 -9.21
C2 NAG P . 9.85 -55.12 -8.75
C3 NAG P . 9.09 -56.31 -8.15
C4 NAG P . 9.03 -57.45 -9.14
C5 NAG P . 10.46 -57.79 -9.58
C6 NAG P . 10.55 -58.90 -10.61
C7 NAG P . 9.68 -52.76 -8.09
C8 NAG P . 9.87 -51.80 -6.94
N2 NAG P . 9.97 -54.05 -7.81
O3 NAG P . 7.82 -55.85 -7.78
O4 NAG P . 8.39 -58.53 -8.50
O5 NAG P . 11.06 -56.64 -10.14
O6 NAG P . 11.88 -59.05 -11.03
O7 NAG P . 9.30 -52.38 -9.18
C1 NAG P . 7.22 -58.90 -9.24
C2 NAG P . 6.97 -60.41 -9.03
C3 NAG P . 5.68 -60.82 -9.75
C4 NAG P . 4.53 -59.94 -9.31
C5 NAG P . 4.91 -58.47 -9.53
C6 NAG P . 3.82 -57.49 -9.15
C7 NAG P . 8.88 -61.94 -8.75
C8 NAG P . 9.97 -62.67 -9.48
N2 NAG P . 8.07 -61.18 -9.52
O3 NAG P . 5.45 -62.17 -9.47
O4 NAG P . 3.40 -60.30 -10.08
O5 NAG P . 6.08 -58.19 -8.80
O6 NAG P . 2.72 -57.66 -10.01
O7 NAG P . 8.73 -62.05 -7.53
C1 NAG Q . -43.35 -51.73 -23.29
C2 NAG Q . -41.82 -51.81 -23.25
C3 NAG Q . -41.28 -52.51 -24.50
C4 NAG Q . -42.00 -53.83 -24.74
C5 NAG Q . -43.51 -53.60 -24.73
C6 NAG Q . -44.33 -54.86 -24.93
C7 NAG Q . -40.46 -50.07 -22.12
C8 NAG Q . -40.20 -51.08 -21.04
N2 NAG Q . -41.25 -50.49 -23.14
O3 NAG Q . -39.90 -52.67 -24.35
O4 NAG Q . -41.54 -54.32 -25.99
O5 NAG Q . -43.87 -53.03 -23.50
O6 NAG Q . -45.67 -54.61 -24.57
O7 NAG Q . -40.00 -48.94 -22.06
C1 NAG Q . -40.91 -55.61 -25.81
C2 NAG Q . -41.12 -56.41 -27.11
C3 NAG Q . -40.30 -57.69 -27.11
C4 NAG Q . -38.85 -57.41 -26.74
C5 NAG Q . -38.85 -56.68 -25.39
C6 NAG Q . -37.47 -56.41 -24.83
C7 NAG Q . -43.30 -56.28 -28.28
C8 NAG Q . -44.73 -56.74 -28.22
N2 NAG Q . -42.52 -56.72 -27.27
O3 NAG Q . -40.40 -58.27 -28.38
O4 NAG Q . -38.18 -58.64 -26.67
O5 NAG Q . -39.53 -55.46 -25.55
O6 NAG Q . -37.56 -55.93 -23.52
O7 NAG Q . -42.89 -55.56 -29.19
C1 NAG R . 6.92 -26.41 30.15
C2 NAG R . 6.13 -26.62 31.44
C3 NAG R . 6.88 -26.01 32.63
C4 NAG R . 8.31 -26.55 32.70
C5 NAG R . 8.98 -26.35 31.34
C6 NAG R . 10.38 -26.91 31.27
C7 NAG R . 3.69 -26.82 31.36
C8 NAG R . 2.41 -26.04 31.24
N2 NAG R . 4.81 -26.08 31.36
O3 NAG R . 6.12 -26.30 33.78
O4 NAG R . 9.02 -25.86 33.70
O5 NAG R . 8.21 -26.96 30.31
O6 NAG R . 10.81 -26.94 29.94
O7 NAG R . 3.70 -28.04 31.43
C1 NAG R . 8.95 -26.57 34.95
C2 NAG R . 10.29 -26.45 35.68
C3 NAG R . 10.19 -26.99 37.11
C4 NAG R . 8.98 -26.41 37.84
C5 NAG R . 7.73 -26.67 36.99
C6 NAG R . 6.45 -26.16 37.60
C7 NAG R . 12.53 -26.69 34.63
C8 NAG R . 13.43 -27.66 33.90
N2 NAG R . 11.33 -27.18 34.98
O3 NAG R . 11.39 -26.68 37.77
O4 NAG R . 8.90 -27.04 39.10
O5 NAG R . 7.91 -26.03 35.75
O6 NAG R . 6.45 -24.75 37.63
O7 NAG R . 12.89 -25.54 34.87
C1 NAG S . -57.59 -4.49 -10.41
C2 NAG S . -59.03 -4.99 -10.51
C3 NAG S . -59.98 -3.95 -9.92
C4 NAG S . -59.55 -3.52 -8.52
C5 NAG S . -58.07 -3.12 -8.55
C6 NAG S . -57.50 -2.77 -7.19
C7 NAG S . -59.79 -6.45 -12.34
C8 NAG S . -60.17 -6.47 -13.81
N2 NAG S . -59.42 -5.24 -11.88
O3 NAG S . -61.28 -4.50 -9.91
O4 NAG S . -60.37 -2.44 -8.16
O5 NAG S . -57.32 -4.20 -9.06
O6 NAG S . -58.06 -1.57 -6.72
O7 NAG S . -59.83 -7.46 -11.66
C1 NAG S . -61.11 -2.75 -6.96
C2 NAG S . -61.78 -1.46 -6.48
C3 NAG S . -62.68 -1.74 -5.28
C4 NAG S . -63.65 -2.87 -5.60
C5 NAG S . -62.84 -4.08 -6.07
C6 NAG S . -63.69 -5.29 -6.39
C7 NAG S . -60.48 0.59 -6.90
C8 NAG S . -59.40 1.48 -6.34
N2 NAG S . -60.78 -0.48 -6.14
O3 NAG S . -63.36 -0.55 -4.97
O4 NAG S . -64.38 -3.15 -4.43
O5 NAG S . -62.11 -3.73 -7.22
O6 NAG S . -64.25 -5.81 -5.20
O7 NAG S . -61.05 0.85 -7.95
C1 NAG T . -37.42 -30.30 -20.12
C2 NAG T . -37.78 -31.77 -20.25
C3 NAG T . -36.59 -32.63 -19.85
C4 NAG T . -35.39 -32.28 -20.71
C5 NAG T . -35.12 -30.79 -20.56
C6 NAG T . -33.98 -30.32 -21.42
C7 NAG T . -40.18 -32.08 -19.95
C8 NAG T . -41.27 -31.89 -18.95
N2 NAG T . -38.93 -32.14 -19.47
O3 NAG T . -36.93 -34.00 -20.01
O4 NAG T . -34.26 -32.97 -20.19
O5 NAG T . -36.28 -30.03 -20.92
O6 NAG T . -33.01 -29.65 -20.63
O7 NAG T . -40.40 -32.16 -21.16
C1 NAG T . -33.71 -34.13 -20.72
C2 NAG T . -32.82 -34.62 -19.59
C3 NAG T . -32.30 -36.01 -19.89
C4 NAG T . -33.43 -36.97 -20.24
C5 NAG T . -34.29 -36.39 -21.35
C6 NAG T . -35.53 -37.20 -21.60
C7 NAG T . -31.55 -32.94 -18.32
C8 NAG T . -32.56 -33.06 -17.23
N2 NAG T . -31.72 -33.71 -19.39
O3 NAG T . -31.64 -36.45 -18.71
O4 NAG T . -32.86 -38.18 -20.74
O5 NAG T . -34.74 -35.06 -21.03
O6 NAG T . -36.15 -37.56 -20.37
O7 NAG T . -30.59 -32.17 -18.23
C1 BMA T . -32.36 -39.17 -19.89
C2 BMA T . -32.77 -40.49 -20.52
C3 BMA T . -32.20 -41.66 -19.78
C4 BMA T . -30.68 -41.51 -19.69
C5 BMA T . -30.32 -40.17 -19.08
C6 BMA T . -28.82 -39.95 -19.13
O2 BMA T . -32.36 -40.52 -21.88
O3 BMA T . -32.60 -42.81 -20.53
O4 BMA T . -30.09 -42.48 -18.83
O5 BMA T . -30.94 -39.10 -19.82
O6 BMA T . -28.40 -38.84 -18.36
C1 MAN T . -32.12 -44.07 -20.17
C2 MAN T . -32.24 -45.02 -21.34
C3 MAN T . -33.69 -45.39 -21.55
C4 MAN T . -34.28 -45.94 -20.26
C5 MAN T . -34.10 -44.94 -19.12
C6 MAN T . -34.55 -45.47 -17.78
O2 MAN T . -31.40 -46.16 -21.13
O3 MAN T . -33.80 -46.35 -22.61
O4 MAN T . -35.66 -46.24 -20.45
O5 MAN T . -32.70 -44.61 -18.99
O6 MAN T . -33.55 -46.26 -17.14
C1 MAN T . -27.67 -38.06 -17.52
C2 MAN T . -28.41 -36.72 -17.70
C3 MAN T . -28.14 -36.08 -19.05
C4 MAN T . -26.66 -36.13 -19.38
C5 MAN T . -26.20 -37.58 -19.38
C6 MAN T . -24.75 -37.73 -19.78
O2 MAN T . -28.11 -35.82 -16.64
O3 MAN T . -28.61 -34.74 -19.05
O4 MAN T . -26.43 -35.58 -20.66
O5 MAN T . -26.34 -38.10 -18.05
O6 MAN T . -24.63 -38.53 -20.96
C1 NAG U . -48.83 29.99 -9.18
C2 NAG U . -50.17 29.44 -9.68
C3 NAG U . -50.59 30.16 -10.96
C4 NAG U . -50.51 31.68 -10.81
C5 NAG U . -49.13 32.06 -10.25
C6 NAG U . -48.91 33.54 -10.03
C7 NAG U . -50.72 27.05 -9.28
C8 NAG U . -51.70 27.53 -8.24
N2 NAG U . -50.04 28.02 -9.91
O3 NAG U . -51.89 29.75 -11.26
O4 NAG U . -50.73 32.22 -12.10
O5 NAG U . -48.94 31.38 -9.03
O6 NAG U . -47.57 33.78 -9.67
O7 NAG U . -50.57 25.87 -9.51
C1 NAG U . -51.73 33.25 -12.05
C2 NAG U . -51.87 33.84 -13.47
C3 NAG U . -52.97 34.90 -13.48
C4 NAG U . -54.27 34.31 -12.93
C5 NAG U . -53.99 33.76 -11.53
C6 NAG U . -55.20 33.17 -10.84
C7 NAG U . -49.97 33.99 -15.01
C8 NAG U . -48.66 34.71 -15.29
N2 NAG U . -50.62 34.40 -13.91
O3 NAG U . -53.12 35.35 -14.81
O4 NAG U . -55.22 35.34 -12.90
O5 NAG U . -52.99 32.76 -11.64
O6 NAG U . -55.76 32.16 -11.64
O7 NAG U . -50.38 33.11 -15.76
C1 NAG V . 21.14 -51.49 22.00
C2 NAG V . 21.32 -51.55 23.52
C3 NAG V . 21.61 -52.99 23.96
C4 NAG V . 20.62 -53.99 23.38
C5 NAG V . 20.48 -53.76 21.87
C6 NAG V . 19.44 -54.64 21.22
C7 NAG V . 22.34 -49.86 25.02
C8 NAG V . 21.03 -49.82 25.77
N2 NAG V . 22.39 -50.70 23.97
O3 NAG V . 21.61 -53.02 25.36
O4 NAG V . 21.16 -55.27 23.62
O5 NAG V . 20.13 -52.41 21.64
O6 NAG V . 18.19 -54.45 21.86
O7 NAG V . 23.28 -49.16 25.36
C1 NAG V . 20.39 -55.98 24.62
C2 NAG V . 20.61 -57.48 24.40
C3 NAG V . 19.93 -58.28 25.50
C4 NAG V . 20.39 -57.78 26.86
C5 NAG V . 20.10 -56.28 26.95
C6 NAG V . 20.50 -55.65 28.27
C7 NAG V . 20.90 -58.42 22.15
C8 NAG V . 20.19 -58.78 20.87
N2 NAG V . 20.13 -57.89 23.11
O3 NAG V . 20.24 -59.63 25.31
O4 NAG V . 19.69 -58.52 27.84
O5 NAG V . 20.79 -55.62 25.91
O6 NAG V . 21.89 -55.80 28.46
O7 NAG V . 22.11 -58.59 22.28
C1 NAG W . 4.45 -45.84 8.76
C2 NAG W . 4.29 -47.07 7.86
C3 NAG W . 3.80 -48.23 8.72
C4 NAG W . 4.76 -48.42 9.88
C5 NAG W . 4.88 -47.14 10.70
C6 NAG W . 5.90 -47.24 11.81
C7 NAG W . 3.82 -46.80 5.48
C8 NAG W . 5.18 -47.39 5.23
N2 NAG W . 3.40 -46.84 6.75
O3 NAG W . 3.71 -49.40 7.93
O4 NAG W . 4.25 -49.44 10.74
O5 NAG W . 5.32 -46.07 9.84
O6 NAG W . 5.97 -46.03 12.56
O7 NAG W . 3.14 -46.32 4.58
C1 NAG W . 5.10 -50.54 10.80
C2 NAG W . 4.94 -51.17 12.19
C3 NAG W . 5.91 -52.33 12.29
C4 NAG W . 5.61 -53.32 11.17
C5 NAG W . 5.76 -52.62 9.83
C6 NAG W . 5.42 -53.48 8.65
C7 NAG W . 4.16 -49.79 14.00
C8 NAG W . 4.48 -48.74 15.01
N2 NAG W . 5.17 -50.23 13.26
O3 NAG W . 5.81 -52.93 13.57
O4 NAG W . 6.51 -54.42 11.29
O5 NAG W . 4.84 -51.50 9.80
O6 NAG W . 6.05 -53.04 7.46
O7 NAG W . 3.03 -50.24 13.86
C1 BMA W . 6.90 -55.50 12.32
C2 BMA W . 5.63 -56.19 12.83
C3 BMA W . 5.77 -57.68 12.81
C4 BMA W . 6.15 -58.13 11.41
C5 BMA W . 7.41 -57.40 10.93
C6 BMA W . 7.74 -57.71 9.49
O2 BMA W . 4.53 -55.85 12.00
O3 BMA W . 4.52 -58.24 13.17
O4 BMA W . 6.37 -59.53 11.40
O5 BMA W . 7.22 -55.97 11.01
O6 BMA W . 8.01 -59.10 9.31
C1 NAG X . 15.72 -33.07 17.04
C2 NAG X . 14.50 -32.61 17.83
C3 NAG X . 14.54 -33.23 19.21
C4 NAG X . 14.62 -34.75 19.11
C5 NAG X . 15.83 -35.12 18.28
C6 NAG X . 15.93 -36.59 18.00
C7 NAG X . 13.56 -30.37 17.42
C8 NAG X . 12.59 -31.02 16.48
N2 NAG X . 14.46 -31.17 17.98
O3 NAG X . 13.38 -32.85 19.95
O4 NAG X . 14.78 -35.29 20.41
O5 NAG X . 15.75 -34.49 17.00
O6 NAG X . 17.27 -36.91 17.69
O7 NAG X . 13.53 -29.16 17.65
C1 NAG X . 13.98 -36.36 20.81
C2 NAG X . 14.66 -37.01 22.00
C3 NAG X . 13.69 -37.99 22.67
C4 NAG X . 12.35 -37.34 22.97
C5 NAG X . 11.77 -36.69 21.72
C6 NAG X . 10.57 -35.84 22.03
C7 NAG X . 17.11 -37.44 21.63
C8 NAG X . 17.43 -36.04 22.05
N2 NAG X . 15.82 -37.77 21.60
O3 NAG X . 14.30 -38.45 23.86
O4 NAG X . 11.43 -38.36 23.38
O5 NAG X . 12.72 -35.79 21.12
O6 NAG X . 10.86 -35.00 23.13
O7 NAG X . 17.98 -38.22 21.31
C1 BMA X . 10.90 -38.27 24.66
C2 BMA X . 9.44 -38.58 24.72
C3 BMA X . 8.92 -38.37 26.11
C4 BMA X . 9.73 -39.19 27.09
C5 BMA X . 11.20 -38.88 26.96
C6 BMA X . 12.04 -39.81 27.79
O2 BMA X . 9.21 -39.92 24.28
O3 BMA X . 7.56 -38.80 26.17
O4 BMA X . 9.36 -38.84 28.41
O5 BMA X . 11.62 -39.06 25.60
O6 BMA X . 11.51 -41.13 27.76
C1 MAN X . 6.65 -37.81 25.83
C2 MAN X . 6.42 -36.92 27.04
C3 MAN X . 5.75 -37.70 28.15
C4 MAN X . 4.48 -38.34 27.63
C5 MAN X . 4.77 -39.19 26.39
C6 MAN X . 3.50 -39.68 25.74
O2 MAN X . 5.68 -35.78 26.67
O3 MAN X . 5.44 -36.83 29.23
O4 MAN X . 3.90 -39.18 28.63
O5 MAN X . 5.44 -38.40 25.39
O6 MAN X . 2.59 -38.61 25.54
C1 MAN X . 11.52 -41.76 29.01
C2 MAN X . 12.93 -41.62 29.58
C3 MAN X . 13.92 -42.41 28.73
C4 MAN X . 13.48 -43.86 28.61
C5 MAN X . 12.06 -43.93 28.08
C6 MAN X . 11.51 -45.34 28.06
O2 MAN X . 12.92 -42.00 30.95
O3 MAN X . 15.24 -42.31 29.26
O4 MAN X . 14.34 -44.55 27.71
O5 MAN X . 11.17 -43.15 28.90
O6 MAN X . 12.30 -46.17 27.18
C1 NAG Y . -32.93 -5.65 -11.94
C2 NAG Y . -32.73 -5.99 -10.47
C3 NAG Y . -33.92 -5.55 -9.64
C4 NAG Y . -34.19 -4.07 -9.85
C5 NAG Y . -34.36 -3.82 -11.34
C6 NAG Y . -34.54 -2.35 -11.65
C7 NAG Y . -31.53 -8.10 -10.17
C8 NAG Y . -31.68 -9.58 -9.99
N2 NAG Y . -32.65 -7.43 -10.40
O3 NAG Y . -33.63 -5.83 -8.29
O4 NAG Y . -35.40 -3.64 -9.21
O5 NAG Y . -33.22 -4.27 -12.07
O6 NAG Y . -33.51 -1.61 -11.02
O7 NAG Y . -30.44 -7.54 -10.15
C1 NAG Y . -35.47 -3.35 -7.86
C2 NAG Y . -36.62 -2.39 -7.59
C3 NAG Y . -36.70 -2.07 -6.11
C4 NAG Y . -36.85 -3.35 -5.32
C5 NAG Y . -35.69 -4.28 -5.65
C6 NAG Y . -35.82 -5.62 -4.98
C7 NAG Y . -37.33 -0.75 -9.25
C8 NAG Y . -38.59 -1.55 -9.38
N2 NAG Y . -36.49 -1.14 -8.30
O3 NAG Y . -37.80 -1.21 -5.90
O4 NAG Y . -36.72 -3.07 -3.93
O5 NAG Y . -35.64 -4.53 -7.07
O6 NAG Y . -34.58 -6.26 -4.91
O7 NAG Y . -37.10 0.21 -9.98
C1 BMA Y . -37.86 -2.94 -3.14
C2 BMA Y . -37.45 -3.16 -1.72
C3 BMA Y . -38.65 -3.10 -0.84
C4 BMA Y . -39.32 -1.76 -1.03
C5 BMA Y . -39.70 -1.58 -2.47
C6 BMA Y . -40.32 -0.23 -2.75
O2 BMA Y . -36.51 -2.17 -1.34
O3 BMA Y . -38.24 -3.25 0.52
O4 BMA Y . -40.51 -1.69 -0.26
O5 BMA Y . -38.50 -1.68 -3.28
O6 BMA Y . -39.48 0.84 -2.34
C1 MAN Y . -39.19 -3.94 1.26
C2 MAN Y . -39.03 -3.65 2.73
C3 MAN Y . -37.69 -4.14 3.22
C4 MAN Y . -37.54 -5.60 2.90
C5 MAN Y . -37.74 -5.84 1.42
C6 MAN Y . -37.71 -7.31 1.04
O2 MAN Y . -40.10 -4.23 3.47
O3 MAN Y . -37.60 -3.93 4.63
O4 MAN Y . -36.23 -6.04 3.26
O5 MAN Y . -39.01 -5.33 1.00
O6 MAN Y . -37.96 -7.48 -0.34
C1 MAN Y . -40.20 1.91 -1.81
C2 MAN Y . -39.38 3.16 -1.96
C3 MAN Y . -38.11 3.08 -1.15
C4 MAN Y . -38.42 2.79 0.30
C5 MAN Y . -39.28 1.52 0.40
C6 MAN Y . -39.75 1.25 1.81
O2 MAN Y . -40.16 4.30 -1.59
O3 MAN Y . -37.40 4.32 -1.25
O4 MAN Y . -37.22 2.61 1.04
O5 MAN Y . -40.47 1.65 -0.42
O6 MAN Y . -40.67 0.17 1.82
C1 NAG Z . -59.05 -22.24 -16.79
C2 NAG Z . -60.33 -21.94 -15.99
C3 NAG Z . -61.41 -23.01 -16.24
C4 NAG Z . -61.58 -23.31 -17.73
C5 NAG Z . -60.20 -23.60 -18.34
C6 NAG Z . -60.23 -23.88 -19.82
C7 NAG Z . -60.22 -20.85 -13.76
C8 NAG Z . -60.80 -19.61 -14.38
N2 NAG Z . -60.04 -21.89 -14.58
O3 NAG Z . -62.59 -22.53 -15.66
O4 NAG Z . -62.42 -24.44 -17.83
O5 NAG Z . -59.39 -22.47 -18.13
O6 NAG Z . -60.84 -22.82 -20.49
O7 NAG Z . -59.95 -20.88 -12.57
C1 NAG Z . -63.73 -24.01 -18.26
C2 NAG Z . -64.35 -25.09 -19.16
C3 NAG Z . -65.75 -24.66 -19.56
C4 NAG Z . -66.59 -24.36 -18.33
C5 NAG Z . -65.86 -23.33 -17.46
C6 NAG Z . -66.59 -23.01 -16.17
C7 NAG Z . -62.87 -26.47 -20.58
C8 NAG Z . -62.96 -27.54 -19.53
N2 NAG Z . -63.56 -25.34 -20.33
O3 NAG Z . -66.31 -25.66 -20.36
O4 NAG Z . -67.83 -23.87 -18.78
O5 NAG Z . -64.58 -23.83 -17.14
O6 NAG Z . -65.79 -22.17 -15.37
O7 NAG Z . -62.21 -26.63 -21.60
C1 NAG AA . 48.91 -40.41 39.92
C2 NAG AA . 47.80 -39.88 40.84
C3 NAG AA . 48.26 -38.60 41.52
C4 NAG AA . 49.59 -38.83 42.25
C5 NAG AA . 50.59 -39.42 41.26
C6 NAG AA . 51.95 -39.74 41.87
C7 NAG AA . 45.52 -40.45 40.11
C8 NAG AA . 44.37 -40.02 39.22
N2 NAG AA . 46.60 -39.65 40.08
O3 NAG AA . 47.25 -38.19 42.40
O4 NAG AA . 50.02 -37.58 42.73
O5 NAG AA . 50.07 -40.61 40.70
O6 NAG AA . 51.76 -40.49 43.06
O7 NAG AA . 45.45 -41.46 40.80
C1 NAG AA . 49.97 -37.60 44.17
C2 NAG AA . 50.95 -36.55 44.70
C3 NAG AA . 50.86 -36.48 46.23
C4 NAG AA . 49.42 -36.28 46.67
C5 NAG AA . 48.55 -37.38 46.05
C6 NAG AA . 47.09 -37.30 46.43
C7 NAG AA . 52.94 -36.18 43.32
C8 NAG AA . 54.35 -36.65 43.06
N2 NAG AA . 52.29 -36.83 44.30
O3 NAG AA . 51.71 -35.44 46.67
O4 NAG AA . 49.40 -36.33 48.08
O5 NAG AA . 48.67 -37.30 44.64
O6 NAG AA . 46.38 -38.35 45.83
O7 NAG AA . 52.45 -35.26 42.68
C1 NAG BA . -58.14 -30.30 10.34
C2 NAG BA . -58.57 -30.53 11.80
C3 NAG BA . -58.94 -29.20 12.46
C4 NAG BA . -57.83 -28.18 12.28
C5 NAG BA . -57.49 -28.08 10.79
C6 NAG BA . -56.38 -27.09 10.47
C7 NAG BA . -59.57 -32.77 12.07
C8 NAG BA . -60.88 -33.51 12.10
N2 NAG BA . -59.67 -31.44 11.87
O3 NAG BA . -59.21 -29.47 13.81
O4 NAG BA . -58.31 -26.95 12.80
O5 NAG BA . -57.10 -29.35 10.32
O6 NAG BA . -55.20 -27.46 11.15
O7 NAG BA . -58.50 -33.35 12.22
C1 NAG BA . -57.47 -26.53 13.89
C2 NAG BA . -58.07 -25.25 14.47
C3 NAG BA . -57.26 -24.82 15.70
C4 NAG BA . -57.15 -25.97 16.69
C5 NAG BA . -56.56 -27.18 15.97
C6 NAG BA . -56.36 -28.38 16.84
C7 NAG BA . -59.19 -23.85 12.79
C8 NAG BA . -58.99 -22.73 11.82
N2 NAG BA . -58.10 -24.20 13.49
O3 NAG BA . -57.90 -23.70 16.27
O4 NAG BA . -56.33 -25.53 17.75
O5 NAG BA . -57.40 -27.52 14.89
O6 NAG BA . -55.70 -29.40 16.12
O7 NAG BA . -60.28 -24.39 12.93
C1 NAG CA . 30.83 -44.42 36.32
C2 NAG CA . 31.00 -43.97 37.77
C3 NAG CA . 31.53 -45.14 38.60
C4 NAG CA . 30.64 -46.36 38.42
C5 NAG CA . 30.50 -46.66 36.93
C6 NAG CA . 29.61 -47.86 36.61
C7 NAG CA . 31.63 -41.70 38.49
C8 NAG CA . 32.74 -40.68 38.45
N2 NAG CA . 31.90 -42.86 37.87
O3 NAG CA . 31.58 -44.72 39.94
O4 NAG CA . 31.26 -47.43 39.11
O5 NAG CA . 29.97 -45.52 36.28
O6 NAG CA . 30.38 -49.03 36.56
O7 NAG CA . 30.56 -41.47 39.04
C1 NAG CA . 30.51 -47.74 40.30
C2 NAG CA . 31.07 -49.04 40.90
C3 NAG CA . 30.34 -49.35 42.21
C4 NAG CA . 30.34 -48.16 43.14
C5 NAG CA . 29.82 -46.93 42.41
C6 NAG CA . 29.82 -45.66 43.23
C7 NAG CA . 31.97 -50.54 39.18
C8 NAG CA . 31.63 -51.70 38.27
N2 NAG CA . 30.96 -50.12 39.97
O3 NAG CA . 30.98 -50.48 42.79
O4 NAG CA . 29.53 -48.48 44.25
O5 NAG CA . 30.61 -46.71 41.26
O6 NAG CA . 31.10 -45.45 43.78
O7 NAG CA . 33.08 -50.04 39.19
C1 NAG DA . 72.12 -30.35 0.55
C2 NAG DA . 72.01 -28.86 0.25
C3 NAG DA . 72.02 -28.63 -1.26
C4 NAG DA . 73.15 -29.37 -1.96
C5 NAG DA . 73.21 -30.83 -1.47
C6 NAG DA . 74.37 -31.64 -2.01
C7 NAG DA . 70.74 -27.44 1.84
C8 NAG DA . 72.07 -26.97 2.39
N2 NAG DA . 70.81 -28.33 0.84
O3 NAG DA . 72.08 -27.24 -1.48
O4 NAG DA . 72.86 -29.31 -3.34
O5 NAG DA . 73.29 -30.84 -0.06
O6 NAG DA . 75.58 -30.99 -1.72
O7 NAG DA . 69.69 -27.02 2.30
C1 NAG DA . 73.98 -28.80 -4.09
C2 NAG DA . 73.65 -29.02 -5.56
C3 NAG DA . 74.73 -28.42 -6.46
C4 NAG DA . 74.98 -26.96 -6.07
C5 NAG DA . 75.31 -26.91 -4.57
C6 NAG DA . 75.60 -25.50 -4.08
C7 NAG DA . 72.28 -31.01 -6.07
C8 NAG DA . 71.07 -30.12 -6.01
N2 NAG DA . 73.47 -30.41 -5.85
O3 NAG DA . 74.30 -28.52 -7.79
O4 NAG DA . 76.08 -26.50 -6.85
O5 NAG DA . 74.22 -27.43 -3.84
O6 NAG DA . 76.25 -25.57 -2.83
O7 NAG DA . 72.17 -32.21 -6.30
C1 NAG EA . 12.50 56.05 38.38
C2 NAG EA . 13.72 56.94 38.15
C3 NAG EA . 13.54 57.79 36.88
C4 NAG EA . 13.14 56.90 35.70
C5 NAG EA . 11.89 56.11 36.11
C6 NAG EA . 11.33 55.24 35.00
C7 NAG EA . 14.74 57.47 40.32
C8 NAG EA . 14.82 58.52 41.40
N2 NAG EA . 13.95 57.79 39.28
O3 NAG EA . 14.74 58.46 36.66
O4 NAG EA . 12.88 57.76 34.62
O5 NAG EA . 12.23 55.31 37.22
O6 NAG EA . 12.30 54.33 34.55
O7 NAG EA . 15.34 56.41 40.41
C1 NAG EA . 13.89 57.55 33.60
C2 NAG EA . 13.47 58.34 32.35
C3 NAG EA . 14.55 58.19 31.29
C4 NAG EA . 15.89 58.63 31.84
C5 NAG EA . 16.19 57.82 33.12
C6 NAG EA . 17.49 58.18 33.79
C7 NAG EA . 11.02 58.52 32.04
C8 NAG EA . 11.09 59.82 32.81
N2 NAG EA . 12.20 57.89 31.87
O3 NAG EA . 14.16 58.95 30.17
O4 NAG EA . 16.86 58.41 30.85
O5 NAG EA . 15.14 58.02 34.04
O6 NAG EA . 17.41 59.47 34.35
O7 NAG EA . 9.96 58.10 31.60
C1 NAG FA . -30.48 49.76 -9.15
C2 NAG FA . -31.00 50.66 -8.02
C3 NAG FA . -32.53 50.64 -8.01
C4 NAG FA . -33.16 50.79 -9.39
C5 NAG FA . -32.45 49.85 -10.37
C6 NAG FA . -32.93 49.89 -11.80
C7 NAG FA . -29.62 50.85 -5.97
C8 NAG FA . -29.17 52.19 -6.48
N2 NAG FA . -30.50 50.21 -6.76
O3 NAG FA . -32.95 51.66 -7.13
O4 NAG FA . -34.51 50.44 -9.22
O5 NAG FA . -31.07 50.14 -10.36
O6 NAG FA . -32.47 48.75 -12.49
O7 NAG FA . -29.23 50.40 -4.90
C1 NAG FA . -35.39 51.39 -9.84
C2 NAG FA . -36.81 50.81 -9.76
C3 NAG FA . -37.83 51.80 -10.30
C4 NAG FA . -37.66 53.15 -9.61
C5 NAG FA . -36.20 53.61 -9.78
C6 NAG FA . -35.90 54.96 -9.16
C7 NAG FA . -37.21 48.38 -9.93
C8 NAG FA . -37.24 47.23 -10.90
N2 NAG FA . -36.90 49.57 -10.49
O3 NAG FA . -39.10 51.26 -10.10
O4 NAG FA . -38.57 54.05 -10.20
O5 NAG FA . -35.35 52.64 -9.18
O6 NAG FA . -36.39 55.01 -7.85
O7 NAG FA . -37.42 48.23 -8.74
C1 NAG GA . 28.37 -16.85 45.50
C2 NAG GA . 27.92 -15.38 45.40
C3 NAG GA . 28.64 -14.51 46.42
C4 NAG GA . 28.66 -15.14 47.82
C5 NAG GA . 29.15 -16.58 47.70
C6 NAG GA . 29.20 -17.33 49.02
C7 NAG GA . 27.26 -14.65 43.11
C8 NAG GA . 25.83 -14.97 43.47
N2 NAG GA . 28.17 -14.88 44.08
O3 NAG GA . 28.02 -13.25 46.42
O4 NAG GA . 29.53 -14.35 48.59
O5 NAG GA . 28.27 -17.28 46.84
O6 NAG GA . 27.91 -17.35 49.60
O7 NAG GA . 27.55 -14.21 42.01
C1 NAG GA . 28.85 -13.83 49.75
C2 NAG GA . 29.89 -13.61 50.85
C3 NAG GA . 29.26 -12.94 52.07
C4 NAG GA . 28.49 -11.69 51.66
C5 NAG GA . 27.49 -12.06 50.56
C6 NAG GA . 26.66 -10.89 50.08
C7 NAG GA . 31.77 -15.22 50.98
C8 NAG GA . 32.60 -14.18 50.27
N2 NAG GA . 30.49 -14.86 51.22
O3 NAG GA . 30.28 -12.65 52.99
O4 NAG GA . 27.84 -11.20 52.82
O5 NAG GA . 28.21 -12.60 49.46
O6 NAG GA . 25.77 -11.32 49.07
O7 NAG GA . 32.24 -16.29 51.32
C1 NAG HA . 36.09 -2.20 31.63
C2 NAG HA . 36.12 -2.67 33.08
C3 NAG HA . 37.37 -2.13 33.77
C4 NAG HA . 38.61 -2.54 32.99
C5 NAG HA . 38.48 -2.06 31.55
C6 NAG HA . 39.62 -2.52 30.69
C7 NAG HA . 34.00 -3.06 34.23
C8 NAG HA . 32.73 -2.43 34.70
N2 NAG HA . 34.93 -2.23 33.79
O3 NAG HA . 37.41 -2.61 35.10
O4 NAG HA . 39.78 -1.96 33.56
O5 NAG HA . 37.27 -2.58 30.96
O6 NAG HA . 39.76 -3.95 30.74
O7 NAG HA . 34.17 -4.27 34.27
C1 NAG HA . 40.55 -2.77 34.40
C2 NAG HA . 41.84 -2.01 34.71
C3 NAG HA . 42.70 -2.82 35.66
C4 NAG HA . 41.90 -3.17 36.92
C5 NAG HA . 40.61 -3.87 36.52
C6 NAG HA . 39.71 -4.14 37.71
C7 NAG HA . 42.66 -0.49 32.99
C8 NAG HA . 43.56 -0.34 31.79
N2 NAG HA . 42.56 -1.72 33.49
O3 NAG HA . 43.87 -2.08 35.95
O4 NAG HA . 42.62 -4.04 37.78
O5 NAG HA . 39.86 -3.07 35.60
O6 NAG HA . 39.33 -2.91 38.33
O7 NAG HA . 42.04 0.46 33.46
C1 BMA HA . 43.64 -3.57 38.61
C2 BMA HA . 43.88 -4.58 39.71
C3 BMA HA . 44.98 -4.09 40.63
C4 BMA HA . 46.23 -3.81 39.82
C5 BMA HA . 45.93 -2.81 38.71
C6 BMA HA . 47.11 -2.59 37.79
O2 BMA HA . 44.20 -5.85 39.15
O3 BMA HA . 45.25 -5.08 41.62
O4 BMA HA . 47.25 -3.25 40.66
O5 BMA HA . 44.85 -3.32 37.89
O6 BMA HA . 47.52 -3.82 37.19
C1 NAG IA . -11.16 28.73 17.41
C2 NAG IA . -9.67 29.07 17.39
C3 NAG IA . -9.47 30.56 17.16
C4 NAG IA . -10.19 31.02 15.90
C5 NAG IA . -11.65 30.63 16.00
C6 NAG IA . -12.42 30.92 14.73
C7 NAG IA . -8.22 27.73 18.87
C8 NAG IA . -7.91 26.86 17.70
N2 NAG IA . -9.07 28.73 18.65
O3 NAG IA . -8.07 30.80 17.06
O4 NAG IA . -10.16 32.45 15.83
O5 NAG IA . -11.79 29.21 16.23
O6 NAG IA . -13.80 30.73 14.95
O7 NAG IA . -7.73 27.55 19.98
C1 NAG IA . -9.26 33.12 15.02
C2 NAG IA . -9.91 34.37 14.39
C3 NAG IA . -8.88 35.10 13.56
C4 NAG IA . -7.66 35.43 14.39
C5 NAG IA . -7.10 34.17 15.01
C6 NAG IA . -5.97 34.44 15.97
C7 NAG IA . -12.28 34.55 13.72
C8 NAG IA . -12.48 35.48 14.88
N2 NAG IA . -11.04 34.07 13.55
O3 NAG IA . -9.48 36.27 13.05
O4 NAG IA . -6.67 35.94 13.51
O5 NAG IA . -8.12 33.49 15.78
O6 NAG IA . -5.24 33.26 16.26
O7 NAG IA . -13.19 34.26 12.96
C1 BMA IA . -6.43 37.31 13.49
C2 BMA IA . -4.97 37.50 13.22
C3 BMA IA . -4.64 38.96 13.11
C4 BMA IA . -5.51 39.61 12.06
C5 BMA IA . -6.98 39.36 12.35
C6 BMA IA . -7.88 39.86 11.26
O2 BMA IA . -4.58 36.79 12.05
O3 BMA IA . -3.29 39.04 12.70
O4 BMA IA . -5.29 41.00 12.03
O5 BMA IA . -7.22 37.95 12.48
O6 BMA IA . -7.76 39.04 10.11
C1 MAN IA . -2.49 39.96 13.37
C2 MAN IA . -1.39 40.21 12.37
C3 MAN IA . -0.63 38.93 12.09
C4 MAN IA . -0.13 38.31 13.38
C5 MAN IA . -1.27 38.10 14.35
C6 MAN IA . -0.82 37.62 15.71
O2 MAN IA . -0.50 41.22 12.86
O3 MAN IA . 0.46 39.20 11.21
O4 MAN IA . 0.46 37.04 13.09
O5 MAN IA . -1.98 39.35 14.57
O6 MAN IA . -1.91 37.15 16.51
C1 MAN IA . -7.95 39.74 8.91
C2 MAN IA . -8.50 38.78 7.87
C3 MAN IA . -7.45 37.72 7.54
C4 MAN IA . -6.16 38.38 7.10
C5 MAN IA . -5.68 39.35 8.17
C6 MAN IA . -4.46 40.14 7.75
O2 MAN IA . -8.91 39.48 6.71
O3 MAN IA . -7.94 36.83 6.54
O4 MAN IA . -5.16 37.39 6.86
O5 MAN IA . -6.72 40.32 8.47
O6 MAN IA . -4.18 41.19 8.68
C1 NAG JA . -14.29 47.39 42.51
C2 NAG JA . -14.27 48.92 42.37
C3 NAG JA . -14.34 49.62 43.73
C4 NAG JA . -15.42 49.03 44.63
C5 NAG JA . -15.24 47.52 44.70
C6 NAG JA . -16.27 46.83 45.56
C7 NAG JA . -13.04 50.01 40.52
C8 NAG JA . -14.39 50.30 39.88
N2 NAG JA . -13.08 49.36 41.69
O3 NAG JA . -14.57 50.99 43.48
O4 NAG JA . -15.23 49.60 45.91
O5 NAG JA . -15.33 47.01 43.38
O6 NAG JA . -15.98 45.46 45.64
O7 NAG JA . -12.01 50.36 39.99
C1 NAG JA . -16.34 50.48 46.23
C2 NAG JA . -16.57 50.45 47.74
C3 NAG JA . -17.70 51.40 48.11
C4 NAG JA . -17.43 52.79 47.55
C5 NAG JA . -17.13 52.70 46.05
C6 NAG JA . -16.78 54.01 45.42
C7 NAG JA . -16.08 48.41 49.03
C8 NAG JA . -16.60 47.03 49.37
N2 NAG JA . -16.86 49.12 48.19
O3 NAG JA . -17.82 51.40 49.50
O4 NAG JA . -18.56 53.58 47.81
O5 NAG JA . -16.05 51.81 45.85
O6 NAG JA . -15.63 54.55 46.04
O7 NAG JA . -15.04 48.84 49.49
C1 NAG KA . 40.22 -7.67 13.93
C2 NAG KA . 40.31 -6.16 13.68
C3 NAG KA . 41.77 -5.75 13.63
C4 NAG KA . 42.48 -6.16 14.92
C5 NAG KA . 42.31 -7.66 15.10
C6 NAG KA . 42.86 -8.17 16.40
C7 NAG KA . 38.55 -5.25 12.22
C8 NAG KA . 38.06 -5.19 10.80
N2 NAG KA . 39.71 -5.86 12.40
O3 NAG KA . 41.90 -4.34 13.45
O4 NAG KA . 43.86 -5.86 14.82
O5 NAG KA . 40.92 -8.00 15.10
O6 NAG KA . 42.95 -9.59 16.34
O7 NAG KA . 37.93 -4.77 13.15
C1 NAG KA . 44.48 -5.08 15.78
C2 NAG KA . 45.98 -5.32 15.70
C3 NAG KA . 46.70 -4.32 16.61
C4 NAG KA . 46.30 -2.89 16.27
C5 NAG KA . 44.79 -2.76 16.34
C6 NAG KA . 44.30 -1.42 15.87
C7 NAG KA . 46.45 -7.71 15.34
C8 NAG KA . 46.67 -9.02 16.03
N2 NAG KA . 46.35 -6.65 16.13
O3 NAG KA . 48.10 -4.50 16.44
O4 NAG KA . 46.91 -2.04 17.22
O5 NAG KA . 44.15 -3.74 15.49
O6 NAG KA . 44.65 -1.20 14.52
O7 NAG KA . 46.36 -7.63 14.12
C1 BMA KA . 47.72 -1.01 16.76
C2 BMA KA . 47.65 0.19 17.65
C3 BMA KA . 48.40 1.32 17.02
C4 BMA KA . 49.83 0.90 16.76
C5 BMA KA . 49.84 -0.33 15.88
C6 BMA KA . 51.22 -0.88 15.63
O2 BMA KA . 48.20 -0.14 18.93
O3 BMA KA . 48.38 2.47 17.85
O4 BMA KA . 50.51 1.94 16.07
O5 BMA KA . 49.08 -1.38 16.53
O6 BMA KA . 51.90 -1.21 16.84
C1 MAN KA . 47.26 3.28 17.62
C2 MAN KA . 47.54 4.12 16.39
C3 MAN KA . 48.70 5.05 16.63
C4 MAN KA . 48.42 5.90 17.86
C5 MAN KA . 48.11 5.00 19.07
C6 MAN KA . 47.71 5.78 20.30
O2 MAN KA . 46.38 4.84 16.00
O3 MAN KA . 48.89 5.88 15.49
O4 MAN KA . 49.53 6.72 18.16
O5 MAN KA . 47.02 4.10 18.75
O6 MAN KA . 47.51 7.15 19.97
C1 MAN KA . 53.17 -0.62 16.94
C2 MAN KA . 54.18 -1.72 16.74
C3 MAN KA . 54.03 -2.78 17.80
C4 MAN KA . 54.14 -2.15 19.18
C5 MAN KA . 53.11 -1.03 19.32
C6 MAN KA . 53.24 -0.27 20.62
O2 MAN KA . 55.50 -1.17 16.73
O3 MAN KA . 55.05 -3.76 17.64
O4 MAN KA . 53.90 -3.13 20.18
O5 MAN KA . 53.30 -0.07 18.26
O6 MAN KA . 53.42 -1.16 21.71
C1 NAG LA . -7.30 25.23 43.36
C2 NAG LA . -6.84 25.35 44.80
C3 NAG LA . -5.63 24.46 45.03
C4 NAG LA . -5.99 23.03 44.66
C5 NAG LA . -6.47 22.99 43.22
C6 NAG LA . -6.95 21.63 42.81
C7 NAG LA . -7.18 27.36 46.16
C8 NAG LA . -6.57 28.67 46.55
N2 NAG LA . -6.56 26.72 45.17
O3 NAG LA . -5.21 24.54 46.37
O4 NAG LA . -4.85 22.19 44.80
O5 NAG LA . -7.59 23.88 43.06
O6 NAG LA . -7.49 20.94 43.93
O7 NAG LA . -8.17 26.92 46.71
C1 NAG LA . -4.73 21.34 45.89
C2 NAG LA . -3.69 20.28 45.51
C3 NAG LA . -3.34 19.44 46.71
C4 NAG LA . -2.88 20.32 47.87
C5 NAG LA . -3.96 21.36 48.16
C6 NAG LA . -3.50 22.37 49.19
C7 NAG LA . -3.51 19.43 43.24
C8 NAG LA . -2.45 20.47 43.04
N2 NAG LA . -4.14 19.46 44.41
O3 NAG LA . -2.32 18.54 46.31
O4 NAG LA . -2.74 19.56 49.07
O5 NAG LA . -4.27 22.12 46.98
O6 NAG LA . -2.48 23.23 48.66
O7 NAG LA . -3.79 18.61 42.37
C1 BMA LA . -1.49 19.17 49.42
C2 BMA LA . -1.64 18.69 50.84
C3 BMA LA . -0.28 18.41 51.45
C4 BMA LA . 0.48 17.43 50.59
C5 BMA LA . 0.58 17.95 49.16
C6 BMA LA . 1.21 16.96 48.22
O2 BMA LA . -2.47 17.53 50.88
O3 BMA LA . -0.46 17.88 52.77
O4 BMA LA . 1.80 17.25 51.10
O5 BMA LA . -0.74 18.23 48.65
O6 BMA LA . 0.32 15.86 47.95
C1 NAG MA . 17.72 43.68 -22.93
C2 NAG MA . 17.62 44.55 -21.68
C3 NAG MA . 17.17 45.96 -22.07
C4 NAG MA . 18.10 46.54 -23.13
C5 NAG MA . 18.17 45.59 -24.31
C6 NAG MA . 19.17 46.03 -25.35
C7 NAG MA . 17.03 43.45 -19.58
C8 NAG MA . 15.91 42.98 -18.71
N2 NAG MA . 16.68 43.99 -20.74
O3 NAG MA . 17.14 46.77 -20.91
O4 NAG MA . 17.63 47.80 -23.58
O5 NAG MA . 18.57 44.28 -23.89
O6 NAG MA . 20.48 46.12 -24.79
O7 NAG MA . 18.21 43.35 -19.24
C1 NAG MA . 18.27 48.93 -23.08
C2 NAG MA . 17.74 50.13 -23.87
C3 NAG MA . 18.37 51.41 -23.33
C4 NAG MA . 18.12 51.53 -21.83
C5 NAG MA . 18.63 50.28 -21.13
C6 NAG MA . 18.30 50.26 -19.65
C7 NAG MA . 17.05 49.75 -26.17
C8 NAG MA . 17.50 49.54 -27.59
N2 NAG MA . 18.01 49.98 -25.28
O3 NAG MA . 17.84 52.53 -24.02
O4 NAG MA . 18.82 52.67 -21.33
O5 NAG MA . 18.03 49.09 -21.70
O6 NAG MA . 16.90 50.27 -19.44
O7 NAG MA . 15.86 49.69 -25.86
C1 NAG NA . -18.59 -6.00 -46.05
C2 NAG NA . -17.17 -6.38 -46.51
C3 NAG NA . -17.13 -6.74 -47.99
C4 NAG NA . -18.25 -7.70 -48.37
C5 NAG NA . -19.57 -7.08 -47.91
C6 NAG NA . -20.80 -7.88 -48.28
C7 NAG NA . -15.16 -5.36 -45.50
C8 NAG NA . -14.40 -4.07 -45.41
N2 NAG NA . -16.26 -5.29 -46.26
O3 NAG NA . -15.86 -7.28 -48.25
O4 NAG NA . -18.21 -7.86 -49.76
O5 NAG NA . -19.54 -6.94 -46.51
O6 NAG NA . -21.93 -7.27 -47.69
O7 NAG NA . -14.79 -6.38 -44.93
C1 NAG OA . -36.51 17.21 -41.08
C2 NAG OA . -37.82 17.14 -41.87
C3 NAG OA . -37.66 16.50 -43.25
C4 NAG OA . -36.40 16.97 -43.95
C5 NAG OA . -35.23 16.71 -43.02
C6 NAG OA . -33.87 16.99 -43.63
C7 NAG OA . -39.80 16.88 -40.39
C8 NAG OA . -39.94 18.38 -40.41
N2 NAG OA . -38.78 16.38 -41.11
O3 NAG OA . -38.81 16.81 -43.99
O4 NAG OA . -36.30 16.24 -45.16
O5 NAG OA . -35.40 17.54 -41.90
O6 NAG OA . -32.87 16.86 -42.64
O7 NAG OA . -40.58 16.17 -39.77
C1 NAG PA . 39.83 -64.52 0.51
C2 NAG PA . 39.07 -64.44 -0.83
C3 NAG PA . 37.64 -64.92 -0.65
C4 NAG PA . 37.60 -66.27 0.06
C5 NAG PA . 38.39 -66.17 1.36
C6 NAG PA . 38.41 -67.43 2.18
C7 NAG PA . 39.86 -62.65 -2.33
C8 NAG PA . 39.71 -61.19 -2.67
N2 NAG PA . 39.09 -63.09 -1.32
O3 NAG PA . 37.05 -64.99 -1.93
O4 NAG PA . 36.25 -66.59 0.30
O5 NAG PA . 39.72 -65.81 1.04
O6 NAG PA . 39.20 -67.24 3.33
O7 NAG PA . 40.64 -63.38 -2.94
C1 NAG QA . -53.96 22.96 -29.03
C2 NAG QA . -55.29 22.57 -28.35
C3 NAG QA . -56.45 22.69 -29.33
C4 NAG QA . -56.46 24.05 -30.03
C5 NAG QA . -55.08 24.24 -30.69
C6 NAG QA . -54.95 25.53 -31.46
C7 NAG QA . -55.87 20.87 -26.67
C8 NAG QA . -55.76 19.42 -26.29
N2 NAG QA . -55.27 21.24 -27.82
O3 NAG QA . -57.65 22.45 -28.63
O4 NAG QA . -57.49 24.04 -30.96
O5 NAG QA . -54.10 24.21 -29.68
O6 NAG QA . -53.81 25.48 -32.28
O7 NAG QA . -56.49 21.66 -25.97
C1 NAG RA . 6.83 51.52 -39.51
C2 NAG RA . 7.11 52.82 -38.74
C3 NAG RA . 6.64 54.01 -39.57
C4 NAG RA . 7.27 53.97 -40.96
C5 NAG RA . 6.98 52.61 -41.60
C6 NAG RA . 7.59 52.45 -42.98
C7 NAG RA . 7.12 52.90 -36.27
C8 NAG RA . 8.62 52.99 -36.35
N2 NAG RA . 6.47 52.81 -37.45
O3 NAG RA . 6.98 55.18 -38.88
O4 NAG RA . 6.72 55.03 -41.70
O5 NAG RA . 7.47 51.58 -40.77
O6 NAG RA . 8.98 52.65 -42.90
O7 NAG RA . 6.54 52.90 -35.19
C1 NAG SA . -14.10 46.39 -50.31
C2 NAG SA . -15.63 46.40 -50.30
C3 NAG SA . -16.16 47.49 -51.23
C4 NAG SA . -15.51 48.83 -50.94
C5 NAG SA . -13.98 48.68 -50.93
C6 NAG SA . -13.26 49.95 -50.55
C7 NAG SA . -16.73 44.24 -49.83
C8 NAG SA . -17.21 42.96 -50.47
N2 NAG SA . -16.16 45.12 -50.68
O3 NAG SA . -17.56 47.54 -51.10
O4 NAG SA . -15.93 49.73 -51.94
O5 NAG SA . -13.62 47.68 -50.01
O6 NAG SA . -11.97 49.62 -50.06
O7 NAG SA . -16.86 44.45 -48.63
C1 NAG TA . -0.76 41.74 -55.55
C2 NAG TA . -1.43 43.11 -55.34
C3 NAG TA . -2.63 43.27 -56.26
C4 NAG TA . -2.24 42.96 -57.71
C5 NAG TA . -1.60 41.56 -57.74
C6 NAG TA . -1.20 41.12 -59.13
C7 NAG TA . -1.13 43.93 -53.03
C8 NAG TA . -1.74 43.93 -51.65
N2 NAG TA . -1.82 43.25 -53.96
O3 NAG TA . -3.11 44.58 -56.12
O4 NAG TA . -3.41 43.02 -58.48
O5 NAG TA . -0.46 41.57 -56.92
O6 NAG TA . -0.57 39.86 -59.06
O7 NAG TA . -0.09 44.52 -53.26
C1 NAG UA . 18.98 -32.69 -24.97
C2 NAG UA . 19.43 -33.53 -26.17
C3 NAG UA . 18.62 -34.83 -26.21
C4 NAG UA . 18.75 -35.55 -24.88
C5 NAG UA . 18.35 -34.60 -23.74
C6 NAG UA . 18.47 -35.22 -22.36
C7 NAG UA . 20.36 -32.49 -28.19
C8 NAG UA . 20.01 -31.70 -29.43
N2 NAG UA . 19.31 -32.79 -27.40
O3 NAG UA . 19.10 -35.60 -27.27
O4 NAG UA . 17.92 -36.69 -24.93
O5 NAG UA . 19.15 -33.43 -23.80
O6 NAG UA . 19.80 -35.60 -22.11
O7 NAG UA . 21.50 -32.84 -27.95
C1 NAG VA . 12.73 -25.47 -50.20
C2 NAG VA . 12.71 -24.76 -51.57
C3 NAG VA . 11.92 -25.60 -52.57
C4 NAG VA . 12.47 -27.03 -52.60
C5 NAG VA . 12.50 -27.60 -51.19
C6 NAG VA . 13.05 -29.01 -51.12
C7 NAG VA . 12.88 -22.30 -51.62
C8 NAG VA . 14.35 -22.47 -51.90
N2 NAG VA . 12.17 -23.44 -51.47
O3 NAG VA . 12.00 -24.97 -53.82
O4 NAG VA . 11.64 -27.77 -53.46
O5 NAG VA . 13.26 -26.76 -50.36
O6 NAG VA . 13.16 -29.42 -49.77
O7 NAG VA . 12.38 -21.18 -51.54
C1 NAG WA . -3.08 8.95 -61.14
C2 NAG WA . -4.35 9.16 -61.97
C3 NAG WA . -5.00 7.84 -62.36
C4 NAG WA . -3.97 6.90 -62.96
C5 NAG WA . -2.78 6.77 -62.01
C6 NAG WA . -1.70 5.83 -62.50
C7 NAG WA . -5.69 11.23 -61.63
C8 NAG WA . -5.07 11.75 -62.90
N2 NAG WA . -5.29 9.99 -61.25
O3 NAG WA . -6.04 8.13 -63.26
O4 NAG WA . -4.62 5.66 -63.17
O5 NAG WA . -2.22 8.05 -61.80
O6 NAG WA . -0.67 5.74 -61.55
O7 NAG WA . -6.49 11.90 -61.00
C1 NAG XA . -19.40 -29.29 -32.66
C2 NAG XA . -18.41 -28.81 -33.72
C3 NAG XA . -17.25 -29.79 -33.81
C4 NAG XA . -16.61 -29.99 -32.44
C5 NAG XA . -17.67 -30.43 -31.43
C6 NAG XA . -17.15 -30.52 -30.02
C7 NAG XA . -19.38 -27.61 -35.63
C8 NAG XA . -20.32 -27.75 -36.79
N2 NAG XA . -19.09 -28.74 -34.99
O3 NAG XA . -16.30 -29.29 -34.74
O4 NAG XA . -15.61 -31.01 -32.53
O5 NAG XA . -18.76 -29.48 -31.40
O6 NAG XA . -18.18 -30.93 -29.13
O7 NAG XA . -18.91 -26.53 -35.29
C1 PAM YA . 22.77 10.44 11.22
O1 PAM YA . 21.69 11.02 11.39
O2 PAM YA . 23.79 10.58 11.93
C2 PAM YA . 22.85 9.49 10.01
C3 PAM YA . 22.47 10.05 8.66
C4 PAM YA . 23.60 9.97 7.65
C5 PAM YA . 24.66 11.06 7.83
C6 PAM YA . 24.33 12.34 7.08
C7 PAM YA . 25.30 13.47 7.39
C8 PAM YA . 26.47 13.53 6.42
C9 PAM YA . 27.43 14.63 6.72
C10 PAM YA . 27.81 15.60 5.88
C11 PAM YA . 27.34 15.79 4.48
C12 PAM YA . 28.04 16.94 3.76
C13 PAM YA . 27.35 17.32 2.46
C14 PAM YA . 27.56 18.77 2.05
C15 PAM YA . 26.27 19.44 1.57
C16 PAM YA . 26.39 20.94 1.40
C1 NAG ZA . -44.13 -39.06 2.32
C2 NAG ZA . -44.39 -40.02 3.50
C3 NAG ZA . -43.39 -39.79 4.62
C4 NAG ZA . -41.96 -39.81 4.07
C5 NAG ZA . -41.86 -38.78 2.95
C6 NAG ZA . -40.49 -38.65 2.33
C7 NAG ZA . -46.64 -40.87 4.03
C8 NAG ZA . -47.97 -40.49 4.61
N2 NAG ZA . -45.73 -39.87 4.01
O3 NAG ZA . -43.59 -40.78 5.59
O4 NAG ZA . -41.09 -39.53 5.13
O5 NAG ZA . -42.78 -39.13 1.94
O6 NAG ZA . -40.53 -37.75 1.25
O7 NAG ZA . -46.42 -41.99 3.60
C1 NAG AB . -52.80 -18.52 -38.02
C2 NAG AB . -52.37 -18.62 -39.49
C3 NAG AB . -53.55 -18.24 -40.38
C4 NAG AB . -54.74 -19.12 -40.05
C5 NAG AB . -55.04 -19.08 -38.56
C6 NAG AB . -56.16 -20.02 -38.14
C7 NAG AB . -50.05 -18.31 -40.22
C8 NAG AB . -48.96 -17.30 -40.48
N2 NAG AB . -51.22 -17.81 -39.79
O3 NAG AB . -53.15 -18.35 -41.71
O4 NAG AB . -55.84 -18.66 -40.82
O5 NAG AB . -53.88 -19.40 -37.82
O6 NAG AB . -56.15 -20.19 -36.74
O7 NAG AB . -49.84 -19.51 -40.38
C1 NAG BB . -34.93 1.38 26.15
C2 NAG BB . -34.60 -0.12 26.23
C3 NAG BB . -35.74 -0.88 26.90
C4 NAG BB . -36.17 -0.21 28.20
C5 NAG BB . -36.47 1.26 27.91
C6 NAG BB . -36.96 2.05 29.11
C7 NAG BB . -33.18 -1.21 24.52
C8 NAG BB . -32.08 -1.26 25.56
N2 NAG BB . -34.34 -0.66 24.93
O3 NAG BB . -35.31 -2.20 27.10
O4 NAG BB . -37.30 -0.90 28.68
O5 NAG BB . -35.31 1.87 27.41
O6 NAG BB . -37.17 3.38 28.73
O7 NAG BB . -33.01 -1.65 23.40
C1 NAG CB . -60.51 1.16 -24.88
C2 NAG CB . -60.67 2.66 -24.60
C3 NAG CB . -62.14 2.97 -24.38
C4 NAG CB . -62.98 2.47 -25.55
C5 NAG CB . -62.67 0.98 -25.81
C6 NAG CB . -63.40 0.39 -26.99
C7 NAG CB . -58.66 3.63 -23.56
C8 NAG CB . -58.00 3.97 -22.24
N2 NAG CB . -59.87 3.06 -23.47
O3 NAG CB . -62.27 4.36 -24.20
O4 NAG CB . -64.33 2.65 -25.22
O5 NAG CB . -61.28 0.83 -26.02
O6 NAG CB . -62.99 -0.95 -27.19
O7 NAG CB . -58.09 3.85 -24.62
C1 NAG DB . -49.95 -58.27 -0.07
C2 NAG DB . -49.79 -58.42 1.46
C3 NAG DB . -48.38 -58.89 1.80
C4 NAG DB . -48.05 -60.16 1.02
C5 NAG DB . -48.21 -59.86 -0.46
C6 NAG DB . -47.90 -61.05 -1.35
C7 NAG DB . -51.08 -56.94 2.96
C8 NAG DB . -52.03 -58.09 3.17
N2 NAG DB . -50.05 -57.18 2.13
O3 NAG DB . -48.31 -59.09 3.18
O4 NAG DB . -46.73 -60.51 1.36
O5 NAG DB . -49.55 -59.47 -0.70
O6 NAG DB . -48.33 -60.80 -2.66
O7 NAG DB . -51.25 -55.86 3.52
C1 NAG EB . -46.02 -14.88 10.83
C2 NAG EB . -46.86 -14.07 11.83
C3 NAG EB . -46.07 -13.75 13.10
C4 NAG EB . -45.45 -15.01 13.66
C5 NAG EB . -44.62 -15.70 12.58
C6 NAG EB . -43.95 -16.98 13.03
C7 NAG EB . -48.59 -12.64 10.81
C8 NAG EB . -48.85 -11.29 10.18
N2 NAG EB . -47.33 -12.85 11.21
O3 NAG EB . -46.94 -13.15 14.01
O4 NAG EB . -44.64 -14.63 14.76
O5 NAG EB . -45.47 -16.01 11.50
O6 NAG EB . -43.38 -17.63 11.92
O7 NAG EB . -49.49 -13.46 10.93
C1 NAG FB . -21.64 -30.94 32.69
C2 NAG FB . -22.70 -32.00 32.41
C3 NAG FB . -23.82 -31.87 33.43
C4 NAG FB . -23.25 -31.90 34.85
C5 NAG FB . -22.16 -30.83 34.98
C6 NAG FB . -21.52 -30.78 36.35
C7 NAG FB . -23.09 -32.83 30.13
C8 NAG FB . -23.69 -32.48 28.79
N2 NAG FB . -23.20 -31.87 31.07
O3 NAG FB . -24.73 -32.92 33.22
O4 NAG FB . -24.32 -31.66 35.74
O5 NAG FB . -21.16 -31.07 34.01
O6 NAG FB . -20.51 -29.81 36.36
O7 NAG FB . -22.54 -33.90 30.32
C1 NAG GB . -14.54 3.91 41.40
C2 NAG GB . -13.40 3.03 41.93
C3 NAG GB . -13.96 1.76 42.58
C4 NAG GB . -14.97 2.15 43.65
C5 NAG GB . -16.03 3.10 43.06
C6 NAG GB . -17.03 3.59 44.07
C7 NAG GB . -11.25 3.31 40.78
C8 NAG GB . -10.41 2.86 39.62
N2 NAG GB . -12.46 2.73 40.89
O3 NAG GB . -12.90 1.04 43.11
O4 NAG GB . -15.55 0.96 44.14
O5 NAG GB . -15.40 4.22 42.47
O6 NAG GB . -17.81 4.62 43.51
O7 NAG GB . -10.84 4.16 41.57
C1 NAG HB . -45.10 45.51 6.90
C2 NAG HB . -44.87 47.03 6.94
C3 NAG HB . -46.04 47.81 7.53
C4 NAG HB . -47.39 47.29 7.07
C5 NAG HB . -47.43 45.79 7.35
C6 NAG HB . -48.75 45.15 7.03
C7 NAG HB . -42.67 48.10 7.35
C8 NAG HB . -41.60 48.29 8.39
N2 NAG HB . -43.71 47.34 7.75
O3 NAG HB . -45.86 49.16 7.21
O4 NAG HB . -48.37 47.98 7.82
O5 NAG HB . -46.44 45.21 6.54
O6 NAG HB . -49.13 45.44 5.71
O7 NAG HB . -42.58 48.59 6.24
C1 NAG IB . -46.94 24.06 10.83
C2 NAG IB . -47.91 24.95 11.61
C3 NAG IB . -48.62 24.19 12.73
C4 NAG IB . -49.17 22.86 12.23
C5 NAG IB . -48.04 22.08 11.56
C6 NAG IB . -48.47 20.71 11.08
C7 NAG IB . -47.30 27.34 11.70
C8 NAG IB . -48.23 27.55 10.53
N2 NAG IB . -47.21 26.08 12.15
O3 NAG IB . -49.63 25.02 13.22
O4 NAG IB . -49.68 22.17 13.36
O5 NAG IB . -47.57 22.84 10.47
O6 NAG IB . -47.34 19.90 10.86
O7 NAG IB . -46.68 28.27 12.20
C1 NAG JB . -62.80 -55.78 5.72
C2 NAG JB . -63.60 -56.60 4.70
C3 NAG JB . -64.80 -57.27 5.39
C4 NAG JB . -64.39 -57.97 6.68
C5 NAG JB . -63.60 -57.01 7.55
C6 NAG JB . -63.15 -57.58 8.87
C7 NAG JB . -63.81 -55.93 2.33
C8 NAG JB . -64.49 -54.93 1.41
N2 NAG JB . -64.10 -55.78 3.63
O3 NAG JB . -65.40 -58.14 4.48
O4 NAG JB . -65.58 -58.37 7.32
O5 NAG JB . -62.47 -56.60 6.81
O6 NAG JB . -62.32 -58.70 8.66
O7 NAG JB . -63.05 -56.78 1.88
C1 NAG KB . -71.53 -56.61 -13.58
C2 NAG KB . -71.07 -56.74 -15.04
C3 NAG KB . -72.25 -57.19 -15.89
C4 NAG KB . -72.84 -58.48 -15.33
C5 NAG KB . -73.21 -58.24 -13.86
C6 NAG KB . -73.81 -59.46 -13.17
C7 NAG KB . -69.28 -55.26 -15.91
C8 NAG KB . -68.36 -56.45 -15.82
N2 NAG KB . -70.56 -55.48 -15.52
O3 NAG KB . -71.80 -57.35 -17.21
O4 NAG KB . -73.97 -58.80 -16.10
O5 NAG KB . -72.06 -57.85 -13.15
O6 NAG KB . -72.93 -60.55 -13.27
O7 NAG KB . -68.88 -54.18 -16.32
C1 PAM LB . -32.91 -20.46 -25.63
O1 PAM LB . -33.26 -21.05 -26.67
O2 PAM LB . -31.94 -20.74 -24.91
C2 PAM LB . -33.78 -19.26 -25.22
C3 PAM LB . -33.12 -18.18 -24.39
C4 PAM LB . -34.13 -17.18 -23.82
C5 PAM LB . -34.64 -16.17 -24.84
C6 PAM LB . -35.87 -15.44 -24.32
C7 PAM LB . -36.50 -14.41 -25.25
C8 PAM LB . -37.68 -13.71 -24.57
C9 PAM LB . -38.54 -12.90 -25.48
C10 PAM LB . -39.82 -13.10 -25.73
C11 PAM LB . -40.68 -14.19 -25.18
C12 PAM LB . -41.82 -13.66 -24.30
C13 PAM LB . -42.59 -14.77 -23.61
C14 PAM LB . -43.81 -14.30 -22.84
C15 PAM LB . -44.69 -15.45 -22.35
C16 PAM LB . -44.81 -16.58 -23.35
C1 PAM MB . -4.80 -19.22 11.41
O1 PAM MB . -5.66 -18.32 11.28
O2 PAM MB . -5.02 -20.44 11.44
C2 PAM MB . -3.35 -18.74 11.55
C3 PAM MB . -3.13 -17.25 11.77
C4 PAM MB . -2.77 -16.90 13.21
C5 PAM MB . -3.82 -17.30 14.24
C6 PAM MB . -4.62 -16.12 14.78
C7 PAM MB . -5.57 -16.48 15.90
C8 PAM MB . -4.85 -16.98 17.15
C9 PAM MB . -5.78 -17.38 18.25
C10 PAM MB . -6.34 -16.57 19.16
C11 PAM MB . -6.17 -15.09 19.30
C12 PAM MB . -6.60 -14.55 20.66
C13 PAM MB . -7.28 -13.19 20.56
C14 PAM MB . -7.89 -12.70 21.87
C15 PAM MB . -8.99 -11.66 21.65
C16 PAM MB . -9.56 -11.13 22.95
C1 NAG NB . -17.30 51.71 24.32
C2 NAG NB . -17.74 52.83 25.28
C3 NAG NB . -17.97 54.13 24.51
C4 NAG NB . -16.73 54.47 23.67
C5 NAG NB . -16.41 53.27 22.78
C6 NAG NB . -15.20 53.48 21.90
C7 NAG NB . -19.07 52.53 27.33
C8 NAG NB . -20.41 52.13 27.88
N2 NAG NB . -18.95 52.48 25.99
O3 NAG NB . -18.27 55.13 25.43
O4 NAG NB . -17.04 55.62 22.93
O5 NAG NB . -16.18 52.14 23.59
O6 NAG NB . -14.93 52.29 21.18
O7 NAG NB . -18.16 52.88 28.07
C1 NAG OB . -31.86 33.97 45.42
C2 NAG OB . -32.75 33.07 46.28
C3 NAG OB . -33.94 33.85 46.84
C4 NAG OB . -33.48 35.15 47.49
C5 NAG OB . -32.59 35.93 46.52
C6 NAG OB . -32.06 37.23 47.08
C7 NAG OB . -32.84 30.66 45.72
C8 NAG OB . -33.47 29.65 44.80
N2 NAG OB . -33.21 31.94 45.52
O3 NAG OB . -34.61 33.01 47.74
O4 NAG OB . -34.65 35.88 47.81
O5 NAG OB . -31.50 35.11 46.16
O6 NAG OB . -33.08 38.20 47.04
O7 NAG OB . -32.04 30.32 46.59
C1 NAG PB . 45.21 6.57 5.42
C2 NAG PB . 46.10 7.81 5.22
C3 NAG PB . 46.86 7.67 3.90
C4 NAG PB . 47.63 6.37 3.88
C5 NAG PB . 46.66 5.20 4.13
C6 NAG PB . 47.33 3.86 4.17
C7 NAG PB . 45.37 9.93 6.21
C8 NAG PB . 44.45 11.12 6.00
N2 NAG PB . 45.31 9.01 5.23
O3 NAG PB . 47.69 8.79 3.77
O4 NAG PB . 48.26 6.26 2.61
O5 NAG PB . 46.01 5.42 5.37
O6 NAG PB . 46.49 2.95 4.84
O7 NAG PB . 46.08 9.83 7.20
C1 NAG QB . 66.03 -15.97 10.35
C2 NAG QB . 66.96 -15.73 9.15
C3 NAG QB . 68.44 -15.80 9.53
C4 NAG QB . 68.72 -15.06 10.83
C5 NAG QB . 67.77 -15.62 11.89
C6 NAG QB . 68.03 -15.10 13.29
C7 NAG QB . 66.20 -16.46 6.91
C8 NAG QB . 66.00 -17.68 6.05
N2 NAG QB . 66.69 -16.71 8.14
O3 NAG QB . 69.18 -15.27 8.46
O4 NAG QB . 70.07 -15.30 11.16
O5 NAG QB . 66.47 -15.26 11.49
O6 NAG QB . 67.47 -16.00 14.23
O7 NAG QB . 65.92 -15.34 6.52
C1 NAG RB . 41.78 32.18 17.62
C2 NAG RB . 41.62 33.14 18.80
C3 NAG RB . 42.29 34.47 18.48
C4 NAG RB . 43.74 34.23 18.07
C5 NAG RB . 43.77 33.25 16.91
C6 NAG RB . 45.16 32.93 16.40
C7 NAG RB . 39.69 33.19 20.33
C8 NAG RB . 38.21 33.47 20.41
N2 NAG RB . 40.23 33.35 19.10
O3 NAG RB . 42.19 35.30 19.61
O4 NAG RB . 44.30 35.48 17.73
O5 NAG RB . 43.15 32.05 17.31
O6 NAG RB . 45.09 31.96 15.39
O7 NAG RB . 40.33 32.84 21.31
C1 NAG SB . 13.90 39.01 44.71
C2 NAG SB . 15.18 39.30 45.52
C3 NAG SB . 16.36 39.42 44.57
C4 NAG SB . 16.44 38.21 43.63
C5 NAG SB . 15.09 37.95 42.98
C6 NAG SB . 15.05 36.72 42.11
C7 NAG SB . 15.14 40.57 47.63
C8 NAG SB . 14.96 41.95 48.22
N2 NAG SB . 15.03 40.51 46.29
O3 NAG SB . 17.52 39.56 45.35
O4 NAG SB . 17.44 38.50 42.68
O5 NAG SB . 14.10 37.83 43.98
O6 NAG SB . 15.41 35.60 42.88
O7 NAG SB . 15.38 39.60 48.33
C1 NAG TB . -10.96 55.28 -13.40
C2 NAG TB . -11.00 56.52 -14.30
C3 NAG TB . -9.83 57.48 -13.99
C4 NAG TB . -9.73 57.73 -12.50
C5 NAG TB . -9.60 56.38 -11.80
C6 NAG TB . -9.36 56.44 -10.31
C7 NAG TB . -11.99 56.20 -16.54
C8 NAG TB . -13.27 56.79 -15.98
N2 NAG TB . -10.97 56.11 -15.67
O3 NAG TB . -10.06 58.66 -14.72
O4 NAG TB . -8.60 58.55 -12.29
O5 NAG TB . -10.78 55.65 -12.05
O6 NAG TB . -9.13 55.15 -9.81
O7 NAG TB . -11.91 55.83 -17.70
C1 NAG UB . 54.84 -13.26 25.73
C2 NAG UB . 56.23 -13.03 25.13
C3 NAG UB . 57.29 -13.45 26.13
C4 NAG UB . 57.09 -12.74 27.46
C5 NAG UB . 55.68 -13.00 27.97
C6 NAG UB . 55.36 -12.23 29.23
C7 NAG UB . 56.76 -13.12 22.75
C8 NAG UB . 57.20 -14.01 21.63
N2 NAG UB . 56.47 -13.73 23.90
O3 NAG UB . 58.58 -13.20 25.60
O4 NAG UB . 58.04 -13.24 28.41
O5 NAG UB . 54.71 -12.60 26.98
O6 NAG UB . 54.04 -12.51 29.68
O7 NAG UB . 56.71 -11.89 22.64
C1 NAG VB . -32.59 49.53 26.40
C2 NAG VB . -33.24 50.02 25.11
C3 NAG VB . -33.75 51.45 25.31
C4 NAG VB . -34.68 51.50 26.51
C5 NAG VB . -33.96 50.96 27.75
C6 NAG VB . -34.87 50.87 28.96
C7 NAG VB . -32.49 49.10 22.98
C8 NAG VB . -31.49 49.20 21.88
N2 NAG VB . -32.34 49.96 23.99
O3 NAG VB . -34.41 51.88 24.13
O4 NAG VB . -35.05 52.86 26.75
O5 NAG VB . -33.48 49.63 27.49
O6 NAG VB . -34.17 50.35 30.08
O7 NAG VB . -33.40 48.29 22.96
C1 NAG WB . 16.17 47.37 -3.75
C2 NAG WB . 17.09 47.07 -2.55
C3 NAG WB . 17.69 48.36 -2.01
C4 NAG WB . 18.35 49.15 -3.13
C5 NAG WB . 17.32 49.39 -4.23
C6 NAG WB . 17.82 50.21 -5.39
C7 NAG WB . 16.44 45.08 -1.24
C8 NAG WB . 17.42 44.30 -2.08
N2 NAG WB . 16.34 46.39 -1.52
O3 NAG WB . 18.60 48.03 -0.99
O4 NAG WB . 18.84 50.35 -2.58
O5 NAG WB . 16.87 48.14 -4.71
O6 NAG WB . 16.77 50.45 -6.29
O7 NAG WB . 15.78 44.54 -0.36
C1 NAG XB . -25.32 54.18 -30.60
C2 NAG XB . -25.60 55.58 -30.05
C3 NAG XB . -25.80 56.56 -31.20
C4 NAG XB . -24.60 56.51 -32.14
C5 NAG XB . -24.38 55.08 -32.63
C6 NAG XB . -23.14 54.92 -33.47
C7 NAG XB . -26.60 55.76 -27.83
C8 NAG XB . -27.86 55.77 -27.04
N2 NAG XB . -26.72 55.59 -29.15
O3 NAG XB . -26.00 57.87 -30.69
O4 NAG XB . -24.86 57.34 -33.27
O5 NAG XB . -24.22 54.19 -31.50
O6 NAG XB . -22.97 53.58 -33.90
O7 NAG XB . -25.50 55.91 -27.30
C1 NAG YB . 19.92 54.90 63.34
C2 NAG YB . 19.39 54.76 64.77
C3 NAG YB . 19.83 55.95 65.63
C4 NAG YB . 21.33 56.19 65.51
C5 NAG YB . 21.68 56.34 64.03
C6 NAG YB . 23.14 56.61 63.77
C7 NAG YB . 17.24 53.57 65.07
C8 NAG YB . 18.05 52.33 65.40
N2 NAG YB . 17.96 54.66 64.79
O3 NAG YB . 19.44 55.70 66.96
O4 NAG YB . 21.63 57.36 66.24
O5 NAG YB . 21.32 55.14 63.37
O6 NAG YB . 23.40 56.52 62.38
O7 NAG YB . 16.02 53.54 65.07
C1 NAG ZB . 1.64 54.98 74.99
C2 NAG ZB . 0.50 54.05 75.43
C3 NAG ZB . -0.41 54.81 76.39
C4 NAG ZB . 0.39 55.40 77.54
C5 NAG ZB . 1.55 56.24 76.97
C6 NAG ZB . 2.44 56.87 78.02
C7 NAG ZB . -0.13 52.35 73.74
C8 NAG ZB . 0.80 51.40 74.44
N2 NAG ZB . -0.23 53.59 74.27
O3 NAG ZB . -1.41 53.92 76.84
O4 NAG ZB . -0.48 56.18 78.31
O5 NAG ZB . 2.34 55.42 76.14
O6 NAG ZB . 3.11 55.87 78.74
O7 NAG ZB . -0.77 52.02 72.75
C1 NAG AC . -0.83 26.03 65.24
C2 NAG AC . -0.39 24.67 64.69
C3 NAG AC . -0.69 23.55 65.67
C4 NAG AC . -0.10 23.89 67.04
C5 NAG AC . -0.67 25.24 67.48
C6 NAG AC . -0.17 25.70 68.84
C7 NAG AC . -0.32 23.96 62.33
C8 NAG AC . -1.17 23.72 61.11
N2 NAG AC . -0.99 24.39 63.42
O3 NAG AC . -0.18 22.36 65.15
O4 NAG AC . -0.46 22.85 67.92
O5 NAG AC . -0.31 26.22 66.54
O6 NAG AC . 1.21 25.98 68.73
O7 NAG AC . 0.88 23.77 62.32
C1 NAG BC . 8.88 47.89 21.10
C2 NAG BC . 8.40 48.54 19.80
C3 NAG BC . 9.44 48.35 18.70
C4 NAG BC . 10.84 48.73 19.17
C5 NAG BC . 11.15 48.02 20.49
C6 NAG BC . 12.51 48.35 21.07
C7 NAG BC . 5.94 48.44 19.74
C8 NAG BC . 4.76 47.67 19.19
N2 NAG BC . 7.15 47.97 19.40
O3 NAG BC . 9.03 49.11 17.60
O4 NAG BC . 11.74 48.36 18.16
O5 NAG BC . 10.16 48.38 21.44
O6 NAG BC . 12.71 47.63 22.25
O7 NAG BC . 5.77 49.42 20.46
C1 NAG CC . 19.36 39.65 63.67
C2 NAG CC . 20.76 39.96 63.14
C3 NAG CC . 21.51 38.66 62.86
C4 NAG CC . 21.48 37.74 64.07
C5 NAG CC . 20.02 37.51 64.48
C6 NAG CC . 19.86 36.63 65.70
C7 NAG CC . 21.29 41.95 61.79
C8 NAG CC . 21.10 42.59 60.44
N2 NAG CC . 20.71 40.74 61.94
O3 NAG CC . 22.83 38.99 62.49
O4 NAG CC . 22.11 36.53 63.70
O5 NAG CC . 19.44 38.77 64.77
O6 NAG CC . 20.51 37.20 66.81
O7 NAG CC . 21.93 42.50 62.68
C1 NAG DC . 32.74 35.01 -18.03
C2 NAG DC . 33.98 34.11 -17.94
C3 NAG DC . 34.80 34.47 -16.70
C4 NAG DC . 35.13 35.97 -16.72
C5 NAG DC . 33.84 36.76 -16.86
C6 NAG DC . 34.04 38.26 -16.91
C7 NAG DC . 33.67 31.90 -18.99
C8 NAG DC . 33.22 30.49 -18.74
N2 NAG DC . 33.61 32.72 -17.92
O3 NAG DC . 35.95 33.67 -16.70
O4 NAG DC . 35.81 36.26 -15.52
O5 NAG DC . 33.16 36.36 -18.03
O6 NAG DC . 32.82 38.90 -17.14
O7 NAG DC . 34.05 32.27 -20.10
C1 PAM EC . -14.64 21.42 33.99
O1 PAM EC . -15.35 21.85 34.93
O2 PAM EC . -13.95 20.39 34.01
C2 PAM EC . -14.63 22.28 32.70
C3 PAM EC . -15.97 22.45 32.00
C4 PAM EC . -16.63 23.78 32.30
C5 PAM EC . -18.01 23.92 31.67
C6 PAM EC . -18.46 25.38 31.55
C7 PAM EC . -19.73 25.54 30.72
C8 PAM EC . -20.20 27.00 30.66
C9 PAM EC . -21.15 27.33 31.78
C10 PAM EC . -21.00 28.30 32.66
C11 PAM EC . -19.87 29.28 32.73
C12 PAM EC . -20.18 30.54 31.93
C13 PAM EC . -19.21 31.67 32.26
C14 PAM EC . -19.13 31.96 33.75
C15 PAM EC . -18.19 33.11 34.09
C16 PAM EC . -17.99 33.26 35.59
#